data_6X0A
#
_entry.id   6X0A
#
_cell.length_a   148.540
_cell.length_b   148.540
_cell.length_c   195.270
_cell.angle_alpha   90.000
_cell.angle_beta   90.000
_cell.angle_gamma   120.000
#
_symmetry.space_group_name_H-M   'P 32'
#
loop_
_entity.id
_entity.type
_entity.pdbx_description
1 polymer 'Plasmid stabilization system'
2 polymer 'Putative addiction module antidote protein, CopG/Arc/MetJ family chimera'
3 non-polymer 1-ETHOXY-2-(2-ETHOXYETHOXY)ETHANE
#
loop_
_entity_poly.entity_id
_entity_poly.type
_entity_poly.pdbx_seq_one_letter_code
_entity_poly.pdbx_strand_id
1 'polypeptide(L)'
;MGSSHHHHHHSQDPMPIIRSPAAEGDLVDIWLAIANDSPRAADHFLDAIAERILQLAAFPESGPRRPDIGADARALTIGN
YLILYRLAEGWIEIVRIVHGARDVSTLF
;
A,B,C,D,E,F,G,H,I,J,K,L,M,N,O,P,Q,R
2 'polypeptide(L)'
;MANVEKMSVAVTPQQAAVMREAVEAGEYATASEIVREAVRDWLAKRELREAEAERLRKAWIEGLESGPFAPFDIEDIKQK
ARSRLVDAIKK
;
a,b,c,d,e,f,g,h,i,j,k,l,m,n,o,p,q,r
#
loop_
_chem_comp.id
_chem_comp.type
_chem_comp.name
_chem_comp.formula
P4G non-polymer 1-ETHOXY-2-(2-ETHOXYETHOXY)ETHANE 'C8 H18 O3'
#
# COMPACT_ATOMS: atom_id res chain seq x y z
N PRO A 16 -30.72 25.84 -17.16
CA PRO A 16 -31.83 26.56 -16.50
C PRO A 16 -32.22 25.90 -15.18
N ILE A 17 -32.72 26.70 -14.24
CA ILE A 17 -33.06 26.22 -12.89
C ILE A 17 -34.53 26.57 -12.63
N ILE A 18 -35.35 25.55 -12.38
CA ILE A 18 -36.75 25.78 -12.04
C ILE A 18 -37.03 25.23 -10.64
N ARG A 19 -38.03 25.82 -9.98
CA ARG A 19 -38.36 25.50 -8.60
C ARG A 19 -39.83 25.14 -8.47
N SER A 20 -40.15 24.36 -7.46
CA SER A 20 -41.52 23.97 -7.19
C SER A 20 -42.25 25.07 -6.40
N PRO A 21 -43.57 25.17 -6.54
CA PRO A 21 -44.33 26.11 -5.69
C PRO A 21 -44.06 25.91 -4.20
N ALA A 22 -43.88 24.67 -3.75
CA ALA A 22 -43.53 24.46 -2.35
C ALA A 22 -42.19 25.10 -2.01
N ALA A 23 -41.21 24.96 -2.90
CA ALA A 23 -39.88 25.48 -2.60
C ALA A 23 -39.92 27.00 -2.42
N GLU A 24 -40.70 27.69 -3.25
CA GLU A 24 -40.86 29.12 -3.07
C GLU A 24 -41.50 29.42 -1.72
N GLY A 25 -42.50 28.63 -1.35
CA GLY A 25 -43.13 28.80 -0.05
C GLY A 25 -42.13 28.62 1.07
N ASP A 26 -41.18 27.70 0.91
CA ASP A 26 -40.15 27.50 1.91
C ASP A 26 -39.34 28.77 2.10
N LEU A 27 -38.86 29.35 1.01
CA LEU A 27 -37.97 30.50 1.09
C LEU A 27 -38.69 31.72 1.65
N VAL A 28 -39.97 31.92 1.30
CA VAL A 28 -40.70 33.05 1.87
C VAL A 28 -40.92 32.84 3.36
N ASP A 29 -41.29 31.61 3.77
CA ASP A 29 -41.39 31.31 5.19
C ASP A 29 -40.06 31.53 5.88
N ILE A 30 -38.97 31.01 5.30
CA ILE A 30 -37.65 31.26 5.86
C ILE A 30 -37.39 32.75 5.98
N TRP A 31 -37.69 33.50 4.91
CA TRP A 31 -37.41 34.93 4.92
C TRP A 31 -38.19 35.64 6.02
N LEU A 32 -39.49 35.36 6.14
CA LEU A 32 -40.30 36.02 7.16
C LEU A 32 -39.77 35.71 8.56
N ALA A 33 -39.41 34.46 8.83
CA ALA A 33 -38.88 34.10 10.14
C ALA A 33 -37.69 34.99 10.50
N ILE A 34 -36.71 35.08 9.62
CA ILE A 34 -35.54 35.90 9.91
C ILE A 34 -35.93 37.37 9.93
N ALA A 35 -36.91 37.74 9.10
CA ALA A 35 -37.30 39.14 9.00
C ALA A 35 -37.89 39.66 10.31
N ASN A 36 -38.45 38.77 11.16
CA ASN A 36 -38.93 39.16 12.50
C ASN A 36 -37.81 39.84 13.27
N ASP A 37 -36.60 39.25 13.26
CA ASP A 37 -35.43 39.87 13.86
C ASP A 37 -34.93 41.07 13.06
N SER A 38 -34.53 40.82 11.81
CA SER A 38 -34.02 41.85 10.92
C SER A 38 -34.32 41.53 9.45
N PRO A 39 -35.11 42.37 8.77
CA PRO A 39 -35.37 42.13 7.33
C PRO A 39 -34.11 42.07 6.52
N ARG A 40 -33.12 42.88 6.89
CA ARG A 40 -31.86 42.87 6.18
C ARG A 40 -31.23 41.49 6.26
N ALA A 41 -31.10 40.96 7.48
CA ALA A 41 -30.47 39.66 7.66
C ALA A 41 -31.15 38.59 6.84
N ALA A 42 -32.47 38.68 6.71
CA ALA A 42 -33.20 37.74 5.86
C ALA A 42 -32.74 37.85 4.41
N ASP A 43 -32.53 39.07 3.92
CA ASP A 43 -32.02 39.23 2.56
C ASP A 43 -30.67 38.53 2.41
N HIS A 44 -29.78 38.66 3.41
CA HIS A 44 -28.46 38.05 3.31
C HIS A 44 -28.54 36.54 3.26
N PHE A 45 -29.41 35.94 4.08
CA PHE A 45 -29.47 34.49 4.09
C PHE A 45 -30.05 33.95 2.78
N LEU A 46 -31.17 34.52 2.33
CA LEU A 46 -31.73 34.07 1.06
C LEU A 46 -30.74 34.27 -0.08
N ASP A 47 -30.07 35.42 -0.13
CA ASP A 47 -28.99 35.61 -1.08
C ASP A 47 -28.00 34.46 -0.98
N ALA A 48 -27.66 34.07 0.26
CA ALA A 48 -26.73 32.96 0.46
C ALA A 48 -27.31 31.66 -0.08
N ILE A 49 -28.61 31.46 0.08
CA ILE A 49 -29.26 30.27 -0.47
C ILE A 49 -29.16 30.28 -1.99
N ALA A 50 -29.48 31.42 -2.61
CA ALA A 50 -29.44 31.51 -4.07
C ALA A 50 -28.05 31.22 -4.60
N GLU A 51 -27.04 31.93 -4.10
CA GLU A 51 -25.67 31.67 -4.51
C GLU A 51 -25.36 30.19 -4.46
N ARG A 52 -25.93 29.49 -3.47
CA ARG A 52 -25.68 28.07 -3.32
C ARG A 52 -26.45 27.26 -4.36
N ILE A 53 -27.65 27.68 -4.72
CA ILE A 53 -28.40 27.01 -5.78
C ILE A 53 -27.76 27.25 -7.13
N LEU A 54 -27.30 28.48 -7.37
CA LEU A 54 -26.72 28.81 -8.67
C LEU A 54 -25.42 28.08 -8.91
N GLN A 55 -24.74 27.63 -7.84
CA GLN A 55 -23.57 26.79 -8.01
C GLN A 55 -23.92 25.45 -8.67
N LEU A 56 -25.19 25.06 -8.63
CA LEU A 56 -25.59 23.77 -9.22
C LEU A 56 -25.51 23.81 -10.75
N ALA A 57 -25.65 25.00 -11.34
CA ALA A 57 -25.56 25.11 -12.80
C ALA A 57 -24.19 24.69 -13.31
N ALA A 58 -23.13 24.94 -12.53
CA ALA A 58 -21.78 24.57 -12.92
C ALA A 58 -21.37 23.24 -12.34
N PHE A 59 -21.92 22.88 -11.18
CA PHE A 59 -21.60 21.64 -10.46
C PHE A 59 -22.90 20.93 -10.10
N PRO A 60 -23.50 20.23 -11.06
CA PRO A 60 -24.83 19.64 -10.79
C PRO A 60 -24.82 18.61 -9.66
N GLU A 61 -23.68 18.00 -9.36
CA GLU A 61 -23.61 16.92 -8.40
C GLU A 61 -22.96 17.35 -7.08
N SER A 62 -23.06 18.64 -6.74
CA SER A 62 -22.51 19.10 -5.48
C SER A 62 -23.24 18.46 -4.30
N GLY A 63 -24.54 18.23 -4.43
CA GLY A 63 -25.30 17.58 -3.38
C GLY A 63 -25.32 16.08 -3.59
N PRO A 64 -24.86 15.32 -2.60
CA PRO A 64 -24.88 13.86 -2.73
C PRO A 64 -26.30 13.30 -2.86
N ARG A 65 -26.40 12.18 -3.57
CA ARG A 65 -27.68 11.47 -3.66
C ARG A 65 -28.19 11.16 -2.25
N ARG A 66 -29.50 11.32 -2.06
CA ARG A 66 -30.15 11.07 -0.78
C ARG A 66 -31.29 10.09 -1.00
N PRO A 67 -30.98 8.79 -1.14
CA PRO A 67 -32.06 7.81 -1.33
C PRO A 67 -33.00 7.72 -0.15
N ASP A 68 -32.52 8.02 1.07
CA ASP A 68 -33.39 7.97 2.24
C ASP A 68 -34.52 8.98 2.14
N ILE A 69 -34.34 10.04 1.35
CA ILE A 69 -35.37 11.06 1.16
C ILE A 69 -36.24 10.75 -0.06
N GLY A 70 -35.60 10.49 -1.19
CA GLY A 70 -36.31 10.25 -2.43
C GLY A 70 -35.48 9.46 -3.41
N ALA A 71 -36.18 8.83 -4.36
CA ALA A 71 -35.53 7.93 -5.30
C ALA A 71 -34.34 8.62 -5.98
N ASP A 72 -34.60 9.73 -6.65
CA ASP A 72 -33.55 10.49 -7.32
C ASP A 72 -33.35 11.86 -6.67
N ALA A 73 -33.57 11.94 -5.36
CA ALA A 73 -33.37 13.19 -4.64
C ALA A 73 -31.89 13.42 -4.35
N ARG A 74 -31.51 14.69 -4.32
CA ARG A 74 -30.19 15.13 -3.95
C ARG A 74 -30.35 16.25 -2.93
N ALA A 75 -29.31 16.49 -2.14
CA ALA A 75 -29.38 17.48 -1.08
C ALA A 75 -28.08 18.27 -1.03
N LEU A 76 -28.21 19.59 -1.11
CA LEU A 76 -27.11 20.54 -1.01
C LEU A 76 -27.27 21.29 0.30
N THR A 77 -26.19 21.37 1.08
CA THR A 77 -26.29 21.92 2.42
C THR A 77 -25.95 23.41 2.42
N ILE A 78 -26.89 24.21 2.95
CA ILE A 78 -26.66 25.62 3.25
C ILE A 78 -27.08 25.83 4.70
N GLY A 79 -26.12 26.23 5.55
CA GLY A 79 -26.40 26.30 6.97
C GLY A 79 -26.91 24.97 7.48
N ASN A 80 -27.98 25.04 8.26
CA ASN A 80 -28.66 23.86 8.79
C ASN A 80 -29.87 23.47 7.95
N TYR A 81 -29.99 24.05 6.75
CA TYR A 81 -31.08 23.74 5.84
C TYR A 81 -30.55 22.96 4.65
N LEU A 82 -31.46 22.24 4.01
CA LEU A 82 -31.15 21.39 2.86
C LEU A 82 -31.85 21.95 1.64
N ILE A 83 -31.16 21.94 0.50
CA ILE A 83 -31.74 22.31 -0.77
C ILE A 83 -32.06 21.00 -1.49
N LEU A 84 -33.30 20.57 -1.37
CA LEU A 84 -33.71 19.28 -1.93
C LEU A 84 -33.91 19.44 -3.44
N TYR A 85 -33.17 18.69 -4.24
CA TYR A 85 -33.32 18.86 -5.68
C TYR A 85 -33.12 17.58 -6.48
N ARG A 86 -33.51 17.68 -7.75
CA ARG A 86 -33.46 16.60 -8.72
C ARG A 86 -32.91 17.14 -10.03
N LEU A 87 -32.32 16.24 -10.80
CA LEU A 87 -31.70 16.54 -12.09
C LEU A 87 -32.53 15.96 -13.21
N ALA A 88 -32.88 16.77 -14.19
CA ALA A 88 -33.68 16.37 -15.33
C ALA A 88 -32.88 16.63 -16.59
N GLU A 89 -33.38 16.15 -17.74
CA GLU A 89 -32.65 16.37 -18.98
C GLU A 89 -32.68 17.84 -19.29
N GLY A 90 -31.55 18.50 -19.26
CA GLY A 90 -31.52 19.89 -19.65
C GLY A 90 -31.89 20.92 -18.60
N TRP A 91 -32.29 20.54 -17.40
CA TRP A 91 -32.59 21.57 -16.41
C TRP A 91 -32.50 20.94 -15.03
N ILE A 92 -32.39 21.80 -14.04
CA ILE A 92 -32.32 21.41 -12.65
C ILE A 92 -33.62 21.79 -11.98
N GLU A 93 -34.19 20.88 -11.20
CA GLU A 93 -35.46 21.08 -10.54
C GLU A 93 -35.26 21.22 -9.02
N ILE A 94 -35.50 22.42 -8.51
CA ILE A 94 -35.40 22.67 -7.07
C ILE A 94 -36.73 22.29 -6.43
N VAL A 95 -36.72 21.19 -5.68
CA VAL A 95 -37.97 20.64 -5.15
C VAL A 95 -38.34 21.27 -3.81
N ARG A 96 -37.41 21.38 -2.87
CA ARG A 96 -37.79 21.88 -1.56
C ARG A 96 -36.59 22.43 -0.82
N ILE A 97 -36.87 23.22 0.21
CA ILE A 97 -35.84 23.71 1.12
C ILE A 97 -36.32 23.57 2.56
N VAL A 98 -35.98 22.45 3.20
CA VAL A 98 -36.43 22.15 4.55
C VAL A 98 -35.22 22.12 5.49
N HIS A 99 -35.49 22.32 6.78
CA HIS A 99 -34.44 22.17 7.78
C HIS A 99 -33.98 20.72 7.81
N GLY A 100 -32.68 20.54 8.04
CA GLY A 100 -32.10 19.21 7.99
C GLY A 100 -32.61 18.30 9.09
N ALA A 101 -32.26 17.01 8.95
CA ALA A 101 -32.54 16.04 10.01
C ALA A 101 -31.95 16.54 11.31
N ARG A 102 -32.78 16.64 12.35
CA ARG A 102 -32.33 17.28 13.57
C ARG A 102 -31.45 16.37 14.39
N ASP A 103 -30.44 16.98 15.02
CA ASP A 103 -29.44 16.26 15.78
C ASP A 103 -30.04 15.71 17.07
N VAL A 104 -29.34 14.74 17.65
CA VAL A 104 -29.84 14.05 18.83
C VAL A 104 -29.98 15.00 20.01
N SER A 105 -29.32 16.15 19.97
CA SER A 105 -29.36 17.07 21.10
C SER A 105 -30.80 17.35 21.52
N THR A 106 -31.11 17.02 22.76
CA THR A 106 -32.44 17.23 23.31
C THR A 106 -32.35 18.04 24.61
N PRO B 16 -23.99 -11.26 37.19
CA PRO B 16 -22.63 -10.67 37.29
C PRO B 16 -22.19 -10.48 38.74
N ILE B 17 -20.89 -10.57 38.99
CA ILE B 17 -20.32 -10.61 40.32
C ILE B 17 -19.36 -9.44 40.50
N ILE B 18 -19.54 -8.69 41.57
CA ILE B 18 -18.65 -7.60 41.94
C ILE B 18 -18.16 -7.85 43.35
N ARG B 19 -17.01 -7.27 43.68
CA ARG B 19 -16.37 -7.50 44.96
C ARG B 19 -15.96 -6.18 45.59
N SER B 20 -15.87 -6.18 46.92
CA SER B 20 -15.43 -5.02 47.66
C SER B 20 -13.91 -4.96 47.72
N PRO B 21 -13.33 -3.76 47.86
CA PRO B 21 -11.87 -3.69 48.05
C PRO B 21 -11.34 -4.59 49.16
N ALA B 22 -12.10 -4.74 50.25
CA ALA B 22 -11.68 -5.64 51.32
C ALA B 22 -11.59 -7.08 50.82
N ALA B 23 -12.55 -7.51 50.01
CA ALA B 23 -12.56 -8.89 49.55
C ALA B 23 -11.33 -9.21 48.70
N GLU B 24 -10.91 -8.30 47.83
CA GLU B 24 -9.68 -8.59 47.09
C GLU B 24 -8.50 -8.67 48.04
N GLY B 25 -8.44 -7.78 49.02
CA GLY B 25 -7.35 -7.83 49.98
C GLY B 25 -7.31 -9.16 50.69
N ASP B 26 -8.47 -9.71 51.02
CA ASP B 26 -8.53 -11.03 51.63
C ASP B 26 -7.85 -12.06 50.73
N LEU B 27 -8.22 -12.06 49.45
CA LEU B 27 -7.69 -13.06 48.53
C LEU B 27 -6.19 -12.90 48.31
N VAL B 28 -5.71 -11.66 48.28
CA VAL B 28 -4.28 -11.44 48.13
C VAL B 28 -3.53 -11.93 49.36
N ASP B 29 -4.02 -11.59 50.55
CA ASP B 29 -3.41 -12.11 51.78
C ASP B 29 -3.45 -13.64 51.80
N ILE B 30 -4.62 -14.21 51.50
CA ILE B 30 -4.74 -15.66 51.43
C ILE B 30 -3.69 -16.21 50.47
N TRP B 31 -3.59 -15.60 49.29
CA TRP B 31 -2.66 -16.08 48.28
C TRP B 31 -1.22 -16.02 48.79
N LEU B 32 -0.83 -14.89 49.38
CA LEU B 32 0.54 -14.73 49.85
C LEU B 32 0.88 -15.77 50.91
N ALA B 33 -0.04 -16.02 51.84
CA ALA B 33 0.21 -17.01 52.90
C ALA B 33 0.57 -18.35 52.30
N ILE B 34 -0.23 -18.85 51.35
CA ILE B 34 0.06 -20.12 50.72
C ILE B 34 1.34 -20.00 49.90
N ALA B 35 1.61 -18.82 49.34
CA ALA B 35 2.78 -18.65 48.48
C ALA B 35 4.08 -18.81 49.25
N ASN B 36 4.07 -18.56 50.57
CA ASN B 36 5.25 -18.82 51.38
C ASN B 36 5.70 -20.26 51.18
N ASP B 37 4.76 -21.20 51.25
CA ASP B 37 5.08 -22.60 50.97
C ASP B 37 5.32 -22.80 49.47
N SER B 38 4.32 -22.52 48.66
CA SER B 38 4.41 -22.75 47.23
C SER B 38 3.53 -21.75 46.49
N PRO B 39 4.12 -20.89 45.66
CA PRO B 39 3.28 -19.99 44.85
C PRO B 39 2.29 -20.71 43.95
N ARG B 40 2.66 -21.87 43.42
CA ARG B 40 1.74 -22.60 42.56
C ARG B 40 0.50 -23.04 43.33
N ALA B 41 0.71 -23.64 44.50
CA ALA B 41 -0.42 -24.08 45.32
C ALA B 41 -1.36 -22.93 45.65
N ALA B 42 -0.81 -21.72 45.83
CA ALA B 42 -1.64 -20.55 46.07
C ALA B 42 -2.53 -20.25 44.87
N ASP B 43 -1.97 -20.34 43.65
CA ASP B 43 -2.78 -20.15 42.44
C ASP B 43 -3.93 -21.12 42.43
N HIS B 44 -3.63 -22.36 42.85
CA HIS B 44 -4.60 -23.44 42.86
C HIS B 44 -5.73 -23.18 43.84
N PHE B 45 -5.43 -22.67 45.03
CA PHE B 45 -6.51 -22.44 45.99
C PHE B 45 -7.45 -21.34 45.51
N LEU B 46 -6.90 -20.19 45.12
CA LEU B 46 -7.73 -19.08 44.65
C LEU B 46 -8.57 -19.47 43.44
N ASP B 47 -7.97 -20.18 42.48
CA ASP B 47 -8.75 -20.73 41.39
C ASP B 47 -9.93 -21.52 41.93
N ALA B 48 -9.69 -22.34 42.95
CA ALA B 48 -10.77 -23.11 43.55
C ALA B 48 -11.83 -22.19 44.15
N ILE B 49 -11.40 -21.10 44.79
CA ILE B 49 -12.39 -20.17 45.34
C ILE B 49 -13.24 -19.57 44.22
N ALA B 50 -12.58 -19.09 43.16
CA ALA B 50 -13.29 -18.41 42.09
C ALA B 50 -14.34 -19.32 41.46
N GLU B 51 -13.93 -20.51 41.00
CA GLU B 51 -14.90 -21.44 40.44
C GLU B 51 -16.10 -21.60 41.36
N ARG B 52 -15.87 -21.57 42.67
CA ARG B 52 -16.97 -21.69 43.62
C ARG B 52 -17.79 -20.41 43.66
N ILE B 53 -17.14 -19.26 43.49
CA ILE B 53 -17.89 -17.99 43.46
C ILE B 53 -18.63 -17.81 42.14
N LEU B 54 -18.05 -18.21 40.98
CA LEU B 54 -18.77 -18.03 39.71
C LEU B 54 -20.01 -18.91 39.66
N GLN B 55 -20.07 -19.97 40.46
CA GLN B 55 -21.31 -20.73 40.55
C GLN B 55 -22.45 -19.90 41.15
N LEU B 56 -22.15 -18.82 41.87
CA LEU B 56 -23.22 -18.04 42.51
C LEU B 56 -24.12 -17.32 41.53
N ALA B 57 -23.63 -16.97 40.34
CA ALA B 57 -24.49 -16.27 39.40
C ALA B 57 -25.69 -17.11 39.02
N ALA B 58 -25.55 -18.43 39.01
CA ALA B 58 -26.65 -19.29 38.63
C ALA B 58 -27.47 -19.79 39.82
N PHE B 59 -26.84 -19.90 41.00
CA PHE B 59 -27.50 -20.39 42.21
C PHE B 59 -27.17 -19.43 43.33
N PRO B 60 -27.84 -18.28 43.38
CA PRO B 60 -27.48 -17.25 44.37
C PRO B 60 -27.60 -17.71 45.80
N GLU B 61 -28.37 -18.77 46.08
CA GLU B 61 -28.62 -19.20 47.46
C GLU B 61 -27.83 -20.46 47.83
N SER B 62 -26.67 -20.68 47.20
CA SER B 62 -25.86 -21.81 47.59
C SER B 62 -25.39 -21.69 49.03
N GLY B 63 -25.11 -20.46 49.47
CA GLY B 63 -24.71 -20.22 50.83
C GLY B 63 -25.91 -19.88 51.69
N PRO B 64 -26.11 -20.63 52.78
CA PRO B 64 -27.24 -20.31 53.67
C PRO B 64 -27.13 -18.92 54.26
N ARG B 65 -28.29 -18.30 54.51
CA ARG B 65 -28.31 -17.01 55.17
C ARG B 65 -27.58 -17.09 56.50
N ARG B 66 -26.82 -16.06 56.82
CA ARG B 66 -26.06 -16.02 58.08
C ARG B 66 -26.40 -14.73 58.83
N PRO B 67 -27.54 -14.69 59.50
CA PRO B 67 -27.91 -13.46 60.25
C PRO B 67 -26.94 -13.12 61.37
N ASP B 68 -26.26 -14.10 61.96
CA ASP B 68 -25.32 -13.82 63.04
C ASP B 68 -24.18 -12.92 62.60
N ILE B 69 -23.90 -12.88 61.30
CA ILE B 69 -22.83 -12.03 60.77
C ILE B 69 -23.38 -10.69 60.29
N GLY B 70 -24.44 -10.73 59.49
CA GLY B 70 -25.02 -9.52 58.94
C GLY B 70 -26.47 -9.75 58.59
N ALA B 71 -27.21 -8.64 58.51
CA ALA B 71 -28.64 -8.70 58.32
C ALA B 71 -29.00 -9.57 57.12
N ASP B 72 -28.48 -9.21 55.94
CA ASP B 72 -28.73 -9.96 54.71
C ASP B 72 -27.46 -10.63 54.21
N ALA B 73 -26.59 -11.04 55.12
CA ALA B 73 -25.36 -11.72 54.75
C ALA B 73 -25.62 -13.18 54.43
N ARG B 74 -24.85 -13.72 53.50
CA ARG B 74 -24.86 -15.12 53.14
C ARG B 74 -23.43 -15.62 53.16
N ALA B 75 -23.28 -16.93 53.33
CA ALA B 75 -21.95 -17.52 53.45
C ALA B 75 -21.88 -18.80 52.66
N LEU B 76 -20.86 -18.90 51.81
CA LEU B 76 -20.52 -20.10 51.08
C LEU B 76 -19.23 -20.64 51.71
N THR B 77 -19.25 -21.90 52.13
CA THR B 77 -18.12 -22.47 52.87
C THR B 77 -17.22 -23.21 51.91
N ILE B 78 -15.94 -22.85 51.89
CA ILE B 78 -14.92 -23.57 51.14
C ILE B 78 -13.78 -23.88 52.09
N GLY B 79 -13.50 -25.16 52.29
CA GLY B 79 -12.51 -25.52 53.29
C GLY B 79 -12.90 -24.94 54.63
N ASN B 80 -11.93 -24.32 55.29
CA ASN B 80 -12.14 -23.66 56.58
C ASN B 80 -12.40 -22.17 56.44
N TYR B 81 -12.59 -21.67 55.22
CA TYR B 81 -12.86 -20.26 54.98
C TYR B 81 -14.28 -20.08 54.47
N LEU B 82 -14.78 -18.86 54.64
CA LEU B 82 -16.13 -18.49 54.24
C LEU B 82 -16.08 -17.43 53.16
N ILE B 83 -16.96 -17.56 52.16
CA ILE B 83 -17.13 -16.50 51.16
C ILE B 83 -18.41 -15.76 51.51
N LEU B 84 -18.26 -14.67 52.24
CA LEU B 84 -19.38 -13.89 52.76
C LEU B 84 -19.90 -12.96 51.68
N TYR B 85 -21.19 -13.07 51.37
CA TYR B 85 -21.76 -12.26 50.30
C TYR B 85 -23.20 -11.85 50.55
N ARG B 86 -23.66 -10.95 49.67
CA ARG B 86 -25.00 -10.38 49.70
C ARG B 86 -25.55 -10.43 48.28
N LEU B 87 -26.88 -10.42 48.21
CA LEU B 87 -27.60 -10.44 46.95
C LEU B 87 -28.26 -9.09 46.71
N ALA B 88 -27.99 -8.51 45.54
CA ALA B 88 -28.59 -7.25 45.12
C ALA B 88 -29.39 -7.52 43.87
N GLU B 89 -30.22 -6.57 43.45
CA GLU B 89 -31.04 -6.78 42.26
C GLU B 89 -30.11 -6.88 41.08
N GLY B 90 -30.06 -8.04 40.44
CA GLY B 90 -29.28 -8.18 39.22
C GLY B 90 -27.81 -8.50 39.38
N TRP B 91 -27.27 -8.57 40.60
CA TRP B 91 -25.86 -8.93 40.73
C TRP B 91 -25.56 -9.41 42.14
N ILE B 92 -24.42 -10.08 42.27
CA ILE B 92 -23.95 -10.63 43.52
C ILE B 92 -22.77 -9.79 43.98
N GLU B 93 -22.78 -9.43 45.27
CA GLU B 93 -21.74 -8.61 45.88
C GLU B 93 -20.96 -9.49 46.86
N ILE B 94 -19.71 -9.78 46.51
CA ILE B 94 -18.83 -10.57 47.38
C ILE B 94 -18.20 -9.62 48.38
N VAL B 95 -18.59 -9.74 49.65
CA VAL B 95 -18.16 -8.78 50.67
C VAL B 95 -16.81 -9.17 51.25
N ARG B 96 -16.61 -10.43 51.63
CA ARG B 96 -15.33 -10.82 52.21
C ARG B 96 -15.09 -12.32 52.08
N ILE B 97 -13.83 -12.70 52.35
CA ILE B 97 -13.42 -14.09 52.42
C ILE B 97 -12.56 -14.21 53.70
N VAL B 98 -13.21 -14.56 54.82
CA VAL B 98 -12.53 -14.64 56.11
C VAL B 98 -12.57 -16.09 56.59
N HIS B 99 -11.62 -16.44 57.44
CA HIS B 99 -11.66 -17.77 58.06
C HIS B 99 -12.86 -17.87 58.98
N GLY B 100 -13.46 -19.06 59.00
CA GLY B 100 -14.68 -19.28 59.74
C GLY B 100 -14.52 -19.20 61.25
N ALA B 101 -15.66 -19.22 61.93
CA ALA B 101 -15.66 -19.26 63.39
C ALA B 101 -14.88 -20.47 63.86
N ARG B 102 -13.88 -20.26 64.71
CA ARG B 102 -13.00 -21.34 65.11
C ARG B 102 -13.64 -22.19 66.18
N ASP B 103 -13.48 -23.50 66.06
CA ASP B 103 -14.06 -24.43 67.01
C ASP B 103 -13.24 -24.42 68.30
N VAL B 104 -13.86 -24.93 69.37
CA VAL B 104 -13.19 -24.90 70.67
C VAL B 104 -11.98 -25.81 70.71
N SER B 105 -11.85 -26.74 69.78
CA SER B 105 -10.79 -27.74 69.84
C SER B 105 -9.42 -27.09 69.98
N THR B 106 -8.72 -27.43 71.07
CA THR B 106 -7.37 -26.94 71.33
C THR B 106 -6.58 -27.93 72.20
N MET C 15 25.21 -29.49 -51.72
CA MET C 15 24.16 -29.91 -50.75
C MET C 15 23.57 -28.71 -50.00
N PRO C 16 22.35 -28.33 -50.35
CA PRO C 16 21.62 -27.32 -49.56
C PRO C 16 21.09 -27.93 -48.27
N ILE C 17 20.63 -27.06 -47.37
CA ILE C 17 20.25 -27.45 -46.02
C ILE C 17 18.86 -26.91 -45.71
N ILE C 18 17.93 -27.82 -45.40
CA ILE C 18 16.58 -27.44 -44.98
C ILE C 18 16.33 -27.98 -43.58
N ARG C 19 15.45 -27.29 -42.87
CA ARG C 19 15.12 -27.59 -41.49
C ARG C 19 13.62 -27.79 -41.35
N SER C 20 13.24 -28.55 -40.33
CA SER C 20 11.85 -28.80 -40.07
C SER C 20 11.21 -27.66 -39.28
N PRO C 21 9.89 -27.47 -39.41
CA PRO C 21 9.20 -26.50 -38.56
C PRO C 21 9.47 -26.72 -37.09
N ALA C 22 9.56 -27.99 -36.66
CA ALA C 22 9.88 -28.27 -35.26
C ALA C 22 11.27 -27.78 -34.90
N ALA C 23 12.23 -28.01 -35.80
CA ALA C 23 13.61 -27.63 -35.51
C ALA C 23 13.77 -26.13 -35.36
N GLU C 24 13.10 -25.32 -36.18
CA GLU C 24 13.22 -23.89 -35.95
C GLU C 24 12.65 -23.53 -34.58
N GLY C 25 11.56 -24.18 -34.20
CA GLY C 25 10.99 -23.91 -32.89
C GLY C 25 11.97 -24.19 -31.78
N ASP C 26 12.78 -25.25 -31.94
CA ASP C 26 13.81 -25.54 -30.95
C ASP C 26 14.75 -24.36 -30.81
N LEU C 27 15.24 -23.85 -31.94
CA LEU C 27 16.25 -22.79 -31.91
C LEU C 27 15.71 -21.51 -31.30
N VAL C 28 14.44 -21.19 -31.57
CA VAL C 28 13.85 -20.01 -30.95
C VAL C 28 13.70 -20.23 -29.45
N ASP C 29 13.23 -21.42 -29.05
CA ASP C 29 13.16 -21.76 -27.64
C ASP C 29 14.53 -21.63 -27.00
N ILE C 30 15.55 -22.20 -27.65
CA ILE C 30 16.92 -22.08 -27.15
C ILE C 30 17.29 -20.61 -26.99
N TRP C 31 17.02 -19.80 -28.02
CA TRP C 31 17.43 -18.40 -28.00
C TRP C 31 16.75 -17.63 -26.89
N LEU C 32 15.43 -17.76 -26.79
CA LEU C 32 14.70 -17.02 -25.77
C LEU C 32 15.21 -17.38 -24.37
N ALA C 33 15.45 -18.67 -24.12
CA ALA C 33 15.97 -19.09 -22.83
C ALA C 33 17.27 -18.35 -22.49
N ILE C 34 18.25 -18.39 -23.40
CA ILE C 34 19.50 -17.70 -23.14
C ILE C 34 19.29 -16.20 -23.15
N ALA C 35 18.31 -15.73 -23.95
CA ALA C 35 18.08 -14.30 -24.05
C ALA C 35 17.57 -13.72 -22.74
N ASN C 36 16.94 -14.54 -21.87
CA ASN C 36 16.52 -14.09 -20.53
C ASN C 36 17.73 -13.50 -19.79
N ASP C 37 18.85 -14.22 -19.80
CA ASP C 37 20.09 -13.69 -19.23
C ASP C 37 20.65 -12.54 -20.07
N SER C 38 20.97 -12.82 -21.33
CA SER C 38 21.56 -11.83 -22.21
C SER C 38 21.15 -12.12 -23.65
N PRO C 39 20.42 -11.21 -24.31
CA PRO C 39 20.12 -11.42 -25.74
C PRO C 39 21.38 -11.58 -26.58
N ARG C 40 22.47 -10.90 -26.21
CA ARG C 40 23.73 -11.03 -26.94
C ARG C 40 24.25 -12.47 -26.92
N ALA C 41 24.36 -13.06 -25.73
CA ALA C 41 24.84 -14.44 -25.61
C ALA C 41 24.00 -15.39 -26.45
N ALA C 42 22.71 -15.13 -26.54
CA ALA C 42 21.84 -15.96 -27.35
C ALA C 42 22.26 -15.89 -28.80
N ASP C 43 22.64 -14.71 -29.28
CA ASP C 43 23.11 -14.59 -30.66
C ASP C 43 24.35 -15.44 -30.89
N HIS C 44 25.29 -15.42 -29.93
CA HIS C 44 26.52 -16.20 -30.08
C HIS C 44 26.23 -17.68 -30.14
N PHE C 45 25.33 -18.18 -29.30
CA PHE C 45 25.11 -19.62 -29.27
C PHE C 45 24.48 -20.13 -30.57
N LEU C 46 23.43 -19.46 -31.04
CA LEU C 46 22.79 -19.89 -32.29
C LEU C 46 23.80 -19.84 -33.43
N ASP C 47 24.62 -18.79 -33.50
CA ASP C 47 25.71 -18.79 -34.47
C ASP C 47 26.56 -20.04 -34.33
N ALA C 48 26.89 -20.42 -33.08
CA ALA C 48 27.68 -21.61 -32.84
C ALA C 48 26.95 -22.86 -33.32
N ILE C 49 25.63 -22.92 -33.09
CA ILE C 49 24.83 -24.02 -33.60
C ILE C 49 24.88 -24.03 -35.12
N ALA C 50 24.67 -22.85 -35.72
CA ALA C 50 24.76 -22.77 -37.17
C ALA C 50 26.14 -23.19 -37.65
N GLU C 51 27.18 -22.52 -37.16
CA GLU C 51 28.54 -22.86 -37.55
C GLU C 51 28.75 -24.36 -37.53
N ARG C 52 28.09 -25.04 -36.59
CA ARG C 52 28.20 -26.50 -36.48
C ARG C 52 27.33 -27.20 -37.52
N ILE C 53 26.15 -26.64 -37.80
CA ILE C 53 25.29 -27.23 -38.82
C ILE C 53 25.88 -27.03 -40.21
N LEU C 54 26.45 -25.86 -40.46
CA LEU C 54 26.96 -25.58 -41.81
C LEU C 54 28.15 -26.43 -42.17
N GLN C 55 28.89 -26.95 -41.19
CA GLN C 55 29.95 -27.89 -41.50
C GLN C 55 29.43 -29.17 -42.15
N LEU C 56 28.13 -29.46 -41.99
CA LEU C 56 27.59 -30.70 -42.54
C LEU C 56 27.61 -30.70 -44.06
N ALA C 57 27.55 -29.52 -44.69
CA ALA C 57 27.60 -29.46 -46.15
C ALA C 57 28.90 -30.02 -46.69
N ALA C 58 30.00 -29.87 -45.94
CA ALA C 58 31.30 -30.37 -46.35
C ALA C 58 31.65 -31.72 -45.74
N PHE C 59 31.14 -32.00 -44.55
CA PHE C 59 31.40 -33.24 -43.83
C PHE C 59 30.06 -33.84 -43.42
N PRO C 60 29.34 -34.46 -44.35
CA PRO C 60 27.95 -34.87 -44.03
C PRO C 60 27.84 -35.90 -42.92
N GLU C 61 28.88 -36.70 -42.66
CA GLU C 61 28.78 -37.79 -41.69
C GLU C 61 29.52 -37.46 -40.40
N SER C 62 29.59 -36.17 -40.05
CA SER C 62 30.26 -35.77 -38.82
C SER C 62 29.56 -36.35 -37.61
N GLY C 63 28.24 -36.45 -37.66
CA GLY C 63 27.50 -37.06 -36.58
C GLY C 63 27.32 -38.54 -36.80
N PRO C 64 27.73 -39.36 -35.82
CA PRO C 64 27.54 -40.81 -35.96
C PRO C 64 26.06 -41.14 -36.10
N ARG C 65 25.79 -42.20 -36.86
CA ARG C 65 24.42 -42.69 -36.94
C ARG C 65 23.91 -43.00 -35.54
N ARG C 66 22.66 -42.65 -35.27
CA ARG C 66 22.05 -42.85 -33.95
C ARG C 66 20.82 -43.71 -34.12
N PRO C 67 20.98 -45.02 -34.31
CA PRO C 67 19.81 -45.89 -34.48
C PRO C 67 18.88 -45.90 -33.28
N ASP C 68 19.41 -45.68 -32.07
CA ASP C 68 18.57 -45.64 -30.89
C ASP C 68 17.53 -44.53 -30.97
N ILE C 69 17.79 -43.49 -31.77
CA ILE C 69 16.85 -42.39 -31.95
C ILE C 69 15.95 -42.62 -33.16
N GLY C 70 16.55 -42.96 -34.30
CA GLY C 70 15.79 -43.16 -35.53
C GLY C 70 16.55 -44.05 -36.49
N ALA C 71 15.78 -44.61 -37.44
CA ALA C 71 16.32 -45.59 -38.36
C ALA C 71 17.56 -45.06 -39.07
N ASP C 72 17.43 -43.93 -39.75
CA ASP C 72 18.52 -43.28 -40.45
C ASP C 72 18.88 -41.94 -39.82
N ALA C 73 18.74 -41.84 -38.50
CA ALA C 73 19.04 -40.59 -37.80
C ALA C 73 20.54 -40.44 -37.55
N ARG C 74 20.98 -39.20 -37.56
CA ARG C 74 22.34 -38.83 -37.18
C ARG C 74 22.28 -37.70 -36.17
N ALA C 75 23.35 -37.57 -35.39
CA ALA C 75 23.39 -36.59 -34.32
C ALA C 75 24.75 -35.93 -34.31
N LEU C 76 24.74 -34.60 -34.34
CA LEU C 76 25.94 -33.78 -34.25
C LEU C 76 25.92 -33.03 -32.94
N THR C 77 27.04 -33.04 -32.22
CA THR C 77 27.08 -32.46 -30.90
C THR C 77 27.57 -31.02 -30.95
N ILE C 78 26.76 -30.12 -30.37
CA ILE C 78 27.14 -28.74 -30.11
C ILE C 78 26.83 -28.48 -28.64
N GLY C 79 27.87 -28.19 -27.87
CA GLY C 79 27.66 -28.07 -26.43
C GLY C 79 27.02 -29.32 -25.86
N ASN C 80 25.96 -29.10 -25.08
CA ASN C 80 25.19 -30.18 -24.47
C ASN C 80 23.94 -30.54 -25.29
N TYR C 81 23.83 -30.03 -26.51
CA TYR C 81 22.68 -30.29 -27.37
C TYR C 81 23.08 -31.17 -28.54
N LEU C 82 22.10 -31.84 -29.10
CA LEU C 82 22.31 -32.72 -30.24
C LEU C 82 21.57 -32.12 -31.42
N ILE C 83 22.23 -32.13 -32.57
CA ILE C 83 21.61 -31.68 -33.82
C ILE C 83 21.23 -32.96 -34.55
N LEU C 84 19.96 -33.33 -34.44
CA LEU C 84 19.47 -34.53 -35.11
C LEU C 84 19.23 -34.22 -36.58
N TYR C 85 19.89 -34.96 -37.47
CA TYR C 85 19.76 -34.70 -38.89
C TYR C 85 19.76 -36.01 -39.67
N ARG C 86 19.37 -35.89 -40.94
CA ARG C 86 19.25 -37.02 -41.85
C ARG C 86 19.85 -36.61 -43.18
N LEU C 87 20.26 -37.62 -43.92
CA LEU C 87 20.90 -37.43 -45.22
C LEU C 87 19.94 -37.89 -46.31
N ALA C 88 19.69 -37.02 -47.28
CA ALA C 88 18.81 -37.33 -48.40
C ALA C 88 19.60 -37.19 -49.67
N GLU C 89 19.05 -37.62 -50.80
CA GLU C 89 19.81 -37.50 -52.05
C GLU C 89 19.85 -36.02 -52.36
N GLY C 90 21.03 -35.43 -52.33
CA GLY C 90 21.14 -34.05 -52.76
C GLY C 90 20.82 -32.97 -51.75
N TRP C 91 20.42 -33.29 -50.53
CA TRP C 91 20.19 -32.23 -49.56
C TRP C 91 20.27 -32.83 -48.17
N ILE C 92 20.49 -31.96 -47.20
CA ILE C 92 20.58 -32.33 -45.80
C ILE C 92 19.36 -31.83 -45.07
N GLU C 93 18.78 -32.68 -44.23
CA GLU C 93 17.56 -32.37 -43.51
C GLU C 93 17.83 -32.25 -42.01
N ILE C 94 17.68 -31.03 -41.48
CA ILE C 94 17.84 -30.78 -40.05
C ILE C 94 16.50 -31.05 -39.38
N VAL C 95 16.41 -32.16 -38.63
CA VAL C 95 15.14 -32.59 -38.07
C VAL C 95 14.87 -31.96 -36.72
N ARG C 96 15.82 -31.98 -35.79
CA ARG C 96 15.56 -31.41 -34.47
C ARG C 96 16.86 -30.90 -33.84
N ILE C 97 16.69 -30.07 -32.81
CA ILE C 97 17.80 -29.60 -31.97
C ILE C 97 17.29 -29.74 -30.54
N VAL C 98 17.56 -30.90 -29.93
CA VAL C 98 17.04 -31.23 -28.62
C VAL C 98 18.22 -31.38 -27.66
N HIS C 99 17.94 -31.21 -26.37
CA HIS C 99 18.94 -31.46 -25.37
C HIS C 99 19.31 -32.94 -25.35
N GLY C 100 20.59 -33.23 -25.12
CA GLY C 100 21.05 -34.59 -25.18
C GLY C 100 20.50 -35.45 -24.06
N ALA C 101 20.71 -36.75 -24.21
CA ALA C 101 20.34 -37.68 -23.15
C ALA C 101 21.02 -37.25 -21.86
N ARG C 102 20.23 -37.07 -20.80
CA ARG C 102 20.76 -36.53 -19.56
C ARG C 102 21.49 -37.59 -18.76
N ASP C 103 22.59 -37.16 -18.14
CA ASP C 103 23.48 -38.05 -17.42
C ASP C 103 22.86 -38.48 -16.09
N VAL C 104 23.42 -39.56 -15.54
CA VAL C 104 22.92 -40.13 -14.29
C VAL C 104 23.12 -39.16 -13.13
N SER C 105 24.01 -38.19 -13.27
CA SER C 105 24.30 -37.26 -12.18
C SER C 105 23.01 -36.62 -11.69
N THR C 106 22.71 -36.83 -10.42
CA THR C 106 21.53 -36.27 -9.78
C THR C 106 21.94 -35.56 -8.48
N PRO D 16 38.87 -48.12 -44.66
CA PRO D 16 38.81 -48.31 -43.19
C PRO D 16 39.92 -47.55 -42.48
N ILE D 17 39.71 -47.24 -41.20
CA ILE D 17 40.68 -46.51 -40.40
C ILE D 17 41.23 -47.46 -39.34
N ILE D 18 42.56 -47.50 -39.22
CA ILE D 18 43.22 -48.31 -38.21
C ILE D 18 44.21 -47.43 -37.46
N ARG D 19 44.52 -47.82 -36.23
CA ARG D 19 45.37 -47.06 -35.35
C ARG D 19 46.46 -47.95 -34.78
N SER D 20 47.59 -47.34 -34.44
CA SER D 20 48.70 -48.08 -33.85
C SER D 20 48.49 -48.25 -32.35
N PRO D 21 49.05 -49.31 -31.76
CA PRO D 21 49.02 -49.41 -30.29
C PRO D 21 49.52 -48.16 -29.62
N ALA D 22 50.53 -47.52 -30.20
CA ALA D 22 51.02 -46.25 -29.65
C ALA D 22 49.93 -45.19 -29.68
N ALA D 23 49.14 -45.15 -30.75
CA ALA D 23 48.12 -44.12 -30.87
C ALA D 23 47.05 -44.24 -29.78
N GLU D 24 46.59 -45.45 -29.47
CA GLU D 24 45.65 -45.56 -28.35
C GLU D 24 46.29 -45.10 -27.05
N GLY D 25 47.56 -45.44 -26.86
CA GLY D 25 48.26 -45.02 -25.67
C GLY D 25 48.29 -43.51 -25.54
N ASP D 26 48.49 -42.81 -26.65
CA ASP D 26 48.44 -41.36 -26.63
C ASP D 26 47.07 -40.87 -26.19
N LEU D 27 46.00 -41.40 -26.80
CA LEU D 27 44.66 -40.92 -26.49
C LEU D 27 44.29 -41.24 -25.03
N VAL D 28 44.72 -42.39 -24.53
CA VAL D 28 44.45 -42.71 -23.13
C VAL D 28 45.24 -41.78 -22.21
N ASP D 29 46.52 -41.59 -22.50
CA ASP D 29 47.31 -40.63 -21.73
C ASP D 29 46.69 -39.25 -21.81
N ILE D 30 46.35 -38.81 -23.02
CA ILE D 30 45.69 -37.52 -23.18
C ILE D 30 44.41 -37.47 -22.35
N TRP D 31 43.61 -38.54 -22.40
CA TRP D 31 42.35 -38.54 -21.66
C TRP D 31 42.59 -38.39 -20.17
N LEU D 32 43.52 -39.19 -19.63
CA LEU D 32 43.82 -39.12 -18.19
C LEU D 32 44.32 -37.74 -17.80
N ALA D 33 45.20 -37.15 -18.61
CA ALA D 33 45.70 -35.81 -18.32
C ALA D 33 44.54 -34.83 -18.12
N ILE D 34 43.60 -34.82 -19.05
CA ILE D 34 42.44 -33.93 -18.90
C ILE D 34 41.55 -34.41 -17.77
N ALA D 35 41.46 -35.72 -17.57
CA ALA D 35 40.52 -36.26 -16.59
C ALA D 35 40.85 -35.86 -15.17
N ASN D 36 42.11 -35.54 -14.88
CA ASN D 36 42.44 -35.02 -13.56
C ASN D 36 41.55 -33.84 -13.21
N ASP D 37 41.40 -32.91 -14.15
CA ASP D 37 40.49 -31.79 -13.93
C ASP D 37 39.04 -32.27 -13.98
N SER D 38 38.64 -32.87 -15.11
CA SER D 38 37.25 -33.30 -15.27
C SER D 38 37.11 -34.48 -16.22
N PRO D 39 36.62 -35.64 -15.75
CA PRO D 39 36.38 -36.75 -16.69
C PRO D 39 35.44 -36.36 -17.81
N ARG D 40 34.48 -35.48 -17.53
CA ARG D 40 33.57 -34.95 -18.55
C ARG D 40 34.33 -34.25 -19.68
N ALA D 41 35.19 -33.27 -19.36
CA ALA D 41 35.91 -32.58 -20.43
C ALA D 41 36.76 -33.54 -21.26
N ALA D 42 37.34 -34.55 -20.61
CA ALA D 42 38.20 -35.47 -21.32
C ALA D 42 37.43 -36.21 -22.42
N ASP D 43 36.18 -36.57 -22.14
CA ASP D 43 35.37 -37.27 -23.13
C ASP D 43 35.15 -36.41 -24.37
N HIS D 44 34.85 -35.13 -24.17
CA HIS D 44 34.57 -34.25 -25.30
C HIS D 44 35.77 -34.09 -26.22
N PHE D 45 36.97 -33.97 -25.65
CA PHE D 45 38.15 -33.77 -26.49
C PHE D 45 38.39 -34.98 -27.38
N LEU D 46 38.37 -36.18 -26.79
CA LEU D 46 38.51 -37.38 -27.61
C LEU D 46 37.39 -37.46 -28.64
N ASP D 47 36.16 -37.13 -28.24
CA ASP D 47 35.07 -37.03 -29.20
C ASP D 47 35.44 -36.14 -30.38
N ALA D 48 36.02 -34.96 -30.08
CA ALA D 48 36.42 -34.03 -31.12
C ALA D 48 37.51 -34.64 -32.00
N ILE D 49 38.47 -35.33 -31.39
CA ILE D 49 39.53 -36.00 -32.15
C ILE D 49 38.93 -37.08 -33.02
N ALA D 50 37.99 -37.86 -32.48
CA ALA D 50 37.38 -38.95 -33.24
C ALA D 50 36.73 -38.44 -34.52
N GLU D 51 35.80 -37.50 -34.38
CA GLU D 51 35.12 -36.97 -35.57
C GLU D 51 36.14 -36.48 -36.59
N ARG D 52 37.25 -35.89 -36.11
CA ARG D 52 38.24 -35.31 -36.99
C ARG D 52 39.02 -36.40 -37.71
N ILE D 53 39.27 -37.52 -37.04
CA ILE D 53 39.93 -38.64 -37.69
C ILE D 53 38.98 -39.27 -38.72
N LEU D 54 37.68 -39.32 -38.41
CA LEU D 54 36.69 -39.94 -39.29
C LEU D 54 36.47 -39.14 -40.57
N GLN D 55 36.79 -37.85 -40.56
CA GLN D 55 36.72 -37.05 -41.77
C GLN D 55 37.72 -37.50 -42.82
N LEU D 56 38.78 -38.20 -42.43
CA LEU D 56 39.75 -38.64 -43.42
C LEU D 56 39.17 -39.69 -44.37
N ALA D 57 38.15 -40.41 -43.93
CA ALA D 57 37.49 -41.37 -44.82
C ALA D 57 36.93 -40.67 -46.04
N ALA D 58 36.58 -39.39 -45.92
CA ALA D 58 36.07 -38.59 -47.03
C ALA D 58 37.13 -37.71 -47.69
N PHE D 59 38.10 -37.22 -46.92
CA PHE D 59 39.18 -36.36 -47.44
C PHE D 59 40.51 -36.89 -46.94
N PRO D 60 41.02 -37.98 -47.53
CA PRO D 60 42.24 -38.59 -47.01
C PRO D 60 43.46 -37.67 -47.01
N GLU D 61 43.47 -36.62 -47.83
CA GLU D 61 44.63 -35.75 -47.96
C GLU D 61 44.42 -34.42 -47.23
N SER D 62 43.57 -34.40 -46.20
CA SER D 62 43.26 -33.16 -45.50
C SER D 62 44.45 -32.58 -44.75
N GLY D 63 45.33 -33.44 -44.24
CA GLY D 63 46.48 -32.98 -43.48
C GLY D 63 47.68 -32.74 -44.38
N PRO D 64 48.26 -31.54 -44.30
CA PRO D 64 49.44 -31.27 -45.13
C PRO D 64 50.57 -32.25 -44.81
N ARG D 65 51.29 -32.66 -45.85
CA ARG D 65 52.43 -33.54 -45.66
C ARG D 65 53.46 -32.87 -44.76
N ARG D 66 54.08 -33.66 -43.88
CA ARG D 66 55.09 -33.19 -42.93
C ARG D 66 56.36 -34.00 -43.15
N PRO D 67 57.14 -33.67 -44.19
CA PRO D 67 58.39 -34.42 -44.44
C PRO D 67 59.37 -34.31 -43.29
N ASP D 68 59.32 -33.21 -42.53
CA ASP D 68 60.22 -33.03 -41.39
C ASP D 68 60.01 -34.08 -40.32
N ILE D 69 58.82 -34.67 -40.26
CA ILE D 69 58.53 -35.72 -39.28
C ILE D 69 58.82 -37.09 -39.86
N GLY D 70 58.29 -37.37 -41.05
CA GLY D 70 58.49 -38.66 -41.68
C GLY D 70 58.34 -38.55 -43.18
N ALA D 71 58.92 -39.52 -43.88
CA ALA D 71 58.94 -39.49 -45.34
C ALA D 71 57.52 -39.32 -45.88
N ASP D 72 56.62 -40.19 -45.46
CA ASP D 72 55.23 -40.14 -45.90
C ASP D 72 54.27 -39.79 -44.78
N ALA D 73 54.72 -38.96 -43.84
CA ALA D 73 53.88 -38.52 -42.76
C ALA D 73 52.97 -37.38 -43.21
N ARG D 74 51.75 -37.38 -42.66
CA ARG D 74 50.79 -36.29 -42.82
C ARG D 74 50.33 -35.91 -41.43
N ALA D 75 49.83 -34.69 -41.28
CA ALA D 75 49.47 -34.20 -39.96
C ALA D 75 48.19 -33.38 -39.99
N LEU D 76 47.26 -33.71 -39.11
CA LEU D 76 46.05 -32.93 -38.85
C LEU D 76 46.19 -32.29 -37.48
N THR D 77 46.00 -30.97 -37.40
CA THR D 77 46.21 -30.22 -36.16
C THR D 77 44.86 -30.03 -35.47
N ILE D 78 44.78 -30.44 -34.22
CA ILE D 78 43.62 -30.17 -33.36
C ILE D 78 44.12 -29.56 -32.06
N GLY D 79 43.66 -28.35 -31.75
CA GLY D 79 44.21 -27.65 -30.61
C GLY D 79 45.70 -27.49 -30.80
N ASN D 80 46.46 -27.82 -29.76
CA ASN D 80 47.91 -27.77 -29.81
C ASN D 80 48.53 -29.14 -30.09
N TYR D 81 47.71 -30.11 -30.49
CA TYR D 81 48.15 -31.47 -30.74
C TYR D 81 48.03 -31.85 -32.21
N LEU D 82 48.77 -32.89 -32.58
CA LEU D 82 48.84 -33.37 -33.95
C LEU D 82 48.26 -34.77 -34.07
N ILE D 83 47.51 -34.99 -35.15
CA ILE D 83 47.01 -36.30 -35.51
C ILE D 83 47.91 -36.73 -36.66
N LEU D 84 48.97 -37.45 -36.32
CA LEU D 84 49.96 -37.87 -37.32
C LEU D 84 49.46 -39.12 -38.03
N TYR D 85 49.36 -39.06 -39.36
CA TYR D 85 48.84 -40.21 -40.08
C TYR D 85 49.56 -40.43 -41.41
N ARG D 86 49.30 -41.62 -41.98
CA ARG D 86 49.90 -42.07 -43.21
C ARG D 86 48.82 -42.73 -44.05
N LEU D 87 49.01 -42.71 -45.35
CA LEU D 87 48.07 -43.34 -46.28
C LEU D 87 48.72 -44.60 -46.77
N ALA D 88 48.05 -45.73 -46.57
CA ALA D 88 48.56 -47.02 -46.98
C ALA D 88 47.61 -47.54 -48.04
N GLU D 89 47.93 -48.71 -48.58
CA GLU D 89 47.11 -49.20 -49.67
C GLU D 89 45.68 -49.39 -49.18
N GLY D 90 44.80 -48.50 -49.62
CA GLY D 90 43.37 -48.63 -49.39
C GLY D 90 42.87 -48.22 -48.02
N TRP D 91 43.72 -47.83 -47.08
CA TRP D 91 43.21 -47.50 -45.76
C TRP D 91 44.14 -46.54 -45.03
N ILE D 92 43.60 -45.94 -43.97
CA ILE D 92 44.26 -44.88 -43.24
C ILE D 92 44.85 -45.41 -41.94
N GLU D 93 46.08 -45.01 -41.67
CA GLU D 93 46.80 -45.47 -40.49
C GLU D 93 47.09 -44.30 -39.57
N ILE D 94 46.45 -44.29 -38.41
CA ILE D 94 46.72 -43.28 -37.39
C ILE D 94 47.93 -43.74 -36.58
N VAL D 95 49.05 -43.05 -36.73
CA VAL D 95 50.32 -43.48 -36.15
C VAL D 95 50.52 -42.98 -34.74
N ARG D 96 50.28 -41.69 -34.49
CA ARG D 96 50.49 -41.12 -33.17
C ARG D 96 49.58 -39.91 -33.01
N ILE D 97 49.40 -39.50 -31.76
CA ILE D 97 48.68 -38.26 -31.44
C ILE D 97 49.52 -37.54 -30.41
N VAL D 98 50.44 -36.68 -30.85
CA VAL D 98 51.39 -36.06 -29.95
C VAL D 98 51.21 -34.54 -29.97
N HIS D 99 51.67 -33.90 -28.89
CA HIS D 99 51.69 -32.46 -28.81
C HIS D 99 52.67 -31.89 -29.84
N GLY D 100 52.33 -30.74 -30.40
CA GLY D 100 53.12 -30.16 -31.46
C GLY D 100 54.46 -29.67 -31.02
N ALA D 101 55.27 -29.31 -32.03
CA ALA D 101 56.54 -28.64 -31.77
C ALA D 101 56.27 -27.39 -30.94
N ARG D 102 56.94 -27.28 -29.79
CA ARG D 102 56.64 -26.22 -28.85
C ARG D 102 57.26 -24.92 -29.31
N ASP D 103 56.54 -23.83 -29.11
CA ASP D 103 57.04 -22.54 -29.51
C ASP D 103 58.18 -22.14 -28.58
N VAL D 104 59.04 -21.25 -29.05
CA VAL D 104 60.17 -20.83 -28.21
C VAL D 104 59.70 -19.98 -27.03
N SER D 105 58.53 -19.35 -27.13
CA SER D 105 58.07 -18.43 -26.10
C SER D 105 58.02 -19.13 -24.74
N THR D 106 58.82 -18.63 -23.80
CA THR D 106 58.83 -19.14 -22.43
C THR D 106 58.83 -17.99 -21.44
N PRO E 16 -13.26 7.81 -10.58
CA PRO E 16 -12.91 7.18 -9.29
C PRO E 16 -11.85 7.97 -8.53
N ILE E 17 -12.18 8.35 -7.30
CA ILE E 17 -11.32 9.19 -6.48
C ILE E 17 -10.74 8.35 -5.35
N ILE E 18 -9.42 8.41 -5.19
CA ILE E 18 -8.73 7.65 -4.16
C ILE E 18 -7.75 8.57 -3.44
N ARG E 19 -7.48 8.24 -2.18
CA ARG E 19 -6.70 9.08 -1.27
C ARG E 19 -5.56 8.27 -0.70
N SER E 20 -4.52 8.97 -0.27
CA SER E 20 -3.37 8.33 0.35
C SER E 20 -3.60 8.08 1.84
N PRO E 21 -2.95 7.05 2.40
CA PRO E 21 -2.97 6.89 3.85
C PRO E 21 -2.53 8.16 4.57
N ALA E 22 -1.54 8.86 4.01
CA ALA E 22 -1.15 10.16 4.55
C ALA E 22 -2.29 11.16 4.43
N ALA E 23 -3.01 11.13 3.33
CA ALA E 23 -4.09 12.09 3.11
C ALA E 23 -5.19 11.95 4.17
N GLU E 24 -5.60 10.73 4.52
CA GLU E 24 -6.57 10.61 5.61
C GLU E 24 -5.97 11.14 6.92
N GLY E 25 -4.68 10.89 7.12
CA GLY E 25 -4.04 11.39 8.32
C GLY E 25 -4.11 12.91 8.41
N ASP E 26 -3.93 13.59 7.28
CA ASP E 26 -4.12 15.03 7.26
C ASP E 26 -5.55 15.37 7.62
N LEU E 27 -6.52 14.70 6.99
CA LEU E 27 -7.91 15.04 7.23
C LEU E 27 -8.32 14.73 8.67
N VAL E 28 -7.79 13.65 9.24
CA VAL E 28 -8.09 13.34 10.63
C VAL E 28 -7.44 14.36 11.55
N ASP E 29 -6.18 14.70 11.29
CA ASP E 29 -5.51 15.72 12.08
C ASP E 29 -6.26 17.04 12.03
N ILE E 30 -6.64 17.47 10.82
CA ILE E 30 -7.40 18.71 10.66
C ILE E 30 -8.66 18.66 11.50
N TRP E 31 -9.40 17.53 11.44
CA TRP E 31 -10.65 17.42 12.16
C TRP E 31 -10.42 17.58 13.66
N LEU E 32 -9.44 16.85 14.21
CA LEU E 32 -9.15 16.95 15.64
C LEU E 32 -8.76 18.37 16.02
N ALA E 33 -7.91 19.00 15.21
CA ALA E 33 -7.50 20.37 15.50
C ALA E 33 -8.73 21.27 15.67
N ILE E 34 -9.66 21.21 14.71
CA ILE E 34 -10.87 22.01 14.83
C ILE E 34 -11.76 21.49 15.93
N ALA E 35 -11.77 20.16 16.16
CA ALA E 35 -12.70 19.58 17.11
C ALA E 35 -12.42 20.01 18.54
N ASN E 36 -11.19 20.43 18.84
CA ASN E 36 -10.92 20.99 20.16
C ASN E 36 -11.91 22.10 20.47
N ASP E 37 -12.15 22.98 19.50
CA ASP E 37 -13.16 24.02 19.69
C ASP E 37 -14.56 23.42 19.66
N SER E 38 -14.91 22.79 18.55
CA SER E 38 -16.26 22.25 18.37
C SER E 38 -16.23 21.04 17.45
N PRO E 39 -16.60 19.85 17.93
CA PRO E 39 -16.71 18.72 17.00
C PRO E 39 -17.64 18.98 15.83
N ARG E 40 -18.72 19.74 16.05
CA ARG E 40 -19.66 20.06 14.97
C ARG E 40 -18.97 20.87 13.88
N ALA E 41 -18.28 21.95 14.27
CA ALA E 41 -17.58 22.76 13.27
C ALA E 41 -16.59 21.94 12.46
N ALA E 42 -15.95 20.95 13.10
CA ALA E 42 -15.00 20.12 12.38
C ALA E 42 -15.68 19.33 11.27
N ASP E 43 -16.89 18.84 11.54
CA ASP E 43 -17.62 18.06 10.54
C ASP E 43 -17.88 18.88 9.28
N HIS E 44 -18.28 20.15 9.46
CA HIS E 44 -18.61 20.99 8.31
C HIS E 44 -17.41 21.17 7.39
N PHE E 45 -16.21 21.31 7.95
CA PHE E 45 -15.05 21.61 7.11
C PHE E 45 -14.78 20.47 6.14
N LEU E 46 -14.67 19.26 6.67
CA LEU E 46 -14.41 18.12 5.80
C LEU E 46 -15.49 18.00 4.75
N ASP E 47 -16.75 18.17 5.15
CA ASP E 47 -17.83 18.23 4.17
C ASP E 47 -17.48 19.24 3.08
N ALA E 48 -17.03 20.42 3.48
CA ALA E 48 -16.62 21.43 2.50
C ALA E 48 -15.45 20.95 1.66
N ILE E 49 -14.48 20.28 2.30
CA ILE E 49 -13.36 19.70 1.56
C ILE E 49 -13.85 18.61 0.62
N ALA E 50 -14.73 17.74 1.10
CA ALA E 50 -15.25 16.67 0.27
C ALA E 50 -15.94 17.20 -0.98
N GLU E 51 -16.90 18.12 -0.79
CA GLU E 51 -17.59 18.69 -1.94
C GLU E 51 -16.62 19.17 -2.99
N ARG E 52 -15.52 19.76 -2.58
CA ARG E 52 -14.52 20.25 -3.53
C ARG E 52 -13.71 19.11 -4.12
N ILE E 53 -13.46 18.05 -3.35
CA ILE E 53 -12.75 16.91 -3.89
C ILE E 53 -13.60 16.16 -4.91
N LEU E 54 -14.92 16.07 -4.67
CA LEU E 54 -15.80 15.36 -5.60
C LEU E 54 -15.96 16.14 -6.89
N GLN E 55 -15.75 17.47 -6.88
CA GLN E 55 -15.81 18.26 -8.12
C GLN E 55 -14.75 17.89 -9.13
N LEU E 56 -13.67 17.24 -8.67
CA LEU E 56 -12.61 16.75 -9.54
C LEU E 56 -13.08 15.66 -10.47
N ALA E 57 -14.10 14.89 -10.07
CA ALA E 57 -14.67 13.90 -10.97
C ALA E 57 -15.25 14.56 -12.23
N ALA E 58 -15.74 15.79 -12.12
CA ALA E 58 -16.31 16.46 -13.28
C ALA E 58 -15.35 17.40 -14.00
N PHE E 59 -14.44 18.04 -13.27
CA PHE E 59 -13.47 18.99 -13.84
C PHE E 59 -12.10 18.64 -13.29
N PRO E 60 -11.46 17.58 -13.81
CA PRO E 60 -10.22 17.10 -13.19
C PRO E 60 -9.08 18.11 -13.16
N GLU E 61 -9.06 19.12 -14.02
CA GLU E 61 -7.96 20.06 -14.08
C GLU E 61 -8.32 21.39 -13.42
N SER E 62 -9.22 21.37 -12.43
CA SER E 62 -9.63 22.59 -11.76
C SER E 62 -8.47 23.25 -11.03
N GLY E 63 -7.53 22.46 -10.51
CA GLY E 63 -6.40 22.98 -9.79
C GLY E 63 -5.21 23.26 -10.67
N PRO E 64 -4.68 24.49 -10.63
CA PRO E 64 -3.49 24.80 -11.43
C PRO E 64 -2.31 23.92 -11.03
N ARG E 65 -1.53 23.52 -12.04
CA ARG E 65 -0.33 22.73 -11.77
C ARG E 65 0.62 23.50 -10.86
N ARG E 66 1.27 22.78 -9.96
CA ARG E 66 2.21 23.37 -8.99
C ARG E 66 3.56 22.69 -9.16
N PRO E 67 4.34 23.09 -10.17
CA PRO E 67 5.66 22.47 -10.36
C PRO E 67 6.58 22.68 -9.19
N ASP E 68 6.42 23.77 -8.43
CA ASP E 68 7.26 24.03 -7.27
C ASP E 68 7.08 22.97 -6.19
N ILE E 69 5.96 22.27 -6.18
CA ILE E 69 5.71 21.22 -5.19
C ILE E 69 6.15 19.86 -5.70
N GLY E 70 5.70 19.50 -6.90
CA GLY E 70 6.02 18.22 -7.48
C GLY E 70 5.88 18.27 -8.97
N ALA E 71 6.54 17.33 -9.65
CA ALA E 71 6.56 17.33 -11.10
C ALA E 71 5.16 17.40 -11.67
N ASP E 72 4.30 16.46 -11.27
CA ASP E 72 2.93 16.39 -11.74
C ASP E 72 1.91 16.68 -10.63
N ALA E 73 2.27 17.53 -9.68
CA ALA E 73 1.35 17.89 -8.62
C ALA E 73 0.39 18.98 -9.10
N ARG E 74 -0.84 18.90 -8.61
CA ARG E 74 -1.85 19.92 -8.82
C ARG E 74 -2.43 20.31 -7.48
N ALA E 75 -3.02 21.50 -7.41
CA ALA E 75 -3.46 22.01 -6.11
C ALA E 75 -4.82 22.68 -6.20
N LEU E 76 -5.71 22.27 -5.29
CA LEU E 76 -7.02 22.86 -5.09
C LEU E 76 -6.98 23.61 -3.77
N THR E 77 -7.37 24.88 -3.80
CA THR E 77 -7.23 25.76 -2.64
C THR E 77 -8.55 25.84 -1.88
N ILE E 78 -8.51 25.54 -0.58
CA ILE E 78 -9.65 25.73 0.32
C ILE E 78 -9.14 26.46 1.55
N GLY E 79 -9.69 27.64 1.81
CA GLY E 79 -9.18 28.44 2.92
C GLY E 79 -7.68 28.66 2.78
N ASN E 80 -6.96 28.45 3.87
CA ASN E 80 -5.51 28.55 3.88
C ASN E 80 -4.84 27.20 3.70
N TYR E 81 -5.60 26.16 3.37
CA TYR E 81 -5.08 24.82 3.16
C TYR E 81 -5.19 24.44 1.68
N LEU E 82 -4.35 23.50 1.28
CA LEU E 82 -4.25 23.05 -0.09
C LEU E 82 -4.63 21.58 -0.20
N ILE E 83 -5.37 21.25 -1.25
CA ILE E 83 -5.70 19.86 -1.59
C ILE E 83 -4.76 19.48 -2.73
N LEU E 84 -3.66 18.84 -2.36
CA LEU E 84 -2.64 18.46 -3.31
C LEU E 84 -3.03 17.16 -4.01
N TYR E 85 -3.08 17.18 -5.36
CA TYR E 85 -3.50 16.00 -6.07
C TYR E 85 -2.76 15.78 -7.38
N ARG E 86 -2.97 14.57 -7.89
CA ARG E 86 -2.34 14.05 -9.09
C ARG E 86 -3.40 13.37 -9.95
N LEU E 87 -3.14 13.34 -11.26
CA LEU E 87 -4.02 12.74 -12.26
C LEU E 87 -3.37 11.52 -12.88
N ALA E 88 -4.07 10.40 -12.84
CA ALA E 88 -3.63 9.12 -13.37
C ALA E 88 -4.63 8.63 -14.40
N GLU E 89 -4.30 7.51 -15.05
CA GLU E 89 -5.16 6.98 -16.09
C GLU E 89 -6.44 6.47 -15.43
N GLY E 90 -7.56 7.13 -15.71
CA GLY E 90 -8.82 6.63 -15.20
C GLY E 90 -9.10 6.96 -13.75
N TRP E 91 -8.21 7.66 -13.04
CA TRP E 91 -8.59 7.95 -11.67
C TRP E 91 -7.81 9.13 -11.13
N ILE E 92 -8.34 9.71 -10.09
CA ILE E 92 -7.71 10.86 -9.45
C ILE E 92 -7.12 10.43 -8.13
N GLU E 93 -5.90 10.87 -7.88
CA GLU E 93 -5.14 10.57 -6.68
C GLU E 93 -4.95 11.81 -5.79
N ILE E 94 -5.61 11.81 -4.64
CA ILE E 94 -5.54 12.90 -3.67
C ILE E 94 -4.34 12.55 -2.80
N VAL E 95 -3.25 13.30 -2.95
CA VAL E 95 -2.01 12.95 -2.27
C VAL E 95 -2.02 13.52 -0.85
N ARG E 96 -2.37 14.79 -0.69
CA ARG E 96 -2.21 15.39 0.63
C ARG E 96 -3.17 16.56 0.80
N ILE E 97 -3.36 16.96 2.06
CA ILE E 97 -4.12 18.15 2.40
C ILE E 97 -3.30 18.87 3.47
N VAL E 98 -2.42 19.79 3.03
CA VAL E 98 -1.54 20.50 3.94
C VAL E 98 -1.84 21.99 3.90
N HIS E 99 -1.44 22.67 4.97
CA HIS E 99 -1.56 24.13 5.02
C HIS E 99 -0.68 24.75 3.94
N GLY E 100 -1.18 25.81 3.31
CA GLY E 100 -0.47 26.45 2.23
C GLY E 100 0.79 27.16 2.68
N ALA E 101 1.58 27.59 1.70
CA ALA E 101 2.76 28.39 1.98
C ALA E 101 2.36 29.64 2.75
N ARG E 102 3.00 29.86 3.91
CA ARG E 102 2.60 30.94 4.80
C ARG E 102 3.18 32.27 4.32
N ASP E 103 2.38 33.33 4.48
CA ASP E 103 2.79 34.64 4.03
C ASP E 103 3.85 35.21 4.97
N VAL E 104 4.52 36.28 4.53
CA VAL E 104 5.63 36.82 5.29
C VAL E 104 5.21 37.41 6.63
N SER E 105 3.93 37.73 6.80
CA SER E 105 3.48 38.39 8.02
C SER E 105 3.91 37.60 9.26
N THR E 106 4.60 38.27 10.17
CA THR E 106 5.05 37.63 11.41
C THR E 106 4.59 38.46 12.62
N PRO F 16 24.28 -11.17 10.23
CA PRO F 16 23.68 -12.30 9.50
C PRO F 16 22.77 -11.89 8.35
N ILE F 17 22.35 -12.86 7.54
CA ILE F 17 21.65 -12.62 6.29
C ILE F 17 20.37 -13.45 6.26
N ILE F 18 19.24 -12.80 6.01
CA ILE F 18 17.95 -13.47 5.86
C ILE F 18 17.35 -13.08 4.52
N ARG F 19 16.55 -14.00 3.96
CA ARG F 19 16.01 -13.83 2.62
C ARG F 19 14.50 -14.03 2.61
N SER F 20 13.85 -13.42 1.64
CA SER F 20 12.40 -13.55 1.50
C SER F 20 12.03 -14.80 0.71
N PRO F 21 10.83 -15.35 0.94
CA PRO F 21 10.36 -16.45 0.09
C PRO F 21 10.42 -16.15 -1.41
N ALA F 22 10.16 -14.90 -1.81
CA ALA F 22 10.34 -14.52 -3.20
C ALA F 22 11.79 -14.69 -3.63
N ALA F 23 12.72 -14.30 -2.76
CA ALA F 23 14.13 -14.37 -3.12
C ALA F 23 14.59 -15.81 -3.31
N GLU F 24 14.16 -16.75 -2.46
CA GLU F 24 14.51 -18.14 -2.76
C GLU F 24 13.88 -18.57 -4.08
N GLY F 25 12.63 -18.16 -4.31
CA GLY F 25 11.99 -18.47 -5.56
C GLY F 25 12.74 -17.91 -6.75
N ASP F 26 13.29 -16.71 -6.60
CA ASP F 26 14.12 -16.15 -7.67
C ASP F 26 15.29 -17.07 -7.98
N LEU F 27 16.04 -17.46 -6.95
CA LEU F 27 17.27 -18.24 -7.15
C LEU F 27 16.97 -19.65 -7.64
N VAL F 28 15.88 -20.25 -7.18
CA VAL F 28 15.53 -21.59 -7.65
C VAL F 28 15.11 -21.53 -9.11
N ASP F 29 14.31 -20.54 -9.48
CA ASP F 29 14.01 -20.32 -10.90
C ASP F 29 15.30 -20.10 -11.68
N ILE F 30 16.18 -19.22 -11.17
CA ILE F 30 17.47 -19.01 -11.80
C ILE F 30 18.19 -20.34 -11.95
N TRP F 31 18.18 -21.16 -10.89
CA TRP F 31 18.90 -22.43 -10.98
C TRP F 31 18.33 -23.29 -12.09
N LEU F 32 17.00 -23.43 -12.13
CA LEU F 32 16.37 -24.30 -13.13
C LEU F 32 16.66 -23.84 -14.54
N ALA F 33 16.57 -22.53 -14.81
CA ALA F 33 16.84 -22.00 -16.14
C ALA F 33 18.19 -22.48 -16.65
N ILE F 34 19.25 -22.28 -15.86
CA ILE F 34 20.57 -22.73 -16.26
C ILE F 34 20.59 -24.25 -16.31
N ALA F 35 19.79 -24.91 -15.47
CA ALA F 35 19.84 -26.36 -15.37
C ALA F 35 19.36 -27.04 -16.65
N ASN F 36 18.52 -26.36 -17.43
CA ASN F 36 18.14 -26.91 -18.72
C ASN F 36 19.38 -27.22 -19.54
N ASP F 37 20.32 -26.28 -19.59
CA ASP F 37 21.58 -26.52 -20.28
C ASP F 37 22.43 -27.52 -19.50
N SER F 38 22.80 -27.15 -18.28
CA SER F 38 23.69 -27.98 -17.49
C SER F 38 23.42 -27.79 -16.00
N PRO F 39 22.97 -28.83 -15.30
CA PRO F 39 22.81 -28.70 -13.83
C PRO F 39 24.08 -28.28 -13.11
N ARG F 40 25.25 -28.71 -13.59
CA ARG F 40 26.53 -28.31 -13.00
C ARG F 40 26.75 -26.80 -13.14
N ALA F 41 26.61 -26.29 -14.36
CA ALA F 41 26.81 -24.87 -14.57
C ALA F 41 25.90 -24.06 -13.67
N ALA F 42 24.67 -24.55 -13.42
CA ALA F 42 23.75 -23.84 -12.55
C ALA F 42 24.25 -23.76 -11.12
N ASP F 43 24.86 -24.85 -10.63
CA ASP F 43 25.38 -24.83 -9.27
C ASP F 43 26.41 -23.74 -9.08
N HIS F 44 27.33 -23.59 -10.06
CA HIS F 44 28.40 -22.60 -9.93
C HIS F 44 27.86 -21.18 -9.88
N PHE F 45 26.81 -20.89 -10.66
CA PHE F 45 26.32 -19.51 -10.64
C PHE F 45 25.71 -19.16 -9.28
N LEU F 46 24.84 -20.03 -8.75
CA LEU F 46 24.28 -19.78 -7.43
C LEU F 46 25.38 -19.69 -6.37
N ASP F 47 26.37 -20.59 -6.45
CA ASP F 47 27.54 -20.47 -5.60
C ASP F 47 28.15 -19.07 -5.71
N ALA F 48 28.28 -18.57 -6.94
CA ALA F 48 28.85 -17.25 -7.15
C ALA F 48 27.97 -16.17 -6.52
N ILE F 49 26.65 -16.31 -6.66
CA ILE F 49 25.74 -15.34 -6.05
C ILE F 49 25.87 -15.36 -4.54
N ALA F 50 25.88 -16.56 -3.95
CA ALA F 50 25.98 -16.68 -2.50
C ALA F 50 27.22 -15.98 -1.99
N GLU F 51 28.39 -16.31 -2.55
CA GLU F 51 29.63 -15.66 -2.14
C GLU F 51 29.51 -14.15 -2.16
N ARG F 52 28.79 -13.60 -3.13
CA ARG F 52 28.65 -12.14 -3.17
C ARG F 52 27.69 -11.65 -2.10
N ILE F 53 26.68 -12.45 -1.77
CA ILE F 53 25.78 -12.05 -0.70
C ILE F 53 26.48 -12.07 0.63
N LEU F 54 27.29 -13.10 0.87
CA LEU F 54 27.94 -13.24 2.16
C LEU F 54 28.95 -12.12 2.36
N GLN F 55 29.42 -11.48 1.28
CA GLN F 55 30.26 -10.30 1.42
C GLN F 55 29.51 -9.13 2.06
N LEU F 56 28.19 -9.13 1.99
CA LEU F 56 27.45 -7.98 2.50
C LEU F 56 27.51 -7.87 4.02
N ALA F 57 27.65 -9.00 4.72
CA ALA F 57 27.72 -8.98 6.17
C ALA F 57 28.88 -8.13 6.66
N ALA F 58 29.95 -8.05 5.89
CA ALA F 58 31.11 -7.24 6.25
C ALA F 58 31.09 -5.85 5.62
N PHE F 59 30.44 -5.71 4.46
CA PHE F 59 30.39 -4.45 3.73
C PHE F 59 28.94 -4.21 3.34
N PRO F 60 28.13 -3.70 4.28
CA PRO F 60 26.69 -3.56 3.98
C PRO F 60 26.38 -2.62 2.83
N GLU F 61 27.30 -1.72 2.47
CA GLU F 61 27.04 -0.70 1.46
C GLU F 61 27.77 -0.98 0.15
N SER F 62 28.03 -2.26 -0.15
CA SER F 62 28.66 -2.59 -1.41
C SER F 62 27.77 -2.20 -2.59
N GLY F 63 26.45 -2.34 -2.41
CA GLY F 63 25.50 -2.00 -3.44
C GLY F 63 24.97 -0.59 -3.29
N PRO F 64 25.08 0.23 -4.35
CA PRO F 64 24.57 1.59 -4.27
C PRO F 64 23.06 1.62 -4.04
N ARG F 65 22.60 2.63 -3.30
CA ARG F 65 21.18 2.83 -3.10
C ARG F 65 20.47 2.97 -4.44
N ARG F 66 19.29 2.37 -4.54
CA ARG F 66 18.48 2.40 -5.76
C ARG F 66 17.10 2.96 -5.40
N PRO F 67 16.99 4.28 -5.25
CA PRO F 67 15.68 4.87 -4.91
C PRO F 67 14.62 4.62 -5.96
N ASP F 68 15.02 4.46 -7.23
CA ASP F 68 14.06 4.23 -8.30
C ASP F 68 13.31 2.92 -8.12
N ILE F 69 13.88 1.97 -7.39
CA ILE F 69 13.22 0.69 -7.15
C ILE F 69 12.43 0.72 -5.85
N GLY F 70 13.05 1.16 -4.77
CA GLY F 70 12.41 1.19 -3.47
C GLY F 70 13.05 2.22 -2.58
N ALA F 71 12.30 2.63 -1.56
CA ALA F 71 12.74 3.72 -0.69
C ALA F 71 14.13 3.48 -0.15
N ASP F 72 14.33 2.37 0.56
CA ASP F 72 15.62 2.00 1.12
C ASP F 72 16.19 0.76 0.44
N ALA F 73 15.91 0.61 -0.84
CA ALA F 73 16.43 -0.52 -1.61
C ALA F 73 17.89 -0.27 -2.00
N ARG F 74 18.64 -1.37 -2.06
CA ARG F 74 20.01 -1.37 -2.53
C ARG F 74 20.15 -2.48 -3.56
N ALA F 75 21.16 -2.36 -4.41
CA ALA F 75 21.35 -3.34 -5.48
C ALA F 75 22.82 -3.69 -5.61
N LEU F 76 23.11 -4.98 -5.60
CA LEU F 76 24.42 -5.53 -5.88
C LEU F 76 24.32 -6.24 -7.23
N THR F 77 25.18 -5.87 -8.18
CA THR F 77 25.06 -6.38 -9.55
C THR F 77 26.00 -7.57 -9.72
N ILE F 78 25.45 -8.70 -10.17
CA ILE F 78 26.24 -9.86 -10.53
C ILE F 78 25.76 -10.28 -11.93
N GLY F 79 26.67 -10.24 -12.89
CA GLY F 79 26.27 -10.44 -14.28
C GLY F 79 25.24 -9.41 -14.70
N ASN F 80 24.18 -9.86 -15.36
CA ASN F 80 23.09 -9.01 -15.79
C ASN F 80 21.92 -9.01 -14.82
N TYR F 81 22.11 -9.57 -13.63
CA TYR F 81 21.09 -9.66 -12.59
C TYR F 81 21.44 -8.76 -11.42
N LEU F 82 20.40 -8.41 -10.68
CA LEU F 82 20.52 -7.54 -9.55
C LEU F 82 20.20 -8.29 -8.27
N ILE F 83 20.97 -8.01 -7.23
CA ILE F 83 20.65 -8.52 -5.91
C ILE F 83 20.04 -7.37 -5.12
N LEU F 84 18.72 -7.32 -5.08
CA LEU F 84 18.01 -6.25 -4.38
C LEU F 84 17.96 -6.55 -2.89
N TYR F 85 18.46 -5.63 -2.07
CA TYR F 85 18.47 -5.86 -0.64
C TYR F 85 18.25 -4.59 0.16
N ARG F 86 18.00 -4.79 1.45
CA ARG F 86 17.75 -3.73 2.40
C ARG F 86 18.59 -4.01 3.65
N LEU F 87 18.91 -2.94 4.35
CA LEU F 87 19.69 -3.02 5.58
C LEU F 87 18.78 -2.74 6.76
N ALA F 88 18.79 -3.66 7.73
CA ALA F 88 18.04 -3.52 8.96
C ALA F 88 19.04 -3.47 10.09
N GLU F 89 18.56 -3.12 11.28
CA GLU F 89 19.46 -3.04 12.42
C GLU F 89 19.97 -4.43 12.69
N GLY F 90 21.25 -4.66 12.49
CA GLY F 90 21.82 -5.93 12.87
C GLY F 90 21.69 -7.07 11.88
N TRP F 91 21.04 -6.88 10.74
CA TRP F 91 20.97 -7.98 9.79
C TRP F 91 20.70 -7.43 8.41
N ILE F 92 21.00 -8.23 7.40
CA ILE F 92 20.81 -7.89 6.00
C ILE F 92 19.64 -8.69 5.47
N GLU F 93 18.74 -8.02 4.76
CA GLU F 93 17.54 -8.64 4.22
C GLU F 93 17.67 -8.71 2.70
N ILE F 94 17.84 -9.92 2.17
CA ILE F 94 17.88 -10.13 0.72
C ILE F 94 16.45 -10.25 0.24
N VAL F 95 15.98 -9.25 -0.50
CA VAL F 95 14.56 -9.20 -0.89
C VAL F 95 14.31 -9.98 -2.16
N ARG F 96 15.13 -9.76 -3.20
CA ARG F 96 14.91 -10.44 -4.48
C ARG F 96 16.18 -10.50 -5.30
N ILE F 97 16.15 -11.34 -6.33
CA ILE F 97 17.21 -11.42 -7.34
C ILE F 97 16.52 -11.40 -8.70
N VAL F 98 16.41 -10.21 -9.30
CA VAL F 98 15.69 -10.05 -10.56
C VAL F 98 16.68 -9.63 -11.65
N HIS F 99 16.31 -9.87 -12.90
CA HIS F 99 17.11 -9.39 -14.02
C HIS F 99 17.12 -7.87 -14.04
N GLY F 100 18.26 -7.29 -14.38
CA GLY F 100 18.38 -5.85 -14.36
C GLY F 100 17.54 -5.17 -15.43
N ALA F 101 17.43 -3.85 -15.31
CA ALA F 101 16.73 -3.07 -16.32
C ALA F 101 17.35 -3.30 -17.69
N ARG F 102 16.50 -3.67 -18.66
CA ARG F 102 17.00 -4.07 -19.97
C ARG F 102 17.35 -2.84 -20.79
N ASP F 103 18.45 -2.91 -21.51
CA ASP F 103 18.91 -1.76 -22.29
C ASP F 103 18.02 -1.60 -23.52
N VAL F 104 18.09 -0.41 -24.12
CA VAL F 104 17.23 -0.13 -25.26
C VAL F 104 17.59 -0.98 -26.46
N SER F 105 18.79 -1.56 -26.48
CA SER F 105 19.24 -2.33 -27.64
C SER F 105 18.22 -3.40 -28.00
N THR F 106 17.71 -3.31 -29.23
CA THR F 106 16.74 -4.27 -29.74
C THR F 106 17.19 -4.80 -31.10
N PRO G 16 7.96 26.51 -42.42
CA PRO G 16 9.36 26.75 -42.76
C PRO G 16 9.61 26.87 -44.27
N ILE G 17 10.70 27.54 -44.65
CA ILE G 17 11.00 27.84 -46.04
C ILE G 17 12.38 27.29 -46.38
N ILE G 18 12.45 26.46 -47.41
CA ILE G 18 13.72 25.95 -47.94
C ILE G 18 13.85 26.46 -49.37
N ARG G 19 15.08 26.62 -49.84
CA ARG G 19 15.34 27.20 -51.16
C ARG G 19 16.30 26.32 -51.95
N SER G 20 16.23 26.45 -53.28
CA SER G 20 17.09 25.64 -54.14
C SER G 20 18.48 26.26 -54.26
N PRO G 21 19.50 25.43 -54.47
CA PRO G 21 20.84 25.99 -54.74
C PRO G 21 20.84 26.98 -55.89
N ALA G 22 20.05 26.72 -56.94
CA ALA G 22 19.92 27.68 -58.03
C ALA G 22 19.32 28.98 -57.53
N ALA G 23 18.32 28.89 -56.65
CA ALA G 23 17.66 30.10 -56.18
C ALA G 23 18.61 31.00 -55.41
N GLU G 24 19.48 30.43 -54.56
CA GLU G 24 20.47 31.30 -53.93
C GLU G 24 21.39 31.90 -54.99
N GLY G 25 21.77 31.09 -55.99
CA GLY G 25 22.57 31.61 -57.07
C GLY G 25 21.87 32.75 -57.79
N ASP G 26 20.56 32.64 -57.94
CA ASP G 26 19.78 33.72 -58.53
C ASP G 26 19.94 34.99 -57.68
N LEU G 27 19.72 34.87 -56.37
CA LEU G 27 19.75 36.05 -55.50
C LEU G 27 21.14 36.66 -55.42
N VAL G 28 22.19 35.85 -55.45
CA VAL G 28 23.54 36.40 -55.43
C VAL G 28 23.81 37.16 -56.71
N ASP G 29 23.42 36.59 -57.85
CA ASP G 29 23.55 37.30 -59.12
C ASP G 29 22.73 38.60 -59.10
N ILE G 30 21.48 38.52 -58.63
CA ILE G 30 20.68 39.72 -58.48
C ILE G 30 21.41 40.72 -57.60
N TRP G 31 21.94 40.25 -56.46
CA TRP G 31 22.60 41.16 -55.53
C TRP G 31 23.81 41.83 -56.19
N LEU G 32 24.67 41.04 -56.81
CA LEU G 32 25.87 41.62 -57.43
C LEU G 32 25.50 42.64 -58.50
N ALA G 33 24.51 42.34 -59.34
CA ALA G 33 24.12 43.26 -60.40
C ALA G 33 23.85 44.65 -59.85
N ILE G 34 23.03 44.73 -58.80
CA ILE G 34 22.71 46.01 -58.20
C ILE G 34 23.95 46.60 -57.53
N ALA G 35 24.84 45.74 -57.03
CA ALA G 35 25.99 46.20 -56.27
C ALA G 35 26.98 46.97 -57.13
N ASN G 36 27.00 46.69 -58.43
CA ASN G 36 27.82 47.48 -59.33
C ASN G 36 27.53 48.96 -59.14
N ASP G 37 26.25 49.30 -59.10
CA ASP G 37 25.85 50.68 -58.80
C ASP G 37 26.08 51.01 -57.34
N SER G 38 25.41 50.28 -56.46
CA SER G 38 25.45 50.59 -55.04
C SER G 38 25.26 49.32 -54.22
N PRO G 39 26.26 48.89 -53.45
CA PRO G 39 26.04 47.72 -52.58
C PRO G 39 24.91 47.91 -51.58
N ARG G 40 24.69 49.12 -51.06
CA ARG G 40 23.61 49.33 -50.11
C ARG G 40 22.24 49.11 -50.77
N ALA G 41 22.01 49.73 -51.92
CA ALA G 41 20.76 49.51 -52.65
C ALA G 41 20.53 48.03 -52.91
N ALA G 42 21.60 47.27 -53.17
CA ALA G 42 21.44 45.83 -53.36
C ALA G 42 20.90 45.16 -52.10
N ASP G 43 21.38 45.58 -50.92
CA ASP G 43 20.88 45.00 -49.68
C ASP G 43 19.39 45.25 -49.50
N HIS G 44 18.95 46.49 -49.76
CA HIS G 44 17.55 46.83 -49.59
C HIS G 44 16.67 46.00 -50.50
N PHE G 45 17.13 45.71 -51.72
CA PHE G 45 16.26 44.93 -52.58
C PHE G 45 16.05 43.53 -52.04
N LEU G 46 17.15 42.83 -51.75
CA LEU G 46 17.04 41.48 -51.21
C LEU G 46 16.27 41.47 -49.91
N ASP G 47 16.49 42.47 -49.06
CA ASP G 47 15.63 42.63 -47.90
C ASP G 47 14.17 42.57 -48.34
N ALA G 48 13.84 43.27 -49.43
CA ALA G 48 12.46 43.27 -49.93
C ALA G 48 12.04 41.90 -50.43
N ILE G 49 12.95 41.17 -51.10
CA ILE G 49 12.61 39.84 -51.56
C ILE G 49 12.28 38.91 -50.40
N ALA G 50 13.12 38.91 -49.37
CA ALA G 50 12.88 38.05 -48.22
C ALA G 50 11.54 38.39 -47.56
N GLU G 51 11.36 39.66 -47.20
CA GLU G 51 10.12 40.09 -46.58
C GLU G 51 8.91 39.57 -47.34
N ARG G 52 9.03 39.51 -48.67
CA ARG G 52 7.94 39.00 -49.49
C ARG G 52 7.87 37.48 -49.44
N ILE G 53 9.01 36.82 -49.39
CA ILE G 53 9.04 35.37 -49.29
C ILE G 53 8.55 34.91 -47.92
N LEU G 54 8.92 35.65 -46.87
CA LEU G 54 8.54 35.26 -45.52
C LEU G 54 7.04 35.38 -45.30
N GLN G 55 6.35 36.22 -46.07
CA GLN G 55 4.90 36.27 -46.05
C GLN G 55 4.25 35.00 -46.56
N LEU G 56 4.97 34.17 -47.33
CA LEU G 56 4.35 32.98 -47.90
C LEU G 56 3.98 31.96 -46.83
N ALA G 57 4.69 31.96 -45.70
CA ALA G 57 4.39 31.01 -44.63
C ALA G 57 2.99 31.20 -44.07
N ALA G 58 2.46 32.43 -44.13
CA ALA G 58 1.13 32.73 -43.63
C ALA G 58 0.05 32.69 -44.70
N PHE G 59 0.40 32.99 -45.94
CA PHE G 59 -0.53 33.01 -47.07
C PHE G 59 0.13 32.22 -48.21
N PRO G 60 0.10 30.90 -48.13
CA PRO G 60 0.85 30.08 -49.11
C PRO G 60 0.42 30.28 -50.55
N GLU G 61 -0.79 30.79 -50.80
CA GLU G 61 -1.36 30.92 -52.13
C GLU G 61 -1.39 32.35 -52.63
N SER G 62 -0.48 33.19 -52.15
CA SER G 62 -0.43 34.56 -52.65
C SER G 62 -0.06 34.59 -54.13
N GLY G 63 0.79 33.66 -54.57
CA GLY G 63 1.19 33.59 -55.96
C GLY G 63 0.29 32.68 -56.77
N PRO G 64 -0.27 33.20 -57.87
CA PRO G 64 -1.13 32.35 -58.70
C PRO G 64 -0.37 31.18 -59.30
N ARG G 65 -1.09 30.05 -59.45
CA ARG G 65 -0.52 28.90 -60.12
C ARG G 65 -0.08 29.31 -61.53
N ARG G 66 1.09 28.82 -61.95
CA ARG G 66 1.65 29.14 -63.27
C ARG G 66 1.91 27.84 -64.03
N PRO G 67 0.87 27.23 -64.59
CA PRO G 67 1.07 25.97 -65.34
C PRO G 67 1.99 26.13 -66.54
N ASP G 68 2.05 27.32 -67.14
CA ASP G 68 2.93 27.54 -68.29
C ASP G 68 4.39 27.35 -67.95
N ILE G 69 4.77 27.51 -66.69
CA ILE G 69 6.15 27.34 -66.25
C ILE G 69 6.39 25.92 -65.74
N GLY G 70 5.51 25.46 -64.86
CA GLY G 70 5.67 24.14 -64.27
C GLY G 70 4.35 23.58 -63.80
N ALA G 71 4.32 22.27 -63.63
CA ALA G 71 3.08 21.58 -63.30
C ALA G 71 2.41 22.19 -62.08
N ASP G 72 3.14 22.25 -60.96
CA ASP G 72 2.64 22.83 -59.72
C ASP G 72 3.43 24.08 -59.33
N ALA G 73 3.89 24.83 -60.33
CA ALA G 73 4.65 26.05 -60.06
C ALA G 73 3.71 27.19 -59.67
N ARG G 74 4.22 28.06 -58.80
CA ARG G 74 3.54 29.28 -58.40
C ARG G 74 4.53 30.43 -58.50
N ALA G 75 3.99 31.64 -58.64
CA ALA G 75 4.84 32.82 -58.83
C ALA G 75 4.31 34.00 -58.04
N LEU G 76 5.19 34.61 -57.27
CA LEU G 76 4.93 35.85 -56.55
C LEU G 76 5.75 36.92 -57.24
N THR G 77 5.10 37.99 -57.67
CA THR G 77 5.75 39.00 -58.50
C THR G 77 6.22 40.16 -57.65
N ILE G 78 7.52 40.47 -57.75
CA ILE G 78 8.11 41.64 -57.14
C ILE G 78 8.86 42.38 -58.24
N GLY G 79 8.45 43.61 -58.52
CA GLY G 79 9.01 44.31 -59.65
C GLY G 79 8.81 43.51 -60.92
N ASN G 80 9.88 43.40 -61.70
CA ASN G 80 9.89 42.65 -62.96
C ASN G 80 10.49 41.26 -62.81
N TYR G 81 10.72 40.80 -61.56
CA TYR G 81 11.27 39.49 -61.25
C TYR G 81 10.21 38.61 -60.59
N LEU G 82 10.41 37.29 -60.69
CA LEU G 82 9.45 36.31 -60.19
C LEU G 82 10.11 35.48 -59.12
N ILE G 83 9.33 35.17 -58.10
CA ILE G 83 9.75 34.24 -57.06
C ILE G 83 9.02 32.95 -57.40
N LEU G 84 9.68 32.07 -58.14
CA LEU G 84 9.02 30.81 -58.52
C LEU G 84 9.14 29.83 -57.37
N TYR G 85 8.00 29.35 -56.89
CA TYR G 85 8.00 28.43 -55.76
C TYR G 85 6.91 27.39 -55.91
N ARG G 86 6.99 26.38 -55.04
CA ARG G 86 6.09 25.25 -55.00
C ARG G 86 5.69 25.06 -53.54
N LEU G 87 4.55 24.42 -53.36
CA LEU G 87 4.03 24.12 -52.04
C LEU G 87 4.21 22.64 -51.76
N ALA G 88 4.82 22.33 -50.62
CA ALA G 88 5.02 20.94 -50.20
C ALA G 88 4.23 20.75 -48.93
N GLU G 89 4.08 19.51 -48.48
CA GLU G 89 3.32 19.28 -47.26
C GLU G 89 4.12 19.87 -46.12
N GLY G 90 3.62 20.92 -45.50
CA GLY G 90 4.27 21.44 -44.32
C GLY G 90 5.42 22.39 -44.52
N TRP G 91 5.82 22.69 -45.77
CA TRP G 91 6.89 23.65 -45.97
C TRP G 91 6.79 24.22 -47.37
N ILE G 92 7.42 25.37 -47.54
CA ILE G 92 7.43 26.09 -48.81
C ILE G 92 8.81 25.96 -49.42
N GLU G 93 8.85 25.65 -50.71
CA GLU G 93 10.11 25.43 -51.44
C GLU G 93 10.29 26.59 -52.44
N ILE G 94 11.28 27.43 -52.20
CA ILE G 94 11.62 28.50 -53.14
C ILE G 94 12.55 27.92 -54.21
N VAL G 95 12.05 27.78 -55.44
CA VAL G 95 12.81 27.08 -56.48
C VAL G 95 13.76 28.01 -57.21
N ARG G 96 13.30 29.17 -57.66
CA ARG G 96 14.15 30.12 -58.36
C ARG G 96 13.59 31.54 -58.25
N ILE G 97 14.42 32.50 -58.63
CA ILE G 97 14.04 33.91 -58.73
C ILE G 97 14.56 34.43 -60.07
N VAL G 98 13.72 34.43 -61.10
CA VAL G 98 14.14 34.80 -62.44
C VAL G 98 13.42 36.05 -62.89
N HIS G 99 14.01 36.73 -63.88
CA HIS G 99 13.37 37.89 -64.49
C HIS G 99 12.13 37.45 -65.25
N GLY G 100 11.12 38.31 -65.30
CA GLY G 100 9.88 37.95 -65.94
C GLY G 100 9.94 37.78 -67.45
N ALA G 101 8.87 37.16 -67.96
CA ALA G 101 8.67 37.07 -69.39
C ALA G 101 8.67 38.49 -69.95
N ARG G 102 9.55 38.76 -70.91
CA ARG G 102 9.75 40.13 -71.36
C ARG G 102 8.65 40.49 -72.33
N ASP G 103 8.12 41.70 -72.17
CA ASP G 103 7.00 42.18 -72.96
C ASP G 103 7.46 42.57 -74.36
N VAL G 104 6.49 42.78 -75.24
CA VAL G 104 6.79 43.03 -76.65
C VAL G 104 7.57 44.32 -76.88
N SER G 105 7.54 45.25 -75.93
CA SER G 105 8.18 46.54 -76.13
C SER G 105 9.66 46.37 -76.45
N THR G 106 10.09 46.95 -77.57
CA THR G 106 11.49 46.93 -78.00
C THR G 106 11.98 48.35 -78.26
N PRO H 16 -55.04 -5.79 7.94
CA PRO H 16 -55.24 -5.32 6.57
C PRO H 16 -54.02 -5.56 5.70
N ILE H 17 -54.24 -5.94 4.45
CA ILE H 17 -53.17 -6.22 3.50
C ILE H 17 -53.18 -5.13 2.43
N ILE H 18 -52.01 -4.52 2.19
CA ILE H 18 -51.83 -3.56 1.12
C ILE H 18 -50.65 -4.02 0.28
N ARG H 19 -50.61 -3.55 -0.97
CA ARG H 19 -49.63 -3.99 -1.96
C ARG H 19 -48.98 -2.79 -2.61
N SER H 20 -47.77 -3.01 -3.14
CA SER H 20 -47.05 -1.94 -3.82
C SER H 20 -47.54 -1.77 -5.24
N PRO H 21 -47.48 -0.55 -5.78
CA PRO H 21 -47.75 -0.40 -7.22
C PRO H 21 -46.88 -1.30 -8.07
N ALA H 22 -45.61 -1.44 -7.71
CA ALA H 22 -44.75 -2.37 -8.43
C ALA H 22 -45.24 -3.80 -8.30
N ALA H 23 -45.74 -4.18 -7.12
CA ALA H 23 -46.14 -5.57 -6.91
C ALA H 23 -47.28 -5.96 -7.82
N GLU H 24 -48.28 -5.08 -7.98
CA GLU H 24 -49.34 -5.38 -8.94
C GLU H 24 -48.79 -5.49 -10.36
N GLY H 25 -47.82 -4.64 -10.70
CA GLY H 25 -47.21 -4.74 -12.02
C GLY H 25 -46.58 -6.11 -12.24
N ASP H 26 -45.96 -6.65 -11.19
CA ASP H 26 -45.42 -8.00 -11.26
C ASP H 26 -46.53 -9.01 -11.49
N LEU H 27 -47.60 -8.92 -10.70
CA LEU H 27 -48.66 -9.92 -10.81
C LEU H 27 -49.32 -9.87 -12.18
N VAL H 28 -49.56 -8.68 -12.72
CA VAL H 28 -50.12 -8.62 -14.06
C VAL H 28 -49.09 -9.12 -15.07
N ASP H 29 -47.83 -8.71 -14.92
CA ASP H 29 -46.79 -9.20 -15.82
C ASP H 29 -46.73 -10.72 -15.77
N ILE H 30 -46.73 -11.28 -14.56
CA ILE H 30 -46.76 -12.72 -14.42
C ILE H 30 -48.00 -13.30 -15.10
N TRP H 31 -49.16 -12.70 -14.86
CA TRP H 31 -50.41 -13.20 -15.44
C TRP H 31 -50.36 -13.14 -16.96
N LEU H 32 -49.99 -11.99 -17.53
CA LEU H 32 -49.91 -11.88 -18.98
C LEU H 32 -48.94 -12.90 -19.54
N ALA H 33 -47.79 -13.07 -18.89
CA ALA H 33 -46.79 -14.03 -19.33
C ALA H 33 -47.39 -15.42 -19.48
N ILE H 34 -48.09 -15.88 -18.44
CA ILE H 34 -48.75 -17.19 -18.50
C ILE H 34 -49.91 -17.15 -19.46
N ALA H 35 -50.58 -16.00 -19.59
CA ALA H 35 -51.76 -15.92 -20.43
C ALA H 35 -51.44 -16.15 -21.90
N ASN H 36 -50.19 -15.94 -22.34
CA ASN H 36 -49.82 -16.29 -23.71
C ASN H 36 -50.18 -17.75 -24.01
N ASP H 37 -49.84 -18.66 -23.09
CA ASP H 37 -50.22 -20.05 -23.22
C ASP H 37 -51.72 -20.24 -22.99
N SER H 38 -52.20 -19.88 -21.80
CA SER H 38 -53.59 -20.09 -21.45
C SER H 38 -54.07 -19.03 -20.46
N PRO H 39 -55.02 -18.17 -20.83
CA PRO H 39 -55.54 -17.19 -19.86
C PRO H 39 -56.12 -17.85 -18.61
N ARG H 40 -56.75 -19.02 -18.76
CA ARG H 40 -57.25 -19.71 -17.59
C ARG H 40 -56.14 -20.09 -16.62
N ALA H 41 -55.08 -20.75 -17.14
CA ALA H 41 -53.94 -21.18 -16.32
C ALA H 41 -53.35 -20.00 -15.57
N ALA H 42 -53.36 -18.83 -16.20
CA ALA H 42 -52.86 -17.63 -15.57
C ALA H 42 -53.74 -17.25 -14.39
N ASP H 43 -55.06 -17.40 -14.55
CA ASP H 43 -55.98 -17.09 -13.47
C ASP H 43 -55.72 -17.97 -12.25
N HIS H 44 -55.47 -19.26 -12.48
CA HIS H 44 -55.27 -20.19 -11.37
C HIS H 44 -54.06 -19.79 -10.54
N PHE H 45 -52.99 -19.34 -11.21
CA PHE H 45 -51.77 -19.00 -10.48
C PHE H 45 -52.02 -17.85 -9.53
N LEU H 46 -52.64 -16.79 -10.03
CA LEU H 46 -52.92 -15.64 -9.17
C LEU H 46 -53.82 -16.03 -8.01
N ASP H 47 -54.83 -16.87 -8.27
CA ASP H 47 -55.62 -17.40 -7.17
C ASP H 47 -54.72 -17.98 -6.10
N ALA H 48 -53.71 -18.76 -6.51
CA ALA H 48 -52.79 -19.38 -5.57
C ALA H 48 -51.95 -18.35 -4.83
N ILE H 49 -51.46 -17.33 -5.54
CA ILE H 49 -50.69 -16.28 -4.90
C ILE H 49 -51.56 -15.55 -3.89
N ALA H 50 -52.78 -15.21 -4.28
CA ALA H 50 -53.69 -14.58 -3.33
C ALA H 50 -53.92 -15.52 -2.14
N GLU H 51 -54.40 -16.74 -2.43
CA GLU H 51 -54.64 -17.72 -1.37
C GLU H 51 -53.48 -17.75 -0.40
N ARG H 52 -52.25 -17.57 -0.91
CA ARG H 52 -51.07 -17.61 -0.07
C ARG H 52 -50.82 -16.30 0.68
N ILE H 53 -51.08 -15.17 0.04
CA ILE H 53 -50.86 -13.87 0.68
C ILE H 53 -51.86 -13.62 1.81
N LEU H 54 -53.13 -13.99 1.63
CA LEU H 54 -54.13 -13.79 2.69
C LEU H 54 -53.85 -14.61 3.94
N GLN H 55 -53.10 -15.73 3.83
CA GLN H 55 -52.66 -16.47 5.02
C GLN H 55 -51.75 -15.64 5.92
N LEU H 56 -51.14 -14.58 5.39
CA LEU H 56 -50.26 -13.79 6.25
C LEU H 56 -51.04 -13.05 7.33
N ALA H 57 -52.33 -12.79 7.10
CA ALA H 57 -53.14 -12.13 8.12
C ALA H 57 -53.20 -12.94 9.41
N ALA H 58 -53.07 -14.26 9.33
CA ALA H 58 -53.08 -15.14 10.50
C ALA H 58 -51.69 -15.49 10.98
N PHE H 59 -50.71 -15.59 10.08
CA PHE H 59 -49.33 -15.92 10.44
C PHE H 59 -48.39 -14.94 9.73
N PRO H 60 -48.26 -13.72 10.25
CA PRO H 60 -47.47 -12.70 9.52
C PRO H 60 -46.03 -13.09 9.28
N GLU H 61 -45.45 -14.01 10.04
CA GLU H 61 -44.05 -14.38 9.90
C GLU H 61 -43.87 -15.72 9.18
N SER H 62 -44.83 -16.08 8.31
CA SER H 62 -44.71 -17.33 7.58
C SER H 62 -43.49 -17.34 6.67
N GLY H 63 -43.10 -16.18 6.14
CA GLY H 63 -41.94 -16.07 5.29
C GLY H 63 -40.68 -15.76 6.08
N PRO H 64 -39.64 -16.57 5.89
CA PRO H 64 -38.38 -16.31 6.60
C PRO H 64 -37.79 -14.95 6.23
N ARG H 65 -37.16 -14.32 7.22
CA ARG H 65 -36.46 -13.07 6.97
C ARG H 65 -35.39 -13.26 5.92
N ARG H 66 -35.24 -12.26 5.03
CA ARG H 66 -34.25 -12.29 3.95
C ARG H 66 -33.38 -11.05 4.08
N PRO H 67 -32.43 -11.06 5.02
CA PRO H 67 -31.55 -9.88 5.16
C PRO H 67 -30.74 -9.60 3.92
N ASP H 68 -30.47 -10.63 3.11
CA ASP H 68 -29.71 -10.44 1.87
C ASP H 68 -30.44 -9.57 0.87
N ILE H 69 -31.76 -9.51 0.95
CA ILE H 69 -32.55 -8.69 0.03
C ILE H 69 -32.80 -7.31 0.61
N GLY H 70 -33.26 -7.25 1.86
CA GLY H 70 -33.55 -5.98 2.49
C GLY H 70 -33.48 -6.12 3.98
N ALA H 71 -33.29 -4.97 4.65
CA ALA H 71 -33.13 -4.96 6.09
C ALA H 71 -34.26 -5.71 6.77
N ASP H 72 -35.51 -5.31 6.49
CA ASP H 72 -36.68 -5.91 7.10
C ASP H 72 -37.56 -6.64 6.10
N ALA H 73 -36.95 -7.20 5.06
CA ALA H 73 -37.68 -7.96 4.07
C ALA H 73 -37.95 -9.37 4.56
N ARG H 74 -39.11 -9.90 4.17
CA ARG H 74 -39.49 -11.29 4.40
C ARG H 74 -39.93 -11.85 3.05
N ALA H 75 -39.87 -13.18 2.95
CA ALA H 75 -40.12 -13.84 1.67
C ALA H 75 -40.91 -15.13 1.79
N LEU H 76 -41.97 -15.24 0.99
CA LEU H 76 -42.72 -16.47 0.80
C LEU H 76 -42.46 -17.01 -0.58
N THR H 77 -42.08 -18.28 -0.68
CA THR H 77 -41.73 -18.91 -1.93
C THR H 77 -42.95 -19.67 -2.44
N ILE H 78 -43.38 -19.35 -3.66
CA ILE H 78 -44.42 -20.10 -4.36
C ILE H 78 -43.88 -20.51 -5.71
N GLY H 79 -43.84 -21.82 -5.97
CA GLY H 79 -43.17 -22.26 -7.19
C GLY H 79 -41.73 -21.75 -7.18
N ASN H 80 -41.33 -21.14 -8.29
CA ASN H 80 -40.00 -20.54 -8.41
C ASN H 80 -40.01 -19.05 -8.14
N TYR H 81 -41.10 -18.51 -7.61
CA TYR H 81 -41.21 -17.09 -7.34
C TYR H 81 -41.27 -16.80 -5.85
N LEU H 82 -40.94 -15.56 -5.52
CA LEU H 82 -40.91 -15.06 -4.16
C LEU H 82 -41.93 -13.94 -4.00
N ILE H 83 -42.67 -13.98 -2.90
CA ILE H 83 -43.60 -12.92 -2.54
C ILE H 83 -42.88 -12.13 -1.45
N LEU H 84 -42.20 -11.07 -1.86
CA LEU H 84 -41.41 -10.27 -0.93
C LEU H 84 -42.30 -9.29 -0.19
N TYR H 85 -42.26 -9.32 1.16
CA TYR H 85 -43.11 -8.43 1.93
C TYR H 85 -42.39 -7.93 3.17
N ARG H 86 -43.00 -6.91 3.79
CA ARG H 86 -42.47 -6.22 4.95
C ARG H 86 -43.62 -6.02 5.93
N LEU H 87 -43.28 -5.88 7.20
CA LEU H 87 -44.28 -5.66 8.25
C LEU H 87 -44.17 -4.25 8.79
N ALA H 88 -45.28 -3.53 8.81
CA ALA H 88 -45.32 -2.17 9.32
C ALA H 88 -46.24 -2.20 10.52
N GLU H 89 -46.37 -1.07 11.20
CA GLU H 89 -47.17 -1.13 12.40
C GLU H 89 -48.59 -1.55 12.03
N GLY H 90 -48.95 -2.78 12.38
CA GLY H 90 -50.30 -3.25 12.25
C GLY H 90 -50.74 -3.77 10.90
N TRP H 91 -49.90 -3.73 9.87
CA TRP H 91 -50.38 -4.29 8.61
C TRP H 91 -49.23 -4.77 7.75
N ILE H 92 -49.60 -5.54 6.75
CA ILE H 92 -48.70 -6.29 5.91
C ILE H 92 -48.52 -5.56 4.60
N GLU H 93 -47.28 -5.38 4.17
CA GLU H 93 -46.98 -4.67 2.94
C GLU H 93 -46.38 -5.63 1.92
N ILE H 94 -47.12 -5.88 0.84
CA ILE H 94 -46.61 -6.71 -0.25
C ILE H 94 -45.80 -5.81 -1.19
N VAL H 95 -44.49 -5.98 -1.20
CA VAL H 95 -43.60 -5.06 -1.91
C VAL H 95 -43.39 -5.48 -3.37
N ARG H 96 -43.06 -6.75 -3.60
CA ARG H 96 -42.80 -7.22 -4.95
C ARG H 96 -43.13 -8.70 -5.03
N ILE H 97 -43.26 -9.20 -6.26
CA ILE H 97 -43.42 -10.63 -6.52
C ILE H 97 -42.48 -10.92 -7.68
N VAL H 98 -41.24 -11.29 -7.37
CA VAL H 98 -40.22 -11.44 -8.38
C VAL H 98 -39.73 -12.88 -8.40
N HIS H 99 -39.16 -13.27 -9.53
CA HIS H 99 -38.56 -14.59 -9.66
C HIS H 99 -37.36 -14.72 -8.72
N GLY H 100 -37.20 -15.90 -8.14
CA GLY H 100 -36.12 -16.11 -7.18
C GLY H 100 -34.75 -16.07 -7.82
N ALA H 101 -33.74 -16.09 -6.95
CA ALA H 101 -32.36 -16.21 -7.43
C ALA H 101 -32.27 -17.47 -8.29
N ARG H 102 -31.85 -17.29 -9.53
CA ARG H 102 -31.83 -18.39 -10.49
C ARG H 102 -30.62 -19.26 -10.21
N ASP H 103 -30.76 -20.57 -10.39
CA ASP H 103 -29.65 -21.45 -10.05
C ASP H 103 -28.52 -21.28 -11.06
N VAL H 104 -27.32 -21.66 -10.65
CA VAL H 104 -26.17 -21.50 -11.52
C VAL H 104 -26.17 -22.49 -12.68
N SER H 105 -26.87 -23.62 -12.54
CA SER H 105 -26.85 -24.66 -13.57
C SER H 105 -27.24 -24.08 -14.93
N THR H 106 -26.38 -24.31 -15.92
CA THR H 106 -26.65 -23.83 -17.27
C THR H 106 -26.60 -24.98 -18.27
N ARG I 19 40.18 10.54 -8.52
CA ARG I 19 41.02 10.14 -9.64
C ARG I 19 41.76 11.36 -10.18
N SER I 20 42.91 11.16 -10.79
CA SER I 20 43.61 12.31 -11.33
C SER I 20 43.06 12.66 -12.71
N PRO I 21 43.07 13.94 -13.10
CA PRO I 21 42.62 14.28 -14.46
C PRO I 21 43.30 13.46 -15.56
N ALA I 22 44.59 13.14 -15.41
CA ALA I 22 45.23 12.23 -16.36
C ALA I 22 44.55 10.86 -16.31
N ALA I 23 44.15 10.41 -15.11
CA ALA I 23 43.59 9.07 -14.96
C ALA I 23 42.29 8.93 -15.74
N GLU I 24 41.43 9.94 -15.70
CA GLU I 24 40.23 9.91 -16.54
C GLU I 24 40.62 9.90 -18.01
N GLY I 25 41.66 10.65 -18.37
CA GLY I 25 42.12 10.62 -19.75
C GLY I 25 42.52 9.24 -20.20
N ASP I 26 43.14 8.46 -19.32
CA ASP I 26 43.51 7.08 -19.67
C ASP I 26 42.28 6.28 -20.06
N LEU I 27 41.26 6.28 -19.18
CA LEU I 27 40.08 5.44 -19.42
C LEU I 27 39.29 5.89 -20.64
N VAL I 28 39.20 7.21 -20.86
CA VAL I 28 38.49 7.70 -22.05
C VAL I 28 39.24 7.30 -23.32
N ASP I 29 40.57 7.47 -23.33
CA ASP I 29 41.38 7.02 -24.44
C ASP I 29 41.23 5.51 -24.62
N ILE I 30 41.29 4.77 -23.53
CA ILE I 30 41.13 3.33 -23.60
C ILE I 30 39.79 2.97 -24.23
N TRP I 31 38.71 3.61 -23.77
CA TRP I 31 37.39 3.31 -24.32
C TRP I 31 37.33 3.61 -25.80
N LEU I 32 37.82 4.79 -26.20
CA LEU I 32 37.79 5.17 -27.61
C LEU I 32 38.53 4.16 -28.47
N ALA I 33 39.71 3.71 -28.01
CA ALA I 33 40.46 2.70 -28.74
C ALA I 33 39.60 1.48 -29.01
N ILE I 34 38.96 0.95 -27.97
CA ILE I 34 38.10 -0.21 -28.15
C ILE I 34 36.87 0.15 -28.93
N ALA I 35 36.39 1.40 -28.79
CA ALA I 35 35.17 1.79 -29.47
C ALA I 35 35.33 1.77 -31.01
N ASN I 36 36.55 1.89 -31.58
CA ASN I 36 36.74 1.77 -33.03
C ASN I 36 36.15 0.45 -33.57
N ASP I 37 36.42 -0.67 -32.88
CA ASP I 37 35.82 -1.94 -33.26
C ASP I 37 34.33 -1.96 -32.96
N SER I 38 33.96 -1.79 -31.68
CA SER I 38 32.58 -1.84 -31.25
C SER I 38 32.38 -0.95 -30.04
N PRO I 39 31.55 0.10 -30.14
CA PRO I 39 31.27 0.91 -28.94
C PRO I 39 30.68 0.09 -27.80
N ARG I 40 29.85 -0.90 -28.11
CA ARG I 40 29.25 -1.76 -27.09
C ARG I 40 30.30 -2.56 -26.34
N ALA I 41 31.11 -3.33 -27.06
CA ALA I 41 32.14 -4.10 -26.37
C ALA I 41 33.02 -3.20 -25.49
N ALA I 42 33.25 -1.95 -25.91
CA ALA I 42 34.04 -1.04 -25.09
C ALA I 42 33.36 -0.81 -23.74
N ASP I 43 32.03 -0.67 -23.74
CA ASP I 43 31.30 -0.56 -22.47
C ASP I 43 31.51 -1.82 -21.64
N HIS I 44 31.47 -2.98 -22.29
CA HIS I 44 31.63 -4.24 -21.58
C HIS I 44 33.04 -4.33 -20.97
N PHE I 45 34.10 -3.90 -21.74
CA PHE I 45 35.47 -3.87 -21.19
C PHE I 45 35.48 -2.90 -20.04
N LEU I 46 34.94 -1.71 -20.27
CA LEU I 46 34.94 -0.70 -19.22
C LEU I 46 34.17 -1.15 -17.97
N ASP I 47 33.00 -1.79 -18.12
CA ASP I 47 32.33 -2.32 -16.94
C ASP I 47 33.28 -3.15 -16.10
N ALA I 48 34.11 -3.97 -16.76
CA ALA I 48 35.01 -4.87 -16.07
C ALA I 48 36.02 -4.12 -15.20
N ILE I 49 36.56 -3.00 -15.66
CA ILE I 49 37.45 -2.24 -14.78
C ILE I 49 36.67 -1.80 -13.56
N ALA I 50 35.50 -1.21 -13.80
CA ALA I 50 34.68 -0.74 -12.69
C ALA I 50 34.37 -1.90 -11.76
N GLU I 51 33.92 -3.01 -12.35
CA GLU I 51 33.62 -4.18 -11.55
C GLU I 51 34.74 -4.43 -10.56
N ARG I 52 35.97 -4.22 -11.01
CA ARG I 52 37.13 -4.35 -10.14
C ARG I 52 37.38 -3.07 -9.33
N ILE I 53 37.18 -1.88 -9.89
CA ILE I 53 37.72 -0.67 -9.26
C ILE I 53 37.23 -0.50 -7.83
N LEU I 54 35.95 -0.79 -7.56
CA LEU I 54 35.44 -0.65 -6.20
C LEU I 54 35.44 -1.96 -5.42
N GLN I 55 35.42 -3.11 -6.11
CA GLN I 55 35.71 -4.34 -5.39
C GLN I 55 37.10 -4.24 -4.79
N LEU I 56 37.94 -3.38 -5.37
CA LEU I 56 39.29 -3.11 -4.89
C LEU I 56 39.26 -2.06 -3.78
N ALA I 57 38.31 -1.12 -3.86
CA ALA I 57 38.13 -0.13 -2.81
C ALA I 57 37.69 -0.78 -1.51
N ALA I 58 36.97 -1.90 -1.60
CA ALA I 58 36.55 -2.67 -0.44
C ALA I 58 37.68 -3.55 0.06
N PHE I 59 38.68 -3.81 -0.79
CA PHE I 59 39.83 -4.63 -0.45
C PHE I 59 41.06 -3.77 -0.72
N PRO I 60 41.39 -2.84 0.18
CA PRO I 60 42.49 -1.91 -0.09
C PRO I 60 43.82 -2.60 -0.35
N GLU I 61 43.95 -3.89 -0.02
CA GLU I 61 45.20 -4.60 -0.13
C GLU I 61 45.26 -5.46 -1.40
N SER I 62 44.53 -5.05 -2.44
CA SER I 62 44.46 -5.89 -3.64
C SER I 62 45.75 -5.87 -4.45
N GLY I 63 46.37 -4.71 -4.60
CA GLY I 63 47.53 -4.56 -5.45
C GLY I 63 48.86 -4.73 -4.78
N PRO I 64 49.70 -5.62 -5.29
CA PRO I 64 51.04 -5.75 -4.72
C PRO I 64 51.77 -4.43 -4.83
N ARG I 65 52.54 -4.10 -3.80
CA ARG I 65 53.36 -2.89 -3.90
C ARG I 65 54.26 -2.99 -5.10
N ARG I 66 54.40 -1.88 -5.83
CA ARG I 66 55.21 -1.80 -7.03
C ARG I 66 56.20 -0.67 -6.82
N PRO I 67 57.26 -0.90 -6.03
CA PRO I 67 58.25 0.17 -5.80
C PRO I 67 58.94 0.60 -7.08
N ASP I 68 59.07 -0.31 -8.05
CA ASP I 68 59.72 0.03 -9.31
C ASP I 68 58.97 1.12 -10.06
N ILE I 69 57.68 1.28 -9.79
CA ILE I 69 56.88 2.30 -10.46
C ILE I 69 56.81 3.58 -9.64
N GLY I 70 56.50 3.45 -8.34
CA GLY I 70 56.37 4.61 -7.48
C GLY I 70 56.62 4.22 -6.04
N ALA I 71 56.97 5.23 -5.23
CA ALA I 71 57.33 4.98 -3.84
C ALA I 71 56.25 4.17 -3.13
N ASP I 72 55.03 4.69 -3.10
CA ASP I 72 53.89 4.02 -2.47
C ASP I 72 52.84 3.61 -3.50
N ALA I 73 53.29 3.24 -4.70
CA ALA I 73 52.39 2.80 -5.76
C ALA I 73 51.97 1.34 -5.56
N ARG I 74 50.76 1.03 -5.99
CA ARG I 74 50.22 -0.32 -6.02
C ARG I 74 49.71 -0.59 -7.43
N ALA I 75 49.62 -1.87 -7.79
CA ALA I 75 49.25 -2.24 -9.16
C ALA I 75 48.23 -3.36 -9.15
N LEU I 76 47.13 -3.14 -9.87
CA LEU I 76 46.02 -4.07 -9.93
C LEU I 76 45.88 -4.59 -11.35
N THR I 77 45.83 -5.91 -11.48
CA THR I 77 45.90 -6.53 -12.79
C THR I 77 44.51 -6.85 -13.31
N ILE I 78 44.19 -6.26 -14.47
CA ILE I 78 43.03 -6.60 -15.27
C ILE I 78 43.52 -6.74 -16.70
N GLY I 79 43.38 -7.93 -17.26
CA GLY I 79 43.92 -8.15 -18.59
C GLY I 79 45.40 -7.82 -18.64
N ASN I 80 45.78 -7.06 -19.66
CA ASN I 80 47.15 -6.60 -19.83
C ASN I 80 47.36 -5.19 -19.29
N TYR I 81 46.39 -4.62 -18.58
CA TYR I 81 46.50 -3.28 -18.03
C TYR I 81 46.55 -3.37 -16.51
N LEU I 82 47.18 -2.38 -15.87
CA LEU I 82 47.30 -2.31 -14.42
C LEU I 82 46.58 -1.07 -13.92
N ILE I 83 45.91 -1.22 -12.79
CA ILE I 83 45.23 -0.08 -12.16
C ILE I 83 46.18 0.43 -11.07
N LEU I 84 46.98 1.43 -11.40
CA LEU I 84 47.97 1.98 -10.49
C LEU I 84 47.31 3.02 -9.59
N TYR I 85 47.39 2.80 -8.27
CA TYR I 85 46.79 3.71 -7.31
C TYR I 85 47.63 3.85 -6.03
N ARG I 86 47.18 4.74 -5.16
CA ARG I 86 47.83 5.01 -3.88
C ARG I 86 46.80 5.05 -2.76
N LEU I 87 47.25 4.79 -1.52
CA LEU I 87 46.36 4.78 -0.35
C LEU I 87 46.64 5.98 0.54
N ALA I 88 45.62 6.80 0.78
CA ALA I 88 45.70 7.96 1.64
C ALA I 88 44.58 7.94 2.68
N GLU I 89 44.65 8.90 3.61
CA GLU I 89 43.68 9.06 4.67
C GLU I 89 42.31 9.45 4.15
N GLY I 90 41.34 8.53 4.28
CA GLY I 90 39.94 8.76 3.99
C GLY I 90 39.50 8.59 2.56
N TRP I 91 40.41 8.29 1.65
CA TRP I 91 40.06 8.11 0.25
C TRP I 91 41.09 7.23 -0.42
N ILE I 92 40.66 6.60 -1.51
CA ILE I 92 41.54 5.81 -2.36
C ILE I 92 41.80 6.67 -3.59
N GLU I 93 43.06 6.79 -3.99
CA GLU I 93 43.44 7.68 -5.06
C GLU I 93 43.84 6.85 -6.27
N ILE I 94 43.01 6.90 -7.31
CA ILE I 94 43.32 6.25 -8.58
C ILE I 94 44.23 7.20 -9.33
N VAL I 95 45.52 6.85 -9.42
CA VAL I 95 46.53 7.75 -9.96
C VAL I 95 46.61 7.62 -11.48
N ARG I 96 46.68 6.39 -11.98
CA ARG I 96 46.82 6.17 -13.41
C ARG I 96 46.26 4.80 -13.78
N ILE I 97 45.99 4.63 -15.08
CA ILE I 97 45.59 3.34 -15.63
C ILE I 97 46.32 3.13 -16.94
N VAL I 98 47.48 2.48 -16.89
CA VAL I 98 48.33 2.29 -18.06
C VAL I 98 48.44 0.81 -18.37
N HIS I 99 48.80 0.53 -19.63
CA HIS I 99 49.06 -0.84 -20.03
C HIS I 99 50.25 -1.42 -19.28
N GLY I 100 50.17 -2.71 -18.98
CA GLY I 100 51.19 -3.35 -18.19
C GLY I 100 52.52 -3.46 -18.90
N ALA I 101 53.50 -3.91 -18.10
CA ALA I 101 54.82 -4.22 -18.61
C ALA I 101 54.70 -5.18 -19.77
N ARG I 102 55.29 -4.80 -20.90
CA ARG I 102 55.13 -5.53 -22.14
C ARG I 102 56.05 -6.74 -22.19
N ASP I 103 55.56 -7.77 -22.88
CA ASP I 103 56.31 -9.01 -23.00
C ASP I 103 57.54 -8.82 -23.87
N VAL I 104 58.55 -9.66 -23.62
CA VAL I 104 59.76 -9.59 -24.42
C VAL I 104 59.51 -10.15 -25.81
N SER I 105 58.51 -11.02 -25.95
CA SER I 105 58.26 -11.68 -27.23
C SER I 105 57.98 -10.65 -28.33
N THR I 106 58.82 -10.67 -29.36
CA THR I 106 58.65 -9.81 -30.53
C THR I 106 58.80 -10.65 -31.79
N PRO J 16 8.98 -64.88 71.05
CA PRO J 16 7.71 -65.59 71.17
C PRO J 16 6.60 -64.72 71.76
N ILE J 17 5.57 -64.46 70.97
CA ILE J 17 4.47 -63.57 71.37
C ILE J 17 3.17 -64.33 71.24
N ILE J 18 2.40 -64.37 72.33
CA ILE J 18 1.10 -65.03 72.36
C ILE J 18 0.03 -63.99 72.68
N ARG J 19 -1.18 -64.26 72.18
CA ARG J 19 -2.32 -63.35 72.28
C ARG J 19 -3.48 -64.08 72.95
N SER J 20 -4.36 -63.31 73.58
CA SER J 20 -5.55 -63.90 74.19
C SER J 20 -6.67 -64.07 73.16
N PRO J 21 -7.55 -65.05 73.35
CA PRO J 21 -8.73 -65.15 72.47
C PRO J 21 -9.50 -63.84 72.37
N ALA J 22 -9.58 -63.08 73.46
CA ALA J 22 -10.18 -61.75 73.40
C ALA J 22 -9.39 -60.84 72.48
N ALA J 23 -8.06 -60.92 72.55
CA ALA J 23 -7.23 -60.05 71.73
C ALA J 23 -7.44 -60.31 70.24
N GLU J 24 -7.51 -61.58 69.82
CA GLU J 24 -7.86 -61.81 68.42
C GLU J 24 -9.25 -61.25 68.13
N GLY J 25 -10.16 -61.40 69.08
CA GLY J 25 -11.52 -60.89 68.89
C GLY J 25 -11.54 -59.40 68.63
N ASP J 26 -10.67 -58.66 69.30
CA ASP J 26 -10.51 -57.24 69.00
C ASP J 26 -10.01 -57.07 67.57
N LEU J 27 -8.95 -57.80 67.22
CA LEU J 27 -8.33 -57.61 65.91
C LEU J 27 -9.28 -57.99 64.78
N VAL J 28 -10.07 -59.06 64.96
CA VAL J 28 -11.07 -59.44 63.97
C VAL J 28 -12.21 -58.41 63.93
N ASP J 29 -12.67 -57.99 65.12
CA ASP J 29 -13.72 -56.97 65.17
C ASP J 29 -13.27 -55.68 64.51
N ILE J 30 -12.06 -55.21 64.83
CA ILE J 30 -11.54 -53.99 64.22
C ILE J 30 -11.55 -54.12 62.70
N TRP J 31 -11.10 -55.28 62.19
CA TRP J 31 -11.01 -55.46 60.74
C TRP J 31 -12.40 -55.33 60.10
N LEU J 32 -13.39 -56.02 60.65
CA LEU J 32 -14.73 -55.96 60.10
C LEU J 32 -15.28 -54.54 60.08
N ALA J 33 -15.07 -53.81 61.18
CA ALA J 33 -15.54 -52.43 61.23
C ALA J 33 -15.03 -51.64 60.03
N ILE J 34 -13.71 -51.69 59.81
CA ILE J 34 -13.11 -50.98 58.69
C ILE J 34 -13.52 -51.62 57.36
N ALA J 35 -13.75 -52.93 57.34
CA ALA J 35 -13.99 -53.65 56.09
C ALA J 35 -15.26 -53.14 55.44
N ASN J 36 -16.14 -52.56 56.26
CA ASN J 36 -17.34 -51.93 55.73
C ASN J 36 -16.97 -50.91 54.67
N ASP J 37 -15.99 -50.04 54.98
CA ASP J 37 -15.53 -49.08 53.99
C ASP J 37 -14.73 -49.78 52.90
N SER J 38 -13.64 -50.44 53.29
CA SER J 38 -12.76 -51.08 52.32
C SER J 38 -12.01 -52.26 52.93
N PRO J 39 -12.21 -53.48 52.42
CA PRO J 39 -11.40 -54.60 52.91
C PRO J 39 -9.91 -54.37 52.73
N ARG J 40 -9.54 -53.65 51.67
CA ARG J 40 -8.16 -53.25 51.46
C ARG J 40 -7.60 -52.43 52.63
N ALA J 41 -8.28 -51.35 53.02
CA ALA J 41 -7.75 -50.51 54.10
C ALA J 41 -7.59 -51.30 55.39
N ALA J 42 -8.50 -52.23 55.64
CA ALA J 42 -8.48 -52.96 56.90
C ALA J 42 -7.22 -53.79 57.03
N ASP J 43 -6.78 -54.41 55.94
CA ASP J 43 -5.56 -55.22 55.98
C ASP J 43 -4.36 -54.36 56.37
N HIS J 44 -4.26 -53.16 55.79
CA HIS J 44 -3.12 -52.29 56.06
C HIS J 44 -3.04 -51.90 57.53
N PHE J 45 -4.18 -51.64 58.17
CA PHE J 45 -4.14 -51.19 59.56
C PHE J 45 -3.55 -52.26 60.46
N LEU J 46 -4.06 -53.48 60.32
CA LEU J 46 -3.61 -54.57 61.16
C LEU J 46 -2.11 -54.81 61.01
N ASP J 47 -1.61 -54.74 59.77
CA ASP J 47 -0.17 -54.83 59.56
C ASP J 47 0.57 -53.85 60.46
N ALA J 48 0.03 -52.63 60.57
CA ALA J 48 0.64 -51.66 61.46
C ALA J 48 0.60 -52.15 62.90
N ILE J 49 -0.50 -52.76 63.33
CA ILE J 49 -0.51 -53.30 64.69
C ILE J 49 0.51 -54.40 64.82
N ALA J 50 0.55 -55.30 63.83
CA ALA J 50 1.49 -56.40 63.85
C ALA J 50 2.91 -55.89 63.90
N GLU J 51 3.29 -55.04 62.94
CA GLU J 51 4.66 -54.58 62.99
C GLU J 51 4.99 -54.18 64.42
N ARG J 52 4.06 -53.48 65.05
CA ARG J 52 4.31 -52.89 66.35
C ARG J 52 4.34 -53.92 67.46
N ILE J 53 3.51 -54.97 67.34
CA ILE J 53 3.56 -56.04 68.31
C ILE J 53 4.86 -56.82 68.18
N LEU J 54 5.31 -57.04 66.94
CA LEU J 54 6.54 -57.79 66.72
C LEU J 54 7.77 -56.99 67.10
N GLN J 55 7.65 -55.66 67.12
CA GLN J 55 8.71 -54.80 67.60
C GLN J 55 8.97 -55.06 69.08
N LEU J 56 8.01 -55.67 69.77
CA LEU J 56 8.14 -55.93 71.19
C LEU J 56 9.21 -56.97 71.50
N ALA J 57 9.47 -57.89 70.58
CA ALA J 57 10.51 -58.89 70.82
C ALA J 57 11.89 -58.24 70.99
N ALA J 58 12.12 -57.09 70.35
CA ALA J 58 13.39 -56.38 70.45
C ALA J 58 13.36 -55.28 71.49
N PHE J 59 12.19 -54.71 71.76
CA PHE J 59 12.00 -53.61 72.71
C PHE J 59 10.84 -53.95 73.63
N PRO J 60 11.07 -54.79 74.65
CA PRO J 60 9.93 -55.29 75.43
C PRO J 60 9.13 -54.23 76.16
N GLU J 61 9.72 -53.10 76.52
CA GLU J 61 9.05 -52.06 77.31
C GLU J 61 8.75 -50.81 76.49
N SER J 62 8.50 -50.94 75.18
CA SER J 62 8.24 -49.75 74.38
C SER J 62 7.03 -48.98 74.91
N GLY J 63 6.05 -49.67 75.46
CA GLY J 63 4.89 -49.03 76.04
C GLY J 63 5.08 -48.76 77.52
N PRO J 64 4.92 -47.51 77.95
CA PRO J 64 5.08 -47.20 79.37
C PRO J 64 4.10 -47.95 80.24
N ARG J 65 4.52 -48.25 81.47
CA ARG J 65 3.68 -48.91 82.44
C ARG J 65 2.38 -48.13 82.61
N ARG J 66 1.26 -48.85 82.68
CA ARG J 66 -0.08 -48.25 82.84
C ARG J 66 -0.76 -48.88 84.03
N PRO J 67 -0.41 -48.47 85.25
CA PRO J 67 -1.04 -49.05 86.45
C PRO J 67 -2.54 -48.78 86.54
N ASP J 68 -3.03 -47.68 85.97
CA ASP J 68 -4.45 -47.36 86.06
C ASP J 68 -5.33 -48.41 85.39
N ILE J 69 -4.79 -49.17 84.45
CA ILE J 69 -5.54 -50.22 83.76
C ILE J 69 -5.38 -51.57 84.44
N GLY J 70 -4.12 -51.93 84.73
CA GLY J 70 -3.83 -53.19 85.37
C GLY J 70 -2.53 -53.10 86.12
N ALA J 71 -2.36 -54.01 87.08
CA ALA J 71 -1.21 -53.95 87.98
C ALA J 71 0.10 -53.91 87.20
N ASP J 72 0.35 -54.93 86.38
CA ASP J 72 1.56 -55.00 85.56
C ASP J 72 1.25 -54.86 84.08
N ALA J 73 0.22 -54.07 83.75
CA ALA J 73 -0.16 -53.85 82.36
C ALA J 73 0.75 -52.82 81.71
N ARG J 74 0.94 -52.99 80.40
CA ARG J 74 1.66 -52.04 79.58
C ARG J 74 0.79 -51.69 78.38
N ALA J 75 1.06 -50.54 77.78
CA ALA J 75 0.24 -50.06 76.67
C ALA J 75 1.15 -49.53 75.58
N LEU J 76 0.96 -50.06 74.37
CA LEU J 76 1.65 -49.61 73.17
C LEU J 76 0.60 -48.91 72.32
N THR J 77 0.85 -47.64 71.98
CA THR J 77 -0.13 -46.80 71.31
C THR J 77 0.09 -46.79 69.81
N ILE J 78 -0.91 -47.26 69.06
CA ILE J 78 -0.91 -47.18 67.61
C ILE J 78 -2.15 -46.42 67.17
N GLY J 79 -1.92 -45.31 66.47
CA GLY J 79 -3.05 -44.46 66.13
C GLY J 79 -3.77 -44.09 67.41
N ASN J 80 -5.09 -44.25 67.41
CA ASN J 80 -5.91 -43.97 68.58
C ASN J 80 -6.24 -45.22 69.40
N TYR J 81 -5.59 -46.34 69.11
CA TYR J 81 -5.82 -47.59 69.82
C TYR J 81 -4.59 -47.96 70.63
N LEU J 82 -4.83 -48.75 71.67
CA LEU J 82 -3.80 -49.20 72.59
C LEU J 82 -3.68 -50.71 72.52
N ILE J 83 -2.45 -51.20 72.56
CA ILE J 83 -2.17 -52.63 72.57
C ILE J 83 -1.83 -52.99 74.01
N LEU J 84 -2.80 -53.48 74.76
CA LEU J 84 -2.56 -53.81 76.16
C LEU J 84 -1.88 -55.17 76.24
N TYR J 85 -0.71 -55.22 76.89
CA TYR J 85 0.09 -56.43 77.02
C TYR J 85 0.76 -56.46 78.38
N ARG J 86 1.33 -57.62 78.69
CA ARG J 86 1.98 -57.86 79.97
C ARG J 86 3.29 -58.55 79.68
N LEU J 87 4.23 -58.44 80.61
CA LEU J 87 5.52 -59.12 80.51
C LEU J 87 5.53 -60.25 81.51
N ALA J 88 5.78 -61.47 81.03
CA ALA J 88 5.84 -62.68 81.83
C ALA J 88 7.24 -63.28 81.68
N GLU J 89 7.53 -64.31 82.45
CA GLU J 89 8.86 -64.93 82.39
C GLU J 89 9.08 -65.52 81.01
N GLY J 90 9.98 -64.91 80.24
CA GLY J 90 10.41 -65.41 78.96
C GLY J 90 9.58 -65.09 77.72
N TRP J 91 8.42 -64.44 77.85
CA TRP J 91 7.65 -64.06 76.66
C TRP J 91 6.73 -62.86 76.93
N ILE J 92 6.21 -62.32 75.84
CA ILE J 92 5.34 -61.16 75.82
C ILE J 92 3.91 -61.64 75.60
N GLU J 93 2.96 -61.12 76.37
CA GLU J 93 1.57 -61.54 76.27
C GLU J 93 0.70 -60.38 75.82
N ILE J 94 0.14 -60.47 74.62
CA ILE J 94 -0.75 -59.43 74.10
C ILE J 94 -2.16 -59.71 74.61
N VAL J 95 -2.65 -58.87 75.53
CA VAL J 95 -3.90 -59.14 76.23
C VAL J 95 -5.11 -58.62 75.48
N ARG J 96 -5.07 -57.37 75.03
CA ARG J 96 -6.23 -56.79 74.38
C ARG J 96 -5.79 -55.69 73.41
N ILE J 97 -6.71 -55.33 72.52
CA ILE J 97 -6.53 -54.22 71.59
C ILE J 97 -7.80 -53.40 71.61
N VAL J 98 -7.85 -52.39 72.48
CA VAL J 98 -9.05 -51.58 72.65
C VAL J 98 -8.75 -50.14 72.24
N HIS J 99 -9.81 -49.42 71.88
CA HIS J 99 -9.67 -48.00 71.59
C HIS J 99 -9.24 -47.25 72.83
N GLY J 100 -8.37 -46.26 72.65
CA GLY J 100 -7.82 -45.54 73.77
C GLY J 100 -8.85 -44.70 74.50
N ALA J 101 -8.40 -44.15 75.62
CA ALA J 101 -9.22 -43.20 76.35
C ALA J 101 -9.66 -42.10 75.38
N ARG J 102 -10.98 -41.89 75.31
CA ARG J 102 -11.54 -40.98 74.32
C ARG J 102 -11.33 -39.53 74.72
N ASP J 103 -11.21 -38.67 73.72
CA ASP J 103 -10.97 -37.27 74.03
C ASP J 103 -12.20 -36.67 74.73
N VAL J 104 -11.95 -35.56 75.43
CA VAL J 104 -13.01 -34.90 76.19
C VAL J 104 -14.03 -34.24 75.30
N SER J 105 -13.68 -33.94 74.04
CA SER J 105 -14.54 -33.17 73.15
C SER J 105 -15.93 -33.77 73.07
N THR J 106 -16.94 -32.92 73.32
CA THR J 106 -18.34 -33.32 73.26
C THR J 106 -19.07 -32.43 72.26
N PRO K 16 -88.30 25.14 -26.87
CA PRO K 16 -87.90 25.51 -25.51
C PRO K 16 -86.48 26.05 -25.46
N ILE K 17 -86.32 27.35 -25.71
CA ILE K 17 -85.00 27.96 -25.84
C ILE K 17 -84.95 29.17 -24.93
N ILE K 18 -83.94 29.21 -24.05
CA ILE K 18 -83.70 30.35 -23.17
C ILE K 18 -82.23 30.74 -23.30
N ARG K 19 -81.95 32.00 -23.01
CA ARG K 19 -80.61 32.56 -23.13
C ARG K 19 -80.19 33.17 -21.80
N SER K 20 -78.88 33.22 -21.58
CA SER K 20 -78.35 33.82 -20.37
C SER K 20 -78.23 35.34 -20.53
N PRO K 21 -78.30 36.08 -19.43
CA PRO K 21 -78.01 37.52 -19.52
C PRO K 21 -76.70 37.81 -20.21
N ALA K 22 -75.69 36.97 -20.00
CA ALA K 22 -74.42 37.12 -20.71
C ALA K 22 -74.58 36.91 -22.21
N ALA K 23 -75.38 35.93 -22.61
CA ALA K 23 -75.54 35.65 -24.04
C ALA K 23 -76.13 36.84 -24.78
N GLU K 24 -77.12 37.50 -24.17
CA GLU K 24 -77.67 38.70 -24.76
C GLU K 24 -76.59 39.77 -24.88
N GLY K 25 -75.73 39.87 -23.86
CA GLY K 25 -74.67 40.86 -23.91
C GLY K 25 -73.73 40.64 -25.07
N ASP K 26 -73.42 39.39 -25.38
CA ASP K 26 -72.59 39.10 -26.55
C ASP K 26 -73.27 39.58 -27.82
N LEU K 27 -74.54 39.22 -27.99
CA LEU K 27 -75.24 39.55 -29.22
C LEU K 27 -75.35 41.06 -29.40
N VAL K 28 -75.55 41.79 -28.31
CA VAL K 28 -75.56 43.25 -28.41
C VAL K 28 -74.17 43.75 -28.77
N ASP K 29 -73.13 43.20 -28.13
CA ASP K 29 -71.76 43.57 -28.44
C ASP K 29 -71.44 43.27 -29.90
N ILE K 30 -71.76 42.06 -30.37
CA ILE K 30 -71.51 41.70 -31.76
C ILE K 30 -72.19 42.70 -32.68
N TRP K 31 -73.46 43.01 -32.41
CA TRP K 31 -74.20 43.92 -33.27
C TRP K 31 -73.53 45.29 -33.31
N LEU K 32 -73.20 45.83 -32.13
CA LEU K 32 -72.56 47.14 -32.08
C LEU K 32 -71.24 47.13 -32.83
N ALA K 33 -70.43 46.07 -32.64
CA ALA K 33 -69.17 45.97 -33.37
C ALA K 33 -69.40 46.09 -34.86
N ILE K 34 -70.32 45.29 -35.40
CA ILE K 34 -70.63 45.36 -36.83
C ILE K 34 -71.32 46.66 -37.17
N ALA K 35 -72.13 47.20 -36.25
CA ALA K 35 -72.92 48.38 -36.56
C ALA K 35 -72.06 49.59 -36.84
N ASN K 36 -70.83 49.62 -36.31
CA ASN K 36 -69.91 50.69 -36.65
C ASN K 36 -69.80 50.83 -38.16
N ASP K 37 -69.63 49.71 -38.86
CA ASP K 37 -69.59 49.74 -40.32
C ASP K 37 -70.97 50.02 -40.88
N SER K 38 -71.93 49.14 -40.58
CA SER K 38 -73.29 49.29 -41.13
C SER K 38 -74.31 48.66 -40.20
N PRO K 39 -75.24 49.45 -39.66
CA PRO K 39 -76.30 48.85 -38.84
C PRO K 39 -77.11 47.80 -39.57
N ARG K 40 -77.31 47.97 -40.89
CA ARG K 40 -78.05 46.97 -41.66
C ARG K 40 -77.33 45.61 -41.64
N ALA K 41 -76.03 45.57 -41.97
CA ALA K 41 -75.30 44.29 -41.94
C ALA K 41 -75.36 43.63 -40.56
N ALA K 42 -75.35 44.45 -39.51
CA ALA K 42 -75.43 43.90 -38.17
C ALA K 42 -76.75 43.17 -37.96
N ASP K 43 -77.84 43.75 -38.48
CA ASP K 43 -79.13 43.09 -38.34
C ASP K 43 -79.12 41.72 -38.99
N HIS K 44 -78.55 41.61 -40.19
CA HIS K 44 -78.56 40.34 -40.91
C HIS K 44 -77.75 39.28 -40.18
N PHE K 45 -76.61 39.66 -39.58
CA PHE K 45 -75.78 38.67 -38.91
C PHE K 45 -76.56 38.08 -37.73
N LEU K 46 -77.13 38.94 -36.88
CA LEU K 46 -77.95 38.44 -35.77
C LEU K 46 -79.15 37.64 -36.25
N ASP K 47 -79.82 38.09 -37.32
CA ASP K 47 -80.87 37.30 -37.94
C ASP K 47 -80.37 35.89 -38.25
N ALA K 48 -79.16 35.80 -38.78
CA ALA K 48 -78.58 34.48 -39.10
C ALA K 48 -78.36 33.63 -37.86
N ILE K 49 -77.88 34.22 -36.76
CA ILE K 49 -77.70 33.43 -35.53
C ILE K 49 -79.04 32.94 -35.02
N ALA K 50 -80.04 33.82 -35.00
CA ALA K 50 -81.35 33.42 -34.51
C ALA K 50 -81.82 32.23 -35.33
N GLU K 51 -81.83 32.36 -36.66
CA GLU K 51 -82.14 31.22 -37.51
C GLU K 51 -81.30 30.03 -37.10
N ARG K 52 -80.07 30.29 -36.66
CA ARG K 52 -79.16 29.22 -36.29
C ARG K 52 -79.50 28.59 -34.95
N ILE K 53 -79.91 29.37 -33.97
CA ILE K 53 -80.28 28.81 -32.69
C ILE K 53 -81.61 28.06 -32.77
N LEU K 54 -82.59 28.60 -33.50
CA LEU K 54 -83.91 27.98 -33.59
C LEU K 54 -83.83 26.59 -34.22
N GLN K 55 -82.77 26.33 -34.97
CA GLN K 55 -82.57 24.99 -35.50
C GLN K 55 -82.33 23.97 -34.39
N LEU K 56 -81.86 24.42 -33.22
CA LEU K 56 -81.60 23.48 -32.13
C LEU K 56 -82.89 22.89 -31.58
N ALA K 57 -84.02 23.60 -31.72
CA ALA K 57 -85.30 23.05 -31.25
C ALA K 57 -85.63 21.75 -31.96
N ALA K 58 -85.20 21.60 -33.21
CA ALA K 58 -85.40 20.38 -33.98
C ALA K 58 -84.19 19.47 -33.95
N PHE K 59 -82.99 20.05 -33.83
CA PHE K 59 -81.74 19.30 -33.79
C PHE K 59 -80.96 19.70 -32.55
N PRO K 60 -81.36 19.23 -31.37
CA PRO K 60 -80.68 19.69 -30.15
C PRO K 60 -79.19 19.35 -30.11
N GLU K 61 -78.74 18.36 -30.87
CA GLU K 61 -77.37 17.88 -30.80
C GLU K 61 -76.57 18.29 -32.04
N SER K 62 -76.94 19.41 -32.66
CA SER K 62 -76.20 19.87 -33.84
C SER K 62 -74.77 20.22 -33.50
N GLY K 63 -74.54 20.79 -32.31
CA GLY K 63 -73.20 21.15 -31.89
C GLY K 63 -72.54 20.02 -31.14
N PRO K 64 -71.37 19.59 -31.60
CA PRO K 64 -70.67 18.50 -30.90
C PRO K 64 -70.29 18.88 -29.49
N ARG K 65 -70.28 17.86 -28.63
CA ARG K 65 -69.87 18.05 -27.23
C ARG K 65 -68.48 18.67 -27.19
N ARG K 66 -68.31 19.63 -26.29
CA ARG K 66 -67.03 20.35 -26.14
C ARG K 66 -66.59 20.26 -24.69
N PRO K 67 -66.03 19.11 -24.28
CA PRO K 67 -65.58 18.99 -22.89
C PRO K 67 -64.48 19.97 -22.52
N ASP K 68 -63.67 20.39 -23.50
CA ASP K 68 -62.58 21.33 -23.22
C ASP K 68 -63.09 22.69 -22.74
N ILE K 69 -64.34 23.04 -23.05
CA ILE K 69 -64.91 24.30 -22.59
C ILE K 69 -65.68 24.12 -21.30
N GLY K 70 -66.57 23.13 -21.26
CA GLY K 70 -67.39 22.90 -20.08
C GLY K 70 -67.81 21.44 -20.02
N ALA K 71 -68.19 21.02 -18.82
CA ALA K 71 -68.51 19.62 -18.58
C ALA K 71 -69.54 19.12 -19.58
N ASP K 72 -70.71 19.76 -19.62
CA ASP K 72 -71.77 19.39 -20.54
C ASP K 72 -72.01 20.48 -21.58
N ALA K 73 -70.96 21.20 -21.94
CA ALA K 73 -71.08 22.27 -22.92
C ALA K 73 -71.11 21.72 -24.34
N ARG K 74 -71.83 22.41 -25.19
CA ARG K 74 -71.87 22.09 -26.61
C ARG K 74 -71.57 23.36 -27.38
N ALA K 75 -71.15 23.18 -28.63
CA ALA K 75 -70.78 24.34 -29.42
C ALA K 75 -71.35 24.26 -30.83
N LEU K 76 -72.06 25.32 -31.23
CA LEU K 76 -72.53 25.51 -32.59
C LEU K 76 -71.78 26.70 -33.14
N THR K 77 -71.11 26.48 -34.27
CA THR K 77 -70.14 27.37 -34.87
C THR K 77 -70.72 28.21 -36.02
N ILE K 78 -70.93 29.52 -35.81
CA ILE K 78 -71.42 30.37 -36.90
C ILE K 78 -70.36 31.34 -37.40
N GLY K 79 -70.04 31.22 -38.70
CA GLY K 79 -68.95 32.02 -39.20
C GLY K 79 -67.78 31.64 -38.33
N ASN K 80 -67.13 32.65 -37.78
CA ASN K 80 -66.01 32.44 -36.88
C ASN K 80 -66.41 32.47 -35.41
N TYR K 81 -67.70 32.46 -35.09
CA TYR K 81 -68.17 32.52 -33.72
C TYR K 81 -68.80 31.18 -33.33
N LEU K 82 -68.86 30.96 -32.02
CA LEU K 82 -69.40 29.74 -31.45
C LEU K 82 -70.64 30.08 -30.64
N ILE K 83 -71.66 29.22 -30.78
CA ILE K 83 -72.89 29.37 -30.01
C ILE K 83 -72.83 28.34 -28.88
N LEU K 84 -72.38 28.78 -27.72
CA LEU K 84 -72.20 27.85 -26.60
C LEU K 84 -73.53 27.60 -25.91
N TYR K 85 -73.91 26.33 -25.82
CA TYR K 85 -75.19 25.98 -25.21
C TYR K 85 -75.08 24.68 -24.43
N ARG K 86 -76.14 24.42 -23.67
CA ARG K 86 -76.25 23.26 -22.80
C ARG K 86 -77.63 22.66 -23.01
N LEU K 87 -77.74 21.36 -22.80
CA LEU K 87 -79.01 20.65 -22.95
C LEU K 87 -79.50 20.32 -21.54
N ALA K 88 -80.68 20.83 -21.20
CA ALA K 88 -81.32 20.61 -19.91
C ALA K 88 -82.66 19.90 -20.13
N GLU K 89 -83.32 19.55 -19.03
CA GLU K 89 -84.57 18.83 -19.18
C GLU K 89 -85.55 19.69 -19.95
N GLY K 90 -85.94 19.28 -21.16
CA GLY K 90 -87.06 19.93 -21.79
C GLY K 90 -86.81 21.29 -22.39
N TRP K 91 -85.61 21.84 -22.26
CA TRP K 91 -85.32 23.14 -22.86
C TRP K 91 -83.83 23.24 -23.16
N ILE K 92 -83.52 24.14 -24.09
CA ILE K 92 -82.15 24.39 -24.54
C ILE K 92 -81.69 25.71 -23.93
N GLU K 93 -80.49 25.70 -23.37
CA GLU K 93 -79.95 26.88 -22.67
C GLU K 93 -78.82 27.44 -23.52
N ILE K 94 -79.05 28.61 -24.12
CA ILE K 94 -78.01 29.30 -24.87
C ILE K 94 -77.19 30.10 -23.87
N VAL K 95 -75.96 29.66 -23.63
CA VAL K 95 -75.15 30.24 -22.55
C VAL K 95 -74.36 31.44 -23.02
N ARG K 96 -73.69 31.33 -24.15
CA ARG K 96 -72.81 32.41 -24.58
C ARG K 96 -72.65 32.36 -26.09
N ILE K 97 -72.17 33.48 -26.65
CA ILE K 97 -71.84 33.56 -28.06
C ILE K 97 -70.50 34.26 -28.19
N VAL K 98 -69.42 33.50 -28.19
CA VAL K 98 -68.07 34.05 -28.20
C VAL K 98 -67.36 33.64 -29.48
N HIS K 99 -66.33 34.42 -29.84
CA HIS K 99 -65.50 34.06 -30.97
C HIS K 99 -64.76 32.76 -30.69
N GLY K 100 -64.61 31.93 -31.71
CA GLY K 100 -63.97 30.64 -31.54
C GLY K 100 -62.47 30.74 -31.25
N ALA K 101 -61.88 29.59 -30.95
CA ALA K 101 -60.44 29.51 -30.76
C ALA K 101 -59.69 29.97 -32.00
N ARG K 102 -58.79 30.91 -31.82
CA ARG K 102 -58.09 31.52 -32.92
C ARG K 102 -56.93 30.66 -33.42
N ASP K 103 -56.66 30.77 -34.71
CA ASP K 103 -55.65 29.98 -35.40
C ASP K 103 -54.24 30.46 -35.05
N VAL K 104 -53.25 29.85 -35.71
CA VAL K 104 -51.84 30.07 -35.41
C VAL K 104 -51.28 31.42 -35.81
N SER K 105 -51.86 32.08 -36.80
CA SER K 105 -51.22 33.28 -37.34
C SER K 105 -50.94 34.31 -36.25
N THR K 106 -49.66 34.66 -36.14
CA THR K 106 -49.22 35.69 -35.22
C THR K 106 -48.37 36.71 -35.95
N PRO L 16 21.69 -38.87 69.87
CA PRO L 16 20.93 -37.71 70.34
C PRO L 16 20.85 -36.60 69.32
N ILE L 17 19.75 -35.85 69.35
CA ILE L 17 19.53 -34.75 68.43
C ILE L 17 19.27 -33.49 69.24
N ILE L 18 20.03 -32.44 68.97
CA ILE L 18 19.83 -31.13 69.58
C ILE L 18 19.51 -30.12 68.48
N ARG L 19 18.79 -29.07 68.85
CA ARG L 19 18.38 -28.02 67.92
C ARG L 19 18.79 -26.66 68.46
N SER L 20 18.98 -25.70 67.55
CA SER L 20 19.35 -24.34 67.90
C SER L 20 18.12 -23.50 68.26
N PRO L 21 18.30 -22.46 69.08
CA PRO L 21 17.18 -21.54 69.36
C PRO L 21 16.54 -21.00 68.08
N ALA L 22 17.32 -20.70 67.04
CA ALA L 22 16.74 -20.24 65.78
C ALA L 22 15.88 -21.35 65.14
N ALA L 23 16.38 -22.58 65.18
CA ALA L 23 15.66 -23.68 64.56
C ALA L 23 14.34 -23.92 65.27
N GLU L 24 14.32 -23.72 66.60
CA GLU L 24 13.03 -23.74 67.27
C GLU L 24 12.14 -22.64 66.71
N GLY L 25 12.67 -21.43 66.55
CA GLY L 25 11.83 -20.31 66.09
C GLY L 25 11.27 -20.54 64.71
N ASP L 26 12.04 -21.25 63.90
CA ASP L 26 11.60 -21.64 62.59
C ASP L 26 10.34 -22.50 62.68
N LEU L 27 10.42 -23.61 63.42
CA LEU L 27 9.30 -24.55 63.48
C LEU L 27 8.04 -23.93 64.10
N VAL L 28 8.21 -23.07 65.10
CA VAL L 28 7.04 -22.42 65.68
C VAL L 28 6.41 -21.49 64.66
N ASP L 29 7.24 -20.71 63.95
CA ASP L 29 6.72 -19.87 62.89
C ASP L 29 5.99 -20.70 61.84
N ILE L 30 6.60 -21.80 61.40
CA ILE L 30 5.91 -22.66 60.44
C ILE L 30 4.56 -23.10 60.98
N TRP L 31 4.52 -23.59 62.22
CA TRP L 31 3.28 -24.12 62.77
C TRP L 31 2.19 -23.06 62.76
N LEU L 32 2.51 -21.85 63.24
CA LEU L 32 1.51 -20.79 63.26
C LEU L 32 1.02 -20.47 61.86
N ALA L 33 1.94 -20.40 60.89
CA ALA L 33 1.56 -20.10 59.51
C ALA L 33 0.47 -21.03 59.03
N ILE L 34 0.68 -22.34 59.17
CA ILE L 34 -0.33 -23.28 58.70
C ILE L 34 -1.59 -23.19 59.57
N ALA L 35 -1.43 -22.85 60.85
CA ALA L 35 -2.54 -22.88 61.79
C ALA L 35 -3.57 -21.81 61.47
N ASN L 36 -3.14 -20.75 60.79
CA ASN L 36 -4.09 -19.77 60.31
C ASN L 36 -5.20 -20.46 59.54
N ASP L 37 -4.83 -21.39 58.64
CA ASP L 37 -5.82 -22.21 57.96
C ASP L 37 -6.41 -23.24 58.91
N SER L 38 -5.58 -24.10 59.47
CA SER L 38 -6.05 -25.18 60.33
C SER L 38 -5.01 -25.57 61.37
N PRO L 39 -5.30 -25.42 62.67
CA PRO L 39 -4.31 -25.85 63.69
C PRO L 39 -3.93 -27.31 63.58
N ARG L 40 -4.86 -28.18 63.18
CA ARG L 40 -4.56 -29.60 62.99
C ARG L 40 -3.57 -29.81 61.87
N ALA L 41 -3.85 -29.26 60.68
CA ALA L 41 -2.95 -29.41 59.54
C ALA L 41 -1.51 -29.07 59.92
N ALA L 42 -1.35 -28.06 60.78
CA ALA L 42 -0.02 -27.69 61.25
C ALA L 42 0.60 -28.83 62.08
N ASP L 43 -0.21 -29.48 62.92
CA ASP L 43 0.33 -30.58 63.72
C ASP L 43 0.91 -31.66 62.83
N HIS L 44 0.19 -32.03 61.78
CA HIS L 44 0.66 -33.09 60.88
C HIS L 44 1.92 -32.67 60.13
N PHE L 45 2.02 -31.41 59.72
CA PHE L 45 3.21 -31.02 59.00
C PHE L 45 4.44 -31.07 59.90
N LEU L 46 4.36 -30.49 61.10
CA LEU L 46 5.47 -30.59 62.03
C LEU L 46 5.78 -32.04 62.36
N ASP L 47 4.74 -32.86 62.55
CA ASP L 47 4.95 -34.29 62.74
C ASP L 47 5.83 -34.86 61.65
N ALA L 48 5.56 -34.49 60.40
CA ALA L 48 6.36 -34.98 59.28
C ALA L 48 7.79 -34.49 59.35
N ILE L 49 7.99 -33.24 59.77
CA ILE L 49 9.34 -32.72 59.92
C ILE L 49 10.12 -33.52 60.96
N ALA L 50 9.49 -33.78 62.11
CA ALA L 50 10.18 -34.52 63.17
C ALA L 50 10.57 -35.91 62.70
N GLU L 51 9.58 -36.66 62.20
CA GLU L 51 9.85 -37.99 61.67
C GLU L 51 11.02 -37.94 60.68
N ARG L 52 11.12 -36.85 59.93
CA ARG L 52 12.19 -36.69 58.96
C ARG L 52 13.51 -36.38 59.66
N ILE L 53 13.47 -35.58 60.73
CA ILE L 53 14.69 -35.30 61.48
C ILE L 53 15.12 -36.53 62.26
N LEU L 54 14.15 -37.25 62.83
CA LEU L 54 14.45 -38.42 63.65
C LEU L 54 15.05 -39.54 62.82
N GLN L 55 14.82 -39.53 61.51
CA GLN L 55 15.45 -40.48 60.61
C GLN L 55 16.97 -40.34 60.53
N LEU L 56 17.52 -39.18 60.90
CA LEU L 56 18.96 -39.00 60.77
C LEU L 56 19.75 -39.87 61.74
N ALA L 57 19.14 -40.25 62.88
CA ALA L 57 19.83 -41.14 63.81
C ALA L 57 20.21 -42.44 63.13
N ALA L 58 19.42 -42.87 62.14
CA ALA L 58 19.71 -44.10 61.40
C ALA L 58 20.43 -43.83 60.08
N PHE L 59 20.19 -42.67 59.47
CA PHE L 59 20.80 -42.30 58.20
C PHE L 59 21.38 -40.90 58.37
N PRO L 60 22.52 -40.77 59.05
CA PRO L 60 23.03 -39.42 59.34
C PRO L 60 23.36 -38.60 58.10
N GLU L 61 23.63 -39.23 56.97
CA GLU L 61 24.09 -38.55 55.77
C GLU L 61 22.99 -38.48 54.71
N SER L 62 21.73 -38.45 55.13
CA SER L 62 20.63 -38.40 54.18
C SER L 62 20.67 -37.13 53.34
N GLY L 63 21.10 -36.02 53.94
CA GLY L 63 21.20 -34.76 53.23
C GLY L 63 22.57 -34.56 52.62
N PRO L 64 22.60 -34.28 51.32
CA PRO L 64 23.90 -34.02 50.67
C PRO L 64 24.60 -32.84 51.32
N ARG L 65 25.92 -32.91 51.40
CA ARG L 65 26.67 -31.76 51.89
C ARG L 65 26.31 -30.56 51.02
N ARG L 66 26.12 -29.40 51.66
CA ARG L 66 25.72 -28.18 50.96
C ARG L 66 26.74 -27.08 51.22
N PRO L 67 27.88 -27.12 50.52
CA PRO L 67 28.90 -26.08 50.74
C PRO L 67 28.40 -24.68 50.44
N ASP L 68 27.45 -24.52 49.52
CA ASP L 68 26.94 -23.19 49.19
C ASP L 68 26.25 -22.53 50.38
N ILE L 69 25.78 -23.30 51.35
CA ILE L 69 25.13 -22.78 52.54
C ILE L 69 26.12 -22.61 53.68
N GLY L 70 26.90 -23.65 53.96
CA GLY L 70 27.87 -23.62 55.05
C GLY L 70 28.98 -24.62 54.82
N ALA L 71 30.09 -24.38 55.52
CA ALA L 71 31.28 -25.21 55.33
C ALA L 71 30.95 -26.68 55.51
N ASP L 72 30.42 -27.05 56.68
CA ASP L 72 30.02 -28.42 56.98
C ASP L 72 28.50 -28.52 57.12
N ALA L 73 27.77 -27.71 56.36
CA ALA L 73 26.32 -27.75 56.38
C ALA L 73 25.82 -28.91 55.53
N ARG L 74 24.71 -29.50 55.97
CA ARG L 74 23.99 -30.52 55.23
C ARG L 74 22.52 -30.14 55.19
N ALA L 75 21.80 -30.67 54.22
CA ALA L 75 20.40 -30.31 54.04
C ALA L 75 19.57 -31.54 53.74
N LEU L 76 18.49 -31.71 54.50
CA LEU L 76 17.50 -32.75 54.28
C LEU L 76 16.21 -32.07 53.80
N THR L 77 15.65 -32.55 52.70
CA THR L 77 14.49 -31.90 52.10
C THR L 77 13.22 -32.56 52.64
N ILE L 78 12.31 -31.74 53.16
CA ILE L 78 10.97 -32.19 53.49
C ILE L 78 10.05 -31.18 52.79
N GLY L 79 9.29 -31.65 51.80
CA GLY L 79 8.50 -30.74 51.00
C GLY L 79 9.36 -29.67 50.33
N ASN L 80 8.92 -28.42 50.46
CA ASN L 80 9.61 -27.26 49.90
C ASN L 80 10.51 -26.56 50.91
N TYR L 81 10.72 -27.15 52.09
CA TYR L 81 11.57 -26.58 53.12
C TYR L 81 12.81 -27.45 53.28
N LEU L 82 13.85 -26.83 53.84
CA LEU L 82 15.12 -27.49 54.07
C LEU L 82 15.37 -27.59 55.56
N ILE L 83 15.87 -28.73 56.00
CA ILE L 83 16.30 -28.94 57.38
C ILE L 83 17.83 -28.86 57.34
N LEU L 84 18.36 -27.68 57.63
CA LEU L 84 19.81 -27.47 57.58
C LEU L 84 20.44 -28.02 58.86
N TYR L 85 21.38 -28.96 58.73
CA TYR L 85 21.95 -29.58 59.92
C TYR L 85 23.43 -29.88 59.75
N ARG L 86 24.05 -30.22 60.88
CA ARG L 86 25.48 -30.51 60.98
C ARG L 86 25.69 -31.74 61.84
N LEU L 87 26.81 -32.40 61.59
CA LEU L 87 27.20 -33.62 62.28
C LEU L 87 28.38 -33.36 63.20
N ALA L 88 28.24 -33.76 64.46
CA ALA L 88 29.27 -33.60 65.47
C ALA L 88 29.63 -34.97 65.99
N GLU L 89 30.69 -35.06 66.79
CA GLU L 89 31.09 -36.35 67.32
C GLU L 89 29.99 -36.80 68.26
N GLY L 90 29.27 -37.84 67.89
CA GLY L 90 28.29 -38.39 68.79
C GLY L 90 26.91 -37.75 68.79
N TRP L 91 26.67 -36.68 68.03
CA TRP L 91 25.31 -36.14 68.06
C TRP L 91 25.05 -35.32 66.81
N ILE L 92 23.76 -35.10 66.56
CA ILE L 92 23.29 -34.35 65.40
C ILE L 92 22.79 -33.00 65.87
N GLU L 93 23.16 -31.96 65.14
CA GLU L 93 22.78 -30.59 65.46
C GLU L 93 21.84 -30.06 64.38
N ILE L 94 20.57 -29.86 64.74
CA ILE L 94 19.60 -29.28 63.82
C ILE L 94 19.71 -27.75 63.92
N VAL L 95 20.23 -27.11 62.89
CA VAL L 95 20.55 -25.68 62.95
C VAL L 95 19.35 -24.82 62.59
N ARG L 96 18.64 -25.14 61.50
CA ARG L 96 17.49 -24.35 61.07
C ARG L 96 16.56 -25.15 60.19
N ILE L 97 15.37 -24.60 59.99
CA ILE L 97 14.37 -25.14 59.06
C ILE L 97 13.87 -23.97 58.22
N VAL L 98 14.46 -23.77 57.05
CA VAL L 98 14.16 -22.64 56.19
C VAL L 98 13.56 -23.15 54.88
N HIS L 99 12.82 -22.25 54.22
CA HIS L 99 12.31 -22.54 52.88
C HIS L 99 13.46 -22.69 51.89
N GLY L 100 13.30 -23.60 50.96
CA GLY L 100 14.36 -23.86 50.00
C GLY L 100 14.56 -22.69 49.04
N ALA L 101 15.65 -22.78 48.27
CA ALA L 101 15.89 -21.80 47.22
C ALA L 101 14.70 -21.75 46.28
N ARG L 102 14.16 -20.55 46.05
CA ARG L 102 12.96 -20.42 45.26
C ARG L 102 13.28 -20.52 43.77
N ASP L 103 12.39 -21.18 43.04
CA ASP L 103 12.59 -21.46 41.63
C ASP L 103 12.40 -20.19 40.81
N VAL L 104 12.90 -20.24 39.57
CA VAL L 104 12.89 -19.07 38.69
C VAL L 104 11.46 -18.66 38.32
N SER L 105 10.50 -19.56 38.49
CA SER L 105 9.12 -19.27 38.12
C SER L 105 8.65 -17.98 38.79
N THR L 106 8.24 -17.01 37.97
CA THR L 106 7.73 -15.74 38.45
C THR L 106 6.37 -15.45 37.84
N ILE M 17 -5.68 43.05 37.80
CA ILE M 17 -5.93 41.66 37.41
C ILE M 17 -4.59 40.91 37.28
N ILE M 18 -4.48 39.76 37.92
CA ILE M 18 -3.31 38.91 37.83
C ILE M 18 -3.74 37.53 37.34
N ARG M 19 -2.80 36.84 36.70
CA ARG M 19 -3.04 35.58 36.04
C ARG M 19 -2.00 34.57 36.48
N SER M 20 -2.38 33.32 36.44
CA SER M 20 -1.52 32.21 36.83
C SER M 20 -0.58 31.80 35.69
N PRO M 21 0.61 31.29 36.04
CA PRO M 21 1.50 30.75 35.00
C PRO M 21 0.79 29.74 34.13
N ALA M 22 -0.08 28.93 34.74
CA ALA M 22 -0.89 28.00 33.99
C ALA M 22 -1.85 28.73 33.04
N ALA M 23 -2.43 29.85 33.49
CA ALA M 23 -3.41 30.54 32.66
C ALA M 23 -2.77 31.07 31.38
N GLU M 24 -1.57 31.63 31.52
CA GLU M 24 -0.85 32.09 30.34
C GLU M 24 -0.53 30.92 29.43
N GLY M 25 -0.13 29.79 30.01
CA GLY M 25 0.14 28.61 29.22
C GLY M 25 -1.06 28.14 28.42
N ASP M 26 -2.25 28.29 28.99
CA ASP M 26 -3.47 28.02 28.24
C ASP M 26 -3.55 28.96 27.05
N LEU M 27 -3.36 30.26 27.29
CA LEU M 27 -3.58 31.26 26.24
C LEU M 27 -2.59 31.08 25.09
N VAL M 28 -1.35 30.71 25.42
CA VAL M 28 -0.37 30.46 24.36
C VAL M 28 -0.76 29.23 23.55
N ASP M 29 -1.18 28.17 24.23
CA ASP M 29 -1.66 26.98 23.54
C ASP M 29 -2.84 27.30 22.63
N ILE M 30 -3.82 28.03 23.17
CA ILE M 30 -4.98 28.42 22.36
C ILE M 30 -4.53 29.18 21.12
N TRP M 31 -3.65 30.17 21.30
CA TRP M 31 -3.20 30.98 20.17
C TRP M 31 -2.53 30.10 19.12
N LEU M 32 -1.59 29.25 19.56
CA LEU M 32 -0.91 28.36 18.62
C LEU M 32 -1.90 27.46 17.90
N ALA M 33 -2.89 26.93 18.63
CA ALA M 33 -3.89 26.07 18.00
C ALA M 33 -4.53 26.78 16.82
N ILE M 34 -5.00 28.01 17.04
CA ILE M 34 -5.60 28.78 15.96
C ILE M 34 -4.56 29.18 14.93
N ALA M 35 -3.32 29.43 15.37
CA ALA M 35 -2.31 29.95 14.45
C ALA M 35 -1.95 28.96 13.37
N ASN M 36 -2.15 27.68 13.62
CA ASN M 36 -1.95 26.70 12.57
C ASN M 36 -2.76 27.10 11.34
N ASP M 37 -4.02 27.44 11.56
CA ASP M 37 -4.85 27.93 10.46
C ASP M 37 -4.43 29.33 10.05
N SER M 38 -4.51 30.28 10.98
CA SER M 38 -4.20 31.67 10.67
C SER M 38 -3.69 32.42 11.90
N PRO M 39 -2.45 32.92 11.88
CA PRO M 39 -1.98 33.73 13.01
C PRO M 39 -2.83 34.96 13.27
N ARG M 40 -3.39 35.57 12.22
CA ARG M 40 -4.24 36.75 12.39
C ARG M 40 -5.48 36.43 13.22
N ALA M 41 -6.22 35.40 12.82
CA ALA M 41 -7.40 35.04 13.60
C ALA M 41 -7.03 34.73 15.07
N ALA M 42 -5.85 34.16 15.31
CA ALA M 42 -5.46 33.84 16.67
C ALA M 42 -5.40 35.08 17.55
N ASP M 43 -4.90 36.20 16.99
CA ASP M 43 -4.86 37.44 17.76
C ASP M 43 -6.26 37.86 18.20
N HIS M 44 -7.24 37.73 17.29
CA HIS M 44 -8.58 38.22 17.58
C HIS M 44 -9.22 37.47 18.74
N PHE M 45 -8.99 36.15 18.85
CA PHE M 45 -9.66 35.41 19.91
C PHE M 45 -9.18 35.89 21.27
N LEU M 46 -7.87 35.96 21.44
CA LEU M 46 -7.30 36.40 22.71
C LEU M 46 -7.77 37.80 23.05
N ASP M 47 -7.76 38.71 22.07
CA ASP M 47 -8.31 40.04 22.32
C ASP M 47 -9.70 39.93 22.93
N ALA M 48 -10.53 39.04 22.37
CA ALA M 48 -11.85 38.79 22.92
C ALA M 48 -11.75 38.20 24.32
N ILE M 49 -10.78 37.32 24.54
CA ILE M 49 -10.60 36.74 25.87
C ILE M 49 -10.25 37.82 26.87
N ALA M 50 -9.29 38.68 26.53
CA ALA M 50 -8.88 39.75 27.43
C ALA M 50 -10.05 40.67 27.75
N GLU M 51 -10.68 41.22 26.71
CA GLU M 51 -11.79 42.15 26.90
C GLU M 51 -12.82 41.62 27.89
N ARG M 52 -13.07 40.30 27.85
CA ARG M 52 -13.99 39.71 28.81
C ARG M 52 -13.30 39.57 30.17
N ILE M 53 -11.98 39.37 30.18
CA ILE M 53 -11.25 39.38 31.45
C ILE M 53 -11.30 40.77 32.08
N LEU M 54 -11.14 41.81 31.27
CA LEU M 54 -11.20 43.18 31.77
C LEU M 54 -12.63 43.56 32.18
N GLN M 55 -13.63 42.88 31.62
CA GLN M 55 -15.00 43.09 32.04
C GLN M 55 -15.19 42.74 33.50
N LEU M 56 -14.33 41.87 34.05
CA LEU M 56 -14.45 41.50 35.46
C LEU M 56 -14.07 42.66 36.38
N ALA M 57 -13.20 43.56 35.91
CA ALA M 57 -12.82 44.71 36.72
C ALA M 57 -14.01 45.61 37.02
N ALA M 58 -14.98 45.67 36.11
CA ALA M 58 -16.18 46.47 36.31
C ALA M 58 -17.35 45.66 36.83
N PHE M 59 -17.40 44.38 36.49
CA PHE M 59 -18.46 43.46 36.91
C PHE M 59 -17.77 42.27 37.56
N PRO M 60 -17.33 42.41 38.82
CA PRO M 60 -16.53 41.32 39.41
C PRO M 60 -17.27 39.99 39.47
N GLU M 61 -18.60 39.98 39.40
CA GLU M 61 -19.39 38.77 39.56
C GLU M 61 -20.00 38.28 38.26
N SER M 62 -19.34 38.55 37.13
CA SER M 62 -19.92 38.15 35.84
C SER M 62 -20.04 36.62 35.74
N GLY M 63 -19.08 35.89 36.30
CA GLY M 63 -19.10 34.45 36.24
C GLY M 63 -19.79 33.82 37.44
N PRO M 64 -20.80 32.98 37.19
CA PRO M 64 -21.47 32.32 38.30
C PRO M 64 -20.50 31.42 39.06
N ARG M 65 -20.72 31.33 40.37
CA ARG M 65 -19.92 30.41 41.17
C ARG M 65 -20.07 29.00 40.61
N ARG M 66 -18.95 28.27 40.57
CA ARG M 66 -18.91 26.91 40.03
C ARG M 66 -18.33 26.00 41.11
N PRO M 67 -19.14 25.62 42.11
CA PRO M 67 -18.62 24.75 43.17
C PRO M 67 -18.17 23.38 42.65
N ASP M 68 -18.76 22.90 41.56
CA ASP M 68 -18.38 21.60 41.02
C ASP M 68 -16.92 21.56 40.60
N ILE M 69 -16.32 22.71 40.31
CA ILE M 69 -14.92 22.77 39.90
C ILE M 69 -14.02 23.05 41.09
N GLY M 70 -14.36 24.07 41.88
CA GLY M 70 -13.55 24.46 43.02
C GLY M 70 -14.40 25.17 44.04
N ALA M 71 -13.88 25.23 45.27
CA ALA M 71 -14.66 25.77 46.37
C ALA M 71 -15.20 27.16 46.06
N ASP M 72 -14.29 28.11 45.77
CA ASP M 72 -14.65 29.48 45.44
C ASP M 72 -14.30 29.83 43.99
N ALA M 73 -14.37 28.85 43.10
CA ALA M 73 -14.09 29.09 41.69
C ALA M 73 -15.30 29.74 41.02
N ARG M 74 -15.00 30.59 40.04
CA ARG M 74 -16.01 31.20 39.20
C ARG M 74 -15.62 30.97 37.75
N ALA M 75 -16.60 31.05 36.85
CA ALA M 75 -16.37 30.75 35.45
C ALA M 75 -17.05 31.76 34.56
N LEU M 76 -16.28 32.33 33.63
CA LEU M 76 -16.78 33.25 32.61
C LEU M 76 -16.72 32.53 31.27
N THR M 77 -17.83 32.53 30.54
CA THR M 77 -17.93 31.76 29.31
C THR M 77 -17.61 32.66 28.12
N ILE M 78 -16.64 32.25 27.32
CA ILE M 78 -16.32 32.89 26.05
C ILE M 78 -16.25 31.79 24.99
N GLY M 79 -17.12 31.87 24.00
CA GLY M 79 -17.22 30.77 23.04
C GLY M 79 -17.51 29.48 23.80
N ASN M 80 -16.78 28.43 23.45
CA ASN M 80 -16.92 27.16 24.14
C ASN M 80 -15.87 26.97 25.23
N TYR M 81 -15.16 28.03 25.59
CA TYR M 81 -14.10 27.96 26.60
C TYR M 81 -14.52 28.74 27.84
N LEU M 82 -13.90 28.36 28.97
CA LEU M 82 -14.21 28.93 30.26
C LEU M 82 -13.02 29.70 30.82
N ILE M 83 -13.31 30.82 31.45
CA ILE M 83 -12.31 31.59 32.18
C ILE M 83 -12.49 31.24 33.65
N LEU M 84 -11.69 30.30 34.13
CA LEU M 84 -11.75 29.91 35.53
C LEU M 84 -11.05 30.98 36.34
N TYR M 85 -11.77 31.66 37.21
CA TYR M 85 -11.18 32.74 37.99
C TYR M 85 -11.78 32.76 39.38
N ARG M 86 -11.14 33.53 40.25
CA ARG M 86 -11.55 33.67 41.64
C ARG M 86 -11.43 35.13 42.05
N LEU M 87 -12.18 35.46 43.08
CA LEU M 87 -12.17 36.80 43.65
C LEU M 87 -11.41 36.67 44.96
N ALA M 88 -10.36 37.46 45.11
CA ALA M 88 -9.52 37.45 46.30
C ALA M 88 -9.66 38.81 46.97
N GLU M 89 -9.07 38.93 48.16
CA GLU M 89 -9.22 40.20 48.83
C GLU M 89 -8.57 41.28 47.99
N GLY M 90 -9.41 42.13 47.38
CA GLY M 90 -8.96 43.27 46.62
C GLY M 90 -8.62 43.03 45.16
N TRP M 91 -8.70 41.80 44.65
CA TRP M 91 -8.29 41.65 43.26
C TRP M 91 -8.84 40.39 42.63
N ILE M 92 -8.74 40.34 41.30
CA ILE M 92 -9.24 39.24 40.49
C ILE M 92 -8.06 38.38 40.06
N GLU M 93 -8.17 37.08 40.28
CA GLU M 93 -7.11 36.12 39.93
C GLU M 93 -7.59 35.21 38.81
N ILE M 94 -6.98 35.32 37.64
CA ILE M 94 -7.31 34.45 36.52
C ILE M 94 -6.53 33.14 36.69
N VAL M 95 -7.24 32.06 37.01
CA VAL M 95 -6.61 30.79 37.36
C VAL M 95 -6.32 29.95 36.13
N ARG M 96 -7.29 29.80 35.25
CA ARG M 96 -7.10 28.90 34.13
C ARG M 96 -8.05 29.33 33.03
N ILE M 97 -7.75 28.91 31.81
CA ILE M 97 -8.64 29.18 30.68
C ILE M 97 -8.77 27.91 29.87
N VAL M 98 -9.79 27.13 30.17
CA VAL M 98 -9.82 25.82 29.55
C VAL M 98 -11.16 25.58 28.87
N HIS M 99 -11.17 24.60 27.96
CA HIS M 99 -12.39 24.25 27.23
C HIS M 99 -13.47 23.73 28.18
N GLY M 100 -14.72 24.11 27.88
CA GLY M 100 -15.84 23.75 28.72
C GLY M 100 -16.16 22.27 28.71
N ALA M 101 -17.08 21.90 29.61
CA ALA M 101 -17.60 20.54 29.64
C ALA M 101 -18.24 20.19 28.30
N ARG M 102 -17.78 19.09 27.69
CA ARG M 102 -18.21 18.73 26.35
C ARG M 102 -19.57 18.04 26.37
N ASP M 103 -20.36 18.31 25.33
CA ASP M 103 -21.71 17.77 25.21
C ASP M 103 -21.65 16.28 24.88
N VAL M 104 -22.81 15.64 24.94
CA VAL M 104 -22.89 14.20 24.86
C VAL M 104 -22.51 13.59 23.52
N SER M 105 -22.51 14.37 22.44
CA SER M 105 -22.31 13.78 21.11
C SER M 105 -21.07 12.89 21.10
N THR M 106 -21.27 11.62 20.73
CA THR M 106 -20.19 10.65 20.65
C THR M 106 -20.18 9.97 19.28
N PRO N 16 46.02 -12.81 -59.38
CA PRO N 16 46.95 -12.04 -58.56
C PRO N 16 46.34 -10.75 -58.04
N ILE N 17 46.65 -10.39 -56.80
CA ILE N 17 46.00 -9.30 -56.10
C ILE N 17 47.03 -8.24 -55.75
N ILE N 18 46.71 -6.98 -56.02
CA ILE N 18 47.54 -5.84 -55.64
C ILE N 18 46.73 -4.94 -54.72
N ARG N 19 47.44 -4.20 -53.87
CA ARG N 19 46.83 -3.34 -52.86
C ARG N 19 47.34 -1.92 -53.02
N SER N 20 46.53 -0.97 -52.60
CA SER N 20 46.93 0.43 -52.66
C SER N 20 47.76 0.79 -51.42
N PRO N 21 48.65 1.77 -51.54
CA PRO N 21 49.35 2.26 -50.33
C PRO N 21 48.40 2.59 -49.19
N ALA N 22 47.21 3.11 -49.48
CA ALA N 22 46.23 3.34 -48.44
C ALA N 22 45.81 2.02 -47.80
N ALA N 23 45.65 0.98 -48.62
CA ALA N 23 45.18 -0.30 -48.10
C ALA N 23 46.16 -0.92 -47.11
N GLU N 24 47.46 -0.89 -47.39
CA GLU N 24 48.41 -1.37 -46.39
C GLU N 24 48.36 -0.49 -45.14
N GLY N 25 48.19 0.82 -45.34
CA GLY N 25 48.19 1.71 -44.20
C GLY N 25 47.15 1.32 -43.18
N ASP N 26 45.97 0.88 -43.64
CA ASP N 26 44.93 0.41 -42.74
C ASP N 26 45.38 -0.82 -41.95
N LEU N 27 45.89 -1.83 -42.65
CA LEU N 27 46.21 -3.09 -41.99
C LEU N 27 47.29 -2.88 -40.92
N VAL N 28 48.27 -2.03 -41.18
CA VAL N 28 49.23 -1.73 -40.12
C VAL N 28 48.55 -0.91 -39.04
N ASP N 29 47.76 0.09 -39.44
CA ASP N 29 47.00 0.87 -38.46
C ASP N 29 46.10 -0.03 -37.64
N ILE N 30 45.33 -0.89 -38.31
CA ILE N 30 44.48 -1.84 -37.59
C ILE N 30 45.33 -2.70 -36.68
N TRP N 31 46.44 -3.22 -37.21
CA TRP N 31 47.29 -4.11 -36.42
C TRP N 31 47.84 -3.40 -35.19
N LEU N 32 48.41 -2.22 -35.38
CA LEU N 32 48.97 -1.48 -34.25
C LEU N 32 47.90 -1.20 -33.21
N ALA N 33 46.69 -0.83 -33.65
CA ALA N 33 45.61 -0.57 -32.72
C ALA N 33 45.41 -1.75 -31.77
N ILE N 34 45.32 -2.96 -32.34
CA ILE N 34 45.14 -4.16 -31.53
C ILE N 34 46.40 -4.46 -30.72
N ALA N 35 47.57 -4.09 -31.24
CA ALA N 35 48.82 -4.47 -30.60
C ALA N 35 48.92 -3.81 -29.23
N ASN N 36 48.17 -2.73 -29.03
CA ASN N 36 48.12 -2.12 -27.71
C ASN N 36 47.70 -3.14 -26.67
N ASP N 37 46.62 -3.87 -26.95
CA ASP N 37 46.20 -4.93 -26.05
C ASP N 37 47.14 -6.13 -26.07
N SER N 38 47.27 -6.77 -27.25
CA SER N 38 48.07 -7.96 -27.49
C SER N 38 48.58 -8.12 -28.91
N PRO N 39 49.90 -8.11 -29.12
CA PRO N 39 50.39 -8.40 -30.48
C PRO N 39 49.95 -9.77 -30.96
N ARG N 40 49.89 -10.80 -30.11
CA ARG N 40 49.35 -12.08 -30.53
C ARG N 40 47.90 -11.93 -31.00
N ALA N 41 47.06 -11.31 -30.19
CA ALA N 41 45.70 -11.14 -30.66
C ALA N 41 45.64 -10.33 -31.96
N ALA N 42 46.51 -9.33 -32.11
CA ALA N 42 46.48 -8.54 -33.34
C ALA N 42 46.87 -9.35 -34.57
N ASP N 43 47.91 -10.20 -34.45
CA ASP N 43 48.36 -11.05 -35.56
C ASP N 43 47.24 -11.99 -36.04
N HIS N 44 46.48 -12.56 -35.10
CA HIS N 44 45.40 -13.49 -35.46
C HIS N 44 44.47 -12.82 -36.45
N PHE N 45 44.16 -11.55 -36.21
CA PHE N 45 43.10 -10.88 -36.93
C PHE N 45 43.43 -10.77 -38.39
N LEU N 46 44.63 -10.26 -38.65
CA LEU N 46 45.08 -10.10 -40.02
C LEU N 46 45.13 -11.42 -40.73
N ASP N 47 45.61 -12.47 -40.06
CA ASP N 47 45.56 -13.79 -40.66
C ASP N 47 44.17 -14.08 -41.16
N ALA N 48 43.15 -13.76 -40.36
CA ALA N 48 41.78 -13.92 -40.81
C ALA N 48 41.52 -13.03 -42.02
N ILE N 49 42.08 -11.83 -42.04
CA ILE N 49 41.89 -10.95 -43.19
C ILE N 49 42.49 -11.57 -44.44
N ALA N 50 43.73 -12.05 -44.35
CA ALA N 50 44.39 -12.67 -45.49
C ALA N 50 43.58 -13.84 -45.99
N GLU N 51 43.20 -14.73 -45.09
CA GLU N 51 42.45 -15.91 -45.44
C GLU N 51 41.34 -15.58 -46.43
N ARG N 52 40.67 -14.44 -46.20
CA ARG N 52 39.54 -13.92 -46.97
C ARG N 52 40.00 -13.18 -48.25
N ILE N 53 41.14 -12.51 -48.25
CA ILE N 53 41.61 -11.84 -49.47
C ILE N 53 41.94 -12.85 -50.57
N LEU N 54 42.61 -13.95 -50.21
CA LEU N 54 43.03 -14.94 -51.21
C LEU N 54 41.87 -15.75 -51.75
N GLN N 55 40.77 -15.81 -50.99
CA GLN N 55 39.58 -16.48 -51.49
C GLN N 55 39.01 -15.78 -52.71
N LEU N 56 39.31 -14.50 -52.90
CA LEU N 56 38.80 -13.85 -54.10
C LEU N 56 39.48 -14.37 -55.36
N ALA N 57 40.71 -14.89 -55.26
CA ALA N 57 41.37 -15.46 -56.42
C ALA N 57 40.56 -16.60 -57.00
N ALA N 58 39.79 -17.29 -56.16
CA ALA N 58 38.91 -18.37 -56.57
C ALA N 58 37.46 -17.93 -56.75
N PHE N 59 37.02 -16.92 -56.02
CA PHE N 59 35.63 -16.45 -56.06
C PHE N 59 35.61 -14.94 -56.21
N PRO N 60 35.81 -14.43 -57.42
CA PRO N 60 35.97 -12.97 -57.59
C PRO N 60 34.77 -12.15 -57.14
N GLU N 61 33.58 -12.74 -57.07
CA GLU N 61 32.36 -12.01 -56.76
C GLU N 61 31.83 -12.30 -55.36
N SER N 62 32.72 -12.61 -54.42
CA SER N 62 32.27 -12.93 -53.06
C SER N 62 31.56 -11.74 -52.43
N GLY N 63 32.03 -10.53 -52.70
CA GLY N 63 31.44 -9.33 -52.16
C GLY N 63 30.41 -8.71 -53.09
N PRO N 64 29.20 -8.45 -52.59
CA PRO N 64 28.20 -7.79 -53.43
C PRO N 64 28.67 -6.42 -53.88
N ARG N 65 28.32 -6.06 -55.11
CA ARG N 65 28.63 -4.72 -55.58
C ARG N 65 28.03 -3.68 -54.64
N ARG N 66 28.80 -2.62 -54.39
CA ARG N 66 28.42 -1.56 -53.46
C ARG N 66 28.43 -0.21 -54.18
N PRO N 67 27.40 0.10 -54.94
CA PRO N 67 27.36 1.40 -55.63
C PRO N 67 27.36 2.58 -54.69
N ASP N 68 26.83 2.43 -53.47
CA ASP N 68 26.79 3.55 -52.53
C ASP N 68 28.19 4.03 -52.14
N ILE N 69 29.20 3.18 -52.26
CA ILE N 69 30.58 3.56 -51.94
C ILE N 69 31.34 4.02 -53.18
N GLY N 70 31.27 3.24 -54.26
CA GLY N 70 31.99 3.57 -55.48
C GLY N 70 31.32 2.93 -56.66
N ALA N 71 31.61 3.47 -57.84
CA ALA N 71 30.93 3.03 -59.06
C ALA N 71 31.01 1.52 -59.24
N ASP N 72 32.23 0.99 -59.31
CA ASP N 72 32.48 -0.43 -59.45
C ASP N 72 33.16 -1.01 -58.21
N ALA N 73 32.84 -0.46 -57.04
CA ALA N 73 33.40 -0.95 -55.79
C ALA N 73 32.66 -2.20 -55.33
N ARG N 74 33.41 -3.08 -54.67
CA ARG N 74 32.85 -4.26 -54.03
C ARG N 74 33.31 -4.28 -52.58
N ALA N 75 32.57 -4.99 -51.75
CA ALA N 75 32.84 -5.01 -50.33
C ALA N 75 32.78 -6.44 -49.80
N LEU N 76 33.84 -6.84 -49.12
CA LEU N 76 33.93 -8.16 -48.50
C LEU N 76 33.94 -7.93 -47.00
N THR N 77 32.94 -8.48 -46.31
CA THR N 77 32.74 -8.23 -44.89
C THR N 77 33.26 -9.40 -44.06
N ILE N 78 34.20 -9.12 -43.17
CA ILE N 78 34.63 -10.06 -42.14
C ILE N 78 34.64 -9.29 -40.83
N GLY N 79 33.91 -9.78 -39.83
CA GLY N 79 33.72 -9.05 -38.60
C GLY N 79 33.01 -7.75 -38.89
N ASN N 80 33.45 -6.67 -38.26
CA ASN N 80 32.84 -5.38 -38.51
C ASN N 80 33.64 -4.52 -39.49
N TYR N 81 34.64 -5.09 -40.17
CA TYR N 81 35.47 -4.37 -41.13
C TYR N 81 35.19 -4.84 -42.55
N LEU N 82 35.49 -3.95 -43.51
CA LEU N 82 35.13 -4.13 -44.92
C LEU N 82 36.40 -4.14 -45.75
N ILE N 83 36.40 -5.03 -46.72
CA ILE N 83 37.44 -5.15 -47.72
C ILE N 83 36.84 -4.56 -48.96
N LEU N 84 37.11 -3.28 -49.17
CA LEU N 84 36.66 -2.56 -50.35
C LEU N 84 37.61 -2.90 -51.47
N TYR N 85 37.08 -3.48 -52.54
CA TYR N 85 37.90 -3.88 -53.67
C TYR N 85 37.14 -3.72 -54.97
N ARG N 86 37.90 -3.81 -56.06
CA ARG N 86 37.40 -3.65 -57.42
C ARG N 86 38.00 -4.73 -58.29
N LEU N 87 37.34 -5.01 -59.41
CA LEU N 87 37.81 -5.98 -60.37
C LEU N 87 38.33 -5.23 -61.60
N ALA N 88 39.60 -5.47 -61.93
CA ALA N 88 40.26 -4.94 -63.11
C ALA N 88 40.62 -6.15 -63.97
N GLU N 89 41.12 -5.87 -65.17
CA GLU N 89 41.40 -6.97 -66.07
C GLU N 89 42.50 -7.86 -65.49
N GLY N 90 42.17 -9.09 -65.13
CA GLY N 90 43.19 -10.06 -64.78
C GLY N 90 43.79 -9.94 -63.40
N TRP N 91 43.38 -8.96 -62.60
CA TRP N 91 43.89 -8.85 -61.24
C TRP N 91 42.85 -8.15 -60.39
N ILE N 92 42.95 -8.38 -59.08
CA ILE N 92 42.02 -7.83 -58.09
C ILE N 92 42.76 -6.72 -57.37
N GLU N 93 42.10 -5.57 -57.22
CA GLU N 93 42.70 -4.39 -56.63
C GLU N 93 42.05 -4.13 -55.28
N ILE N 94 42.82 -4.34 -54.21
CA ILE N 94 42.37 -4.06 -52.85
C ILE N 94 42.60 -2.58 -52.57
N VAL N 95 41.52 -1.82 -52.48
CA VAL N 95 41.64 -0.36 -52.40
C VAL N 95 41.80 0.09 -50.96
N ARG N 96 40.95 -0.37 -50.06
CA ARG N 96 41.02 0.09 -48.68
C ARG N 96 40.42 -0.97 -47.79
N ILE N 97 40.74 -0.89 -46.50
CA ILE N 97 40.17 -1.79 -45.52
C ILE N 97 39.68 -0.96 -44.36
N VAL N 98 38.42 -0.60 -44.36
CA VAL N 98 38.00 0.34 -43.33
C VAL N 98 36.82 -0.22 -42.53
N HIS N 99 36.63 0.35 -41.33
CA HIS N 99 35.52 -0.05 -40.45
C HIS N 99 34.15 0.26 -41.08
N GLY N 100 33.19 -0.60 -40.80
CA GLY N 100 31.88 -0.51 -41.42
C GLY N 100 31.00 0.65 -41.02
N ALA N 101 29.89 0.77 -41.77
CA ALA N 101 28.82 1.66 -41.37
C ALA N 101 28.43 1.29 -39.94
N ARG N 102 28.53 2.25 -39.04
CA ARG N 102 28.34 1.99 -37.62
C ARG N 102 26.85 1.93 -37.31
N ASP N 103 26.52 1.10 -36.33
CA ASP N 103 25.12 0.90 -36.01
C ASP N 103 24.52 2.13 -35.34
N VAL N 104 23.18 2.16 -35.34
CA VAL N 104 22.45 3.29 -34.78
C VAL N 104 22.58 3.32 -33.27
N SER N 105 23.00 2.22 -32.66
CA SER N 105 23.06 2.11 -31.22
C SER N 105 23.80 3.30 -30.63
N THR N 106 23.14 4.00 -29.71
CA THR N 106 23.74 5.13 -29.04
C THR N 106 23.61 4.94 -27.52
N PRO O 16 -27.46 -33.07 27.60
CA PRO O 16 -27.13 -33.50 26.24
C PRO O 16 -25.64 -33.39 25.95
N ILE O 17 -24.90 -34.48 26.13
CA ILE O 17 -23.44 -34.48 26.01
C ILE O 17 -23.03 -35.57 25.03
N ILE O 18 -22.28 -35.17 24.01
CA ILE O 18 -21.67 -36.10 23.06
C ILE O 18 -20.17 -35.81 23.01
N ARG O 19 -19.39 -36.84 22.67
CA ARG O 19 -17.94 -36.76 22.68
C ARG O 19 -17.38 -37.14 21.33
N SER O 20 -16.17 -36.64 21.04
CA SER O 20 -15.53 -36.95 19.77
C SER O 20 -14.80 -38.29 19.82
N PRO O 21 -14.71 -38.98 18.68
CA PRO O 21 -13.84 -40.17 18.64
C PRO O 21 -12.43 -39.88 19.12
N ALA O 22 -11.89 -38.70 18.78
CA ALA O 22 -10.59 -38.30 19.30
C ALA O 22 -10.63 -38.14 20.81
N ALA O 23 -11.72 -37.56 21.34
CA ALA O 23 -11.81 -37.32 22.78
C ALA O 23 -11.78 -38.63 23.55
N GLU O 24 -12.47 -39.64 23.05
CA GLU O 24 -12.40 -40.95 23.69
C GLU O 24 -10.97 -41.46 23.67
N GLY O 25 -10.28 -41.27 22.55
CA GLY O 25 -8.89 -41.69 22.46
C GLY O 25 -8.03 -41.02 23.51
N ASP O 26 -8.29 -39.74 23.78
CA ASP O 26 -7.56 -39.05 24.84
C ASP O 26 -7.82 -39.74 26.18
N LEU O 27 -9.08 -40.00 26.50
CA LEU O 27 -9.42 -40.54 27.81
C LEU O 27 -8.84 -41.94 27.99
N VAL O 28 -8.84 -42.75 26.94
CA VAL O 28 -8.23 -44.07 27.04
C VAL O 28 -6.71 -43.92 27.16
N ASP O 29 -6.12 -43.01 26.38
CA ASP O 29 -4.69 -42.75 26.49
C ASP O 29 -4.33 -42.32 27.90
N ILE O 30 -5.08 -41.36 28.45
CA ILE O 30 -4.84 -40.90 29.82
C ILE O 30 -4.90 -42.07 30.79
N TRP O 31 -5.94 -42.89 30.66
CA TRP O 31 -6.12 -44.01 31.58
C TRP O 31 -4.91 -44.94 31.53
N LEU O 32 -4.50 -45.33 30.33
CA LEU O 32 -3.35 -46.23 30.18
C LEU O 32 -2.09 -45.62 30.78
N ALA O 33 -1.86 -44.33 30.53
CA ALA O 33 -0.67 -43.68 31.09
C ALA O 33 -0.61 -43.88 32.59
N ILE O 34 -1.71 -43.59 33.28
CA ILE O 34 -1.77 -43.77 34.72
C ILE O 34 -1.76 -45.24 35.09
N ALA O 35 -2.33 -46.10 34.23
CA ALA O 35 -2.50 -47.50 34.59
C ALA O 35 -1.17 -48.20 34.75
N ASN O 36 -0.15 -47.67 34.10
CA ASN O 36 1.20 -48.20 34.28
C ASN O 36 1.56 -48.21 35.74
N ASP O 37 1.30 -47.10 36.45
CA ASP O 37 1.50 -47.06 37.88
C ASP O 37 0.44 -47.89 38.60
N SER O 38 -0.83 -47.52 38.41
CA SER O 38 -1.92 -48.19 39.11
C SER O 38 -3.23 -48.11 38.35
N PRO O 39 -3.78 -49.26 37.91
CA PRO O 39 -5.11 -49.22 37.29
C PRO O 39 -6.16 -48.59 38.19
N ARG O 40 -6.03 -48.78 39.51
CA ARG O 40 -6.95 -48.16 40.45
C ARG O 40 -6.95 -46.64 40.33
N ALA O 41 -5.78 -46.01 40.41
CA ALA O 41 -5.72 -44.56 40.34
C ALA O 41 -6.25 -44.02 39.02
N ALA O 42 -6.05 -44.76 37.93
CA ALA O 42 -6.48 -44.28 36.63
C ALA O 42 -7.99 -44.05 36.59
N ASP O 43 -8.75 -44.95 37.21
CA ASP O 43 -10.19 -44.81 37.22
C ASP O 43 -10.61 -43.48 37.82
N HIS O 44 -9.94 -43.06 38.91
CA HIS O 44 -10.34 -41.85 39.62
C HIS O 44 -10.19 -40.61 38.76
N PHE O 45 -9.13 -40.53 37.95
CA PHE O 45 -8.94 -39.35 37.13
C PHE O 45 -10.10 -39.21 36.16
N LEU O 46 -10.42 -40.30 35.45
CA LEU O 46 -11.54 -40.29 34.53
C LEU O 46 -12.85 -40.06 35.28
N ASP O 47 -13.03 -40.74 36.41
CA ASP O 47 -14.19 -40.44 37.25
C ASP O 47 -14.25 -38.94 37.52
N ALA O 48 -13.11 -38.34 37.84
CA ALA O 48 -13.05 -36.90 38.04
C ALA O 48 -13.34 -36.15 36.75
N ILE O 49 -12.80 -36.64 35.63
CA ILE O 49 -13.05 -35.97 34.35
C ILE O 49 -14.55 -35.97 34.05
N ALA O 50 -15.19 -37.12 34.24
CA ALA O 50 -16.63 -37.19 34.00
C ALA O 50 -17.38 -36.22 34.91
N GLU O 51 -17.21 -36.37 36.23
CA GLU O 51 -17.92 -35.51 37.18
C GLU O 51 -17.88 -34.05 36.71
N ARG O 52 -16.76 -33.63 36.12
CA ARG O 52 -16.71 -32.23 35.70
C ARG O 52 -17.35 -32.00 34.35
N ILE O 53 -17.22 -32.96 33.44
CA ILE O 53 -17.89 -32.81 32.16
C ILE O 53 -19.39 -32.82 32.41
N LEU O 54 -19.84 -33.64 33.37
CA LEU O 54 -21.26 -33.72 33.70
C LEU O 54 -21.75 -32.44 34.35
N GLN O 55 -20.83 -31.65 34.91
CA GLN O 55 -21.14 -30.34 35.45
C GLN O 55 -21.64 -29.38 34.40
N LEU O 56 -21.29 -29.60 33.14
CA LEU O 56 -21.70 -28.69 32.08
C LEU O 56 -23.18 -28.80 31.75
N ALA O 57 -23.80 -29.95 31.99
CA ALA O 57 -25.23 -30.07 31.69
C ALA O 57 -26.03 -29.02 32.45
N ALA O 58 -25.57 -28.61 33.63
CA ALA O 58 -26.25 -27.58 34.41
C ALA O 58 -25.63 -26.20 34.28
N PHE O 59 -24.33 -26.13 34.02
CA PHE O 59 -23.60 -24.87 33.94
C PHE O 59 -22.83 -24.92 32.62
N PRO O 60 -23.53 -24.71 31.48
CA PRO O 60 -22.88 -24.93 30.18
C PRO O 60 -21.69 -24.03 29.91
N GLU O 61 -21.56 -22.90 30.59
CA GLU O 61 -20.52 -21.92 30.29
C GLU O 61 -19.40 -21.92 31.33
N SER O 62 -19.15 -23.06 31.97
CA SER O 62 -18.12 -23.10 33.00
C SER O 62 -16.73 -22.79 32.46
N GLY O 63 -16.44 -23.22 31.23
CA GLY O 63 -15.14 -23.00 30.65
C GLY O 63 -15.05 -21.72 29.86
N PRO O 64 -14.07 -20.86 30.17
CA PRO O 64 -13.93 -19.62 29.39
C PRO O 64 -13.64 -19.93 27.93
N ARG O 65 -14.22 -19.12 27.04
CA ARG O 65 -13.96 -19.28 25.63
C ARG O 65 -12.46 -19.12 25.38
N ARG O 66 -11.92 -19.93 24.48
CA ARG O 66 -10.48 -19.90 24.17
C ARG O 66 -10.30 -19.60 22.69
N PRO O 67 -10.39 -18.32 22.28
CA PRO O 67 -10.21 -18.01 20.86
C PRO O 67 -8.84 -18.41 20.34
N ASP O 68 -7.83 -18.45 21.20
CA ASP O 68 -6.50 -18.86 20.76
C ASP O 68 -6.45 -20.30 20.31
N ILE O 69 -7.37 -21.14 20.78
CA ILE O 69 -7.42 -22.54 20.39
C ILE O 69 -8.34 -22.76 19.20
N GLY O 70 -9.55 -22.23 19.29
CA GLY O 70 -10.52 -22.40 18.23
C GLY O 70 -11.54 -21.29 18.26
N ALA O 71 -12.21 -21.10 17.12
CA ALA O 71 -13.12 -19.98 16.98
C ALA O 71 -14.16 -19.97 18.09
N ASP O 72 -14.91 -21.06 18.23
CA ASP O 72 -15.94 -21.16 19.27
C ASP O 72 -15.59 -22.22 20.31
N ALA O 73 -14.30 -22.43 20.56
CA ALA O 73 -13.87 -23.42 21.53
C ALA O 73 -13.97 -22.88 22.96
N ARG O 74 -14.24 -23.78 23.88
CA ARG O 74 -14.23 -23.50 25.31
C ARG O 74 -13.30 -24.50 25.99
N ALA O 75 -12.80 -24.14 27.15
CA ALA O 75 -11.84 -24.99 27.85
C ALA O 75 -12.21 -25.07 29.32
N LEU O 76 -12.34 -26.30 29.81
CA LEU O 76 -12.58 -26.57 31.21
C LEU O 76 -11.31 -27.22 31.75
N THR O 77 -10.76 -26.64 32.81
CA THR O 77 -9.48 -27.07 33.35
C THR O 77 -9.74 -28.00 34.53
N ILE O 78 -9.19 -29.21 34.45
CA ILE O 78 -9.14 -30.12 35.58
C ILE O 78 -7.73 -30.67 35.69
N GLY O 79 -7.11 -30.47 36.84
CA GLY O 79 -5.71 -30.80 36.97
C GLY O 79 -4.89 -30.00 35.99
N ASN O 80 -3.97 -30.67 35.30
CA ASN O 80 -3.11 -30.06 34.30
C ASN O 80 -3.62 -30.27 32.88
N TYR O 81 -4.83 -30.80 32.73
CA TYR O 81 -5.38 -31.08 31.42
C TYR O 81 -6.57 -30.17 31.15
N LEU O 82 -6.89 -30.02 29.87
CA LEU O 82 -7.96 -29.14 29.42
C LEU O 82 -9.05 -29.97 28.78
N ILE O 83 -10.30 -29.64 29.10
CA ILE O 83 -11.46 -30.26 28.48
C ILE O 83 -11.94 -29.24 27.44
N LEU O 84 -11.47 -29.43 26.22
CA LEU O 84 -11.81 -28.52 25.13
C LEU O 84 -13.19 -28.90 24.61
N TYR O 85 -14.13 -27.97 24.67
CA TYR O 85 -15.48 -28.28 24.25
C TYR O 85 -16.12 -27.08 23.55
N ARG O 86 -17.26 -27.36 22.93
CA ARG O 86 -18.02 -26.40 22.14
C ARG O 86 -19.49 -26.53 22.48
N LEU O 87 -20.21 -25.43 22.32
CA LEU O 87 -21.64 -25.39 22.59
C LEU O 87 -22.35 -25.33 21.24
N ALA O 88 -23.17 -26.32 20.97
CA ALA O 88 -23.97 -26.46 19.77
C ALA O 88 -25.44 -26.45 20.17
N GLU O 89 -26.31 -26.48 19.16
CA GLU O 89 -27.74 -26.47 19.43
C GLU O 89 -28.16 -27.67 20.29
N GLY O 90 -28.54 -27.41 21.54
CA GLY O 90 -29.18 -28.41 22.36
C GLY O 90 -28.28 -29.45 22.98
N TRP O 91 -26.98 -29.40 22.71
CA TRP O 91 -26.08 -30.40 23.26
C TRP O 91 -24.68 -29.82 23.39
N ILE O 92 -23.91 -30.43 24.28
CA ILE O 92 -22.54 -30.02 24.58
C ILE O 92 -21.62 -31.01 23.89
N GLU O 93 -20.62 -30.49 23.18
CA GLU O 93 -19.73 -31.31 22.38
C GLU O 93 -18.35 -31.29 23.03
N ILE O 94 -17.96 -32.43 23.61
CA ILE O 94 -16.62 -32.57 24.17
C ILE O 94 -15.69 -32.94 23.03
N VAL O 95 -14.84 -32.00 22.63
CA VAL O 95 -14.02 -32.17 21.43
C VAL O 95 -12.73 -32.90 21.74
N ARG O 96 -12.01 -32.49 22.78
CA ARG O 96 -10.74 -33.13 23.10
C ARG O 96 -10.46 -32.97 24.59
N ILE O 97 -9.52 -33.78 25.08
CA ILE O 97 -9.02 -33.68 26.45
C ILE O 97 -7.50 -33.78 26.39
N VAL O 98 -6.82 -32.64 26.27
CA VAL O 98 -5.38 -32.60 26.06
C VAL O 98 -4.72 -31.86 27.21
N HIS O 99 -3.42 -32.12 27.37
CA HIS O 99 -2.63 -31.42 28.36
C HIS O 99 -2.57 -29.93 28.04
N GLY O 100 -2.63 -29.12 29.07
CA GLY O 100 -2.64 -27.69 28.90
C GLY O 100 -1.31 -27.16 28.40
N ALA O 101 -1.33 -25.87 28.05
CA ALA O 101 -0.12 -25.17 27.67
C ALA O 101 0.91 -25.23 28.78
N ARG O 102 2.11 -25.70 28.46
CA ARG O 102 3.11 -25.96 29.48
C ARG O 102 3.85 -24.69 29.90
N ASP O 103 4.17 -24.62 31.18
CA ASP O 103 4.88 -23.49 31.75
C ASP O 103 6.33 -23.49 31.27
N VAL O 104 6.99 -22.35 31.48
CA VAL O 104 8.32 -22.12 30.95
C VAL O 104 9.39 -23.04 31.55
N SER O 105 9.15 -23.65 32.70
CA SER O 105 10.20 -24.36 33.40
C SER O 105 10.90 -25.33 32.47
N THR O 106 12.21 -25.12 32.32
CA THR O 106 13.06 -25.97 31.50
C THR O 106 14.30 -26.40 32.29
N PRO P 16 -21.50 61.56 34.05
CA PRO P 16 -21.80 62.13 32.73
C PRO P 16 -20.69 61.90 31.70
N ILE P 17 -20.92 62.31 30.46
CA ILE P 17 -19.96 62.15 29.38
C ILE P 17 -20.02 63.42 28.51
N ILE P 18 -18.86 64.01 28.26
CA ILE P 18 -18.74 65.19 27.42
C ILE P 18 -17.67 64.96 26.36
N ARG P 19 -17.81 65.67 25.24
CA ARG P 19 -17.00 65.46 24.04
C ARG P 19 -16.47 66.80 23.55
N SER P 20 -15.30 66.75 22.84
CA SER P 20 -14.63 67.93 22.32
C SER P 20 -15.18 68.33 20.95
N PRO P 21 -15.12 69.62 20.60
CA PRO P 21 -15.46 70.01 19.21
C PRO P 21 -14.71 69.21 18.15
N ALA P 22 -13.43 68.92 18.39
CA ALA P 22 -12.67 68.07 17.49
C ALA P 22 -13.25 66.66 17.47
N ALA P 23 -13.68 66.17 18.64
CA ALA P 23 -14.16 64.79 18.72
C ALA P 23 -15.42 64.60 17.88
N GLU P 24 -16.38 65.52 17.95
CA GLU P 24 -17.51 65.40 17.05
C GLU P 24 -17.07 65.54 15.60
N GLY P 25 -16.14 66.46 15.34
CA GLY P 25 -15.68 66.66 13.97
C GLY P 25 -15.12 65.38 13.40
N ASP P 26 -14.43 64.60 14.23
CA ASP P 26 -13.96 63.29 13.80
C ASP P 26 -15.12 62.37 13.43
N LEU P 27 -16.08 62.22 14.33
CA LEU P 27 -17.12 61.21 14.14
C LEU P 27 -17.93 61.46 12.87
N VAL P 28 -18.21 62.71 12.55
CA VAL P 28 -18.93 62.97 11.30
C VAL P 28 -18.05 62.66 10.11
N ASP P 29 -16.76 63.04 10.19
CA ASP P 29 -15.83 62.69 9.13
C ASP P 29 -15.81 61.18 8.92
N ILE P 30 -15.72 60.42 10.01
CA ILE P 30 -15.83 58.97 9.93
C ILE P 30 -17.15 58.58 9.28
N TRP P 31 -18.25 59.21 9.71
CA TRP P 31 -19.54 58.84 9.15
C TRP P 31 -19.57 59.06 7.64
N LEU P 32 -19.14 60.24 7.20
CA LEU P 32 -19.14 60.54 5.78
C LEU P 32 -18.28 59.56 5.01
N ALA P 33 -17.11 59.21 5.54
CA ALA P 33 -16.27 58.23 4.87
C ALA P 33 -17.05 56.95 4.59
N ILE P 34 -17.67 56.38 5.62
CA ILE P 34 -18.44 55.15 5.41
C ILE P 34 -19.69 55.43 4.60
N ALA P 35 -20.29 56.62 4.76
CA ALA P 35 -21.56 56.90 4.09
C ALA P 35 -21.42 56.88 2.57
N ASN P 36 -20.22 57.12 2.05
CA ASN P 36 -19.99 56.99 0.61
C ASN P 36 -20.43 55.63 0.12
N ASP P 37 -20.04 54.57 0.83
CA ASP P 37 -20.50 53.23 0.48
C ASP P 37 -21.98 53.06 0.81
N SER P 38 -22.34 53.22 2.07
CA SER P 38 -23.71 53.02 2.51
C SER P 38 -24.01 53.88 3.74
N PRO P 39 -24.95 54.83 3.65
CA PRO P 39 -25.31 55.57 4.86
C PRO P 39 -25.77 54.66 5.98
N ARG P 40 -26.47 53.56 5.64
CA ARG P 40 -26.94 52.62 6.65
C ARG P 40 -25.78 51.92 7.36
N ALA P 41 -24.86 51.33 6.60
CA ALA P 41 -23.72 50.67 7.24
C ALA P 41 -22.90 51.66 8.08
N ALA P 42 -22.80 52.90 7.60
CA ALA P 42 -22.08 53.91 8.36
C ALA P 42 -22.82 54.23 9.63
N ASP P 43 -24.16 54.34 9.51
CA ASP P 43 -25.04 54.56 10.66
C ASP P 43 -25.01 53.37 11.63
N HIS P 44 -24.96 52.13 11.09
CA HIS P 44 -24.89 50.95 11.97
C HIS P 44 -23.60 50.95 12.77
N PHE P 45 -22.46 51.26 12.11
CA PHE P 45 -21.14 51.37 12.75
C PHE P 45 -21.15 52.53 13.75
N LEU P 46 -21.83 53.61 13.39
CA LEU P 46 -21.94 54.74 14.30
C LEU P 46 -22.46 54.30 15.65
N ASP P 47 -23.49 53.47 15.65
CA ASP P 47 -23.98 52.95 16.92
C ASP P 47 -22.86 52.37 17.77
N ALA P 48 -21.96 51.59 17.16
CA ALA P 48 -20.97 50.86 17.95
C ALA P 48 -20.00 51.76 18.72
N ILE P 49 -19.58 52.90 18.14
CA ILE P 49 -18.68 53.80 18.86
C ILE P 49 -19.35 54.33 20.12
N ALA P 50 -20.58 54.81 19.99
CA ALA P 50 -21.27 55.34 21.16
C ALA P 50 -21.41 54.25 22.22
N GLU P 51 -21.93 53.09 21.82
CA GLU P 51 -22.13 51.97 22.73
C GLU P 51 -20.89 51.73 23.59
N ARG P 52 -19.71 51.85 22.99
CA ARG P 52 -18.48 51.73 23.78
C ARG P 52 -18.19 53.02 24.54
N ILE P 53 -18.58 54.18 24.01
CA ILE P 53 -18.37 55.43 24.76
C ILE P 53 -19.19 55.43 26.03
N LEU P 54 -20.43 54.93 25.97
CA LEU P 54 -21.26 54.92 27.17
C LEU P 54 -20.81 53.86 28.18
N GLN P 55 -20.13 52.81 27.72
CA GLN P 55 -19.69 51.76 28.63
C GLN P 55 -18.66 52.26 29.64
N LEU P 56 -17.96 53.36 29.35
CA LEU P 56 -17.01 53.89 30.32
C LEU P 56 -17.74 54.34 31.58
N ALA P 57 -19.04 54.62 31.49
CA ALA P 57 -19.81 54.96 32.68
C ALA P 57 -19.71 53.85 33.73
N ALA P 58 -19.50 52.60 33.30
CA ALA P 58 -19.38 51.48 34.24
C ALA P 58 -17.94 51.08 34.51
N PHE P 59 -17.05 51.15 33.52
CA PHE P 59 -15.64 50.82 33.67
C PHE P 59 -14.86 51.96 33.02
N PRO P 60 -14.68 53.08 33.71
CA PRO P 60 -14.15 54.28 33.05
C PRO P 60 -12.76 54.12 32.44
N GLU P 61 -11.95 53.16 32.91
CA GLU P 61 -10.57 53.03 32.46
C GLU P 61 -10.31 51.77 31.62
N SER P 62 -11.25 51.32 30.81
CA SER P 62 -10.97 50.14 30.02
C SER P 62 -9.71 50.33 29.18
N GLY P 63 -9.46 51.55 28.74
CA GLY P 63 -8.29 51.82 27.95
C GLY P 63 -7.07 52.10 28.81
N PRO P 64 -6.02 51.31 28.62
CA PRO P 64 -4.77 51.55 29.36
C PRO P 64 -4.23 52.94 29.04
N ARG P 65 -3.57 53.51 30.03
CA ARG P 65 -2.90 54.79 29.84
C ARG P 65 -1.99 54.70 28.62
N ARG P 66 -2.01 55.76 27.81
CA ARG P 66 -1.23 55.81 26.57
C ARG P 66 -0.35 57.05 26.72
N PRO P 67 0.70 56.96 27.54
CA PRO P 67 1.57 58.13 27.76
C PRO P 67 2.24 58.63 26.49
N ASP P 68 2.46 57.74 25.52
CA ASP P 68 3.07 58.18 24.27
C ASP P 68 2.20 59.20 23.56
N ILE P 69 0.91 59.23 23.86
CA ILE P 69 -0.03 60.17 23.23
C ILE P 69 -0.21 61.42 24.07
N GLY P 70 -0.48 61.26 25.36
CA GLY P 70 -0.70 62.37 26.25
C GLY P 70 -0.39 62.02 27.68
N ALA P 71 -0.14 63.05 28.48
CA ALA P 71 0.27 62.85 29.86
C ALA P 71 -0.72 61.97 30.62
N ASP P 72 -1.98 62.39 30.68
CA ASP P 72 -3.04 61.64 31.34
C ASP P 72 -4.04 61.11 30.31
N ALA P 73 -3.55 60.78 29.11
CA ALA P 73 -4.42 60.30 28.05
C ALA P 73 -4.78 58.83 28.26
N ARG P 74 -6.00 58.48 27.84
CA ARG P 74 -6.47 57.10 27.84
C ARG P 74 -7.02 56.79 26.46
N ALA P 75 -7.02 55.52 26.09
CA ALA P 75 -7.46 55.12 24.75
C ALA P 75 -8.27 53.85 24.80
N LEU P 76 -9.46 53.88 24.21
CA LEU P 76 -10.28 52.68 24.06
C LEU P 76 -10.30 52.31 22.58
N THR P 77 -10.02 51.05 22.28
CA THR P 77 -9.87 50.59 20.90
C THR P 77 -11.17 49.98 20.37
N ILE P 78 -11.65 50.50 19.25
CA ILE P 78 -12.74 49.89 18.49
C ILE P 78 -12.30 49.80 17.03
N GLY P 79 -12.30 48.58 16.49
CA GLY P 79 -11.77 48.40 15.16
C GLY P 79 -10.34 48.87 15.08
N ASN P 80 -10.03 49.63 14.01
CA ASN P 80 -8.71 50.19 13.81
C ASN P 80 -8.63 51.64 14.26
N TYR P 81 -9.65 52.12 14.98
CA TYR P 81 -9.70 53.49 15.47
C TYR P 81 -9.56 53.52 16.99
N LEU P 82 -9.15 54.69 17.50
CA LEU P 82 -8.91 54.90 18.94
C LEU P 82 -9.89 55.92 19.51
N ILE P 83 -10.33 55.64 20.73
CA ILE P 83 -11.13 56.60 21.48
C ILE P 83 -10.19 57.18 22.52
N LEU P 84 -9.57 58.31 22.18
CA LEU P 84 -8.65 58.98 23.09
C LEU P 84 -9.43 59.88 24.05
N TYR P 85 -9.30 59.63 25.36
CA TYR P 85 -10.05 60.42 26.31
C TYR P 85 -9.29 60.66 27.60
N ARG P 86 -9.89 61.48 28.46
CA ARG P 86 -9.35 61.87 29.74
C ARG P 86 -10.40 61.70 30.82
N LEU P 87 -9.93 61.49 32.03
CA LEU P 87 -10.80 61.40 33.20
C LEU P 87 -10.60 62.60 34.08
N ALA P 88 -11.69 63.28 34.39
CA ALA P 88 -11.69 64.43 35.27
C ALA P 88 -12.56 64.12 36.49
N GLU P 89 -12.52 65.03 37.47
CA GLU P 89 -13.32 64.77 38.67
C GLU P 89 -14.81 64.74 38.30
N GLY P 90 -15.39 63.54 38.39
CA GLY P 90 -16.81 63.38 38.25
C GLY P 90 -17.32 63.28 36.83
N TRP P 91 -16.45 63.33 35.83
CA TRP P 91 -16.93 63.19 34.46
C TRP P 91 -15.82 62.71 33.55
N ILE P 92 -16.24 62.16 32.42
CA ILE P 92 -15.35 61.61 31.40
C ILE P 92 -15.33 62.58 30.22
N GLU P 93 -14.12 62.88 29.74
CA GLU P 93 -13.92 63.85 28.67
C GLU P 93 -13.40 63.09 27.45
N ILE P 94 -14.24 62.99 26.43
CA ILE P 94 -13.84 62.34 25.19
C ILE P 94 -13.08 63.36 24.36
N VAL P 95 -11.77 63.17 24.24
CA VAL P 95 -10.92 64.15 23.59
C VAL P 95 -10.85 63.94 22.09
N ARG P 96 -10.64 62.71 21.63
CA ARG P 96 -10.48 62.52 20.20
C ARG P 96 -10.90 61.12 19.76
N ILE P 97 -11.13 60.98 18.46
CA ILE P 97 -11.39 59.69 17.83
C ILE P 97 -10.62 59.62 16.51
N VAL P 98 -9.39 59.11 16.57
CA VAL P 98 -8.54 59.03 15.39
C VAL P 98 -8.23 57.56 15.09
N HIS P 99 -7.91 57.29 13.83
CA HIS P 99 -7.45 55.96 13.43
C HIS P 99 -6.12 55.62 14.07
N GLY P 100 -5.94 54.35 14.39
CA GLY P 100 -4.77 53.90 15.13
C GLY P 100 -3.44 53.99 14.43
N ALA P 101 -2.39 53.77 15.24
CA ALA P 101 -1.06 53.60 14.70
C ALA P 101 -1.11 52.50 13.66
N ARG P 102 -0.66 52.83 12.46
CA ARG P 102 -0.83 51.93 11.32
C ARG P 102 0.18 50.81 11.37
N ASP P 103 -0.25 49.65 10.90
CA ASP P 103 0.58 48.46 10.96
C ASP P 103 1.80 48.62 10.08
N VAL P 104 2.83 47.82 10.36
CA VAL P 104 4.07 47.90 9.58
C VAL P 104 3.85 47.35 8.17
N SER P 105 2.92 46.41 8.02
CA SER P 105 2.69 45.76 6.74
C SER P 105 2.24 46.74 5.66
N THR P 106 2.97 46.76 4.55
CA THR P 106 2.58 47.59 3.42
C THR P 106 1.80 46.73 2.42
N PRO Q 16 -35.43 -27.61 46.93
CA PRO Q 16 -35.35 -28.05 48.33
C PRO Q 16 -35.07 -29.54 48.47
N ILE Q 17 -34.26 -29.91 49.48
CA ILE Q 17 -33.84 -31.29 49.71
C ILE Q 17 -34.51 -31.80 50.97
N ILE Q 18 -35.11 -33.00 50.87
CA ILE Q 18 -35.71 -33.68 52.01
C ILE Q 18 -35.15 -35.09 52.06
N ARG Q 19 -35.09 -35.66 53.27
CA ARG Q 19 -34.50 -36.97 53.49
C ARG Q 19 -35.52 -37.91 54.13
N SER Q 20 -35.34 -39.21 53.89
CA SER Q 20 -36.24 -40.23 54.42
C SER Q 20 -35.85 -40.62 55.85
N PRO Q 21 -36.81 -41.08 56.66
CA PRO Q 21 -36.45 -41.59 57.98
C PRO Q 21 -35.36 -42.64 57.96
N ALA Q 22 -35.38 -43.53 56.96
CA ALA Q 22 -34.33 -44.52 56.83
C ALA Q 22 -32.98 -43.85 56.56
N ALA Q 23 -33.02 -42.78 55.76
CA ALA Q 23 -31.79 -42.10 55.38
C ALA Q 23 -31.11 -41.49 56.61
N GLU Q 24 -31.91 -40.98 57.55
CA GLU Q 24 -31.33 -40.46 58.79
C GLU Q 24 -30.58 -41.54 59.52
N GLY Q 25 -31.14 -42.75 59.56
CA GLY Q 25 -30.51 -43.85 60.22
C GLY Q 25 -29.17 -44.19 59.61
N ASP Q 26 -29.06 -44.07 58.31
CA ASP Q 26 -27.77 -44.36 57.70
C ASP Q 26 -26.72 -43.40 58.23
N LEU Q 27 -26.99 -42.09 58.12
CA LEU Q 27 -25.97 -41.10 58.46
C LEU Q 27 -25.58 -41.20 59.93
N VAL Q 28 -26.54 -41.50 60.80
CA VAL Q 28 -26.18 -41.72 62.19
C VAL Q 28 -25.32 -42.98 62.33
N ASP Q 29 -25.71 -44.07 61.64
CA ASP Q 29 -24.95 -45.31 61.69
C ASP Q 29 -23.54 -45.11 61.15
N ILE Q 30 -23.43 -44.47 59.97
CA ILE Q 30 -22.11 -44.18 59.41
C ILE Q 30 -21.27 -43.38 60.40
N TRP Q 31 -21.84 -42.33 61.00
CA TRP Q 31 -21.04 -41.52 61.93
C TRP Q 31 -20.57 -42.37 63.10
N LEU Q 32 -21.49 -43.13 63.68
CA LEU Q 32 -21.14 -43.97 64.82
C LEU Q 32 -20.06 -44.97 64.45
N ALA Q 33 -20.17 -45.55 63.26
CA ALA Q 33 -19.15 -46.48 62.80
C ALA Q 33 -17.79 -45.80 62.75
N ILE Q 34 -17.72 -44.65 62.09
CA ILE Q 34 -16.45 -43.92 62.01
C ILE Q 34 -16.08 -43.33 63.36
N ALA Q 35 -17.09 -42.93 64.14
CA ALA Q 35 -16.79 -42.28 65.41
C ALA Q 35 -16.06 -43.21 66.40
N ASN Q 36 -16.17 -44.54 66.27
CA ASN Q 36 -15.38 -45.46 67.11
C ASN Q 36 -13.88 -45.13 67.05
N ASP Q 37 -13.35 -44.91 65.84
CA ASP Q 37 -11.97 -44.51 65.69
C ASP Q 37 -11.75 -43.09 66.18
N SER Q 38 -12.44 -42.14 65.58
CA SER Q 38 -12.27 -40.74 65.93
C SER Q 38 -13.57 -39.98 65.69
N PRO Q 39 -14.20 -39.41 66.73
CA PRO Q 39 -15.41 -38.63 66.45
C PRO Q 39 -15.13 -37.52 65.45
N ARG Q 40 -13.92 -36.98 65.52
CA ARG Q 40 -13.47 -35.93 64.62
C ARG Q 40 -13.36 -36.40 63.18
N ALA Q 41 -12.58 -37.45 62.95
CA ALA Q 41 -12.44 -37.94 61.59
C ALA Q 41 -13.84 -38.20 61.04
N ALA Q 42 -14.75 -38.61 61.91
CA ALA Q 42 -16.11 -38.80 61.42
C ALA Q 42 -16.69 -37.46 60.94
N ASP Q 43 -16.51 -36.37 61.73
CA ASP Q 43 -17.11 -35.07 61.32
C ASP Q 43 -16.65 -34.66 59.93
N HIS Q 44 -15.37 -34.86 59.61
CA HIS Q 44 -14.94 -34.51 58.26
C HIS Q 44 -15.72 -35.33 57.24
N PHE Q 45 -15.93 -36.65 57.51
CA PHE Q 45 -16.61 -37.51 56.55
C PHE Q 45 -18.00 -36.95 56.36
N LEU Q 46 -18.65 -36.64 57.49
CA LEU Q 46 -20.00 -36.09 57.53
C LEU Q 46 -20.06 -34.75 56.84
N ASP Q 47 -19.11 -33.89 57.14
CA ASP Q 47 -18.97 -32.66 56.37
C ASP Q 47 -18.89 -32.93 54.87
N ALA Q 48 -18.07 -33.90 54.48
CA ALA Q 48 -17.83 -34.14 53.05
C ALA Q 48 -19.09 -34.57 52.30
N ILE Q 49 -19.92 -35.44 52.89
CA ILE Q 49 -21.22 -35.71 52.25
C ILE Q 49 -21.96 -34.39 52.14
N ALA Q 50 -22.00 -33.61 53.23
CA ALA Q 50 -22.76 -32.37 53.15
C ALA Q 50 -22.39 -31.70 51.85
N GLU Q 51 -21.10 -31.39 51.66
CA GLU Q 51 -20.69 -30.73 50.43
C GLU Q 51 -21.20 -31.46 49.18
N ARG Q 52 -21.16 -32.79 49.15
CA ARG Q 52 -21.64 -33.43 47.94
C ARG Q 52 -23.16 -33.42 47.85
N ILE Q 53 -23.87 -33.57 48.97
CA ILE Q 53 -25.31 -33.45 48.93
C ILE Q 53 -25.73 -32.02 48.66
N LEU Q 54 -24.99 -31.07 49.22
CA LEU Q 54 -25.34 -29.67 49.00
C LEU Q 54 -25.08 -29.31 47.55
N GLN Q 55 -24.22 -30.08 46.86
CA GLN Q 55 -23.95 -29.84 45.45
C GLN Q 55 -25.15 -30.15 44.54
N LEU Q 56 -26.11 -30.96 45.01
CA LEU Q 56 -27.29 -31.31 44.22
C LEU Q 56 -28.15 -30.09 43.91
N ALA Q 57 -28.06 -29.03 44.71
CA ALA Q 57 -28.82 -27.84 44.40
C ALA Q 57 -28.44 -27.28 43.03
N ALA Q 58 -27.21 -27.51 42.57
CA ALA Q 58 -26.75 -27.00 41.29
C ALA Q 58 -26.77 -28.02 40.14
N PHE Q 59 -26.61 -29.33 40.42
CA PHE Q 59 -26.56 -30.38 39.39
C PHE Q 59 -27.56 -31.47 39.70
N PRO Q 60 -28.84 -31.24 39.39
CA PRO Q 60 -29.85 -32.22 39.81
C PRO Q 60 -29.64 -33.61 39.22
N GLU Q 61 -28.98 -33.74 38.06
CA GLU Q 61 -28.87 -35.02 37.37
C GLU Q 61 -27.46 -35.59 37.33
N SER Q 62 -26.62 -35.27 38.30
CA SER Q 62 -25.27 -35.82 38.26
C SER Q 62 -25.31 -37.34 38.37
N GLY Q 63 -26.30 -37.88 39.08
CA GLY Q 63 -26.42 -39.31 39.20
C GLY Q 63 -27.28 -39.98 38.15
N PRO Q 64 -26.68 -40.89 37.38
CA PRO Q 64 -27.47 -41.63 36.39
C PRO Q 64 -28.54 -42.44 37.11
N ARG Q 65 -29.73 -42.49 36.52
CA ARG Q 65 -30.77 -43.35 37.06
C ARG Q 65 -30.19 -44.75 37.13
N ARG Q 66 -30.52 -45.47 38.20
CA ARG Q 66 -30.05 -46.82 38.48
C ARG Q 66 -31.29 -47.72 38.51
N PRO Q 67 -31.79 -48.10 37.33
CA PRO Q 67 -33.01 -48.93 37.29
C PRO Q 67 -32.85 -50.24 38.03
N ASP Q 68 -31.62 -50.75 38.15
CA ASP Q 68 -31.40 -52.00 38.87
C ASP Q 68 -31.78 -51.87 40.34
N ILE Q 69 -31.77 -50.65 40.88
CA ILE Q 69 -32.13 -50.43 42.28
C ILE Q 69 -33.60 -50.06 42.42
N GLY Q 70 -34.06 -49.10 41.63
CA GLY Q 70 -35.44 -48.65 41.73
C GLY Q 70 -35.89 -48.03 40.43
N ALA Q 71 -37.21 -47.99 40.25
CA ALA Q 71 -37.78 -47.52 38.99
C ALA Q 71 -37.24 -46.15 38.61
N ASP Q 72 -37.42 -45.16 39.47
CA ASP Q 72 -36.91 -43.82 39.24
C ASP Q 72 -35.80 -43.45 40.22
N ALA Q 73 -35.03 -44.44 40.65
CA ALA Q 73 -33.93 -44.18 41.55
C ALA Q 73 -32.75 -43.61 40.76
N ARG Q 74 -32.02 -42.71 41.41
CA ARG Q 74 -30.78 -42.17 40.87
C ARG Q 74 -29.71 -42.38 41.93
N ALA Q 75 -28.46 -42.50 41.50
CA ALA Q 75 -27.39 -42.78 42.45
C ALA Q 75 -26.18 -41.91 42.15
N LEU Q 76 -25.76 -41.19 43.18
CA LEU Q 76 -24.53 -40.40 43.19
C LEU Q 76 -23.51 -41.12 44.07
N THR Q 77 -22.33 -41.34 43.51
CA THR Q 77 -21.34 -42.13 44.22
C THR Q 77 -20.40 -41.21 44.99
N ILE Q 78 -20.31 -41.44 46.29
CA ILE Q 78 -19.36 -40.77 47.17
C ILE Q 78 -18.58 -41.83 47.93
N GLY Q 79 -17.27 -41.85 47.75
CA GLY Q 79 -16.48 -42.92 48.33
C GLY Q 79 -17.01 -44.27 47.87
N ASN Q 80 -17.14 -45.19 48.84
CA ASN Q 80 -17.67 -46.52 48.60
C ASN Q 80 -19.13 -46.65 48.99
N TYR Q 81 -19.79 -45.52 49.26
CA TYR Q 81 -21.21 -45.48 49.59
C TYR Q 81 -21.95 -44.79 48.45
N LEU Q 82 -23.25 -45.11 48.34
CA LEU Q 82 -24.12 -44.59 47.30
C LEU Q 82 -25.22 -43.75 47.94
N ILE Q 83 -25.55 -42.63 47.30
CA ILE Q 83 -26.59 -41.72 47.75
C ILE Q 83 -27.81 -41.96 46.87
N LEU Q 84 -28.73 -42.76 47.38
CA LEU Q 84 -29.95 -43.07 46.66
C LEU Q 84 -30.93 -41.90 46.81
N TYR Q 85 -31.30 -41.29 45.70
CA TYR Q 85 -32.22 -40.16 45.72
C TYR Q 85 -33.14 -40.27 44.51
N ARG Q 86 -34.19 -39.48 44.55
CA ARG Q 86 -35.24 -39.46 43.53
C ARG Q 86 -35.54 -38.01 43.22
N LEU Q 87 -35.98 -37.77 41.99
CA LEU Q 87 -36.28 -36.42 41.53
C LEU Q 87 -37.79 -36.29 41.43
N ALA Q 88 -38.34 -35.37 42.19
CA ALA Q 88 -39.76 -35.05 42.16
C ALA Q 88 -39.91 -33.58 41.76
N GLU Q 89 -41.15 -33.19 41.50
CA GLU Q 89 -41.45 -31.83 41.11
C GLU Q 89 -41.15 -30.89 42.27
N GLY Q 90 -40.11 -30.06 42.09
CA GLY Q 90 -39.78 -29.01 43.04
C GLY Q 90 -38.93 -29.40 44.23
N TRP Q 91 -38.58 -30.68 44.39
CA TRP Q 91 -37.72 -31.04 45.50
C TRP Q 91 -37.01 -32.36 45.20
N ILE Q 92 -35.90 -32.56 45.91
CA ILE Q 92 -35.08 -33.76 45.78
C ILE Q 92 -35.30 -34.60 47.03
N GLU Q 93 -35.54 -35.89 46.84
CA GLU Q 93 -35.84 -36.81 47.93
C GLU Q 93 -34.66 -37.77 48.08
N ILE Q 94 -33.92 -37.63 49.17
CA ILE Q 94 -32.81 -38.53 49.49
C ILE Q 94 -33.41 -39.73 50.22
N VAL Q 95 -33.42 -40.89 49.56
CA VAL Q 95 -34.12 -42.07 50.08
C VAL Q 95 -33.23 -42.87 51.03
N ARG Q 96 -32.00 -43.15 50.63
CA ARG Q 96 -31.11 -43.96 51.45
C ARG Q 96 -29.66 -43.61 51.16
N ILE Q 97 -28.78 -44.04 52.06
CA ILE Q 97 -27.33 -43.92 51.87
C ILE Q 97 -26.76 -45.28 52.27
N VAL Q 98 -26.61 -46.17 51.29
CA VAL Q 98 -26.15 -47.53 51.54
C VAL Q 98 -24.79 -47.71 50.86
N HIS Q 99 -24.03 -48.68 51.37
CA HIS Q 99 -22.75 -49.01 50.76
C HIS Q 99 -22.96 -49.56 49.35
N GLY Q 100 -22.05 -49.19 48.45
CA GLY Q 100 -22.17 -49.55 47.06
C GLY Q 100 -21.98 -51.04 46.80
N ALA Q 101 -22.22 -51.42 45.54
CA ALA Q 101 -21.96 -52.79 45.09
C ALA Q 101 -20.53 -53.19 45.37
N ARG Q 102 -20.35 -54.34 46.03
CA ARG Q 102 -19.04 -54.73 46.50
C ARG Q 102 -18.24 -55.43 45.41
N ASP Q 103 -16.96 -55.11 45.37
CA ASP Q 103 -16.05 -55.61 44.35
C ASP Q 103 -15.67 -57.05 44.65
N VAL Q 104 -15.12 -57.71 43.64
CA VAL Q 104 -14.85 -59.13 43.75
C VAL Q 104 -13.76 -59.49 44.76
N SER Q 105 -12.93 -58.55 45.19
CA SER Q 105 -11.80 -58.91 46.02
C SER Q 105 -12.24 -59.74 47.23
N THR Q 106 -11.72 -60.95 47.32
CA THR Q 106 -12.00 -61.85 48.45
C THR Q 106 -10.68 -62.40 49.00
N PRO R 16 8.03 88.28 -79.68
CA PRO R 16 6.62 88.28 -79.24
C PRO R 16 5.93 86.95 -79.52
N ILE R 17 5.23 86.42 -78.52
CA ILE R 17 4.58 85.11 -78.61
C ILE R 17 3.08 85.33 -78.46
N ILE R 18 2.31 84.85 -79.45
CA ILE R 18 0.86 84.87 -79.40
C ILE R 18 0.36 83.44 -79.57
N ARG R 19 -0.85 83.19 -79.05
CA ARG R 19 -1.45 81.86 -79.07
C ARG R 19 -2.85 81.95 -79.65
N SER R 20 -3.29 80.85 -80.21
CA SER R 20 -4.64 80.77 -80.74
C SER R 20 -5.65 80.43 -79.65
N PRO R 21 -6.90 80.85 -79.81
CA PRO R 21 -7.94 80.39 -78.86
C PRO R 21 -7.94 78.88 -78.72
N ALA R 22 -7.71 78.16 -79.81
CA ALA R 22 -7.58 76.71 -79.72
C ALA R 22 -6.35 76.33 -78.90
N ALA R 23 -5.25 77.07 -79.07
CA ALA R 23 -4.04 76.72 -78.34
C ALA R 23 -4.21 76.90 -76.82
N GLU R 24 -4.82 78.01 -76.38
CA GLU R 24 -5.12 78.10 -74.94
C GLU R 24 -6.13 77.05 -74.49
N GLY R 25 -7.15 76.74 -75.31
CA GLY R 25 -8.14 75.78 -74.88
C GLY R 25 -7.52 74.45 -74.50
N ASP R 26 -6.50 74.04 -75.25
CA ASP R 26 -5.80 72.81 -74.89
C ASP R 26 -5.15 72.94 -73.52
N LEU R 27 -4.43 74.04 -73.33
CA LEU R 27 -3.63 74.17 -72.13
C LEU R 27 -4.54 74.10 -70.91
N VAL R 28 -5.75 74.63 -71.03
CA VAL R 28 -6.73 74.51 -69.96
C VAL R 28 -7.17 73.05 -69.81
N ASP R 29 -7.46 72.38 -70.93
CA ASP R 29 -7.81 70.96 -70.85
C ASP R 29 -6.69 70.12 -70.26
N ILE R 30 -5.45 70.32 -70.74
CA ILE R 30 -4.33 69.54 -70.20
C ILE R 30 -4.21 69.73 -68.70
N TRP R 31 -4.28 70.99 -68.24
CA TRP R 31 -4.15 71.26 -66.82
C TRP R 31 -5.23 70.54 -66.02
N LEU R 32 -6.48 70.65 -66.47
CA LEU R 32 -7.58 70.01 -65.76
C LEU R 32 -7.37 68.50 -65.69
N ALA R 33 -6.92 67.89 -66.79
CA ALA R 33 -6.67 66.46 -66.79
C ALA R 33 -5.72 66.07 -65.66
N ILE R 34 -4.59 66.78 -65.54
CA ILE R 34 -3.62 66.48 -64.49
C ILE R 34 -4.18 66.83 -63.13
N ALA R 35 -5.04 67.86 -63.05
CA ALA R 35 -5.52 68.36 -61.77
C ALA R 35 -6.35 67.32 -61.07
N ASN R 36 -6.90 66.38 -61.84
CA ASN R 36 -7.62 65.26 -61.25
C ASN R 36 -6.72 64.56 -60.25
N ASP R 37 -5.49 64.25 -60.66
CA ASP R 37 -4.53 63.67 -59.72
C ASP R 37 -4.08 64.72 -58.70
N SER R 38 -3.49 65.81 -59.19
CA SER R 38 -2.95 66.83 -58.31
C SER R 38 -2.91 68.20 -58.96
N PRO R 39 -3.63 69.20 -58.42
CA PRO R 39 -3.50 70.56 -58.97
C PRO R 39 -2.07 71.04 -58.94
N ARG R 40 -1.30 70.61 -57.93
CA ARG R 40 0.11 70.95 -57.84
C ARG R 40 0.88 70.45 -59.06
N ALA R 41 0.80 69.15 -59.36
CA ALA R 41 1.55 68.59 -60.47
C ALA R 41 1.20 69.24 -61.79
N ALA R 42 -0.06 69.61 -61.96
CA ALA R 42 -0.51 70.17 -63.23
C ALA R 42 0.25 71.45 -63.54
N ASP R 43 0.49 72.28 -62.51
CA ASP R 43 1.20 73.54 -62.71
C ASP R 43 2.58 73.31 -63.29
N HIS R 44 3.27 72.30 -62.77
CA HIS R 44 4.65 72.01 -63.13
C HIS R 44 4.76 71.62 -64.59
N PHE R 45 3.82 70.84 -65.11
CA PHE R 45 3.88 70.47 -66.51
C PHE R 45 3.73 71.71 -67.38
N LEU R 46 2.71 72.54 -67.12
CA LEU R 46 2.53 73.76 -67.88
C LEU R 46 3.75 74.69 -67.76
N ASP R 47 4.28 74.85 -66.55
CA ASP R 47 5.51 75.61 -66.38
C ASP R 47 6.59 75.10 -67.31
N ALA R 48 6.75 73.78 -67.39
CA ALA R 48 7.73 73.19 -68.29
C ALA R 48 7.43 73.51 -69.75
N ILE R 49 6.16 73.48 -70.15
CA ILE R 49 5.84 73.86 -71.52
C ILE R 49 6.25 75.29 -71.80
N ALA R 50 5.95 76.19 -70.85
CA ALA R 50 6.32 77.59 -71.00
C ALA R 50 7.83 77.73 -71.14
N GLU R 51 8.59 77.14 -70.21
CA GLU R 51 10.05 77.21 -70.25
C GLU R 51 10.58 76.97 -71.65
N ARG R 52 9.98 76.02 -72.37
CA ARG R 52 10.41 75.76 -73.74
C ARG R 52 9.80 76.75 -74.73
N ILE R 53 8.55 77.16 -74.52
CA ILE R 53 7.98 78.19 -75.40
C ILE R 53 8.73 79.50 -75.21
N LEU R 54 9.21 79.76 -73.99
CA LEU R 54 9.95 80.99 -73.73
C LEU R 54 11.28 80.98 -74.48
N GLN R 55 11.81 79.80 -74.80
CA GLN R 55 13.05 79.70 -75.57
C GLN R 55 12.90 80.11 -77.02
N LEU R 56 11.68 80.08 -77.57
CA LEU R 56 11.51 80.37 -78.99
C LEU R 56 11.82 81.81 -79.32
N ALA R 57 11.70 82.73 -78.37
CA ALA R 57 12.09 84.11 -78.64
C ALA R 57 13.57 84.21 -79.01
N ALA R 58 14.40 83.30 -78.49
CA ALA R 58 15.83 83.27 -78.77
C ALA R 58 16.21 82.27 -79.84
N PHE R 59 15.44 81.19 -79.96
CA PHE R 59 15.70 80.12 -80.93
C PHE R 59 14.43 79.83 -81.71
N PRO R 60 14.08 80.68 -82.68
CA PRO R 60 12.76 80.55 -83.34
C PRO R 60 12.57 79.24 -84.08
N GLU R 61 13.64 78.56 -84.49
CA GLU R 61 13.55 77.39 -85.36
C GLU R 61 13.86 76.09 -84.60
N SER R 62 13.55 76.06 -83.30
CA SER R 62 13.92 74.90 -82.49
C SER R 62 13.24 73.63 -82.96
N GLY R 63 12.00 73.71 -83.41
CA GLY R 63 11.28 72.55 -83.88
C GLY R 63 11.42 72.35 -85.37
N PRO R 64 11.87 71.18 -85.79
CA PRO R 64 11.97 70.92 -87.23
C PRO R 64 10.60 71.04 -87.88
N ARG R 65 10.61 71.53 -89.11
CA ARG R 65 9.37 71.64 -89.89
C ARG R 65 8.71 70.28 -90.00
N ARG R 66 7.38 70.27 -89.90
CA ARG R 66 6.58 69.06 -89.94
C ARG R 66 5.60 69.22 -91.11
N PRO R 67 6.07 69.02 -92.34
CA PRO R 67 5.16 69.18 -93.49
C PRO R 67 3.99 68.21 -93.46
N ASP R 68 4.16 67.03 -92.85
CA ASP R 68 3.06 66.09 -92.74
C ASP R 68 1.92 66.69 -91.93
N ILE R 69 2.21 67.64 -91.06
CA ILE R 69 1.19 68.31 -90.26
C ILE R 69 0.69 69.58 -90.94
N GLY R 70 1.60 70.42 -91.42
CA GLY R 70 1.22 71.69 -92.02
C GLY R 70 2.28 72.15 -92.98
N ALA R 71 1.85 72.97 -93.95
CA ALA R 71 2.75 73.51 -94.96
C ALA R 71 3.97 74.17 -94.31
N ASP R 72 3.72 75.15 -93.44
CA ASP R 72 4.77 75.84 -92.70
C ASP R 72 4.68 75.57 -91.21
N ALA R 73 4.20 74.39 -90.84
CA ALA R 73 4.07 74.01 -89.44
C ALA R 73 5.40 73.55 -88.87
N ARG R 74 5.60 73.84 -87.58
CA ARG R 74 6.75 73.38 -86.83
C ARG R 74 6.26 72.78 -85.52
N ALA R 75 7.08 71.91 -84.93
CA ALA R 75 6.67 71.18 -83.73
C ALA R 75 7.83 71.06 -82.74
N LEU R 76 7.59 71.47 -81.50
CA LEU R 76 8.54 71.30 -80.40
C LEU R 76 7.99 70.32 -79.40
N THR R 77 8.75 69.28 -79.08
CA THR R 77 8.32 68.20 -78.22
C THR R 77 8.91 68.36 -76.83
N ILE R 78 8.05 68.37 -75.82
CA ILE R 78 8.44 68.21 -74.42
C ILE R 78 7.50 67.15 -73.86
N GLY R 79 8.07 66.07 -73.32
CA GLY R 79 7.26 64.92 -72.94
C GLY R 79 6.64 64.28 -74.17
N ASN R 80 5.37 63.87 -74.07
CA ASN R 80 4.69 63.24 -75.18
C ASN R 80 3.78 64.19 -75.95
N TYR R 81 3.89 65.49 -75.70
CA TYR R 81 3.02 66.47 -76.35
C TYR R 81 3.83 67.32 -77.31
N LEU R 82 3.14 67.94 -78.26
CA LEU R 82 3.76 68.73 -79.30
C LEU R 82 3.35 70.19 -79.14
N ILE R 83 4.29 71.10 -79.36
CA ILE R 83 4.00 72.53 -79.38
C ILE R 83 4.01 72.93 -80.86
N LEU R 84 2.83 72.95 -81.47
CA LEU R 84 2.71 73.33 -82.87
C LEU R 84 2.66 74.84 -82.97
N TYR R 85 3.60 75.42 -83.72
CA TYR R 85 3.68 76.86 -83.88
C TYR R 85 4.11 77.16 -85.31
N ARG R 86 3.98 78.43 -85.68
CA ARG R 86 4.31 78.92 -87.00
C ARG R 86 5.11 80.20 -86.84
N LEU R 87 5.95 80.48 -87.82
CA LEU R 87 6.79 81.66 -87.80
C LEU R 87 6.26 82.65 -88.83
N ALA R 88 5.89 83.84 -88.35
CA ALA R 88 5.50 84.96 -89.18
C ALA R 88 6.50 86.07 -88.94
N GLU R 89 6.40 87.10 -89.77
CA GLU R 89 7.32 88.22 -89.66
C GLU R 89 7.09 88.92 -88.34
N GLY R 90 8.09 88.88 -87.47
CA GLY R 90 8.07 89.65 -86.24
C GLY R 90 7.33 89.03 -85.06
N TRP R 91 6.74 87.86 -85.19
CA TRP R 91 6.09 87.22 -84.05
C TRP R 91 6.00 85.74 -84.33
N ILE R 92 5.86 85.00 -83.24
CA ILE R 92 5.69 83.55 -83.26
C ILE R 92 4.23 83.27 -82.92
N GLU R 93 3.59 82.40 -83.70
CA GLU R 93 2.17 82.07 -83.56
C GLU R 93 2.07 80.62 -83.06
N ILE R 94 1.63 80.46 -81.81
CA ILE R 94 1.42 79.14 -81.19
C ILE R 94 0.03 78.68 -81.63
N VAL R 95 0.01 77.66 -82.49
CA VAL R 95 -1.23 77.20 -83.09
C VAL R 95 -1.95 76.23 -82.17
N ARG R 96 -1.23 75.22 -81.66
CA ARG R 96 -1.86 74.12 -80.94
C ARG R 96 -0.83 73.42 -80.05
N ILE R 97 -1.35 72.65 -79.10
CA ILE R 97 -0.57 71.82 -78.20
C ILE R 97 -1.31 70.50 -78.09
N VAL R 98 -0.97 69.51 -78.92
CA VAL R 98 -1.66 68.23 -78.91
C VAL R 98 -0.67 67.12 -78.57
N HIS R 99 -1.22 65.99 -78.10
CA HIS R 99 -0.41 64.80 -77.87
C HIS R 99 0.12 64.29 -79.21
N GLY R 100 1.37 63.83 -79.19
CA GLY R 100 2.03 63.43 -80.42
C GLY R 100 1.45 62.18 -81.04
N ALA R 101 1.97 61.87 -82.23
CA ALA R 101 1.65 60.61 -82.89
C ALA R 101 1.97 59.47 -81.92
N ARG R 102 0.99 58.64 -81.64
CA ARG R 102 1.14 57.65 -80.57
C ARG R 102 1.98 56.46 -81.01
N ASP R 103 2.43 55.71 -80.00
CA ASP R 103 3.27 54.55 -80.23
C ASP R 103 2.50 53.43 -80.90
N VAL R 104 3.24 52.61 -81.66
CA VAL R 104 2.61 51.49 -82.35
C VAL R 104 2.26 50.41 -81.35
N SER R 105 3.08 50.25 -80.31
CA SER R 105 2.90 49.19 -79.33
C SER R 105 1.54 49.26 -78.66
N THR R 106 0.91 48.10 -78.51
CA THR R 106 -0.37 47.99 -77.82
C THR R 106 -0.23 46.95 -76.70
N ASN S 3 -49.23 -1.67 37.01
CA ASN S 3 -48.07 -1.08 36.36
C ASN S 3 -48.02 -1.48 34.89
N VAL S 4 -47.04 -2.30 34.51
CA VAL S 4 -46.79 -2.63 33.11
C VAL S 4 -46.07 -3.96 32.96
N GLU S 5 -45.70 -4.31 31.73
CA GLU S 5 -45.08 -5.60 31.44
C GLU S 5 -43.60 -5.60 31.85
N LYS S 6 -43.02 -6.80 31.88
CA LYS S 6 -41.68 -7.02 32.40
C LYS S 6 -40.85 -7.80 31.40
N MET S 7 -39.58 -7.39 31.28
CA MET S 7 -38.58 -8.13 30.52
C MET S 7 -37.30 -8.17 31.34
N SER S 8 -36.63 -9.32 31.32
CA SER S 8 -35.45 -9.55 32.15
C SER S 8 -34.18 -9.27 31.35
N VAL S 9 -33.28 -8.49 31.93
CA VAL S 9 -32.10 -8.01 31.24
C VAL S 9 -30.86 -8.39 32.04
N ALA S 10 -29.76 -8.63 31.32
CA ALA S 10 -28.54 -9.18 31.91
C ALA S 10 -27.44 -8.12 31.85
N VAL S 11 -27.07 -7.60 33.00
CA VAL S 11 -26.03 -6.57 33.10
C VAL S 11 -24.66 -7.22 33.09
N THR S 12 -23.70 -6.50 32.54
CA THR S 12 -22.30 -6.89 32.50
C THR S 12 -21.59 -6.54 33.80
N PRO S 13 -20.49 -7.22 34.11
CA PRO S 13 -19.83 -6.98 35.40
C PRO S 13 -19.48 -5.51 35.62
N GLN S 14 -18.87 -4.86 34.63
CA GLN S 14 -18.52 -3.46 34.78
C GLN S 14 -19.74 -2.58 34.94
N GLN S 15 -20.85 -2.93 34.31
CA GLN S 15 -22.05 -2.11 34.42
C GLN S 15 -22.66 -2.24 35.81
N ALA S 16 -22.66 -3.45 36.36
CA ALA S 16 -23.19 -3.65 37.70
C ALA S 16 -22.42 -2.81 38.72
N ALA S 17 -21.11 -2.71 38.56
CA ALA S 17 -20.30 -1.91 39.48
C ALA S 17 -20.71 -0.46 39.46
N VAL S 18 -20.82 0.13 38.27
CA VAL S 18 -21.13 1.56 38.18
C VAL S 18 -22.54 1.84 38.70
N MET S 19 -23.51 0.97 38.37
CA MET S 19 -24.87 1.13 38.88
C MET S 19 -24.86 1.13 40.39
N ARG S 20 -24.05 0.26 40.98
CA ARG S 20 -23.99 0.18 42.42
C ARG S 20 -23.59 1.52 43.05
N GLU S 21 -22.55 2.15 42.53
CA GLU S 21 -22.12 3.44 43.09
C GLU S 21 -23.22 4.49 42.96
N ALA S 22 -23.90 4.53 41.82
CA ALA S 22 -24.96 5.52 41.62
C ALA S 22 -26.08 5.37 42.66
N VAL S 23 -26.53 4.14 42.89
CA VAL S 23 -27.60 3.93 43.88
C VAL S 23 -27.11 4.28 45.27
N GLU S 24 -25.88 3.86 45.60
CA GLU S 24 -25.30 4.17 46.91
C GLU S 24 -25.20 5.67 47.14
N ALA S 25 -24.74 6.42 46.13
CA ALA S 25 -24.62 7.86 46.25
C ALA S 25 -25.98 8.54 46.35
N GLY S 26 -27.06 7.81 46.10
CA GLY S 26 -28.39 8.37 46.13
C GLY S 26 -28.84 8.98 44.81
N GLU S 27 -28.01 8.92 43.77
CA GLU S 27 -28.44 9.42 42.47
C GLU S 27 -29.71 8.71 42.00
N TYR S 28 -29.86 7.44 42.36
CA TYR S 28 -30.99 6.62 41.94
C TYR S 28 -31.42 5.75 43.11
N ALA S 29 -32.71 5.42 43.14
CA ALA S 29 -33.22 4.58 44.23
C ALA S 29 -32.88 3.12 43.99
N THR S 30 -32.83 2.69 42.73
CA THR S 30 -32.63 1.28 42.42
C THR S 30 -31.93 1.15 41.06
N ALA S 31 -31.32 -0.02 40.84
CA ALA S 31 -30.69 -0.27 39.55
C ALA S 31 -31.74 -0.42 38.47
N SER S 32 -32.92 -0.93 38.83
CA SER S 32 -33.98 -1.09 37.83
C SER S 32 -34.47 0.26 37.32
N GLU S 33 -34.47 1.31 38.16
CA GLU S 33 -34.93 2.60 37.70
C GLU S 33 -33.91 3.22 36.76
N ILE S 34 -32.63 2.93 36.99
CA ILE S 34 -31.58 3.45 36.10
C ILE S 34 -31.75 2.86 34.70
N VAL S 35 -32.03 1.57 34.61
CA VAL S 35 -32.28 0.93 33.32
C VAL S 35 -33.50 1.55 32.66
N ARG S 36 -34.56 1.77 33.44
CA ARG S 36 -35.77 2.38 32.90
C ARG S 36 -35.44 3.72 32.26
N GLU S 37 -34.59 4.52 32.90
CA GLU S 37 -34.15 5.76 32.29
C GLU S 37 -33.39 5.51 30.99
N ALA S 38 -32.48 4.53 30.98
CA ALA S 38 -31.67 4.26 29.80
C ALA S 38 -32.53 3.90 28.61
N VAL S 39 -33.52 3.02 28.80
CA VAL S 39 -34.37 2.63 27.68
C VAL S 39 -35.21 3.82 27.21
N ARG S 40 -35.75 4.60 28.15
CA ARG S 40 -36.54 5.76 27.77
C ARG S 40 -35.71 6.75 26.93
N ASP S 41 -34.45 6.99 27.32
CA ASP S 41 -33.63 7.89 26.52
C ASP S 41 -33.45 7.36 25.11
N TRP S 42 -33.18 6.06 24.99
CA TRP S 42 -32.98 5.41 23.70
C TRP S 42 -34.22 5.54 22.82
N LEU S 43 -35.42 5.38 23.40
CA LEU S 43 -36.65 5.49 22.64
C LEU S 43 -36.84 6.91 22.13
N ALA S 44 -36.67 7.89 23.02
CA ALA S 44 -36.70 9.29 22.61
C ALA S 44 -35.82 9.51 21.37
N LYS S 45 -34.56 9.06 21.44
CA LYS S 45 -33.67 9.21 20.31
C LYS S 45 -34.27 8.56 19.05
N ARG S 46 -34.73 7.32 19.18
CA ARG S 46 -35.31 6.62 18.03
C ARG S 46 -36.55 7.34 17.52
N GLU S 47 -37.45 7.71 18.43
CA GLU S 47 -38.65 8.44 18.05
C GLU S 47 -38.30 9.70 17.26
N LEU S 48 -37.35 10.50 17.76
CA LEU S 48 -36.92 11.70 17.04
C LEU S 48 -36.38 11.35 15.67
N ARG S 49 -35.41 10.43 15.61
CA ARG S 49 -34.82 10.11 14.33
C ARG S 49 -35.88 9.64 13.34
N GLU S 50 -36.77 8.75 13.77
CA GLU S 50 -37.82 8.27 12.89
C GLU S 50 -38.69 9.41 12.40
N ALA S 51 -39.06 10.33 13.30
CA ALA S 51 -39.91 11.44 12.92
C ALA S 51 -39.25 12.33 11.88
N GLU S 52 -37.97 12.68 12.10
CA GLU S 52 -37.28 13.56 11.16
C GLU S 52 -37.11 12.90 9.80
N ALA S 53 -36.67 11.64 9.79
CA ALA S 53 -36.53 10.94 8.52
C ALA S 53 -37.87 10.91 7.77
N GLU S 54 -38.96 10.63 8.48
CA GLU S 54 -40.26 10.63 7.84
C GLU S 54 -40.63 12.04 7.37
N ARG S 55 -40.28 13.06 8.15
CA ARG S 55 -40.61 14.43 7.76
C ARG S 55 -40.02 14.74 6.38
N LEU S 56 -38.73 14.44 6.18
CA LEU S 56 -38.06 14.73 4.92
C LEU S 56 -38.66 13.93 3.78
N ARG S 57 -38.95 12.65 4.01
CA ARG S 57 -39.58 11.82 2.99
C ARG S 57 -40.87 12.46 2.50
N LYS S 58 -41.71 12.91 3.43
CA LYS S 58 -42.97 13.52 3.03
C LYS S 58 -42.74 14.88 2.37
N ALA S 59 -41.76 15.66 2.87
CA ALA S 59 -41.49 16.97 2.27
C ALA S 59 -41.16 16.84 0.79
N TRP S 60 -40.39 15.80 0.43
CA TRP S 60 -40.01 15.60 -0.96
C TRP S 60 -41.21 15.33 -1.84
N ILE S 61 -42.05 14.37 -1.46
CA ILE S 61 -43.23 14.09 -2.29
C ILE S 61 -44.14 15.31 -2.29
N GLU S 62 -44.15 16.08 -1.20
CA GLU S 62 -44.97 17.27 -1.12
C GLU S 62 -44.52 18.33 -2.12
N GLY S 63 -43.21 18.49 -2.28
CA GLY S 63 -42.72 19.47 -3.23
C GLY S 63 -43.04 19.08 -4.65
N LEU S 64 -42.91 17.79 -4.94
CA LEU S 64 -43.15 17.29 -6.28
C LEU S 64 -44.62 17.48 -6.70
N GLU S 65 -45.53 17.26 -5.75
CA GLU S 65 -46.97 17.39 -5.96
C GLU S 65 -47.50 18.82 -5.78
N SER S 66 -46.66 19.76 -5.34
CA SER S 66 -47.11 21.12 -5.05
C SER S 66 -47.22 21.92 -6.35
N GLY S 67 -48.05 21.44 -7.26
CA GLY S 67 -48.40 22.20 -8.46
C GLY S 67 -47.26 22.27 -9.46
N PRO S 68 -47.31 23.23 -10.46
CA PRO S 68 -46.27 23.22 -11.52
C PRO S 68 -45.05 24.11 -11.28
N PHE S 69 -43.87 23.70 -11.79
CA PHE S 69 -42.65 24.43 -11.44
C PHE S 69 -42.57 25.70 -12.27
N ALA S 70 -41.79 26.65 -11.77
CA ALA S 70 -41.63 27.96 -12.38
C ALA S 70 -40.15 28.31 -12.33
N PRO S 71 -39.70 29.20 -13.20
CA PRO S 71 -38.30 29.59 -13.19
C PRO S 71 -37.90 30.17 -11.84
N PHE S 72 -36.63 30.01 -11.53
CA PHE S 72 -36.11 30.40 -10.22
C PHE S 72 -35.55 31.80 -10.29
N ASP S 73 -36.18 32.72 -9.56
CA ASP S 73 -35.67 34.07 -9.40
C ASP S 73 -35.72 34.41 -7.93
N ILE S 74 -34.56 34.61 -7.30
CA ILE S 74 -34.58 34.84 -5.86
C ILE S 74 -35.17 36.21 -5.54
N GLU S 75 -34.87 37.21 -6.37
CA GLU S 75 -35.32 38.56 -6.07
C GLU S 75 -36.84 38.65 -6.04
N ASP S 76 -37.53 37.86 -6.87
CA ASP S 76 -38.98 37.80 -6.79
C ASP S 76 -39.42 37.27 -5.44
N ILE S 77 -38.72 36.25 -4.94
CA ILE S 77 -39.06 35.66 -3.65
C ILE S 77 -38.76 36.66 -2.53
N LYS S 78 -37.59 37.31 -2.60
CA LYS S 78 -37.27 38.32 -1.59
C LYS S 78 -38.30 39.44 -1.60
N GLN S 79 -38.73 39.85 -2.80
CA GLN S 79 -39.74 40.90 -2.87
C GLN S 79 -41.09 40.43 -2.38
N LYS S 80 -41.51 39.22 -2.79
CA LYS S 80 -42.80 38.71 -2.39
C LYS S 80 -42.92 38.60 -0.88
N ALA S 81 -41.83 38.20 -0.22
CA ALA S 81 -41.88 38.04 1.23
C ALA S 81 -42.14 39.36 1.93
N ARG S 82 -41.52 40.45 1.45
CA ARG S 82 -41.73 41.75 2.08
C ARG S 82 -43.18 42.17 1.99
N SER S 83 -43.83 41.88 0.86
CA SER S 83 -45.24 42.26 0.71
C SER S 83 -46.10 41.68 1.82
N ARG S 84 -45.77 40.49 2.32
CA ARG S 84 -46.52 39.89 3.41
C ARG S 84 -46.12 40.49 4.75
N LEU S 85 -44.87 40.96 4.87
CA LEU S 85 -44.44 41.56 6.13
C LEU S 85 -45.16 42.88 6.38
N VAL S 86 -45.30 43.71 5.35
CA VAL S 86 -45.98 44.99 5.52
C VAL S 86 -47.44 44.78 5.89
N ASP S 87 -48.11 43.85 5.19
CA ASP S 87 -49.50 43.55 5.53
C ASP S 87 -49.63 43.09 6.97
N ALA S 88 -48.57 42.47 7.51
CA ALA S 88 -48.60 42.05 8.92
C ALA S 88 -48.69 43.24 9.85
N ILE S 89 -48.21 44.40 9.44
CA ILE S 89 -48.23 45.59 10.28
C ILE S 89 -49.22 46.61 9.70
N ASN T 3 -6.58 -9.49 98.05
CA ASN T 3 -6.79 -8.56 96.95
C ASN T 3 -8.04 -8.95 96.17
N VAL T 4 -7.93 -10.07 95.46
CA VAL T 4 -9.02 -10.50 94.59
C VAL T 4 -10.23 -10.89 95.42
N GLU T 5 -11.42 -10.61 94.89
CA GLU T 5 -12.65 -10.92 95.61
C GLU T 5 -12.89 -12.42 95.62
N LYS T 6 -13.27 -12.93 96.78
CA LYS T 6 -13.65 -14.33 96.94
C LYS T 6 -15.06 -14.56 96.41
N MET T 7 -15.39 -15.82 96.18
CA MET T 7 -16.66 -16.21 95.58
C MET T 7 -17.33 -17.28 96.42
N SER T 8 -18.57 -17.00 96.85
CA SER T 8 -19.43 -18.05 97.38
C SER T 8 -19.58 -19.16 96.35
N VAL T 9 -19.42 -20.39 96.80
CA VAL T 9 -19.44 -21.56 95.91
C VAL T 9 -20.42 -22.57 96.48
N ALA T 10 -21.52 -22.77 95.78
CA ALA T 10 -22.54 -23.75 96.13
C ALA T 10 -22.30 -25.01 95.32
N VAL T 11 -22.12 -26.13 96.01
CA VAL T 11 -21.97 -27.43 95.37
C VAL T 11 -23.12 -28.33 95.83
N THR T 12 -23.62 -29.13 94.91
CA THR T 12 -24.68 -30.09 95.16
C THR T 12 -24.13 -31.40 95.71
N PRO T 13 -24.96 -32.20 96.39
CA PRO T 13 -24.44 -33.44 96.94
C PRO T 13 -23.77 -34.32 95.89
N GLN T 14 -24.42 -34.48 94.74
CA GLN T 14 -23.83 -35.29 93.68
C GLN T 14 -22.51 -34.68 93.22
N GLN T 15 -22.41 -33.36 93.18
CA GLN T 15 -21.14 -32.78 92.76
C GLN T 15 -20.12 -32.98 93.86
N ALA T 16 -20.53 -32.79 95.11
CA ALA T 16 -19.58 -32.92 96.22
C ALA T 16 -18.97 -34.31 96.27
N ALA T 17 -19.77 -35.33 95.97
CA ALA T 17 -19.22 -36.69 95.97
C ALA T 17 -18.13 -36.85 94.92
N VAL T 18 -18.40 -36.45 93.67
CA VAL T 18 -17.43 -36.62 92.59
C VAL T 18 -16.17 -35.80 92.84
N MET T 19 -16.32 -34.56 93.33
CA MET T 19 -15.15 -33.75 93.63
C MET T 19 -14.28 -34.41 94.70
N ARG T 20 -14.90 -34.91 95.76
CA ARG T 20 -14.14 -35.52 96.83
C ARG T 20 -13.31 -36.71 96.33
N GLU T 21 -13.90 -37.57 95.49
CA GLU T 21 -13.14 -38.68 94.93
C GLU T 21 -11.96 -38.19 94.09
N ALA T 22 -12.16 -37.10 93.34
CA ALA T 22 -11.05 -36.52 92.58
C ALA T 22 -9.89 -36.15 93.50
N VAL T 23 -10.16 -35.46 94.61
CA VAL T 23 -9.09 -35.08 95.52
C VAL T 23 -8.46 -36.34 96.13
N GLU T 24 -9.30 -37.31 96.52
CA GLU T 24 -8.79 -38.55 97.11
C GLU T 24 -7.87 -39.27 96.12
N ALA T 25 -8.23 -39.27 94.84
CA ALA T 25 -7.44 -39.89 93.78
C ALA T 25 -6.13 -39.18 93.50
N GLY T 26 -5.93 -37.96 94.00
CA GLY T 26 -4.67 -37.24 93.79
C GLY T 26 -4.58 -36.35 92.58
N GLU T 27 -5.64 -36.22 91.84
CA GLU T 27 -5.67 -35.42 90.64
C GLU T 27 -5.65 -33.96 90.94
N TYR T 28 -6.25 -33.63 92.06
CA TYR T 28 -6.41 -32.27 92.51
C TYR T 28 -5.91 -32.26 93.95
N ALA T 29 -5.32 -31.14 94.35
CA ALA T 29 -4.83 -31.04 95.72
C ALA T 29 -5.99 -30.81 96.68
N THR T 30 -7.00 -30.04 96.26
CA THR T 30 -8.13 -29.69 97.10
C THR T 30 -9.34 -29.40 96.21
N ALA T 31 -10.53 -29.41 96.81
CA ALA T 31 -11.73 -29.09 96.04
C ALA T 31 -11.78 -27.64 95.58
N SER T 32 -11.18 -26.71 96.31
CA SER T 32 -11.24 -25.31 95.91
C SER T 32 -10.61 -25.08 94.55
N GLU T 33 -9.56 -25.83 94.21
CA GLU T 33 -8.90 -25.65 92.91
C GLU T 33 -9.71 -26.23 91.76
N ILE T 34 -10.51 -27.27 92.04
CA ILE T 34 -11.26 -27.92 90.97
C ILE T 34 -12.22 -26.93 90.30
N VAL T 35 -12.95 -26.14 91.08
CA VAL T 35 -13.81 -25.12 90.48
C VAL T 35 -12.98 -24.10 89.70
N ARG T 36 -11.83 -23.69 90.24
CA ARG T 36 -11.02 -22.70 89.53
C ARG T 36 -10.71 -23.22 88.13
N GLU T 37 -10.34 -24.49 88.04
CA GLU T 37 -10.12 -25.09 86.73
C GLU T 37 -11.42 -25.10 85.97
N ALA T 38 -12.50 -25.46 86.65
CA ALA T 38 -13.79 -25.47 85.99
C ALA T 38 -14.12 -24.08 85.45
N VAL T 39 -13.89 -23.04 86.27
CA VAL T 39 -14.19 -21.68 85.84
C VAL T 39 -13.28 -21.26 84.69
N ARG T 40 -11.98 -21.56 84.79
CA ARG T 40 -11.03 -21.18 83.73
C ARG T 40 -11.42 -21.77 82.38
N ASP T 41 -11.83 -23.04 82.35
CA ASP T 41 -12.25 -23.64 81.08
C ASP T 41 -13.46 -22.90 80.50
N TRP T 42 -14.45 -22.59 81.34
CA TRP T 42 -15.66 -21.92 80.86
C TRP T 42 -15.42 -20.49 80.38
N LEU T 43 -14.71 -19.67 81.15
CA LEU T 43 -14.52 -18.28 80.76
C LEU T 43 -13.72 -18.18 79.47
N ALA T 44 -12.64 -18.94 79.39
CA ALA T 44 -11.85 -18.97 78.15
C ALA T 44 -12.75 -19.13 76.93
N LYS T 45 -13.63 -20.12 76.98
CA LYS T 45 -14.60 -20.32 75.92
C LYS T 45 -15.42 -19.06 75.65
N ARG T 46 -16.00 -18.48 76.70
CA ARG T 46 -16.83 -17.32 76.49
C ARG T 46 -16.03 -16.19 75.85
N GLU T 47 -14.86 -15.89 76.41
CA GLU T 47 -13.99 -14.86 75.84
C GLU T 47 -13.71 -15.13 74.37
N LEU T 48 -13.34 -16.38 74.07
CA LEU T 48 -13.04 -16.76 72.69
C LEU T 48 -14.23 -16.67 71.76
N ARG T 49 -15.32 -17.38 72.05
CA ARG T 49 -16.43 -17.34 71.10
C ARG T 49 -16.85 -15.90 70.79
N GLU T 50 -16.95 -15.05 71.81
CA GLU T 50 -17.31 -13.66 71.58
C GLU T 50 -16.32 -13.00 70.60
N ALA T 51 -15.03 -13.26 70.79
CA ALA T 51 -14.00 -12.77 69.87
C ALA T 51 -14.23 -13.26 68.44
N GLU T 52 -14.46 -14.56 68.25
CA GLU T 52 -14.66 -15.06 66.88
C GLU T 52 -15.96 -14.55 66.28
N ALA T 53 -17.07 -14.68 67.02
CA ALA T 53 -18.34 -14.16 66.52
C ALA T 53 -18.23 -12.69 66.22
N GLU T 54 -17.55 -11.95 67.10
CA GLU T 54 -17.37 -10.52 66.86
C GLU T 54 -16.50 -10.25 65.67
N ARG T 55 -15.43 -11.04 65.53
CA ARG T 55 -14.53 -10.80 64.42
C ARG T 55 -15.31 -10.89 63.13
N LEU T 56 -16.14 -11.94 62.98
CA LEU T 56 -16.95 -12.08 61.77
C LEU T 56 -17.96 -10.95 61.68
N ARG T 57 -18.58 -10.59 62.80
CA ARG T 57 -19.52 -9.48 62.80
C ARG T 57 -18.86 -8.23 62.30
N LYS T 58 -17.69 -7.95 62.84
CA LYS T 58 -17.01 -6.73 62.47
C LYS T 58 -16.52 -6.81 61.04
N ALA T 59 -16.03 -7.97 60.64
CA ALA T 59 -15.50 -8.09 59.29
C ALA T 59 -16.55 -7.75 58.26
N TRP T 60 -17.79 -8.14 58.50
CA TRP T 60 -18.82 -7.86 57.51
C TRP T 60 -18.97 -6.36 57.28
N ILE T 61 -19.12 -5.59 58.35
CA ILE T 61 -19.27 -4.16 58.14
C ILE T 61 -17.99 -3.57 57.56
N GLU T 62 -16.83 -4.18 57.85
CA GLU T 62 -15.56 -3.63 57.38
C GLU T 62 -15.48 -3.63 55.86
N GLY T 63 -15.99 -4.67 55.21
CA GLY T 63 -15.94 -4.73 53.77
C GLY T 63 -16.76 -3.64 53.12
N LEU T 64 -17.90 -3.30 53.73
CA LEU T 64 -18.78 -2.30 53.16
C LEU T 64 -18.12 -0.93 53.09
N GLU T 65 -17.36 -0.57 54.11
CA GLU T 65 -16.75 0.75 54.15
C GLU T 65 -15.43 0.81 53.39
N SER T 66 -14.95 -0.31 52.90
CA SER T 66 -13.65 -0.33 52.24
C SER T 66 -13.83 0.04 50.78
N GLY T 67 -13.94 1.32 50.49
CA GLY T 67 -13.93 1.79 49.11
C GLY T 67 -15.11 1.33 48.30
N PRO T 68 -15.01 1.51 46.94
CA PRO T 68 -16.12 1.15 46.05
C PRO T 68 -15.92 -0.19 45.38
N PHE T 69 -17.00 -0.92 45.14
CA PHE T 69 -16.82 -2.26 44.62
C PHE T 69 -16.52 -2.23 43.12
N ALA T 70 -15.95 -3.33 42.69
CA ALA T 70 -15.44 -3.51 41.31
C ALA T 70 -15.69 -4.90 40.84
N PRO T 71 -15.69 -5.10 39.51
CA PRO T 71 -15.92 -6.42 38.96
C PRO T 71 -14.91 -7.42 39.49
N PHE T 72 -15.33 -8.68 39.52
CA PHE T 72 -14.53 -9.76 40.08
C PHE T 72 -13.75 -10.42 38.95
N ASP T 73 -12.44 -10.32 39.01
CA ASP T 73 -11.56 -11.01 38.07
C ASP T 73 -10.47 -11.70 38.89
N ILE T 74 -10.49 -13.03 38.92
CA ILE T 74 -9.56 -13.75 39.79
C ILE T 74 -8.14 -13.67 39.27
N GLU T 75 -7.97 -13.73 37.95
CA GLU T 75 -6.62 -13.71 37.38
C GLU T 75 -5.92 -12.39 37.64
N ASP T 76 -6.68 -11.29 37.67
CA ASP T 76 -6.14 -9.99 38.03
C ASP T 76 -5.61 -10.00 39.47
N ILE T 77 -6.32 -10.68 40.37
CA ILE T 77 -5.89 -10.73 41.76
C ILE T 77 -4.64 -11.58 41.92
N LYS T 78 -4.63 -12.75 41.29
CA LYS T 78 -3.46 -13.63 41.35
C LYS T 78 -2.23 -12.92 40.81
N GLN T 79 -2.39 -12.12 39.76
CA GLN T 79 -1.24 -11.38 39.24
C GLN T 79 -0.74 -10.37 40.27
N LYS T 80 -1.67 -9.64 40.91
CA LYS T 80 -1.29 -8.64 41.91
C LYS T 80 -0.58 -9.31 43.09
N ALA T 81 -1.02 -10.50 43.48
CA ALA T 81 -0.39 -11.17 44.60
C ALA T 81 1.06 -11.57 44.28
N ARG T 82 1.30 -12.14 43.10
CA ARG T 82 2.67 -12.50 42.75
C ARG T 82 3.55 -11.24 42.71
N SER T 83 3.00 -10.13 42.20
CA SER T 83 3.77 -8.89 42.13
C SER T 83 4.22 -8.44 43.52
N ARG T 84 3.37 -8.63 44.53
CA ARG T 84 3.78 -8.26 45.88
C ARG T 84 4.75 -9.27 46.46
N LEU T 85 4.67 -10.52 46.04
CA LEU T 85 5.60 -11.53 46.53
C LEU T 85 7.02 -11.30 46.02
N VAL T 86 7.18 -10.96 44.73
CA VAL T 86 8.52 -10.77 44.18
C VAL T 86 9.22 -9.62 44.91
N ASP T 87 8.51 -8.53 45.15
CA ASP T 87 9.11 -7.43 45.91
C ASP T 87 9.56 -7.86 47.29
N ALA T 88 8.89 -8.87 47.86
CA ALA T 88 9.30 -9.37 49.17
C ALA T 88 10.69 -9.99 49.11
N ILE T 89 11.11 -10.44 47.92
CA ILE T 89 12.42 -11.05 47.74
C ILE T 89 13.30 -10.11 46.93
N ASN U 3 2.73 -53.27 4.69
CA ASN U 3 3.91 -52.83 3.96
C ASN U 3 3.83 -53.30 2.51
N VAL U 4 4.74 -54.18 2.10
CA VAL U 4 4.87 -54.54 0.69
C VAL U 4 5.49 -55.93 0.54
N GLU U 5 5.73 -56.35 -0.71
CA GLU U 5 6.20 -57.69 -0.99
C GLU U 5 7.68 -57.84 -0.62
N LYS U 6 8.12 -59.10 -0.54
CA LYS U 6 9.45 -59.45 -0.06
C LYS U 6 10.16 -60.36 -1.04
N MET U 7 11.47 -60.16 -1.15
CA MET U 7 12.34 -61.04 -1.92
C MET U 7 13.64 -61.21 -1.13
N SER U 8 14.19 -62.42 -1.17
CA SER U 8 15.36 -62.78 -0.38
C SER U 8 16.62 -62.65 -1.23
N VAL U 9 17.62 -61.96 -0.69
CA VAL U 9 18.85 -61.66 -1.43
C VAL U 9 20.04 -62.18 -0.63
N ALA U 10 21.06 -62.64 -1.35
CA ALA U 10 22.25 -63.24 -0.75
C ALA U 10 23.43 -62.31 -0.95
N VAL U 11 23.92 -61.74 0.16
CA VAL U 11 25.07 -60.86 0.14
C VAL U 11 26.36 -61.68 0.15
N THR U 12 27.38 -61.13 -0.48
CA THR U 12 28.72 -61.72 -0.54
C THR U 12 29.51 -61.40 0.73
N PRO U 13 30.53 -62.19 1.04
CA PRO U 13 31.26 -61.95 2.30
C PRO U 13 31.81 -60.54 2.43
N GLN U 14 32.46 -60.03 1.37
CA GLN U 14 32.99 -58.68 1.44
C GLN U 14 31.88 -57.65 1.59
N GLN U 15 30.71 -57.92 1.01
CA GLN U 15 29.59 -56.99 1.14
C GLN U 15 29.03 -57.00 2.56
N ALA U 16 28.90 -58.19 3.16
CA ALA U 16 28.42 -58.27 4.52
C ALA U 16 29.33 -57.49 5.47
N ALA U 17 30.64 -57.55 5.23
CA ALA U 17 31.58 -56.82 6.08
C ALA U 17 31.30 -55.33 6.05
N VAL U 18 31.20 -54.76 4.85
CA VAL U 18 31.02 -53.32 4.74
C VAL U 18 29.68 -52.90 5.32
N MET U 19 28.63 -53.68 5.08
CA MET U 19 27.32 -53.40 5.63
C MET U 19 27.36 -53.37 7.15
N ARG U 20 28.04 -54.35 7.76
CA ARG U 20 28.21 -54.31 9.20
C ARG U 20 28.88 -53.01 9.64
N GLU U 21 29.93 -52.60 8.93
CA GLU U 21 30.61 -51.36 9.27
C GLU U 21 29.64 -50.17 9.16
N ALA U 22 28.82 -50.13 8.12
CA ALA U 22 27.85 -49.04 8.01
C ALA U 22 26.85 -49.03 9.17
N VAL U 23 26.25 -50.18 9.50
CA VAL U 23 25.24 -50.21 10.56
C VAL U 23 25.88 -49.84 11.91
N GLU U 24 27.06 -50.38 12.21
CA GLU U 24 27.72 -50.11 13.49
C GLU U 24 28.03 -48.62 13.64
N ALA U 25 28.47 -47.97 12.55
CA ALA U 25 28.75 -46.54 12.57
C ALA U 25 27.49 -45.71 12.79
N GLY U 26 26.31 -46.32 12.66
CA GLY U 26 25.05 -45.62 12.78
C GLY U 26 24.58 -44.95 11.51
N GLU U 27 25.32 -45.08 10.40
CA GLU U 27 24.89 -44.52 9.13
C GLU U 27 23.53 -45.07 8.72
N TYR U 28 23.23 -46.30 9.11
CA TYR U 28 22.00 -46.97 8.75
C TYR U 28 21.54 -47.79 9.95
N ALA U 29 20.23 -47.98 10.05
CA ALA U 29 19.69 -48.74 11.18
C ALA U 29 19.85 -50.23 10.96
N THR U 30 19.77 -50.69 9.71
CA THR U 30 19.82 -52.11 9.43
C THR U 30 20.35 -52.35 8.02
N ALA U 31 20.80 -53.58 7.78
CA ALA U 31 21.22 -53.97 6.42
C ALA U 31 20.02 -54.02 5.49
N SER U 32 18.83 -54.29 6.02
CA SER U 32 17.66 -54.34 5.17
C SER U 32 17.38 -52.98 4.54
N GLU U 33 17.68 -51.88 5.24
CA GLU U 33 17.38 -50.58 4.68
C GLU U 33 18.40 -50.12 3.65
N ILE U 34 19.67 -50.48 3.81
CA ILE U 34 20.65 -50.05 2.79
C ILE U 34 20.37 -50.75 1.48
N VAL U 35 20.00 -52.03 1.54
CA VAL U 35 19.62 -52.74 0.32
C VAL U 35 18.44 -52.06 -0.35
N ARG U 36 17.42 -51.68 0.41
CA ARG U 36 16.33 -50.94 -0.20
C ARG U 36 16.88 -49.68 -0.86
N GLU U 37 17.84 -49.05 -0.19
CA GLU U 37 18.51 -47.89 -0.78
C GLU U 37 19.32 -48.27 -2.02
N ALA U 38 19.96 -49.46 -2.03
CA ALA U 38 20.68 -49.87 -3.25
C ALA U 38 19.69 -49.99 -4.40
N VAL U 39 18.52 -50.61 -4.15
CA VAL U 39 17.53 -50.80 -5.23
C VAL U 39 16.83 -49.50 -5.62
N ARG U 40 16.42 -48.66 -4.66
CA ARG U 40 15.75 -47.42 -5.05
C ARG U 40 16.64 -46.61 -6.00
N ASP U 41 17.95 -46.54 -5.72
CA ASP U 41 18.86 -45.81 -6.59
C ASP U 41 18.91 -46.41 -7.99
N TRP U 42 19.02 -47.73 -8.07
CA TRP U 42 19.09 -48.42 -9.36
C TRP U 42 17.86 -48.09 -10.22
N LEU U 43 16.68 -48.03 -9.59
CA LEU U 43 15.45 -47.71 -10.31
C LEU U 43 15.45 -46.28 -10.81
N ALA U 44 15.76 -45.32 -9.94
CA ALA U 44 15.91 -43.94 -10.36
C ALA U 44 16.77 -43.85 -11.61
N LYS U 45 17.95 -44.47 -11.58
CA LYS U 45 18.83 -44.46 -12.75
C LYS U 45 18.09 -45.02 -13.96
N ARG U 46 17.49 -46.19 -13.82
CA ARG U 46 16.79 -46.82 -14.95
C ARG U 46 15.61 -45.96 -15.41
N GLU U 47 14.81 -45.48 -14.46
CA GLU U 47 13.70 -44.62 -14.82
C GLU U 47 14.17 -43.42 -15.64
N LEU U 48 15.23 -42.73 -15.17
CA LEU U 48 15.77 -41.60 -15.91
C LEU U 48 16.22 -42.01 -17.31
N ARG U 49 17.02 -43.07 -17.38
CA ARG U 49 17.57 -43.50 -18.66
C ARG U 49 16.47 -43.78 -19.67
N GLU U 50 15.47 -44.55 -19.29
CA GLU U 50 14.39 -44.86 -20.22
C GLU U 50 13.62 -43.62 -20.62
N ALA U 51 13.33 -42.74 -19.66
CA ALA U 51 12.57 -41.54 -19.98
C ALA U 51 13.30 -40.72 -21.03
N GLU U 52 14.61 -40.52 -20.86
CA GLU U 52 15.37 -39.72 -21.82
C GLU U 52 15.42 -40.39 -23.19
N ALA U 53 15.69 -41.70 -23.23
CA ALA U 53 15.69 -42.41 -24.50
C ALA U 53 14.36 -42.29 -25.22
N GLU U 54 13.26 -42.46 -24.48
CA GLU U 54 11.95 -42.32 -25.10
C GLU U 54 11.73 -40.89 -25.56
N ARG U 55 12.22 -39.91 -24.79
CA ARG U 55 12.03 -38.52 -25.17
C ARG U 55 12.63 -38.25 -26.54
N LEU U 56 13.85 -38.71 -26.75
CA LEU U 56 14.52 -38.48 -28.03
C LEU U 56 13.79 -39.20 -29.17
N ARG U 57 13.38 -40.45 -28.99
CA ARG U 57 12.69 -41.11 -30.08
C ARG U 57 11.46 -40.33 -30.49
N LYS U 58 10.70 -39.86 -29.49
CA LYS U 58 9.48 -39.11 -29.77
C LYS U 58 9.81 -37.79 -30.43
N ALA U 59 10.91 -37.15 -30.01
CA ALA U 59 11.32 -35.90 -30.62
C ALA U 59 11.59 -36.09 -32.10
N TRP U 60 12.21 -37.21 -32.47
CA TRP U 60 12.52 -37.49 -33.87
C TRP U 60 11.26 -37.62 -34.72
N ILE U 61 10.32 -38.46 -34.29
CA ILE U 61 9.08 -38.61 -35.05
C ILE U 61 8.32 -37.29 -35.03
N GLU U 62 8.44 -36.52 -33.93
CA GLU U 62 7.74 -35.24 -33.83
C GLU U 62 8.25 -34.25 -34.85
N GLY U 63 9.57 -34.21 -35.08
CA GLY U 63 10.11 -33.29 -36.05
C GLY U 63 9.72 -33.67 -37.47
N LEU U 64 9.76 -34.97 -37.77
CA LEU U 64 9.39 -35.41 -39.11
C LEU U 64 7.94 -35.06 -39.42
N GLU U 65 7.08 -35.18 -38.42
CA GLU U 65 5.68 -34.92 -38.62
C GLU U 65 5.32 -33.45 -38.48
N SER U 66 6.28 -32.60 -38.11
CA SER U 66 5.97 -31.20 -37.85
C SER U 66 5.99 -30.43 -39.15
N GLY U 67 4.96 -30.59 -39.97
CA GLY U 67 4.78 -29.75 -41.14
C GLY U 67 5.86 -29.94 -42.18
N PRO U 68 5.96 -29.00 -43.16
CA PRO U 68 6.96 -29.16 -44.24
C PRO U 68 8.24 -28.40 -44.02
N PHE U 69 9.35 -28.92 -44.54
CA PHE U 69 10.65 -28.30 -44.32
C PHE U 69 10.85 -27.05 -45.17
N ALA U 70 11.81 -26.25 -44.73
CA ALA U 70 12.16 -24.96 -45.31
C ALA U 70 13.66 -24.78 -45.32
N PRO U 71 14.17 -23.90 -46.17
CA PRO U 71 15.60 -23.62 -46.19
C PRO U 71 16.07 -23.14 -44.83
N PHE U 72 17.33 -23.38 -44.56
CA PHE U 72 17.91 -23.06 -43.26
C PHE U 72 18.55 -21.69 -43.31
N ASP U 73 17.99 -20.75 -42.57
CA ASP U 73 18.59 -19.43 -42.42
C ASP U 73 18.61 -19.09 -40.94
N ILE U 74 19.81 -18.98 -40.37
CA ILE U 74 19.91 -18.73 -38.93
C ILE U 74 19.46 -17.31 -38.61
N GLU U 75 19.79 -16.36 -39.48
CA GLU U 75 19.48 -14.96 -39.20
C GLU U 75 17.98 -14.71 -39.12
N ASP U 76 17.20 -15.42 -39.93
CA ASP U 76 15.74 -15.32 -39.80
C ASP U 76 15.28 -15.79 -38.43
N ILE U 77 15.86 -16.88 -37.93
CA ILE U 77 15.46 -17.42 -36.64
C ILE U 77 15.88 -16.48 -35.51
N LYS U 78 17.11 -15.97 -35.59
CA LYS U 78 17.55 -15.00 -34.59
C LYS U 78 16.66 -13.77 -34.59
N GLN U 79 16.23 -13.32 -35.77
CA GLN U 79 15.34 -12.17 -35.84
C GLN U 79 13.96 -12.51 -35.32
N LYS U 80 13.44 -13.69 -35.68
CA LYS U 80 12.10 -14.07 -35.24
C LYS U 80 12.01 -14.14 -33.73
N ALA U 81 13.07 -14.63 -33.07
CA ALA U 81 13.04 -14.76 -31.61
C ALA U 81 12.94 -13.40 -30.95
N ARG U 82 13.66 -12.40 -31.47
CA ARG U 82 13.61 -11.07 -30.87
C ARG U 82 12.21 -10.49 -30.93
N SER U 83 11.48 -10.75 -32.02
CA SER U 83 10.11 -10.23 -32.12
C SER U 83 9.24 -10.70 -30.96
N ARG U 84 9.46 -11.93 -30.49
CA ARG U 84 8.67 -12.45 -29.37
C ARG U 84 9.17 -11.93 -28.04
N LEU U 85 10.46 -11.61 -27.94
CA LEU U 85 10.99 -11.04 -26.70
C LEU U 85 10.41 -9.65 -26.44
N VAL U 86 10.35 -8.81 -27.49
CA VAL U 86 9.83 -7.45 -27.32
C VAL U 86 8.36 -7.49 -26.93
N ASP U 87 7.57 -8.35 -27.60
CA ASP U 87 6.16 -8.46 -27.24
C ASP U 87 5.99 -8.89 -25.79
N ALA U 88 6.97 -9.64 -25.25
CA ALA U 88 6.90 -10.05 -23.86
C ALA U 88 6.96 -8.85 -22.92
N ILE U 89 7.55 -7.75 -23.36
CA ILE U 89 7.68 -6.57 -22.53
C ILE U 89 6.76 -5.46 -23.04
N GLU V 5 86.95 -23.62 -27.43
CA GLU V 5 88.09 -23.28 -26.59
C GLU V 5 88.58 -21.86 -26.88
N LYS V 6 88.97 -21.60 -28.14
CA LYS V 6 89.56 -20.33 -28.53
C LYS V 6 89.00 -19.91 -29.88
N MET V 7 88.57 -18.66 -29.95
CA MET V 7 87.98 -18.07 -31.14
C MET V 7 87.70 -16.62 -30.84
N SER V 8 87.92 -15.77 -31.84
CA SER V 8 87.84 -14.34 -31.62
C SER V 8 87.07 -13.67 -32.74
N VAL V 9 86.14 -12.81 -32.33
CA VAL V 9 85.37 -11.95 -33.23
C VAL V 9 84.95 -10.70 -32.47
N ALA V 10 84.18 -9.83 -33.15
CA ALA V 10 84.21 -8.37 -32.99
C ALA V 10 82.81 -7.74 -32.91
N VAL V 11 82.68 -6.76 -32.02
CA VAL V 11 81.44 -6.01 -31.90
C VAL V 11 81.38 -4.90 -32.95
N THR V 12 80.16 -4.57 -33.40
CA THR V 12 79.93 -3.48 -34.34
C THR V 12 80.03 -2.15 -33.60
N PRO V 13 80.23 -1.05 -34.33
CA PRO V 13 80.27 0.24 -33.63
C PRO V 13 79.03 0.48 -32.74
N GLN V 14 77.81 0.24 -33.24
CA GLN V 14 76.62 0.47 -32.42
C GLN V 14 76.58 -0.47 -31.23
N GLN V 15 77.08 -1.71 -31.41
CA GLN V 15 77.09 -2.66 -30.29
C GLN V 15 78.03 -2.22 -29.19
N ALA V 16 79.16 -1.58 -29.55
CA ALA V 16 80.16 -1.23 -28.55
C ALA V 16 79.63 -0.28 -27.46
N ALA V 17 78.82 0.71 -27.81
CA ALA V 17 78.40 1.66 -26.78
C ALA V 17 77.74 0.92 -25.63
N VAL V 18 76.73 0.12 -25.95
CA VAL V 18 75.99 -0.58 -24.91
C VAL V 18 76.90 -1.54 -24.13
N MET V 19 77.91 -2.14 -24.78
CA MET V 19 78.80 -3.02 -24.02
C MET V 19 79.40 -2.16 -22.91
N ARG V 20 79.84 -0.95 -23.31
CA ARG V 20 80.37 0.02 -22.36
C ARG V 20 79.27 0.53 -21.43
N GLU V 21 78.08 0.76 -21.98
CA GLU V 21 76.99 1.25 -21.14
C GLU V 21 76.66 0.27 -20.02
N ALA V 22 76.59 -1.01 -20.31
CA ALA V 22 76.24 -1.97 -19.28
C ALA V 22 77.30 -2.10 -18.17
N VAL V 23 78.59 -2.15 -18.53
CA VAL V 23 79.62 -2.47 -17.54
C VAL V 23 79.67 -1.45 -16.42
N GLU V 24 79.59 -0.17 -16.76
CA GLU V 24 79.66 0.84 -15.71
C GLU V 24 78.50 0.69 -14.75
N ALA V 25 77.34 0.24 -15.23
CA ALA V 25 76.21 0.16 -14.32
C ALA V 25 76.43 -0.86 -13.21
N GLY V 26 77.16 -1.92 -13.46
CA GLY V 26 77.35 -2.90 -12.43
C GLY V 26 76.33 -4.01 -12.42
N GLU V 27 75.33 -3.92 -13.27
CA GLU V 27 74.50 -5.08 -13.47
C GLU V 27 75.39 -6.20 -13.93
N TYR V 28 76.47 -5.82 -14.58
CA TYR V 28 77.45 -6.73 -15.13
C TYR V 28 78.84 -6.13 -14.89
N ALA V 29 79.86 -6.98 -14.69
CA ALA V 29 81.14 -6.44 -14.20
C ALA V 29 82.07 -5.96 -15.31
N THR V 30 82.01 -6.59 -16.48
CA THR V 30 82.96 -6.25 -17.52
C THR V 30 82.32 -6.41 -18.88
N ALA V 31 82.95 -5.77 -19.88
CA ALA V 31 82.42 -5.72 -21.23
C ALA V 31 82.36 -7.09 -21.91
N SER V 32 83.34 -7.96 -21.65
CA SER V 32 83.34 -9.32 -22.17
C SER V 32 82.22 -10.15 -21.56
N GLU V 33 81.54 -9.64 -20.55
CA GLU V 33 80.62 -10.53 -19.85
C GLU V 33 79.35 -10.78 -20.63
N ILE V 34 78.87 -9.79 -21.33
CA ILE V 34 77.53 -9.92 -21.87
C ILE V 34 77.51 -10.85 -23.10
N VAL V 35 78.63 -11.00 -23.79
CA VAL V 35 78.64 -12.02 -24.83
C VAL V 35 78.24 -13.36 -24.22
N ARG V 36 78.67 -13.64 -22.99
CA ARG V 36 78.41 -14.97 -22.46
C ARG V 36 76.92 -15.32 -22.47
N GLU V 37 76.05 -14.38 -22.10
CA GLU V 37 74.61 -14.70 -22.13
C GLU V 37 74.10 -14.96 -23.55
N ALA V 38 74.46 -14.11 -24.52
CA ALA V 38 73.90 -14.27 -25.86
C ALA V 38 74.17 -15.67 -26.39
N VAL V 39 75.39 -16.18 -26.22
CA VAL V 39 75.72 -17.52 -26.67
C VAL V 39 74.97 -18.55 -25.84
N ARG V 40 74.86 -18.31 -24.53
CA ARG V 40 74.12 -19.25 -23.68
C ARG V 40 72.69 -19.40 -24.17
N ASP V 41 72.01 -18.29 -24.46
CA ASP V 41 70.67 -18.35 -24.98
C ASP V 41 70.64 -19.03 -26.35
N TRP V 42 71.58 -18.67 -27.22
CA TRP V 42 71.55 -19.19 -28.58
C TRP V 42 71.69 -20.70 -28.62
N LEU V 43 72.60 -21.25 -27.84
CA LEU V 43 72.72 -22.70 -27.84
C LEU V 43 71.48 -23.37 -27.27
N ALA V 44 71.02 -22.94 -26.09
CA ALA V 44 69.80 -23.51 -25.50
C ALA V 44 68.63 -23.53 -26.48
N LYS V 45 68.33 -22.38 -27.06
CA LYS V 45 67.19 -22.27 -27.97
C LYS V 45 67.27 -23.25 -29.13
N ARG V 46 68.38 -23.23 -29.87
CA ARG V 46 68.46 -24.14 -31.00
C ARG V 46 68.37 -25.57 -30.51
N GLU V 47 69.04 -25.88 -29.40
CA GLU V 47 68.92 -27.20 -28.77
C GLU V 47 67.45 -27.52 -28.54
N LEU V 48 66.72 -26.57 -27.96
CA LEU V 48 65.29 -26.77 -27.69
C LEU V 48 64.54 -27.11 -28.97
N ARG V 49 64.72 -26.29 -30.00
CA ARG V 49 64.01 -26.53 -31.26
C ARG V 49 64.37 -27.91 -31.79
N GLU V 50 65.66 -28.28 -31.74
CA GLU V 50 66.11 -29.60 -32.20
C GLU V 50 65.47 -30.70 -31.38
N ALA V 51 65.43 -30.53 -30.07
CA ALA V 51 64.81 -31.52 -29.21
C ALA V 51 63.37 -31.76 -29.65
N GLU V 52 62.63 -30.68 -29.91
CA GLU V 52 61.24 -30.83 -30.34
C GLU V 52 61.18 -31.52 -31.70
N ALA V 53 62.01 -31.09 -32.64
CA ALA V 53 62.04 -31.73 -33.96
C ALA V 53 62.39 -33.19 -33.84
N GLU V 54 63.39 -33.49 -33.03
CA GLU V 54 63.79 -34.87 -32.81
C GLU V 54 62.67 -35.65 -32.14
N ARG V 55 62.01 -35.03 -31.16
CA ARG V 55 60.92 -35.70 -30.46
C ARG V 55 59.83 -36.14 -31.43
N LEU V 56 59.42 -35.24 -32.32
CA LEU V 56 58.40 -35.58 -33.30
C LEU V 56 58.91 -36.67 -34.23
N ARG V 57 60.18 -36.56 -34.64
CA ARG V 57 60.77 -37.55 -35.53
C ARG V 57 60.71 -38.93 -34.90
N LYS V 58 61.10 -39.02 -33.62
CA LYS V 58 61.20 -40.31 -32.95
C LYS V 58 59.83 -40.93 -32.74
N ALA V 59 58.80 -40.13 -32.44
CA ALA V 59 57.47 -40.70 -32.23
C ALA V 59 56.98 -41.44 -33.47
N TRP V 60 57.26 -40.90 -34.66
CA TRP V 60 56.75 -41.52 -35.88
C TRP V 60 57.29 -42.94 -36.01
N ILE V 61 58.61 -43.10 -35.89
CA ILE V 61 59.16 -44.45 -35.96
C ILE V 61 58.64 -45.25 -34.79
N GLU V 62 58.39 -44.58 -33.65
CA GLU V 62 57.90 -45.31 -32.49
C GLU V 62 56.46 -45.79 -32.72
N GLY V 63 55.62 -44.95 -33.36
CA GLY V 63 54.26 -45.39 -33.66
C GLY V 63 54.27 -46.50 -34.68
N LEU V 64 55.17 -46.39 -35.65
CA LEU V 64 55.30 -47.43 -36.65
C LEU V 64 55.81 -48.73 -36.05
N GLU V 65 56.71 -48.66 -35.10
CA GLU V 65 57.31 -49.88 -34.56
C GLU V 65 56.49 -50.54 -33.44
N SER V 66 55.54 -49.81 -32.87
CA SER V 66 54.83 -50.28 -31.68
C SER V 66 53.66 -51.19 -32.07
N GLY V 67 54.01 -52.42 -32.43
CA GLY V 67 53.05 -53.48 -32.66
C GLY V 67 52.14 -53.31 -33.86
N PRO V 68 51.07 -54.12 -33.92
CA PRO V 68 50.21 -54.12 -35.10
C PRO V 68 48.96 -53.28 -34.97
N PHE V 69 48.49 -52.74 -36.09
CA PHE V 69 47.35 -51.85 -36.04
C PHE V 69 46.05 -52.63 -35.88
N ALA V 70 45.04 -51.93 -35.38
CA ALA V 70 43.73 -52.50 -35.05
C ALA V 70 42.64 -51.56 -35.47
N PRO V 71 41.41 -52.02 -35.66
CA PRO V 71 40.33 -51.11 -36.02
C PRO V 71 40.19 -50.00 -34.96
N PHE V 72 39.76 -48.84 -35.43
CA PHE V 72 39.69 -47.63 -34.62
C PHE V 72 38.29 -47.45 -34.06
N ASP V 73 38.16 -47.55 -32.74
CA ASP V 73 36.91 -47.27 -32.04
C ASP V 73 37.24 -46.36 -30.87
N ILE V 74 36.73 -45.13 -30.91
CA ILE V 74 37.06 -44.15 -29.89
C ILE V 74 36.38 -44.49 -28.57
N GLU V 75 35.15 -45.01 -28.64
CA GLU V 75 34.42 -45.33 -27.42
C GLU V 75 35.13 -46.38 -26.60
N ASP V 76 35.81 -47.34 -27.25
CA ASP V 76 36.64 -48.28 -26.51
C ASP V 76 37.78 -47.57 -25.79
N ILE V 77 38.40 -46.60 -26.44
CA ILE V 77 39.51 -45.87 -25.81
C ILE V 77 38.99 -45.02 -24.66
N LYS V 78 37.88 -44.31 -24.89
CA LYS V 78 37.30 -43.50 -23.81
C LYS V 78 36.93 -44.39 -22.63
N GLN V 79 36.37 -45.56 -22.90
CA GLN V 79 36.00 -46.46 -21.82
C GLN V 79 37.24 -47.02 -21.14
N LYS V 80 38.25 -47.41 -21.93
CA LYS V 80 39.47 -47.96 -21.36
C LYS V 80 40.15 -46.96 -20.44
N ALA V 81 40.10 -45.67 -20.78
CA ALA V 81 40.76 -44.65 -19.98
C ALA V 81 40.11 -44.53 -18.59
N ARG V 82 38.77 -44.60 -18.53
CA ARG V 82 38.09 -44.49 -17.24
C ARG V 82 38.46 -45.64 -16.31
N SER V 83 38.57 -46.85 -16.86
CA SER V 83 38.99 -47.99 -16.04
C SER V 83 40.32 -47.72 -15.37
N ARG V 84 41.21 -46.95 -16.02
CA ARG V 84 42.48 -46.62 -15.39
C ARG V 84 42.32 -45.51 -14.36
N LEU V 85 41.35 -44.62 -14.57
CA LEU V 85 41.13 -43.54 -13.62
C LEU V 85 40.59 -44.05 -12.29
N VAL V 86 39.63 -44.97 -12.32
CA VAL V 86 39.06 -45.51 -11.10
C VAL V 86 40.13 -46.23 -10.29
N ASP V 87 40.96 -47.02 -10.97
CA ASP V 87 42.03 -47.73 -10.29
C ASP V 87 42.99 -46.76 -9.59
N ALA V 88 43.12 -45.55 -10.13
CA ALA V 88 43.95 -44.55 -9.48
C ALA V 88 43.39 -44.17 -8.12
N ILE V 89 42.08 -44.33 -7.93
CA ILE V 89 41.42 -43.95 -6.68
C ILE V 89 40.93 -45.18 -5.95
N VAL W 11 25.98 51.98 -1.38
CA VAL W 11 25.57 52.56 -0.10
C VAL W 11 25.06 53.97 -0.30
N THR W 12 24.09 54.38 0.52
CA THR W 12 23.51 55.71 0.43
C THR W 12 23.86 56.56 1.64
N PRO W 13 24.51 57.71 1.43
CA PRO W 13 24.70 58.64 2.55
C PRO W 13 23.36 59.07 3.13
N GLN W 14 22.36 59.35 2.28
CA GLN W 14 21.07 59.79 2.82
C GLN W 14 20.52 58.73 3.77
N GLN W 15 20.81 57.45 3.49
CA GLN W 15 20.46 56.41 4.45
C GLN W 15 21.38 56.47 5.66
N ALA W 16 22.64 56.82 5.41
CA ALA W 16 23.65 56.90 6.47
C ALA W 16 23.30 57.95 7.52
N ALA W 17 22.71 59.08 7.11
CA ALA W 17 22.50 60.19 8.05
C ALA W 17 21.71 59.76 9.27
N VAL W 18 20.61 59.05 9.06
CA VAL W 18 19.71 58.66 10.15
C VAL W 18 20.40 57.76 11.16
N MET W 19 21.35 56.95 10.71
CA MET W 19 21.99 55.99 11.61
C MET W 19 22.67 56.63 12.80
N ARG W 20 23.74 57.40 12.58
CA ARG W 20 24.38 58.05 13.72
C ARG W 20 23.38 58.97 14.43
N GLU W 21 22.47 59.55 13.66
CA GLU W 21 21.42 60.36 14.26
C GLU W 21 20.64 59.57 15.29
N ALA W 22 20.21 58.35 14.96
CA ALA W 22 19.49 57.52 15.93
C ALA W 22 20.38 57.17 17.13
N VAL W 23 21.62 56.75 16.86
CA VAL W 23 22.52 56.36 17.95
C VAL W 23 22.84 57.57 18.84
N GLU W 24 23.14 58.72 18.24
CA GLU W 24 23.42 59.90 19.07
C GLU W 24 22.20 60.24 19.93
N ALA W 25 21.00 60.10 19.36
CA ALA W 25 19.79 60.30 20.15
C ALA W 25 19.65 59.20 21.21
N GLY W 26 20.31 58.06 21.00
CA GLY W 26 20.29 56.95 21.95
C GLY W 26 19.46 55.72 21.59
N GLU W 27 18.77 55.64 20.46
CA GLU W 27 17.96 54.46 20.18
C GLU W 27 18.79 53.20 20.01
N TYR W 28 19.98 53.32 19.44
CA TYR W 28 20.86 52.19 19.20
C TYR W 28 22.27 52.60 19.56
N ALA W 29 23.12 51.60 19.82
CA ALA W 29 24.45 51.87 20.33
C ALA W 29 25.47 52.31 19.26
N THR W 30 25.46 51.74 18.06
CA THR W 30 26.47 52.13 17.07
C THR W 30 25.93 51.85 15.68
N ALA W 31 26.57 52.46 14.68
CA ALA W 31 26.11 52.30 13.31
C ALA W 31 26.31 50.89 12.76
N SER W 32 27.35 50.16 13.17
CA SER W 32 27.55 48.83 12.60
C SER W 32 26.47 47.85 13.03
N GLU W 33 25.97 47.98 14.26
CA GLU W 33 24.95 47.05 14.76
C GLU W 33 23.57 47.28 14.14
N ILE W 34 23.20 48.52 13.83
CA ILE W 34 21.88 48.73 13.25
C ILE W 34 21.79 48.04 11.91
N VAL W 35 22.85 48.13 11.11
CA VAL W 35 22.87 47.37 9.87
C VAL W 35 22.71 45.90 10.16
N ARG W 36 23.40 45.40 11.19
CA ARG W 36 23.32 44.00 11.56
C ARG W 36 21.88 43.59 11.88
N GLU W 37 21.16 44.44 12.60
CA GLU W 37 19.76 44.18 12.87
C GLU W 37 18.95 44.20 11.58
N ALA W 38 19.25 45.13 10.67
CA ALA W 38 18.55 45.08 9.39
C ALA W 38 18.86 43.78 8.66
N VAL W 39 20.12 43.37 8.62
CA VAL W 39 20.46 42.15 7.89
C VAL W 39 19.95 40.92 8.61
N ARG W 40 20.05 40.90 9.95
CA ARG W 40 19.58 39.72 10.67
C ARG W 40 18.15 39.43 10.26
N ASP W 41 17.37 40.49 10.04
CA ASP W 41 15.97 40.32 9.66
C ASP W 41 15.83 39.66 8.30
N TRP W 42 16.59 40.15 7.30
CA TRP W 42 16.48 39.67 5.94
C TRP W 42 16.75 38.16 5.89
N LEU W 43 17.76 37.66 6.60
CA LEU W 43 17.99 36.21 6.54
C LEU W 43 16.91 35.42 7.26
N ALA W 44 16.56 35.86 8.48
CA ALA W 44 15.49 35.20 9.21
C ALA W 44 14.35 34.93 8.26
N LYS W 45 13.98 35.93 7.45
CA LYS W 45 12.94 35.76 6.44
C LYS W 45 13.27 34.64 5.46
N ARG W 46 14.46 34.67 4.86
CA ARG W 46 14.76 33.68 3.83
C ARG W 46 14.60 32.26 4.38
N GLU W 47 15.11 32.02 5.60
CA GLU W 47 14.90 30.72 6.25
C GLU W 47 13.42 30.35 6.30
N LEU W 48 12.57 31.28 6.74
CA LEU W 48 11.13 31.00 6.85
C LEU W 48 10.53 30.63 5.50
N ARG W 49 10.70 31.51 4.51
CA ARG W 49 10.15 31.28 3.18
C ARG W 49 10.66 29.97 2.57
N GLU W 50 11.97 29.74 2.59
CA GLU W 50 12.51 28.50 2.04
C GLU W 50 11.99 27.29 2.79
N ALA W 51 11.96 27.40 4.13
CA ALA W 51 11.49 26.32 4.99
C ALA W 51 10.07 25.90 4.62
N GLU W 52 9.19 26.88 4.37
CA GLU W 52 7.82 26.57 3.95
C GLU W 52 7.82 25.88 2.60
N ALA W 53 8.59 26.40 1.64
CA ALA W 53 8.69 25.72 0.35
C ALA W 53 9.19 24.28 0.51
N GLU W 54 10.21 24.09 1.36
CA GLU W 54 10.72 22.74 1.62
C GLU W 54 9.65 21.85 2.24
N ARG W 55 8.86 22.39 3.16
CA ARG W 55 7.80 21.60 3.78
C ARG W 55 6.83 21.07 2.74
N LEU W 56 6.37 21.94 1.83
CA LEU W 56 5.42 21.50 0.81
C LEU W 56 6.03 20.45 -0.09
N ARG W 57 7.28 20.64 -0.50
CA ARG W 57 7.96 19.67 -1.37
C ARG W 57 8.08 18.30 -0.74
N LYS W 58 8.59 18.21 0.49
CA LYS W 58 8.68 16.89 1.10
C LYS W 58 7.29 16.35 1.41
N ALA W 59 6.37 17.22 1.83
CA ALA W 59 5.02 16.77 2.13
C ALA W 59 4.41 16.07 0.92
N TRP W 60 4.69 16.60 -0.28
CA TRP W 60 4.20 15.98 -1.50
C TRP W 60 4.77 14.58 -1.70
N ILE W 61 6.10 14.46 -1.59
CA ILE W 61 6.72 13.16 -1.77
C ILE W 61 6.30 12.21 -0.66
N GLU W 62 6.09 12.74 0.56
CA GLU W 62 5.67 11.88 1.66
C GLU W 62 4.29 11.28 1.41
N GLY W 63 3.38 12.07 0.86
CA GLY W 63 2.05 11.55 0.59
C GLY W 63 2.06 10.48 -0.48
N LEU W 64 2.85 10.68 -1.52
CA LEU W 64 2.89 9.70 -2.59
C LEU W 64 3.38 8.36 -2.07
N GLU W 65 4.35 8.41 -1.17
CA GLU W 65 4.94 7.19 -0.64
C GLU W 65 4.22 6.58 0.54
N SER W 66 3.19 7.20 1.09
CA SER W 66 2.62 6.66 2.33
C SER W 66 1.65 5.53 2.00
N GLY W 67 2.21 4.38 1.64
CA GLY W 67 1.42 3.18 1.46
C GLY W 67 0.54 3.27 0.23
N PRO W 68 -0.40 2.34 0.10
CA PRO W 68 -1.21 2.28 -1.12
C PRO W 68 -2.58 2.90 -0.89
N PHE W 69 -3.13 3.47 -1.97
CA PHE W 69 -4.35 4.28 -1.85
C PHE W 69 -5.57 3.38 -1.77
N ALA W 70 -6.65 3.97 -1.27
CA ALA W 70 -7.93 3.29 -1.02
C ALA W 70 -9.10 4.18 -1.44
N PRO W 71 -10.28 3.59 -1.64
CA PRO W 71 -11.42 4.42 -2.05
C PRO W 71 -11.66 5.54 -1.06
N PHE W 72 -12.15 6.67 -1.59
CA PHE W 72 -12.33 7.91 -0.82
C PHE W 72 -13.75 7.98 -0.29
N ASP W 73 -13.90 7.91 1.03
CA ASP W 73 -15.18 8.07 1.71
C ASP W 73 -14.96 9.06 2.84
N ILE W 74 -15.58 10.24 2.75
CA ILE W 74 -15.31 11.24 3.77
C ILE W 74 -15.98 10.86 5.09
N GLU W 75 -17.17 10.27 5.01
CA GLU W 75 -17.91 9.95 6.22
C GLU W 75 -17.15 8.95 7.09
N ASP W 76 -16.40 8.03 6.46
CA ASP W 76 -15.54 7.15 7.24
C ASP W 76 -14.47 7.95 7.97
N ILE W 77 -13.91 8.97 7.31
CA ILE W 77 -12.87 9.78 7.94
C ILE W 77 -13.46 10.61 9.06
N LYS W 78 -14.62 11.23 8.83
CA LYS W 78 -15.25 12.02 9.88
C LYS W 78 -15.57 11.17 11.09
N GLN W 79 -16.07 9.95 10.86
CA GLN W 79 -16.41 9.07 11.97
C GLN W 79 -15.15 8.57 12.65
N LYS W 80 -14.14 8.19 11.88
CA LYS W 80 -12.89 7.71 12.46
C LYS W 80 -12.25 8.78 13.35
N ALA W 81 -12.36 10.04 12.95
CA ALA W 81 -11.75 11.11 13.75
C ALA W 81 -12.41 11.22 15.11
N ARG W 82 -13.74 11.09 15.15
CA ARG W 82 -14.46 11.19 16.43
C ARG W 82 -14.05 10.07 17.37
N SER W 83 -13.84 8.86 16.85
CA SER W 83 -13.42 7.75 17.70
C SER W 83 -12.15 8.10 18.45
N ARG W 84 -11.27 8.90 17.84
CA ARG W 84 -10.05 9.30 18.53
C ARG W 84 -10.30 10.43 19.51
N LEU W 85 -11.29 11.27 19.24
CA LEU W 85 -11.61 12.37 20.16
C LEU W 85 -12.17 11.84 21.48
N VAL W 86 -13.06 10.85 21.41
CA VAL W 86 -13.62 10.31 22.65
C VAL W 86 -12.54 9.66 23.49
N ASP W 87 -11.67 8.88 22.85
CA ASP W 87 -10.58 8.25 23.58
C ASP W 87 -9.69 9.29 24.27
N ALA W 88 -9.61 10.49 23.70
CA ALA W 88 -8.83 11.56 24.33
C ALA W 88 -9.43 11.97 25.66
N ILE W 89 -10.72 11.73 25.87
CA ILE W 89 -11.41 12.12 27.09
C ILE W 89 -11.79 10.88 27.88
N GLU X 5 -6.95 10.51 -34.72
CA GLU X 5 -6.57 11.83 -34.26
C GLU X 5 -5.52 12.45 -35.19
N LYS X 6 -5.48 13.79 -35.22
CA LYS X 6 -4.51 14.51 -36.03
C LYS X 6 -3.99 15.69 -35.21
N MET X 7 -2.68 15.90 -35.26
CA MET X 7 -2.05 17.03 -34.59
C MET X 7 -1.30 17.89 -35.60
N SER X 8 -1.07 19.14 -35.21
CA SER X 8 -0.36 20.11 -36.03
C SER X 8 1.09 20.15 -35.57
N VAL X 9 1.97 19.47 -36.31
CA VAL X 9 3.40 19.44 -36.02
C VAL X 9 4.09 20.48 -36.90
N ALA X 10 5.00 21.25 -36.30
CA ALA X 10 5.73 22.31 -36.98
C ALA X 10 7.20 21.91 -37.04
N VAL X 11 7.70 21.73 -38.25
CA VAL X 11 9.07 21.33 -38.48
C VAL X 11 9.94 22.58 -38.63
N THR X 12 11.19 22.46 -38.19
CA THR X 12 12.17 23.53 -38.30
C THR X 12 12.75 23.56 -39.71
N PRO X 13 13.30 24.71 -40.14
CA PRO X 13 13.79 24.78 -41.52
C PRO X 13 14.81 23.71 -41.86
N GLN X 14 15.83 23.53 -41.01
CA GLN X 14 16.84 22.52 -41.27
C GLN X 14 16.27 21.11 -41.30
N GLN X 15 15.23 20.85 -40.50
CA GLN X 15 14.63 19.53 -40.54
C GLN X 15 13.86 19.32 -41.83
N ALA X 16 13.14 20.35 -42.30
CA ALA X 16 12.41 20.21 -43.57
C ALA X 16 13.36 19.87 -44.72
N ALA X 17 14.55 20.46 -44.73
CA ALA X 17 15.51 20.16 -45.79
C ALA X 17 15.86 18.69 -45.80
N VAL X 18 16.23 18.15 -44.63
CA VAL X 18 16.64 16.74 -44.57
C VAL X 18 15.48 15.83 -44.92
N MET X 19 14.27 16.15 -44.43
CA MET X 19 13.10 15.37 -44.78
C MET X 19 12.90 15.34 -46.28
N ARG X 20 13.07 16.50 -46.92
CA ARG X 20 12.91 16.55 -48.36
C ARG X 20 13.86 15.60 -49.09
N GLU X 21 15.12 15.58 -48.68
CA GLU X 21 16.07 14.70 -49.36
C GLU X 21 15.61 13.26 -49.25
N ALA X 22 15.15 12.85 -48.07
CA ALA X 22 14.66 11.50 -47.86
C ALA X 22 13.51 11.17 -48.80
N VAL X 23 12.56 12.10 -48.98
CA VAL X 23 11.44 11.83 -49.87
C VAL X 23 11.90 11.69 -51.31
N GLU X 24 12.79 12.58 -51.76
CA GLU X 24 13.28 12.53 -53.14
C GLU X 24 14.03 11.22 -53.42
N ALA X 25 14.80 10.75 -52.44
CA ALA X 25 15.54 9.51 -52.58
C ALA X 25 14.63 8.29 -52.67
N GLY X 26 13.34 8.44 -52.38
CA GLY X 26 12.42 7.33 -52.43
C GLY X 26 12.39 6.51 -51.16
N GLU X 27 13.19 6.86 -50.16
CA GLU X 27 13.17 6.15 -48.89
C GLU X 27 11.79 6.23 -48.25
N TYR X 28 11.08 7.33 -48.47
CA TYR X 28 9.78 7.57 -47.86
C TYR X 28 8.86 8.19 -48.89
N ALA X 29 7.57 7.92 -48.76
CA ALA X 29 6.60 8.44 -49.70
C ALA X 29 6.25 9.89 -49.39
N THR X 30 6.25 10.25 -48.11
CA THR X 30 5.80 11.58 -47.71
C THR X 30 6.52 11.98 -46.44
N ALA X 31 6.59 13.30 -46.21
CA ALA X 31 7.19 13.80 -44.97
C ALA X 31 6.29 13.52 -43.78
N SER X 32 4.98 13.49 -44.01
CA SER X 32 4.04 13.24 -42.92
C SER X 32 4.16 11.81 -42.39
N GLU X 33 4.61 10.87 -43.22
CA GLU X 33 4.76 9.54 -42.68
C GLU X 33 6.03 9.40 -41.85
N ILE X 34 7.12 10.06 -42.23
CA ILE X 34 8.37 9.85 -41.49
C ILE X 34 8.21 10.36 -40.07
N VAL X 35 7.49 11.46 -39.88
CA VAL X 35 7.20 11.89 -38.51
C VAL X 35 6.49 10.77 -37.77
N ARG X 36 5.57 10.05 -38.43
CA ARG X 36 4.92 8.91 -37.80
C ARG X 36 5.95 7.88 -37.34
N GLU X 37 6.94 7.60 -38.17
CA GLU X 37 8.00 6.67 -37.77
C GLU X 37 8.77 7.23 -36.59
N ALA X 38 9.08 8.53 -36.65
CA ALA X 38 9.83 9.15 -35.56
C ALA X 38 9.10 9.00 -34.23
N VAL X 39 7.80 9.26 -34.21
CA VAL X 39 7.03 9.11 -32.98
C VAL X 39 6.94 7.62 -32.61
N ARG X 40 6.80 6.74 -33.61
CA ARG X 40 6.71 5.32 -33.32
C ARG X 40 7.90 4.85 -32.49
N ASP X 41 9.10 5.23 -32.92
CA ASP X 41 10.31 4.86 -32.20
C ASP X 41 10.30 5.49 -30.81
N TRP X 42 9.86 6.76 -30.71
CA TRP X 42 9.93 7.46 -29.42
C TRP X 42 9.05 6.82 -28.36
N LEU X 43 7.77 6.58 -28.66
CA LEU X 43 6.85 5.99 -27.67
C LEU X 43 7.26 4.58 -27.29
N ALA X 44 7.49 3.75 -28.31
CA ALA X 44 7.86 2.36 -28.08
C ALA X 44 8.97 2.26 -27.06
N LYS X 45 10.03 3.04 -27.27
CA LYS X 45 11.14 3.05 -26.35
C LYS X 45 10.67 3.35 -24.93
N ARG X 46 9.90 4.42 -24.79
CA ARG X 46 9.42 4.81 -23.47
C ARG X 46 8.58 3.71 -22.88
N GLU X 47 7.68 3.16 -23.70
CA GLU X 47 6.87 2.04 -23.25
C GLU X 47 7.74 0.97 -22.63
N LEU X 48 8.78 0.58 -23.35
CA LEU X 48 9.73 -0.38 -22.82
C LEU X 48 10.35 0.12 -21.53
N ARG X 49 10.91 1.33 -21.58
CA ARG X 49 11.58 1.85 -20.39
C ARG X 49 10.63 1.86 -19.20
N GLU X 50 9.38 2.27 -19.43
CA GLU X 50 8.38 2.27 -18.38
C GLU X 50 8.16 0.85 -17.86
N ALA X 51 8.05 -0.11 -18.77
CA ALA X 51 7.79 -1.48 -18.36
C ALA X 51 8.87 -2.01 -17.43
N GLU X 52 10.14 -1.81 -17.79
CA GLU X 52 11.22 -2.36 -16.97
C GLU X 52 11.28 -1.68 -15.62
N ALA X 53 11.18 -0.35 -15.61
CA ALA X 53 11.13 0.37 -14.35
C ALA X 53 9.97 -0.13 -13.50
N GLU X 54 8.80 -0.33 -14.12
CA GLU X 54 7.66 -0.86 -13.39
C GLU X 54 7.93 -2.26 -12.85
N ARG X 55 8.60 -3.10 -13.66
CA ARG X 55 8.84 -4.48 -13.25
C ARG X 55 9.64 -4.54 -11.96
N LEU X 56 10.72 -3.76 -11.88
CA LEU X 56 11.53 -3.77 -10.68
C LEU X 56 10.77 -3.24 -9.47
N ARG X 57 10.08 -2.12 -9.61
CA ARG X 57 9.33 -1.60 -8.47
C ARG X 57 8.33 -2.62 -7.94
N LYS X 58 7.62 -3.28 -8.86
CA LYS X 58 6.66 -4.29 -8.46
C LYS X 58 7.36 -5.47 -7.81
N ALA X 59 8.52 -5.86 -8.34
CA ALA X 59 9.26 -6.96 -7.75
C ALA X 59 9.63 -6.66 -6.31
N TRP X 60 10.08 -5.43 -6.04
CA TRP X 60 10.50 -5.05 -4.70
C TRP X 60 9.34 -5.14 -3.72
N ILE X 61 8.19 -4.54 -4.07
CA ILE X 61 7.03 -4.62 -3.20
C ILE X 61 6.54 -6.04 -3.04
N GLU X 62 6.62 -6.87 -4.09
CA GLU X 62 6.15 -8.25 -4.03
C GLU X 62 6.97 -9.10 -3.05
N GLY X 63 8.28 -8.89 -3.01
CA GLY X 63 9.11 -9.70 -2.13
C GLY X 63 8.78 -9.46 -0.68
N LEU X 64 8.52 -8.22 -0.31
CA LEU X 64 8.23 -7.90 1.07
C LEU X 64 6.98 -8.64 1.54
N GLU X 65 5.99 -8.75 0.67
CA GLU X 65 4.74 -9.39 1.02
C GLU X 65 4.77 -10.89 0.85
N SER X 66 5.86 -11.46 0.36
CA SER X 66 5.92 -12.89 0.10
C SER X 66 6.33 -13.62 1.37
N GLY X 67 5.40 -13.79 2.29
CA GLY X 67 5.66 -14.63 3.44
C GLY X 67 6.72 -14.06 4.36
N PRO X 68 7.20 -14.89 5.29
CA PRO X 68 8.16 -14.40 6.28
C PRO X 68 9.55 -14.82 5.86
N PHE X 69 10.50 -13.95 6.14
CA PHE X 69 11.84 -14.23 5.72
C PHE X 69 12.51 -15.21 6.67
N ALA X 70 13.50 -15.87 6.12
CA ALA X 70 14.20 -16.97 6.72
C ALA X 70 15.69 -16.86 6.45
N PRO X 71 16.50 -17.50 7.27
CA PRO X 71 17.95 -17.46 7.08
C PRO X 71 18.31 -17.95 5.69
N PHE X 72 19.43 -17.44 5.21
CA PHE X 72 19.90 -17.71 3.86
C PHE X 72 20.87 -18.86 3.88
N ASP X 73 20.47 -19.97 3.29
CA ASP X 73 21.35 -21.12 3.11
C ASP X 73 21.25 -21.52 1.65
N ILE X 74 22.36 -21.34 0.92
CA ILE X 74 22.34 -21.56 -0.53
C ILE X 74 22.25 -23.04 -0.85
N GLU X 75 22.91 -23.89 -0.05
CA GLU X 75 22.93 -25.31 -0.36
C GLU X 75 21.55 -25.92 -0.28
N ASP X 76 20.69 -25.42 0.61
CA ASP X 76 19.30 -25.85 0.63
C ASP X 76 18.61 -25.49 -0.66
N ILE X 77 18.87 -24.28 -1.18
CA ILE X 77 18.25 -23.85 -2.42
C ILE X 77 18.76 -24.67 -3.59
N LYS X 78 20.07 -24.91 -3.64
CA LYS X 78 20.64 -25.69 -4.74
C LYS X 78 20.06 -27.10 -4.79
N GLN X 79 19.87 -27.73 -3.61
CA GLN X 79 19.26 -29.05 -3.48
C GLN X 79 17.77 -28.99 -3.83
N LYS X 80 17.08 -27.97 -3.33
CA LYS X 80 15.66 -27.87 -3.60
C LYS X 80 15.38 -27.75 -5.08
N ALA X 81 16.19 -26.99 -5.81
CA ALA X 81 15.96 -26.82 -7.25
C ALA X 81 16.13 -28.13 -8.00
N ARG X 82 17.13 -28.94 -7.64
CA ARG X 82 17.34 -30.20 -8.33
C ARG X 82 16.14 -31.12 -8.17
N SER X 83 15.50 -31.10 -6.99
CA SER X 83 14.34 -31.95 -6.76
C SER X 83 13.24 -31.67 -7.78
N ARG X 84 13.10 -30.42 -8.21
CA ARG X 84 12.11 -30.08 -9.22
C ARG X 84 12.57 -30.46 -10.61
N LEU X 85 13.89 -30.45 -10.85
CA LEU X 85 14.41 -30.85 -12.15
C LEU X 85 14.17 -32.33 -12.40
N VAL X 86 14.43 -33.18 -11.40
CA VAL X 86 14.23 -34.62 -11.57
C VAL X 86 12.76 -34.93 -11.82
N ASP X 87 11.86 -34.28 -11.06
CA ASP X 87 10.44 -34.48 -11.30
C ASP X 87 10.04 -34.04 -12.70
N ALA X 88 10.76 -33.07 -13.27
CA ALA X 88 10.48 -32.65 -14.65
C ALA X 88 10.74 -33.79 -15.63
N ILE X 89 11.61 -34.73 -15.24
CA ILE X 89 11.95 -35.87 -16.09
C ILE X 89 11.41 -37.15 -15.47
N VAL Y 4 15.39 29.18 -101.80
CA VAL Y 4 14.37 30.21 -101.63
C VAL Y 4 13.04 29.76 -102.23
N GLU Y 5 12.12 29.36 -101.37
CA GLU Y 5 10.78 28.96 -101.78
C GLU Y 5 9.83 30.12 -101.51
N LYS Y 6 9.57 30.93 -102.54
CA LYS Y 6 8.56 31.97 -102.43
C LYS Y 6 7.18 31.35 -102.25
N MET Y 7 6.24 32.15 -101.78
CA MET Y 7 4.88 31.69 -101.52
C MET Y 7 3.86 32.67 -102.10
N SER Y 8 2.76 32.13 -102.60
CA SER Y 8 1.68 32.94 -103.15
C SER Y 8 0.78 33.41 -102.01
N VAL Y 9 0.73 34.72 -101.80
CA VAL Y 9 -0.09 35.32 -100.75
C VAL Y 9 -1.30 35.98 -101.42
N ALA Y 10 -2.49 35.57 -101.02
CA ALA Y 10 -3.71 36.23 -101.42
C ALA Y 10 -3.85 37.54 -100.64
N VAL Y 11 -4.37 38.57 -101.29
CA VAL Y 11 -4.56 39.86 -100.65
C VAL Y 11 -6.03 40.24 -100.69
N THR Y 12 -6.50 40.83 -99.64
CA THR Y 12 -7.91 41.24 -99.58
C THR Y 12 -8.10 42.63 -100.20
N PRO Y 13 -9.27 42.95 -100.75
CA PRO Y 13 -9.43 44.28 -101.36
C PRO Y 13 -9.14 45.41 -100.39
N GLN Y 14 -9.69 45.31 -99.18
CA GLN Y 14 -9.57 46.38 -98.20
C GLN Y 14 -8.11 46.65 -97.87
N GLN Y 15 -7.28 45.61 -97.83
CA GLN Y 15 -5.85 45.78 -97.58
C GLN Y 15 -5.07 46.17 -98.85
N ALA Y 16 -5.42 45.56 -99.99
CA ALA Y 16 -4.72 45.88 -101.22
C ALA Y 16 -4.74 47.38 -101.47
N ALA Y 17 -5.86 48.04 -101.14
CA ALA Y 17 -5.94 49.50 -101.26
C ALA Y 17 -4.89 50.17 -100.38
N VAL Y 18 -4.81 49.75 -99.11
CA VAL Y 18 -3.89 50.39 -98.17
C VAL Y 18 -2.45 50.19 -98.60
N MET Y 19 -2.12 48.99 -99.10
CA MET Y 19 -0.78 48.72 -99.60
C MET Y 19 -0.41 49.73 -100.69
N ARG Y 20 -1.35 50.00 -101.58
CA ARG Y 20 -1.12 50.95 -102.66
C ARG Y 20 -0.79 52.35 -102.11
N GLU Y 21 -1.55 52.82 -101.13
CA GLU Y 21 -1.32 54.16 -100.61
C GLU Y 21 0.11 54.31 -100.08
N ALA Y 22 0.57 53.32 -99.31
CA ALA Y 22 1.94 53.38 -98.79
C ALA Y 22 2.96 53.37 -99.93
N VAL Y 23 2.73 52.54 -100.97
CA VAL Y 23 3.67 52.49 -102.09
C VAL Y 23 3.71 53.83 -102.82
N GLU Y 24 2.55 54.44 -103.06
CA GLU Y 24 2.51 55.74 -103.73
C GLU Y 24 3.22 56.82 -102.93
N ALA Y 25 3.08 56.78 -101.61
CA ALA Y 25 3.72 57.76 -100.73
C ALA Y 25 5.23 57.72 -100.76
N GLY Y 26 5.82 56.69 -101.36
CA GLY Y 26 7.26 56.56 -101.42
C GLY Y 26 7.86 55.89 -100.23
N GLU Y 27 7.03 55.52 -99.25
CA GLU Y 27 7.51 54.81 -98.08
C GLU Y 27 8.09 53.48 -98.49
N TYR Y 28 7.55 52.89 -99.56
CA TYR Y 28 7.92 51.57 -100.02
C TYR Y 28 8.00 51.57 -101.55
N ALA Y 29 8.84 50.68 -102.06
CA ALA Y 29 9.04 50.50 -103.49
C ALA Y 29 7.95 49.64 -104.11
N THR Y 30 7.37 48.72 -103.35
CA THR Y 30 6.45 47.75 -103.95
C THR Y 30 5.46 47.27 -102.91
N ALA Y 31 4.42 46.54 -103.36
CA ALA Y 31 3.51 45.89 -102.41
C ALA Y 31 4.17 44.63 -101.83
N SER Y 32 5.00 43.92 -102.59
CA SER Y 32 5.62 42.70 -102.07
C SER Y 32 6.64 42.96 -100.97
N GLU Y 33 7.28 44.12 -100.96
CA GLU Y 33 8.27 44.35 -99.92
C GLU Y 33 7.62 44.63 -98.56
N ILE Y 34 6.44 45.26 -98.53
CA ILE Y 34 5.82 45.51 -97.22
C ILE Y 34 5.46 44.18 -96.55
N VAL Y 35 4.93 43.24 -97.34
CA VAL Y 35 4.60 41.93 -96.76
C VAL Y 35 5.84 41.31 -96.13
N ARG Y 36 6.99 41.44 -96.78
CA ARG Y 36 8.22 41.00 -96.16
C ARG Y 36 8.35 41.63 -94.77
N GLU Y 37 8.10 42.93 -94.67
CA GLU Y 37 8.17 43.59 -93.37
C GLU Y 37 7.15 43.00 -92.41
N ALA Y 38 5.93 42.78 -92.88
CA ALA Y 38 4.90 42.19 -92.02
C ALA Y 38 5.36 40.84 -91.49
N VAL Y 39 5.94 40.02 -92.37
CA VAL Y 39 6.46 38.72 -91.93
C VAL Y 39 7.65 38.92 -91.00
N ARG Y 40 8.52 39.88 -91.30
CA ARG Y 40 9.66 40.12 -90.43
C ARG Y 40 9.22 40.40 -88.99
N ASP Y 41 8.20 41.24 -88.83
CA ASP Y 41 7.71 41.59 -87.50
C ASP Y 41 7.09 40.39 -86.79
N TRP Y 42 6.21 39.68 -87.49
CA TRP Y 42 5.49 38.58 -86.88
C TRP Y 42 6.43 37.47 -86.44
N LEU Y 43 7.42 37.15 -87.26
CA LEU Y 43 8.33 36.06 -86.93
C LEU Y 43 9.18 36.36 -85.70
N ALA Y 44 9.81 37.53 -85.67
CA ALA Y 44 10.58 37.93 -84.50
C ALA Y 44 9.78 37.69 -83.23
N LYS Y 45 8.54 38.19 -83.19
CA LYS Y 45 7.71 38.08 -81.99
C LYS Y 45 7.56 36.63 -81.57
N ARG Y 46 7.13 35.74 -82.47
CA ARG Y 46 6.92 34.36 -82.05
C ARG Y 46 8.23 33.72 -81.60
N GLU Y 47 9.30 33.95 -82.36
CA GLU Y 47 10.61 33.48 -81.95
C GLU Y 47 10.94 33.95 -80.55
N LEU Y 48 10.74 35.25 -80.31
CA LEU Y 48 10.95 35.83 -78.99
C LEU Y 48 9.99 35.25 -77.96
N ARG Y 49 8.69 35.30 -78.21
CA ARG Y 49 7.79 34.80 -77.18
C ARG Y 49 8.14 33.36 -76.76
N GLU Y 50 8.37 32.45 -77.71
CA GLU Y 50 8.77 31.09 -77.35
C GLU Y 50 10.08 31.05 -76.55
N ALA Y 51 11.05 31.89 -76.95
CA ALA Y 51 12.30 32.07 -76.21
C ALA Y 51 12.05 32.42 -74.73
N GLU Y 52 11.21 33.43 -74.47
CA GLU Y 52 10.97 33.81 -73.07
C GLU Y 52 10.19 32.72 -72.33
N ALA Y 53 9.11 32.22 -72.93
CA ALA Y 53 8.38 31.12 -72.31
C ALA Y 53 9.28 29.92 -72.09
N GLU Y 54 10.12 29.60 -73.07
CA GLU Y 54 11.03 28.47 -72.92
C GLU Y 54 12.03 28.74 -71.80
N ARG Y 55 12.51 29.98 -71.68
CA ARG Y 55 13.49 30.30 -70.65
C ARG Y 55 12.93 30.00 -69.27
N LEU Y 56 11.72 30.47 -69.00
CA LEU Y 56 11.09 30.17 -67.72
C LEU Y 56 10.81 28.67 -67.55
N ARG Y 57 10.31 28.00 -68.58
CA ARG Y 57 10.04 26.58 -68.43
C ARG Y 57 11.31 25.85 -67.99
N LYS Y 58 12.42 26.16 -68.63
CA LYS Y 58 13.69 25.51 -68.34
C LYS Y 58 14.27 25.91 -66.99
N ALA Y 59 14.14 27.18 -66.62
CA ALA Y 59 14.67 27.61 -65.33
C ALA Y 59 14.07 26.81 -64.20
N TRP Y 60 12.77 26.55 -64.26
CA TRP Y 60 12.10 25.79 -63.23
C TRP Y 60 12.72 24.40 -63.13
N ILE Y 61 12.84 23.71 -64.27
CA ILE Y 61 13.41 22.38 -64.26
C ILE Y 61 14.85 22.44 -63.81
N GLU Y 62 15.51 23.56 -64.08
CA GLU Y 62 16.92 23.70 -63.73
C GLU Y 62 17.13 23.76 -62.23
N GLY Y 63 16.28 24.52 -61.54
CA GLY Y 63 16.41 24.69 -60.11
C GLY Y 63 16.16 23.39 -59.37
N LEU Y 64 15.19 22.61 -59.83
CA LEU Y 64 14.87 21.37 -59.15
C LEU Y 64 16.05 20.40 -59.13
N GLU Y 65 16.80 20.34 -60.22
CA GLU Y 65 17.95 19.44 -60.31
C GLU Y 65 19.21 20.02 -59.71
N SER Y 66 19.18 21.26 -59.26
CA SER Y 66 20.39 21.90 -58.76
C SER Y 66 20.62 21.52 -57.32
N GLY Y 67 21.21 20.37 -57.09
CA GLY Y 67 21.60 20.02 -55.73
C GLY Y 67 20.42 19.83 -54.77
N PRO Y 68 20.75 19.90 -53.46
CA PRO Y 68 19.72 19.70 -52.43
C PRO Y 68 19.26 21.03 -51.84
N PHE Y 69 18.01 21.14 -51.44
CA PHE Y 69 17.57 22.41 -50.89
C PHE Y 69 18.12 22.56 -49.48
N ALA Y 70 18.17 23.81 -49.07
CA ALA Y 70 18.72 24.23 -47.78
C ALA Y 70 17.82 25.27 -47.14
N PRO Y 71 17.91 25.42 -45.81
CA PRO Y 71 17.10 26.46 -45.16
C PRO Y 71 17.37 27.83 -45.76
N PHE Y 72 16.36 28.67 -45.72
CA PHE Y 72 16.41 29.97 -46.37
C PHE Y 72 16.83 31.02 -45.35
N ASP Y 73 18.02 31.57 -45.54
CA ASP Y 73 18.50 32.64 -44.68
C ASP Y 73 19.05 33.73 -45.60
N ILE Y 74 18.37 34.87 -45.63
CA ILE Y 74 18.73 35.92 -46.57
C ILE Y 74 20.06 36.55 -46.17
N GLU Y 75 20.31 36.67 -44.86
CA GLU Y 75 21.53 37.31 -44.40
C GLU Y 75 22.77 36.54 -44.84
N ASP Y 76 22.68 35.22 -44.91
CA ASP Y 76 23.78 34.44 -45.47
C ASP Y 76 24.00 34.79 -46.93
N ILE Y 77 22.92 34.98 -47.68
CA ILE Y 77 23.02 35.29 -49.11
C ILE Y 77 23.59 36.69 -49.30
N LYS Y 78 23.10 37.66 -48.54
CA LYS Y 78 23.65 39.01 -48.64
C LYS Y 78 25.14 39.02 -48.35
N GLN Y 79 25.56 38.26 -47.35
CA GLN Y 79 26.97 38.20 -46.96
C GLN Y 79 27.79 37.42 -47.99
N LYS Y 80 27.25 36.31 -48.51
CA LYS Y 80 27.98 35.55 -49.53
C LYS Y 80 28.23 36.38 -50.78
N ALA Y 81 27.25 37.22 -51.16
CA ALA Y 81 27.39 38.04 -52.36
C ALA Y 81 28.50 39.07 -52.20
N ARG Y 82 28.58 39.70 -51.04
CA ARG Y 82 29.63 40.69 -50.81
C ARG Y 82 31.01 40.06 -50.91
N SER Y 83 31.15 38.82 -50.46
CA SER Y 83 32.45 38.15 -50.56
C SER Y 83 32.93 38.06 -52.00
N ARG Y 84 32.01 37.91 -52.95
CA ARG Y 84 32.39 37.87 -54.36
C ARG Y 84 32.67 39.26 -54.89
N LEU Y 85 32.01 40.28 -54.34
CA LEU Y 85 32.25 41.65 -54.78
C LEU Y 85 33.65 42.11 -54.41
N VAL Y 86 34.11 41.80 -53.19
CA VAL Y 86 35.44 42.21 -52.78
C VAL Y 86 36.50 41.53 -53.64
N ASP Y 87 36.34 40.23 -53.89
CA ASP Y 87 37.27 39.53 -54.76
C ASP Y 87 37.31 40.14 -56.14
N ALA Y 88 36.20 40.73 -56.59
CA ALA Y 88 36.18 41.40 -57.90
C ALA Y 88 37.14 42.58 -57.93
N ILE Y 89 37.44 43.15 -56.76
CA ILE Y 89 38.32 44.31 -56.68
C ILE Y 89 39.62 43.90 -55.99
N VAL Z 11 -0.27 -25.08 -9.59
CA VAL Z 11 -0.91 -26.33 -10.02
C VAL Z 11 -0.29 -27.58 -9.38
N THR Z 12 -1.15 -28.60 -9.08
CA THR Z 12 -0.82 -29.90 -8.51
C THR Z 12 -0.29 -30.85 -9.59
N PRO Z 13 0.59 -31.79 -9.23
CA PRO Z 13 1.20 -32.65 -10.26
C PRO Z 13 0.21 -33.46 -11.09
N GLN Z 14 -0.76 -34.12 -10.46
CA GLN Z 14 -1.73 -34.88 -11.24
C GLN Z 14 -2.47 -33.99 -12.24
N GLN Z 15 -2.60 -32.70 -11.94
CA GLN Z 15 -3.30 -31.82 -12.88
C GLN Z 15 -2.52 -31.71 -14.18
N ALA Z 16 -1.19 -31.61 -14.10
CA ALA Z 16 -0.37 -31.42 -15.29
C ALA Z 16 -0.49 -32.57 -16.29
N ALA Z 17 -0.60 -33.82 -15.83
CA ALA Z 17 -0.69 -34.94 -16.76
C ALA Z 17 -1.90 -34.80 -17.70
N VAL Z 18 -3.08 -34.57 -17.13
CA VAL Z 18 -4.30 -34.50 -17.92
C VAL Z 18 -4.28 -33.32 -18.88
N MET Z 19 -3.56 -32.26 -18.52
CA MET Z 19 -3.50 -31.08 -19.38
C MET Z 19 -3.12 -31.44 -20.80
N ARG Z 20 -2.21 -32.40 -20.91
CA ARG Z 20 -1.62 -32.76 -22.19
C ARG Z 20 -2.61 -33.35 -23.18
N GLU Z 21 -3.66 -34.04 -22.72
CA GLU Z 21 -4.52 -34.73 -23.67
C GLU Z 21 -5.20 -33.75 -24.60
N ALA Z 22 -5.62 -32.60 -24.08
CA ALA Z 22 -6.36 -31.63 -24.87
C ALA Z 22 -5.59 -31.15 -26.12
N VAL Z 23 -4.29 -30.90 -26.00
CA VAL Z 23 -3.53 -30.43 -27.16
C VAL Z 23 -3.48 -31.48 -28.27
N GLU Z 24 -3.18 -32.74 -27.94
CA GLU Z 24 -3.08 -33.79 -28.97
C GLU Z 24 -4.45 -34.18 -29.56
N ALA Z 25 -5.47 -34.35 -28.74
CA ALA Z 25 -6.75 -34.79 -29.30
C ALA Z 25 -7.35 -33.74 -30.23
N GLY Z 26 -6.81 -32.53 -30.27
CA GLY Z 26 -7.29 -31.47 -31.12
C GLY Z 26 -8.36 -30.61 -30.49
N GLU Z 27 -8.79 -30.92 -29.27
CA GLU Z 27 -9.74 -30.04 -28.59
C GLU Z 27 -9.11 -28.69 -28.30
N TYR Z 28 -7.80 -28.66 -28.05
CA TYR Z 28 -7.17 -27.41 -27.64
C TYR Z 28 -5.80 -27.24 -28.28
N ALA Z 29 -5.39 -25.97 -28.42
CA ALA Z 29 -4.09 -25.67 -29.00
C ALA Z 29 -2.95 -25.70 -27.97
N THR Z 30 -3.22 -25.31 -26.73
CA THR Z 30 -2.17 -25.18 -25.74
C THR Z 30 -2.71 -25.40 -24.34
N ALA Z 31 -1.79 -25.70 -23.42
CA ALA Z 31 -2.11 -25.88 -22.00
C ALA Z 31 -2.42 -24.57 -21.27
N SER Z 32 -1.78 -23.46 -21.64
CA SER Z 32 -2.09 -22.20 -20.95
C SER Z 32 -3.53 -21.77 -21.23
N GLU Z 33 -4.08 -22.15 -22.38
CA GLU Z 33 -5.43 -21.75 -22.79
C GLU Z 33 -6.51 -22.48 -22.00
N ILE Z 34 -6.27 -23.73 -21.61
CA ILE Z 34 -7.31 -24.47 -20.90
C ILE Z 34 -7.61 -23.82 -19.56
N VAL Z 35 -6.57 -23.37 -18.85
CA VAL Z 35 -6.78 -22.62 -17.61
C VAL Z 35 -7.61 -21.37 -17.87
N ARG Z 36 -7.30 -20.64 -18.94
CA ARG Z 36 -8.10 -19.47 -19.27
C ARG Z 36 -9.56 -19.83 -19.48
N GLU Z 37 -9.81 -20.97 -20.13
CA GLU Z 37 -11.18 -21.43 -20.31
C GLU Z 37 -11.79 -21.80 -18.96
N ALA Z 38 -11.04 -22.48 -18.10
CA ALA Z 38 -11.54 -22.74 -16.76
C ALA Z 38 -11.88 -21.44 -16.04
N VAL Z 39 -11.01 -20.44 -16.15
CA VAL Z 39 -11.32 -19.18 -15.47
C VAL Z 39 -12.44 -18.48 -16.20
N ARG Z 40 -12.45 -18.64 -17.53
CA ARG Z 40 -13.53 -18.12 -18.34
C ARG Z 40 -14.84 -18.54 -17.74
N ASP Z 41 -14.88 -19.78 -17.30
CA ASP Z 41 -16.06 -20.33 -16.69
C ASP Z 41 -16.35 -19.69 -15.35
N TRP Z 42 -15.31 -19.57 -14.52
CA TRP Z 42 -15.48 -19.12 -13.14
C TRP Z 42 -16.06 -17.71 -13.10
N LEU Z 43 -15.59 -16.81 -13.96
CA LEU Z 43 -16.13 -15.45 -13.83
C LEU Z 43 -17.54 -15.32 -14.37
N ALA Z 44 -17.81 -15.87 -15.56
CA ALA Z 44 -19.17 -15.84 -16.10
C ALA Z 44 -20.18 -16.13 -14.99
N LYS Z 45 -19.93 -17.18 -14.21
CA LYS Z 45 -20.80 -17.52 -13.08
C LYS Z 45 -20.95 -16.38 -12.07
N ARG Z 46 -19.82 -15.82 -11.64
CA ARG Z 46 -19.90 -14.86 -10.55
C ARG Z 46 -20.81 -13.71 -10.91
N GLU Z 47 -20.63 -13.16 -12.13
CA GLU Z 47 -21.48 -12.09 -12.64
C GLU Z 47 -22.95 -12.47 -12.49
N LEU Z 48 -23.28 -13.71 -12.86
CA LEU Z 48 -24.64 -14.19 -12.70
C LEU Z 48 -25.08 -14.10 -11.24
N ARG Z 49 -24.28 -14.67 -10.33
CA ARG Z 49 -24.68 -14.72 -8.93
C ARG Z 49 -24.97 -13.33 -8.38
N GLU Z 50 -24.05 -12.38 -8.58
CA GLU Z 50 -24.29 -11.02 -8.11
C GLU Z 50 -25.47 -10.39 -8.82
N ALA Z 51 -25.58 -10.58 -10.13
CA ALA Z 51 -26.66 -9.95 -10.89
C ALA Z 51 -28.00 -10.37 -10.29
N GLU Z 52 -28.16 -11.66 -9.99
CA GLU Z 52 -29.39 -12.12 -9.35
C GLU Z 52 -29.52 -11.51 -7.96
N ALA Z 53 -28.44 -11.53 -7.18
CA ALA Z 53 -28.48 -10.86 -5.89
C ALA Z 53 -28.81 -9.37 -6.08
N GLU Z 54 -28.12 -8.72 -7.02
CA GLU Z 54 -28.35 -7.29 -7.28
C GLU Z 54 -29.77 -7.04 -7.75
N ARG Z 55 -30.31 -7.91 -8.60
CA ARG Z 55 -31.67 -7.70 -9.11
C ARG Z 55 -32.68 -7.70 -7.96
N LEU Z 56 -32.59 -8.70 -7.07
CA LEU Z 56 -33.48 -8.74 -5.92
C LEU Z 56 -33.23 -7.53 -5.05
N ARG Z 57 -31.93 -7.17 -4.88
CA ARG Z 57 -31.58 -5.98 -4.12
C ARG Z 57 -32.28 -4.77 -4.71
N LYS Z 58 -32.20 -4.61 -6.03
CA LYS Z 58 -32.83 -3.45 -6.68
C LYS Z 58 -34.34 -3.55 -6.69
N ALA Z 59 -34.88 -4.75 -6.91
CA ALA Z 59 -36.33 -4.91 -6.94
C ALA Z 59 -36.96 -4.44 -5.63
N TRP Z 60 -36.30 -4.73 -4.51
CA TRP Z 60 -36.84 -4.35 -3.21
C TRP Z 60 -36.92 -2.83 -3.08
N ILE Z 61 -35.80 -2.15 -3.39
CA ILE Z 61 -35.79 -0.70 -3.28
C ILE Z 61 -36.77 -0.08 -4.27
N GLU Z 62 -36.93 -0.75 -5.42
CA GLU Z 62 -37.83 -0.27 -6.45
C GLU Z 62 -39.28 -0.37 -6.00
N GLY Z 63 -39.64 -1.45 -5.33
CA GLY Z 63 -41.01 -1.61 -4.88
C GLY Z 63 -41.38 -0.62 -3.80
N LEU Z 64 -40.48 -0.42 -2.83
CA LEU Z 64 -40.75 0.52 -1.73
C LEU Z 64 -40.88 1.94 -2.25
N GLU Z 65 -40.05 2.30 -3.22
CA GLU Z 65 -40.06 3.64 -3.78
C GLU Z 65 -41.10 3.89 -4.86
N SER Z 66 -41.79 2.85 -5.32
CA SER Z 66 -42.74 3.02 -6.42
C SER Z 66 -44.11 3.42 -5.86
N GLY Z 67 -44.22 4.68 -5.44
CA GLY Z 67 -45.52 5.29 -5.14
C GLY Z 67 -46.20 4.73 -3.91
N PRO Z 68 -47.50 5.04 -3.72
CA PRO Z 68 -48.19 4.65 -2.48
C PRO Z 68 -49.02 3.39 -2.64
N PHE Z 69 -49.15 2.67 -1.54
CA PHE Z 69 -49.80 1.37 -1.49
C PHE Z 69 -51.32 1.52 -1.52
N ALA Z 70 -51.95 0.42 -1.89
CA ALA Z 70 -53.40 0.31 -2.06
C ALA Z 70 -53.88 -0.99 -1.45
N PRO Z 71 -55.15 -1.02 -1.05
CA PRO Z 71 -55.74 -2.24 -0.53
C PRO Z 71 -55.59 -3.31 -1.59
N PHE Z 72 -55.37 -4.55 -1.15
CA PHE Z 72 -55.09 -5.64 -2.06
C PHE Z 72 -56.36 -6.39 -2.46
N ASP Z 73 -56.67 -6.35 -3.76
CA ASP Z 73 -57.77 -7.12 -4.31
C ASP Z 73 -57.23 -7.83 -5.54
N ILE Z 74 -57.14 -9.16 -5.48
CA ILE Z 74 -56.52 -9.87 -6.58
C ILE Z 74 -57.45 -9.90 -7.78
N GLU Z 75 -58.77 -10.01 -7.54
CA GLU Z 75 -59.72 -10.11 -8.65
C GLU Z 75 -59.64 -8.88 -9.54
N ASP Z 76 -59.36 -7.71 -8.97
CA ASP Z 76 -59.11 -6.53 -9.80
C ASP Z 76 -57.88 -6.73 -10.66
N ILE Z 77 -56.82 -7.35 -10.11
CA ILE Z 77 -55.61 -7.57 -10.87
C ILE Z 77 -55.86 -8.60 -11.97
N LYS Z 78 -56.56 -9.68 -11.63
CA LYS Z 78 -56.90 -10.67 -12.64
C LYS Z 78 -57.76 -10.03 -13.73
N GLN Z 79 -58.66 -9.14 -13.33
CA GLN Z 79 -59.53 -8.46 -14.30
C GLN Z 79 -58.72 -7.48 -15.16
N LYS Z 80 -57.86 -6.69 -14.52
CA LYS Z 80 -57.06 -5.73 -15.26
C LYS Z 80 -56.14 -6.41 -16.26
N ALA Z 81 -55.60 -7.58 -15.92
CA ALA Z 81 -54.67 -8.24 -16.82
C ALA Z 81 -55.35 -8.67 -18.12
N ARG Z 82 -56.58 -9.19 -18.04
CA ARG Z 82 -57.29 -9.62 -19.25
C ARG Z 82 -57.54 -8.44 -20.19
N SER Z 83 -57.87 -7.27 -19.63
CA SER Z 83 -58.10 -6.10 -20.47
C SER Z 83 -56.90 -5.81 -21.35
N ARG Z 84 -55.70 -6.08 -20.87
CA ARG Z 84 -54.50 -5.87 -21.69
C ARG Z 84 -54.28 -7.03 -22.66
N LEU Z 85 -54.74 -8.22 -22.30
CA LEU Z 85 -54.62 -9.36 -23.21
C LEU Z 85 -55.50 -9.17 -24.44
N VAL Z 86 -56.73 -8.71 -24.24
CA VAL Z 86 -57.64 -8.49 -25.37
C VAL Z 86 -57.07 -7.41 -26.28
N ASP Z 87 -56.59 -6.32 -25.70
CA ASP Z 87 -56.01 -5.25 -26.52
C ASP Z 87 -54.83 -5.75 -27.34
N ALA Z 88 -54.11 -6.76 -26.85
CA ALA Z 88 -53.02 -7.32 -27.62
C ALA Z 88 -53.51 -7.96 -28.90
N ILE Z 89 -54.79 -8.36 -28.94
CA ILE Z 89 -55.36 -9.01 -30.10
C ILE Z 89 -56.41 -8.10 -30.74
N MET AA 7 86.50 -6.93 -25.72
CA MET AA 7 86.39 -7.63 -27.00
C MET AA 7 86.92 -9.05 -26.85
N SER AA 8 87.80 -9.27 -25.88
CA SER AA 8 88.37 -10.59 -25.67
C SER AA 8 87.31 -11.52 -25.07
N VAL AA 9 86.97 -12.58 -25.79
CA VAL AA 9 85.89 -13.47 -25.38
C VAL AA 9 86.20 -14.89 -25.83
N ALA AA 10 85.62 -15.85 -25.11
CA ALA AA 10 85.86 -17.27 -25.36
C ALA AA 10 84.63 -18.09 -25.00
N VAL AA 11 84.68 -19.34 -25.47
CA VAL AA 11 83.55 -20.11 -25.99
C VAL AA 11 83.94 -21.56 -25.69
N THR AA 12 82.95 -22.38 -25.11
CA THR AA 12 83.38 -23.72 -24.66
C THR AA 12 83.40 -24.72 -25.82
N PRO AA 13 84.23 -25.76 -25.68
CA PRO AA 13 84.42 -26.73 -26.77
C PRO AA 13 83.19 -27.51 -27.17
N GLN AA 14 82.45 -28.03 -26.20
CA GLN AA 14 81.32 -28.89 -26.52
C GLN AA 14 80.31 -28.18 -27.40
N GLN AA 15 80.10 -26.88 -27.19
CA GLN AA 15 79.19 -26.16 -28.08
C GLN AA 15 79.86 -25.87 -29.42
N ALA AA 16 81.16 -25.60 -29.42
CA ALA AA 16 81.83 -25.16 -30.64
C ALA AA 16 81.55 -26.07 -31.83
N ALA AA 17 81.41 -27.38 -31.60
CA ALA AA 17 81.08 -28.30 -32.69
C ALA AA 17 79.76 -27.88 -33.34
N VAL AA 18 78.70 -27.72 -32.53
CA VAL AA 18 77.41 -27.33 -33.07
C VAL AA 18 77.48 -25.90 -33.59
N MET AA 19 78.33 -25.07 -32.96
CA MET AA 19 78.49 -23.70 -33.44
C MET AA 19 78.88 -23.72 -34.91
N ARG AA 20 79.83 -24.58 -35.25
CA ARG AA 20 80.28 -24.69 -36.65
C ARG AA 20 79.19 -25.26 -37.59
N GLU AA 21 78.42 -26.26 -37.17
CA GLU AA 21 77.49 -26.88 -38.12
C GLU AA 21 76.48 -25.90 -38.69
N ALA AA 22 76.01 -24.95 -37.87
CA ALA AA 22 75.02 -23.98 -38.35
C ALA AA 22 75.47 -23.34 -39.66
N VAL AA 23 76.73 -22.89 -39.75
CA VAL AA 23 77.24 -22.37 -41.03
C VAL AA 23 77.33 -23.50 -42.07
N GLU AA 24 77.80 -24.69 -41.65
CA GLU AA 24 77.99 -25.80 -42.59
C GLU AA 24 76.66 -26.20 -43.21
N ALA AA 25 75.58 -26.15 -42.43
CA ALA AA 25 74.25 -26.43 -42.95
C ALA AA 25 73.85 -25.44 -44.02
N GLY AA 26 74.63 -24.37 -44.20
CA GLY AA 26 74.26 -23.33 -45.13
C GLY AA 26 73.28 -22.35 -44.53
N GLU AA 27 72.89 -22.54 -43.28
CA GLU AA 27 71.98 -21.59 -42.65
C GLU AA 27 72.51 -20.18 -42.86
N TYR AA 28 73.83 -20.06 -42.97
CA TYR AA 28 74.56 -18.89 -42.50
C TYR AA 28 75.81 -18.63 -43.34
N ALA AA 29 76.15 -17.34 -43.46
CA ALA AA 29 77.28 -16.93 -44.29
C ALA AA 29 78.62 -17.14 -43.60
N THR AA 30 78.66 -16.96 -42.28
CA THR AA 30 79.91 -17.08 -41.56
C THR AA 30 79.64 -17.56 -40.13
N ALA AA 31 80.68 -18.12 -39.50
CA ALA AA 31 80.55 -18.51 -38.11
C ALA AA 31 80.48 -17.29 -37.21
N SER AA 32 81.15 -16.21 -37.61
CA SER AA 32 81.17 -14.97 -36.85
C SER AA 32 79.89 -14.17 -36.96
N GLU AA 33 79.05 -14.43 -37.95
CA GLU AA 33 77.85 -13.60 -38.03
C GLU AA 33 76.84 -13.95 -36.95
N ILE AA 34 76.79 -15.22 -36.52
CA ILE AA 34 75.75 -15.65 -35.59
C ILE AA 34 75.98 -15.08 -34.20
N VAL AA 35 77.24 -14.99 -33.81
CA VAL AA 35 77.52 -14.45 -32.51
C VAL AA 35 76.96 -13.04 -32.41
N ARG AA 36 77.17 -12.23 -33.45
CA ARG AA 36 76.60 -10.88 -33.41
C ARG AA 36 75.07 -10.90 -33.34
N GLU AA 37 74.42 -11.80 -34.10
CA GLU AA 37 72.96 -11.91 -34.01
C GLU AA 37 72.57 -12.18 -32.56
N ALA AA 38 73.34 -13.01 -31.86
CA ALA AA 38 73.05 -13.21 -30.45
C ALA AA 38 73.16 -11.90 -29.67
N VAL AA 39 74.16 -11.07 -29.96
CA VAL AA 39 74.38 -9.84 -29.20
C VAL AA 39 73.19 -8.87 -29.36
N ARG AA 40 72.74 -8.66 -30.60
CA ARG AA 40 71.65 -7.72 -30.87
C ARG AA 40 70.36 -8.12 -30.18
N ASP AA 41 70.04 -9.42 -30.21
CA ASP AA 41 68.82 -9.92 -29.59
C ASP AA 41 68.81 -9.55 -28.12
N TRP AA 42 69.95 -9.75 -27.46
CA TRP AA 42 70.05 -9.41 -26.05
C TRP AA 42 69.78 -7.94 -25.79
N LEU AA 43 70.34 -7.05 -26.59
CA LEU AA 43 70.09 -5.63 -26.38
C LEU AA 43 68.63 -5.30 -26.62
N ALA AA 44 68.12 -5.72 -27.80
CA ALA AA 44 66.72 -5.48 -28.13
C ALA AA 44 65.84 -5.80 -26.93
N LYS AA 45 66.04 -6.97 -26.34
CA LYS AA 45 65.33 -7.33 -25.11
C LYS AA 45 65.59 -6.28 -24.02
N ARG AA 46 66.87 -5.98 -23.76
CA ARG AA 46 67.21 -5.02 -22.73
C ARG AA 46 66.66 -3.64 -23.04
N GLU AA 47 66.86 -3.19 -24.28
CA GLU AA 47 66.30 -1.91 -24.70
C GLU AA 47 64.79 -1.87 -24.44
N LEU AA 48 64.08 -2.93 -24.82
CA LEU AA 48 62.63 -2.98 -24.60
C LEU AA 48 62.31 -2.88 -23.11
N ARG AA 49 62.95 -3.72 -22.30
CA ARG AA 49 62.61 -3.75 -20.88
C ARG AA 49 62.80 -2.38 -20.26
N GLU AA 50 63.91 -1.71 -20.59
CA GLU AA 50 64.17 -0.40 -20.02
C GLU AA 50 63.09 0.60 -20.41
N ALA AA 51 62.69 0.60 -21.68
CA ALA AA 51 61.67 1.53 -22.12
C ALA AA 51 60.40 1.36 -21.31
N GLU AA 52 60.00 0.10 -21.07
CA GLU AA 52 58.76 -0.15 -20.37
C GLU AA 52 58.82 0.33 -18.93
N ALA AA 53 59.86 -0.08 -18.19
CA ALA AA 53 60.02 0.34 -16.81
C ALA AA 53 60.03 1.86 -16.71
N GLU AA 54 60.68 2.52 -17.67
CA GLU AA 54 60.72 3.97 -17.65
C GLU AA 54 59.32 4.56 -17.83
N ARG AA 55 58.51 3.99 -18.72
CA ARG AA 55 57.17 4.53 -18.93
C ARG AA 55 56.37 4.50 -17.63
N LEU AA 56 56.43 3.39 -16.88
CA LEU AA 56 55.71 3.29 -15.63
C LEU AA 56 56.23 4.33 -14.65
N ARG AA 57 57.56 4.47 -14.58
CA ARG AA 57 58.15 5.46 -13.68
C ARG AA 57 57.62 6.83 -14.06
N LYS AA 58 57.59 7.08 -15.37
CA LYS AA 58 57.07 8.35 -15.86
C LYS AA 58 55.58 8.41 -15.66
N ALA AA 59 54.92 7.25 -15.84
CA ALA AA 59 53.48 7.17 -15.67
C ALA AA 59 53.06 7.57 -14.27
N TRP AA 60 53.79 7.08 -13.24
CA TRP AA 60 53.47 7.47 -11.87
C TRP AA 60 53.66 8.97 -11.67
N ILE AA 61 54.80 9.49 -12.11
CA ILE AA 61 54.99 10.93 -11.97
C ILE AA 61 53.91 11.67 -12.75
N GLU AA 62 53.46 11.10 -13.88
CA GLU AA 62 52.46 11.76 -14.71
C GLU AA 62 51.09 11.85 -14.03
N GLY AA 63 50.64 10.76 -13.40
CA GLY AA 63 49.33 10.78 -12.77
C GLY AA 63 49.28 11.70 -11.56
N LEU AA 64 50.31 11.66 -10.73
CA LEU AA 64 50.28 12.48 -9.52
C LEU AA 64 50.25 13.95 -9.84
N GLU AA 65 51.02 14.37 -10.85
CA GLU AA 65 51.12 15.78 -11.18
C GLU AA 65 50.02 16.27 -12.09
N SER AA 66 49.18 15.37 -12.58
CA SER AA 66 48.15 15.76 -13.52
C SER AA 66 46.94 16.24 -12.73
N GLY AA 67 46.98 17.49 -12.28
CA GLY AA 67 45.81 18.14 -11.69
C GLY AA 67 45.30 17.61 -10.35
N PRO AA 68 44.08 18.08 -9.98
CA PRO AA 68 43.45 17.62 -8.73
C PRO AA 68 42.43 16.53 -8.86
N PHE AA 69 42.25 15.72 -7.82
CA PHE AA 69 41.40 14.55 -7.91
C PHE AA 69 39.91 14.89 -7.81
N ALA AA 70 39.07 14.00 -8.33
CA ALA AA 70 37.62 14.17 -8.32
C ALA AA 70 36.97 12.82 -7.98
N PRO AA 71 35.72 12.85 -7.53
CA PRO AA 71 35.02 11.59 -7.24
C PRO AA 71 34.94 10.70 -8.48
N PHE AA 72 34.90 9.40 -8.24
CA PHE AA 72 34.95 8.40 -9.29
C PHE AA 72 33.54 7.98 -9.66
N ASP AA 73 33.13 8.29 -10.88
CA ASP AA 73 31.86 7.84 -11.44
C ASP AA 73 32.13 7.32 -12.83
N ILE AA 74 31.93 6.01 -13.04
CA ILE AA 74 32.27 5.45 -14.34
C ILE AA 74 31.29 5.91 -15.41
N GLU AA 75 30.01 6.03 -15.07
CA GLU AA 75 29.01 6.39 -16.07
C GLU AA 75 29.28 7.76 -16.65
N ASP AA 76 29.83 8.68 -15.86
CA ASP AA 76 30.25 9.96 -16.41
C ASP AA 76 31.36 9.76 -17.44
N ILE AA 77 32.29 8.85 -17.16
CA ILE AA 77 33.37 8.58 -18.10
C ILE AA 77 32.82 7.90 -19.36
N LYS AA 78 31.94 6.91 -19.19
CA LYS AA 78 31.30 6.30 -20.35
C LYS AA 78 30.55 7.35 -21.14
N GLN AA 79 29.90 8.25 -20.44
CA GLN AA 79 29.14 9.30 -21.09
C GLN AA 79 30.05 10.27 -21.81
N LYS AA 80 31.12 10.71 -21.15
CA LYS AA 80 32.00 11.70 -21.76
C LYS AA 80 32.68 11.16 -23.01
N ALA AA 81 33.03 9.87 -23.00
CA ALA AA 81 33.74 9.31 -24.13
C ALA AA 81 32.87 9.33 -25.39
N ARG AA 82 31.58 9.01 -25.25
CA ARG AA 82 30.70 9.02 -26.41
C ARG AA 82 30.60 10.41 -27.03
N SER AA 83 30.55 11.45 -26.19
CA SER AA 83 30.50 12.81 -26.71
C SER AA 83 31.67 13.09 -27.62
N ARG AA 84 32.83 12.48 -27.36
CA ARG AA 84 34.00 12.62 -28.22
C ARG AA 84 33.89 11.77 -29.48
N LEU AA 85 33.19 10.63 -29.41
CA LEU AA 85 33.04 9.79 -30.59
C LEU AA 85 32.12 10.44 -31.62
N VAL AA 86 31.00 11.01 -31.19
CA VAL AA 86 30.07 11.62 -32.14
C VAL AA 86 30.74 12.77 -32.87
N ASP AA 87 31.45 13.64 -32.12
CA ASP AA 87 32.15 14.74 -32.76
C ASP AA 87 33.15 14.23 -33.79
N ALA AA 88 33.67 13.03 -33.60
CA ALA AA 88 34.59 12.46 -34.58
C ALA AA 88 33.89 12.23 -35.91
N ILE AA 89 32.58 12.03 -35.89
CA ILE AA 89 31.82 11.77 -37.11
C ILE AA 89 30.93 12.97 -37.42
N MET BA 7 -16.63 -23.47 101.69
CA MET BA 7 -15.80 -23.37 100.50
C MET BA 7 -15.78 -21.91 100.01
N SER BA 8 -14.62 -21.49 99.50
CA SER BA 8 -14.43 -20.17 98.94
C SER BA 8 -13.41 -20.30 97.81
N VAL BA 9 -13.54 -19.46 96.79
CA VAL BA 9 -12.68 -19.56 95.61
C VAL BA 9 -12.29 -18.17 95.12
N ALA BA 10 -11.10 -18.09 94.53
CA ALA BA 10 -10.52 -16.84 94.08
C ALA BA 10 -10.67 -16.73 92.56
N VAL BA 11 -11.24 -15.60 92.13
CA VAL BA 11 -11.42 -15.28 90.71
C VAL BA 11 -10.83 -13.89 90.47
N THR BA 12 -9.80 -13.83 89.62
CA THR BA 12 -9.14 -12.56 89.36
C THR BA 12 -10.14 -11.48 88.96
N PRO BA 13 -9.84 -10.21 89.26
CA PRO BA 13 -10.78 -9.12 88.88
C PRO BA 13 -11.08 -9.14 87.39
N GLN BA 14 -10.07 -9.36 86.56
CA GLN BA 14 -10.29 -9.43 85.11
C GLN BA 14 -11.34 -10.47 84.76
N GLN BA 15 -11.32 -11.61 85.44
CA GLN BA 15 -12.40 -12.59 85.29
C GLN BA 15 -13.68 -12.14 85.99
N ALA BA 16 -13.57 -11.54 87.18
CA ALA BA 16 -14.77 -11.06 87.87
C ALA BA 16 -15.53 -10.07 86.99
N ALA BA 17 -14.81 -9.21 86.27
CA ALA BA 17 -15.45 -8.28 85.35
C ALA BA 17 -16.21 -9.03 84.25
N VAL BA 18 -15.54 -10.01 83.63
CA VAL BA 18 -16.18 -10.74 82.54
C VAL BA 18 -17.39 -11.52 83.05
N MET BA 19 -17.29 -12.14 84.23
CA MET BA 19 -18.46 -12.86 84.74
C MET BA 19 -19.63 -11.91 84.96
N ARG BA 20 -19.36 -10.73 85.50
CA ARG BA 20 -20.38 -9.70 85.71
C ARG BA 20 -21.01 -9.28 84.38
N GLU BA 21 -20.19 -9.16 83.34
CA GLU BA 21 -20.68 -8.70 82.05
C GLU BA 21 -21.69 -9.68 81.44
N ALA BA 22 -21.45 -10.98 81.59
CA ALA BA 22 -22.30 -11.97 80.93
C ALA BA 22 -23.76 -11.76 81.29
N VAL BA 23 -24.05 -11.53 82.58
CA VAL BA 23 -25.43 -11.31 83.02
C VAL BA 23 -26.06 -10.06 82.41
N GLU BA 24 -25.28 -8.97 82.27
CA GLU BA 24 -25.89 -7.75 81.74
C GLU BA 24 -26.58 -8.01 80.41
N ALA BA 25 -25.94 -8.82 79.56
CA ALA BA 25 -26.48 -9.16 78.24
C ALA BA 25 -27.79 -9.94 78.34
N GLY BA 26 -28.14 -10.34 79.55
CA GLY BA 26 -29.30 -11.14 79.76
C GLY BA 26 -29.06 -12.62 79.60
N GLU BA 27 -27.85 -13.06 79.26
CA GLU BA 27 -27.67 -14.50 79.14
C GLU BA 27 -27.97 -15.20 80.46
N TYR BA 28 -27.59 -14.58 81.58
CA TYR BA 28 -27.54 -15.25 82.87
C TYR BA 28 -28.06 -14.32 83.96
N ALA BA 29 -28.53 -14.92 85.06
CA ALA BA 29 -29.08 -14.13 86.15
C ALA BA 29 -28.02 -13.60 87.13
N THR BA 30 -27.01 -14.38 87.48
CA THR BA 30 -26.05 -13.93 88.48
C THR BA 30 -24.73 -14.65 88.28
N ALA BA 31 -23.68 -14.10 88.90
CA ALA BA 31 -22.36 -14.72 88.84
C ALA BA 31 -22.33 -16.06 89.56
N SER BA 32 -23.17 -16.23 90.57
CA SER BA 32 -23.25 -17.54 91.21
C SER BA 32 -23.79 -18.57 90.22
N GLU BA 33 -24.61 -18.15 89.26
CA GLU BA 33 -25.18 -19.15 88.36
C GLU BA 33 -24.15 -19.67 87.39
N ILE BA 34 -23.26 -18.80 86.94
CA ILE BA 34 -22.30 -19.20 85.94
C ILE BA 34 -21.27 -20.13 86.52
N VAL BA 35 -20.82 -19.83 87.73
CA VAL BA 35 -19.91 -20.74 88.40
C VAL BA 35 -20.59 -22.08 88.55
N ARG BA 36 -21.86 -22.07 88.92
CA ARG BA 36 -22.63 -23.29 88.87
C ARG BA 36 -22.54 -23.87 87.46
N GLU BA 37 -22.63 -22.98 86.47
CA GLU BA 37 -22.49 -23.42 85.09
C GLU BA 37 -21.05 -23.84 84.72
N ALA BA 38 -19.99 -23.17 85.27
CA ALA BA 38 -18.62 -23.67 85.06
C ALA BA 38 -18.56 -25.09 85.62
N VAL BA 39 -19.13 -25.33 86.82
CA VAL BA 39 -19.03 -26.65 87.47
C VAL BA 39 -19.91 -27.74 86.84
N ARG BA 40 -21.17 -27.47 86.53
CA ARG BA 40 -21.98 -28.54 85.94
C ARG BA 40 -21.33 -29.08 84.66
N ASP BA 41 -20.79 -28.20 83.82
CA ASP BA 41 -20.10 -28.70 82.64
C ASP BA 41 -18.86 -29.52 83.03
N TRP BA 42 -18.07 -29.00 83.98
CA TRP BA 42 -16.84 -29.69 84.36
C TRP BA 42 -17.07 -31.11 84.84
N LEU BA 43 -18.19 -31.36 85.52
CA LEU BA 43 -18.42 -32.69 86.07
C LEU BA 43 -18.39 -33.75 84.98
N ALA BA 44 -19.04 -33.49 83.84
CA ALA BA 44 -19.00 -34.44 82.74
C ALA BA 44 -17.57 -34.86 82.38
N LYS BA 45 -16.68 -33.88 82.25
CA LYS BA 45 -15.29 -34.16 81.87
C LYS BA 45 -14.62 -35.12 82.83
N ARG BA 46 -14.66 -34.82 84.12
CA ARG BA 46 -14.03 -35.78 85.00
C ARG BA 46 -14.67 -37.14 84.80
N GLU BA 47 -16.01 -37.18 84.77
CA GLU BA 47 -16.72 -38.43 84.54
C GLU BA 47 -16.18 -39.13 83.29
N LEU BA 48 -15.96 -38.39 82.20
CA LEU BA 48 -15.42 -39.00 81.00
C LEU BA 48 -14.09 -39.69 81.29
N ARG BA 49 -13.12 -38.98 81.89
CA ARG BA 49 -11.88 -39.66 82.26
C ARG BA 49 -12.18 -40.86 83.16
N GLU BA 50 -13.35 -40.89 83.79
CA GLU BA 50 -13.68 -42.01 84.67
C GLU BA 50 -14.31 -43.18 83.94
N ALA BA 51 -15.37 -42.93 83.19
CA ALA BA 51 -16.04 -44.01 82.48
C ALA BA 51 -15.07 -44.71 81.54
N GLU BA 52 -14.25 -43.94 80.82
CA GLU BA 52 -13.29 -44.50 79.88
C GLU BA 52 -12.23 -45.29 80.61
N ALA BA 53 -11.68 -44.72 81.70
CA ALA BA 53 -10.71 -45.44 82.51
C ALA BA 53 -11.31 -46.74 83.04
N GLU BA 54 -12.57 -46.70 83.51
CA GLU BA 54 -13.25 -47.90 83.96
C GLU BA 54 -13.37 -48.91 82.82
N ARG BA 55 -13.68 -48.42 81.62
CA ARG BA 55 -13.86 -49.31 80.48
C ARG BA 55 -12.60 -50.12 80.21
N LEU BA 56 -11.44 -49.45 80.21
CA LEU BA 56 -10.18 -50.14 79.97
C LEU BA 56 -9.92 -51.16 81.07
N ARG BA 57 -10.19 -50.80 82.32
CA ARG BA 57 -9.99 -51.77 83.38
C ARG BA 57 -10.81 -53.03 83.15
N LYS BA 58 -12.10 -52.88 82.80
CA LYS BA 58 -12.91 -54.07 82.62
C LYS BA 58 -12.44 -54.86 81.42
N ALA BA 59 -12.05 -54.17 80.36
CA ALA BA 59 -11.47 -54.85 79.21
C ALA BA 59 -10.18 -55.56 79.59
N TRP BA 60 -9.37 -54.93 80.44
CA TRP BA 60 -8.13 -55.60 80.82
C TRP BA 60 -8.40 -56.90 81.54
N ILE BA 61 -9.26 -56.90 82.55
CA ILE BA 61 -9.52 -58.15 83.26
C ILE BA 61 -10.17 -59.17 82.34
N GLU BA 62 -10.96 -58.68 81.38
CA GLU BA 62 -11.64 -59.59 80.45
C GLU BA 62 -10.64 -60.33 79.58
N GLY BA 63 -9.59 -59.64 79.14
CA GLY BA 63 -8.60 -60.29 78.30
C GLY BA 63 -7.80 -61.35 79.04
N LEU BA 64 -7.42 -61.05 80.29
CA LEU BA 64 -6.68 -62.02 81.07
C LEU BA 64 -7.51 -63.28 81.31
N GLU BA 65 -8.81 -63.10 81.54
CA GLU BA 65 -9.70 -64.24 81.78
C GLU BA 65 -10.28 -64.84 80.49
N SER BA 66 -10.03 -64.21 79.34
CA SER BA 66 -10.60 -64.67 78.08
C SER BA 66 -9.73 -65.82 77.57
N GLY BA 67 -9.90 -67.00 78.18
CA GLY BA 67 -9.36 -68.26 77.66
C GLY BA 67 -7.84 -68.41 77.67
N PRO BA 68 -7.32 -69.42 76.91
CA PRO BA 68 -5.88 -69.69 76.94
C PRO BA 68 -5.23 -69.06 75.70
N PHE BA 69 -4.01 -68.59 75.94
CA PHE BA 69 -3.26 -67.79 74.99
C PHE BA 69 -2.65 -68.68 73.91
N ALA BA 70 -2.42 -68.11 72.73
CA ALA BA 70 -1.90 -68.84 71.59
C ALA BA 70 -0.86 -67.95 70.93
N PRO BA 71 0.07 -68.53 70.18
CA PRO BA 71 1.07 -67.71 69.48
C PRO BA 71 0.39 -66.74 68.52
N PHE BA 72 1.02 -65.58 68.33
CA PHE BA 72 0.42 -64.50 67.57
C PHE BA 72 0.89 -64.54 66.11
N ASP BA 73 -0.06 -64.76 65.21
CA ASP BA 73 0.20 -64.65 63.77
C ASP BA 73 -0.90 -63.78 63.18
N ILE BA 74 -0.52 -62.62 62.64
CA ILE BA 74 -1.53 -61.69 62.14
C ILE BA 74 -2.24 -62.27 60.93
N GLU BA 75 -1.52 -63.02 60.09
CA GLU BA 75 -2.10 -63.50 58.84
C GLU BA 75 -3.29 -64.40 59.07
N ASP BA 76 -3.27 -65.19 60.15
CA ASP BA 76 -4.44 -65.99 60.50
C ASP BA 76 -5.63 -65.08 60.80
N ILE BA 77 -5.39 -63.98 61.48
CA ILE BA 77 -6.48 -63.09 61.87
C ILE BA 77 -7.04 -62.34 60.67
N LYS BA 78 -6.17 -61.80 59.83
CA LYS BA 78 -6.65 -61.04 58.67
C LYS BA 78 -7.54 -61.88 57.78
N GLN BA 79 -7.15 -63.12 57.50
CA GLN BA 79 -7.94 -63.99 56.63
C GLN BA 79 -9.23 -64.42 57.33
N LYS BA 80 -9.13 -64.76 58.62
CA LYS BA 80 -10.32 -65.19 59.35
C LYS BA 80 -11.40 -64.11 59.34
N ALA BA 81 -10.99 -62.83 59.42
CA ALA BA 81 -11.96 -61.76 59.40
C ALA BA 81 -12.68 -61.69 58.05
N ARG BA 82 -11.94 -61.90 56.96
CA ARG BA 82 -12.55 -61.87 55.64
C ARG BA 82 -13.61 -62.96 55.49
N SER BA 83 -13.34 -64.15 56.04
CA SER BA 83 -14.34 -65.21 55.98
C SER BA 83 -15.66 -64.77 56.61
N ARG BA 84 -15.59 -63.93 57.66
CA ARG BA 84 -16.82 -63.42 58.26
C ARG BA 84 -17.44 -62.31 57.42
N LEU BA 85 -16.63 -61.56 56.66
CA LEU BA 85 -17.18 -60.51 55.81
C LEU BA 85 -17.98 -61.09 54.65
N VAL BA 86 -17.46 -62.14 54.02
CA VAL BA 86 -18.17 -62.74 52.88
C VAL BA 86 -19.51 -63.32 53.32
N ASP BA 87 -19.53 -64.03 54.45
CA ASP BA 87 -20.78 -64.61 54.94
C ASP BA 87 -21.82 -63.53 55.20
N ALA BA 88 -21.37 -62.31 55.52
CA ALA BA 88 -22.30 -61.22 55.74
C ALA BA 88 -23.08 -60.88 54.47
N ILE BA 89 -22.53 -61.23 53.31
CA ILE BA 89 -23.14 -60.91 52.02
C ILE BA 89 -23.58 -62.19 51.32
N GLU CA 5 -26.05 22.94 -18.84
CA GLU CA 5 -26.85 21.77 -19.16
C GLU CA 5 -27.59 21.96 -20.48
N LYS CA 6 -27.66 20.89 -21.28
CA LYS CA 6 -28.33 20.91 -22.56
C LYS CA 6 -28.99 19.55 -22.80
N MET CA 7 -29.94 19.53 -23.71
CA MET CA 7 -30.62 18.31 -24.11
C MET CA 7 -30.02 17.77 -25.41
N SER CA 8 -30.04 16.45 -25.55
CA SER CA 8 -29.62 15.79 -26.77
C SER CA 8 -30.86 15.53 -27.62
N VAL CA 9 -30.86 16.05 -28.84
CA VAL CA 9 -32.00 15.95 -29.74
C VAL CA 9 -31.54 15.21 -30.99
N ALA CA 10 -32.20 14.11 -31.31
CA ALA CA 10 -31.89 13.35 -32.52
C ALA CA 10 -32.51 14.05 -33.73
N VAL CA 11 -31.66 14.40 -34.69
CA VAL CA 11 -32.08 15.00 -35.96
C VAL CA 11 -31.70 14.03 -37.08
N THR CA 12 -32.57 13.94 -38.10
CA THR CA 12 -32.42 13.06 -39.24
C THR CA 12 -31.40 13.65 -40.22
N PRO CA 13 -30.74 12.79 -41.00
CA PRO CA 13 -29.67 13.30 -41.89
C PRO CA 13 -30.14 14.43 -42.79
N GLN CA 14 -31.31 14.28 -43.38
CA GLN CA 14 -31.85 15.32 -44.27
C GLN CA 14 -32.10 16.61 -43.52
N GLN CA 15 -32.50 16.54 -42.26
CA GLN CA 15 -32.66 17.77 -41.54
C GLN CA 15 -31.32 18.42 -41.25
N ALA CA 16 -30.30 17.60 -40.92
CA ALA CA 16 -28.96 18.15 -40.68
C ALA CA 16 -28.52 18.91 -41.91
N ALA CA 17 -28.84 18.37 -43.10
CA ALA CA 17 -28.50 19.03 -44.36
C ALA CA 17 -29.20 20.37 -44.52
N VAL CA 18 -30.52 20.42 -44.30
CA VAL CA 18 -31.23 21.67 -44.55
C VAL CA 18 -30.71 22.77 -43.63
N MET CA 19 -30.45 22.44 -42.35
CA MET CA 19 -29.83 23.40 -41.45
C MET CA 19 -28.43 23.73 -41.95
N ARG CA 20 -27.70 22.70 -42.41
CA ARG CA 20 -26.37 22.94 -42.98
C ARG CA 20 -26.47 23.85 -44.21
N GLU CA 21 -27.45 23.61 -45.08
CA GLU CA 21 -27.71 24.47 -46.23
C GLU CA 21 -28.07 25.91 -45.83
N ALA CA 22 -28.93 26.06 -44.83
CA ALA CA 22 -29.38 27.40 -44.44
C ALA CA 22 -28.24 28.29 -43.97
N VAL CA 23 -27.30 27.75 -43.20
CA VAL CA 23 -26.21 28.55 -42.65
C VAL CA 23 -25.38 29.20 -43.75
N GLU CA 24 -25.07 28.46 -44.82
CA GLU CA 24 -24.21 29.03 -45.88
C GLU CA 24 -24.84 30.27 -46.48
N ALA CA 25 -26.16 30.26 -46.69
CA ALA CA 25 -26.86 31.41 -47.25
C ALA CA 25 -26.76 32.62 -46.33
N GLY CA 26 -26.30 32.42 -45.09
CA GLY CA 26 -26.18 33.52 -44.17
C GLY CA 26 -27.45 33.87 -43.44
N GLU CA 27 -28.56 33.15 -43.68
CA GLU CA 27 -29.78 33.53 -42.98
C GLU CA 27 -29.54 33.53 -41.48
N TYR CA 28 -28.80 32.55 -40.98
CA TYR CA 28 -28.57 32.37 -39.56
C TYR CA 28 -27.11 31.98 -39.37
N ALA CA 29 -26.57 32.27 -38.19
CA ALA CA 29 -25.14 32.07 -37.94
C ALA CA 29 -24.73 30.64 -37.59
N THR CA 30 -25.61 29.89 -36.92
CA THR CA 30 -25.24 28.56 -36.47
C THR CA 30 -26.48 27.67 -36.50
N ALA CA 31 -26.24 26.36 -36.55
CA ALA CA 31 -27.34 25.42 -36.55
C ALA CA 31 -28.09 25.42 -35.23
N SER CA 32 -27.38 25.69 -34.14
CA SER CA 32 -28.05 25.74 -32.85
C SER CA 32 -29.04 26.90 -32.77
N GLU CA 33 -28.77 28.03 -33.46
CA GLU CA 33 -29.64 29.21 -33.36
C GLU CA 33 -31.04 28.91 -33.84
N ILE CA 34 -31.14 28.09 -34.88
CA ILE CA 34 -32.41 27.88 -35.55
C ILE CA 34 -33.30 27.10 -34.65
N VAL CA 35 -32.71 26.10 -34.03
CA VAL CA 35 -33.43 25.28 -33.11
C VAL CA 35 -33.97 26.18 -32.04
N ARG CA 36 -33.18 27.16 -31.64
CA ARG CA 36 -33.62 28.10 -30.64
C ARG CA 36 -34.81 28.87 -31.14
N GLU CA 37 -34.73 29.34 -32.38
CA GLU CA 37 -35.89 29.97 -32.97
C GLU CA 37 -37.03 28.98 -33.06
N ALA CA 38 -36.75 27.75 -33.48
CA ALA CA 38 -37.81 26.77 -33.63
C ALA CA 38 -38.57 26.52 -32.33
N VAL CA 39 -37.84 26.35 -31.22
CA VAL CA 39 -38.50 26.09 -29.93
C VAL CA 39 -39.33 27.30 -29.51
N ARG CA 40 -38.79 28.51 -29.68
CA ARG CA 40 -39.54 29.71 -29.34
C ARG CA 40 -40.85 29.78 -30.11
N ASP CA 41 -40.81 29.46 -31.41
CA ASP CA 41 -42.03 29.44 -32.21
C ASP CA 41 -42.96 28.34 -31.71
N TRP CA 42 -42.40 27.16 -31.44
CA TRP CA 42 -43.22 26.05 -30.94
C TRP CA 42 -44.04 26.46 -29.72
N LEU CA 43 -43.46 27.24 -28.79
CA LEU CA 43 -44.16 27.65 -27.58
C LEU CA 43 -45.35 28.56 -27.88
N ALA CA 44 -45.12 29.58 -28.69
CA ALA CA 44 -46.18 30.45 -29.13
C ALA CA 44 -47.41 29.68 -29.58
N LYS CA 45 -47.22 28.69 -30.47
CA LYS CA 45 -48.36 27.88 -30.89
C LYS CA 45 -49.09 27.33 -29.67
N ARG CA 46 -48.36 26.64 -28.77
CA ARG CA 46 -48.98 26.08 -27.58
C ARG CA 46 -49.51 27.16 -26.65
N GLU CA 47 -48.71 28.18 -26.39
CA GLU CA 47 -49.14 29.27 -25.52
C GLU CA 47 -50.40 29.97 -26.01
N LEU CA 48 -50.38 30.46 -27.25
CA LEU CA 48 -51.58 31.10 -27.78
C LEU CA 48 -52.74 30.12 -27.69
N ARG CA 49 -52.52 28.90 -28.14
CA ARG CA 49 -53.56 27.88 -28.07
C ARG CA 49 -54.08 27.75 -26.65
N GLU CA 50 -53.17 27.76 -25.68
CA GLU CA 50 -53.56 27.64 -24.29
C GLU CA 50 -54.41 28.83 -23.84
N ALA CA 51 -53.98 30.06 -24.15
CA ALA CA 51 -54.74 31.23 -23.74
C ALA CA 51 -56.16 31.19 -24.28
N GLU CA 52 -56.31 30.86 -25.56
CA GLU CA 52 -57.64 30.80 -26.17
C GLU CA 52 -58.49 29.70 -25.54
N ALA CA 53 -57.92 28.52 -25.34
CA ALA CA 53 -58.66 27.45 -24.67
C ALA CA 53 -59.15 27.89 -23.30
N GLU CA 54 -58.31 28.59 -22.55
CA GLU CA 54 -58.74 29.13 -21.27
C GLU CA 54 -59.87 30.14 -21.42
N ARG CA 55 -59.80 31.01 -22.44
CA ARG CA 55 -60.82 32.06 -22.57
C ARG CA 55 -62.21 31.43 -22.68
N LEU CA 56 -62.34 30.39 -23.50
CA LEU CA 56 -63.64 29.75 -23.65
C LEU CA 56 -64.09 29.10 -22.35
N ARG CA 57 -63.19 28.43 -21.64
CA ARG CA 57 -63.55 27.81 -20.36
C ARG CA 57 -64.13 28.85 -19.40
N LYS CA 58 -63.43 29.98 -19.26
CA LYS CA 58 -63.86 31.03 -18.35
C LYS CA 58 -65.13 31.70 -18.88
N ALA CA 59 -65.18 31.95 -20.19
CA ALA CA 59 -66.40 32.45 -20.79
C ALA CA 59 -67.56 31.50 -20.50
N TRP CA 60 -67.30 30.19 -20.51
CA TRP CA 60 -68.38 29.24 -20.28
C TRP CA 60 -68.97 29.38 -18.88
N ILE CA 61 -68.10 29.38 -17.86
CA ILE CA 61 -68.58 29.50 -16.49
C ILE CA 61 -69.20 30.87 -16.28
N GLU CA 62 -68.70 31.87 -17.02
CA GLU CA 62 -69.21 33.22 -16.87
C GLU CA 62 -70.67 33.30 -17.30
N GLY CA 63 -71.01 32.61 -18.39
CA GLY CA 63 -72.39 32.65 -18.85
C GLY CA 63 -73.37 31.93 -17.93
N LEU CA 64 -73.05 30.70 -17.50
CA LEU CA 64 -73.96 29.96 -16.60
C LEU CA 64 -74.18 30.72 -15.30
N GLU CA 65 -73.15 31.38 -14.81
CA GLU CA 65 -73.26 32.16 -13.59
C GLU CA 65 -73.77 33.56 -13.81
N SER CA 66 -73.97 33.97 -15.07
CA SER CA 66 -74.37 35.35 -15.36
C SER CA 66 -75.88 35.50 -15.27
N GLY CA 67 -76.38 35.60 -14.04
CA GLY CA 67 -77.77 35.88 -13.79
C GLY CA 67 -78.70 34.75 -14.19
N PRO CA 68 -80.00 35.06 -14.28
CA PRO CA 68 -80.98 34.03 -14.63
C PRO CA 68 -81.35 34.02 -16.09
N PHE CA 69 -81.65 32.83 -16.65
CA PHE CA 69 -81.90 32.70 -18.08
C PHE CA 69 -83.31 33.18 -18.39
N ALA CA 70 -83.50 33.58 -19.65
CA ALA CA 70 -84.75 34.13 -20.13
C ALA CA 70 -85.06 33.65 -21.55
N PRO CA 71 -86.33 33.74 -21.96
CA PRO CA 71 -86.69 33.37 -23.34
C PRO CA 71 -85.94 34.18 -24.36
N PHE CA 72 -85.76 33.57 -25.53
CA PHE CA 72 -84.94 34.13 -26.60
C PHE CA 72 -85.82 34.88 -27.58
N ASP CA 73 -85.61 36.18 -27.66
CA ASP CA 73 -86.24 37.00 -28.68
C ASP CA 73 -85.16 37.88 -29.29
N ILE CA 74 -84.87 37.67 -30.58
CA ILE CA 74 -83.81 38.42 -31.23
C ILE CA 74 -84.23 39.87 -31.47
N GLU CA 75 -85.51 40.11 -31.78
CA GLU CA 75 -85.94 41.45 -32.15
C GLU CA 75 -85.72 42.45 -31.02
N ASP CA 76 -85.89 42.00 -29.77
CA ASP CA 76 -85.54 42.81 -28.62
C ASP CA 76 -84.05 43.15 -28.62
N ILE CA 77 -83.22 42.17 -28.96
CA ILE CA 77 -81.78 42.42 -28.93
C ILE CA 77 -81.38 43.37 -30.06
N LYS CA 78 -81.90 43.13 -31.27
CA LYS CA 78 -81.58 44.03 -32.36
C LYS CA 78 -82.02 45.45 -32.03
N GLN CA 79 -83.19 45.61 -31.44
CA GLN CA 79 -83.67 46.94 -31.09
C GLN CA 79 -82.84 47.55 -29.94
N LYS CA 80 -82.56 46.75 -28.91
CA LYS CA 80 -81.81 47.28 -27.77
C LYS CA 80 -80.43 47.76 -28.21
N ALA CA 81 -79.81 47.04 -29.15
CA ALA CA 81 -78.48 47.43 -29.61
C ALA CA 81 -78.50 48.79 -30.29
N ARG CA 82 -79.54 49.05 -31.10
CA ARG CA 82 -79.61 50.33 -31.78
C ARG CA 82 -79.70 51.49 -30.79
N SER CA 83 -80.48 51.32 -29.72
CA SER CA 83 -80.61 52.36 -28.71
C SER CA 83 -79.25 52.75 -28.14
N ARG CA 84 -78.32 51.81 -28.06
CA ARG CA 84 -76.99 52.12 -27.57
C ARG CA 84 -76.14 52.80 -28.63
N LEU CA 85 -76.38 52.52 -29.93
CA LEU CA 85 -75.61 53.19 -30.97
C LEU CA 85 -75.97 54.68 -31.06
N VAL CA 86 -77.26 55.01 -30.98
CA VAL CA 86 -77.67 56.41 -31.10
C VAL CA 86 -77.06 57.24 -29.97
N ASP CA 87 -77.12 56.72 -28.74
CA ASP CA 87 -76.52 57.44 -27.62
C ASP CA 87 -75.03 57.67 -27.84
N ALA CA 88 -74.37 56.78 -28.57
CA ALA CA 88 -72.96 56.97 -28.86
C ALA CA 88 -72.71 58.22 -29.69
N ILE CA 89 -73.73 58.67 -30.44
CA ILE CA 89 -73.60 59.84 -31.30
C ILE CA 89 -74.45 60.98 -30.73
N VAL DA 4 24.48 6.81 27.63
CA VAL DA 4 24.47 5.59 28.42
C VAL DA 4 25.47 4.59 27.84
N GLU DA 5 25.74 3.52 28.60
CA GLU DA 5 26.62 2.48 28.12
C GLU DA 5 25.95 1.70 26.99
N LYS DA 6 26.65 1.52 25.88
CA LYS DA 6 26.13 0.85 24.70
C LYS DA 6 27.11 -0.23 24.26
N MET DA 7 26.64 -1.47 24.21
CA MET DA 7 27.44 -2.60 23.74
C MET DA 7 26.84 -3.16 22.47
N SER DA 8 27.71 -3.69 21.61
CA SER DA 8 27.30 -4.25 20.32
C SER DA 8 27.23 -5.77 20.43
N VAL DA 9 26.09 -6.32 20.01
CA VAL DA 9 25.84 -7.75 20.10
C VAL DA 9 25.51 -8.30 18.72
N ALA DA 10 25.85 -9.57 18.53
CA ALA DA 10 25.76 -10.26 17.25
C ALA DA 10 24.60 -11.25 17.28
N VAL DA 11 23.69 -11.11 16.34
CA VAL DA 11 22.55 -12.03 16.20
C VAL DA 11 22.92 -13.18 15.26
N THR DA 12 22.41 -14.35 15.55
CA THR DA 12 22.58 -15.50 14.66
C THR DA 12 21.50 -15.45 13.59
N PRO DA 13 21.73 -16.08 12.43
CA PRO DA 13 20.74 -15.94 11.34
C PRO DA 13 19.33 -16.33 11.75
N GLN DA 14 19.18 -17.49 12.39
CA GLN DA 14 17.85 -17.93 12.80
C GLN DA 14 17.26 -16.99 13.84
N GLN DA 15 18.08 -16.37 14.66
CA GLN DA 15 17.52 -15.39 15.57
C GLN DA 15 17.02 -14.18 14.81
N ALA DA 16 17.81 -13.65 13.86
CA ALA DA 16 17.38 -12.47 13.13
C ALA DA 16 16.04 -12.70 12.45
N ALA DA 17 15.82 -13.89 11.90
CA ALA DA 17 14.56 -14.19 11.26
C ALA DA 17 13.38 -14.05 12.24
N VAL DA 18 13.50 -14.68 13.41
CA VAL DA 18 12.39 -14.67 14.38
C VAL DA 18 12.14 -13.25 14.89
N MET DA 19 13.20 -12.48 15.17
CA MET DA 19 13.04 -11.13 15.68
C MET DA 19 12.31 -10.25 14.68
N ARG DA 20 12.72 -10.33 13.42
CA ARG DA 20 12.03 -9.54 12.44
C ARG DA 20 10.53 -9.87 12.36
N GLU DA 21 10.17 -11.15 12.29
CA GLU DA 21 8.75 -11.46 12.23
C GLU DA 21 8.03 -10.90 13.45
N ALA DA 22 8.69 -10.97 14.61
CA ALA DA 22 8.11 -10.42 15.84
C ALA DA 22 7.82 -8.93 15.68
N VAL DA 23 8.76 -8.18 15.12
CA VAL DA 23 8.55 -6.75 14.93
C VAL DA 23 7.49 -6.49 13.85
N GLU DA 24 7.57 -7.19 12.73
CA GLU DA 24 6.57 -7.04 11.68
C GLU DA 24 5.19 -7.37 12.23
N ALA DA 25 5.10 -8.40 13.07
CA ALA DA 25 3.80 -8.76 13.63
C ALA DA 25 3.24 -7.64 14.49
N GLY DA 26 4.03 -6.62 14.79
CA GLY DA 26 3.61 -5.51 15.63
C GLY DA 26 3.77 -5.78 17.12
N GLU DA 27 4.24 -6.96 17.50
CA GLU DA 27 4.46 -7.25 18.91
C GLU DA 27 5.48 -6.31 19.53
N TYR DA 28 6.47 -5.88 18.75
CA TYR DA 28 7.59 -5.11 19.27
C TYR DA 28 7.89 -3.97 18.31
N ALA DA 29 8.42 -2.87 18.85
CA ALA DA 29 8.73 -1.72 18.03
C ALA DA 29 10.05 -1.89 17.28
N THR DA 30 11.01 -2.59 17.89
CA THR DA 30 12.34 -2.74 17.33
C THR DA 30 12.97 -4.03 17.82
N ALA DA 31 13.96 -4.50 17.06
CA ALA DA 31 14.73 -5.65 17.50
C ALA DA 31 15.59 -5.28 18.70
N SER DA 32 15.98 -4.00 18.78
CA SER DA 32 16.82 -3.53 19.88
C SER DA 32 16.06 -3.48 21.20
N GLU DA 33 14.75 -3.35 21.17
CA GLU DA 33 14.04 -3.42 22.44
C GLU DA 33 13.94 -4.88 22.86
N ILE DA 34 13.87 -5.81 21.90
CA ILE DA 34 13.73 -7.23 22.22
C ILE DA 34 14.96 -7.72 22.97
N VAL DA 35 16.14 -7.30 22.54
CA VAL DA 35 17.35 -7.67 23.26
C VAL DA 35 17.31 -7.17 24.70
N ARG DA 36 16.87 -5.93 24.91
CA ARG DA 36 16.81 -5.40 26.27
C ARG DA 36 15.88 -6.23 27.14
N GLU DA 37 14.74 -6.62 26.59
CA GLU DA 37 13.84 -7.50 27.34
C GLU DA 37 14.55 -8.80 27.66
N ALA DA 38 15.28 -9.37 26.70
CA ALA DA 38 16.04 -10.60 26.98
C ALA DA 38 17.03 -10.37 28.11
N VAL DA 39 17.74 -9.23 28.08
CA VAL DA 39 18.68 -8.91 29.13
C VAL DA 39 17.92 -8.65 30.42
N ARG DA 40 16.79 -7.94 30.33
CA ARG DA 40 16.00 -7.64 31.51
C ARG DA 40 15.60 -8.92 32.24
N ASP DA 41 15.13 -9.92 31.49
CA ASP DA 41 14.73 -11.19 32.08
C ASP DA 41 15.91 -11.93 32.70
N TRP DA 42 17.05 -11.97 31.99
CA TRP DA 42 18.21 -12.71 32.47
C TRP DA 42 18.68 -12.21 33.83
N LEU DA 43 18.70 -10.88 34.01
CA LEU DA 43 19.16 -10.28 35.24
C LEU DA 43 18.22 -10.62 36.39
N ALA DA 44 16.91 -10.46 36.17
CA ALA DA 44 15.94 -10.87 37.18
C ALA DA 44 16.25 -12.26 37.73
N LYS DA 45 16.44 -13.24 36.85
CA LYS DA 45 16.76 -14.59 37.28
C LYS DA 45 18.05 -14.59 38.12
N ARG DA 46 19.10 -13.95 37.62
CA ARG DA 46 20.36 -13.92 38.36
C ARG DA 46 20.18 -13.23 39.70
N GLU DA 47 19.52 -12.09 39.71
CA GLU DA 47 19.24 -11.38 40.95
C GLU DA 47 18.52 -12.29 41.94
N LEU DA 48 17.46 -12.98 41.48
CA LEU DA 48 16.74 -13.91 42.35
C LEU DA 48 17.65 -15.00 42.87
N ARG DA 49 18.36 -15.68 41.96
CA ARG DA 49 19.18 -16.81 42.39
C ARG DA 49 20.13 -16.38 43.50
N GLU DA 50 20.82 -15.25 43.31
CA GLU DA 50 21.75 -14.76 44.32
C GLU DA 50 21.02 -14.42 45.62
N ALA DA 51 19.87 -13.76 45.52
CA ALA DA 51 19.13 -13.37 46.72
C ALA DA 51 18.78 -14.59 47.56
N GLU DA 52 18.30 -15.65 46.92
CA GLU DA 52 17.95 -16.87 47.65
C GLU DA 52 19.20 -17.53 48.21
N ALA DA 53 20.24 -17.68 47.40
CA ALA DA 53 21.48 -18.27 47.90
C ALA DA 53 22.03 -17.47 49.05
N GLU DA 54 21.99 -16.13 48.95
CA GLU DA 54 22.45 -15.31 50.06
C GLU DA 54 21.58 -15.51 51.29
N ARG DA 55 20.27 -15.67 51.08
CA ARG DA 55 19.36 -15.86 52.22
C ARG DA 55 19.74 -17.09 53.01
N LEU DA 56 19.96 -18.21 52.32
CA LEU DA 56 20.33 -19.44 53.01
C LEU DA 56 21.66 -19.29 53.73
N ARG DA 57 22.64 -18.65 53.10
CA ARG DA 57 23.93 -18.45 53.75
C ARG DA 57 23.75 -17.74 55.08
N LYS DA 58 22.95 -16.66 55.08
CA LYS DA 58 22.75 -15.87 56.29
C LYS DA 58 21.94 -16.66 57.31
N ALA DA 59 20.97 -17.45 56.85
CA ALA DA 59 20.22 -18.26 57.78
C ALA DA 59 21.15 -19.22 58.53
N TRP DA 60 22.09 -19.85 57.83
CA TRP DA 60 22.98 -20.82 58.46
C TRP DA 60 23.80 -20.18 59.56
N ILE DA 61 24.47 -19.06 59.27
CA ILE DA 61 25.29 -18.40 60.28
C ILE DA 61 24.40 -17.92 61.41
N GLU DA 62 23.17 -17.60 61.06
CA GLU DA 62 22.24 -17.13 62.06
C GLU DA 62 21.86 -18.24 63.02
N GLY DA 63 21.65 -19.46 62.51
CA GLY DA 63 21.27 -20.55 63.40
C GLY DA 63 22.40 -20.95 64.33
N LEU DA 64 23.62 -21.00 63.81
CA LEU DA 64 24.77 -21.34 64.64
C LEU DA 64 24.99 -20.31 65.73
N GLU DA 65 24.79 -19.04 65.39
CA GLU DA 65 24.98 -17.97 66.36
C GLU DA 65 23.77 -17.72 67.23
N SER DA 66 22.66 -18.41 66.99
CA SER DA 66 21.45 -18.11 67.74
C SER DA 66 21.47 -18.82 69.08
N GLY DA 67 22.25 -18.31 70.03
CA GLY DA 67 22.19 -18.84 71.38
C GLY DA 67 22.67 -20.28 71.49
N PRO DA 68 22.30 -20.93 72.61
CA PRO DA 68 22.81 -22.28 72.87
C PRO DA 68 21.81 -23.36 72.49
N PHE DA 69 22.28 -24.51 72.04
CA PHE DA 69 21.36 -25.54 71.60
C PHE DA 69 20.71 -26.24 72.80
N ALA DA 70 19.58 -26.85 72.51
CA ALA DA 70 18.76 -27.58 73.48
C ALA DA 70 18.30 -28.88 72.86
N PRO DA 71 17.95 -29.86 73.68
CA PRO DA 71 17.44 -31.13 73.15
C PRO DA 71 16.22 -30.91 72.27
N PHE DA 72 16.06 -31.80 71.31
CA PHE DA 72 15.01 -31.66 70.32
C PHE DA 72 13.79 -32.46 70.74
N ASP DA 73 12.70 -31.76 71.03
CA ASP DA 73 11.44 -32.39 71.35
C ASP DA 73 10.37 -31.69 70.52
N ILE DA 74 9.75 -32.42 69.59
CA ILE DA 74 8.79 -31.77 68.71
C ILE DA 74 7.53 -31.40 69.47
N GLU DA 75 7.11 -32.25 70.41
CA GLU DA 75 5.84 -32.01 71.10
C GLU DA 75 5.88 -30.71 71.89
N ASP DA 76 7.04 -30.36 72.46
CA ASP DA 76 7.17 -29.08 73.13
C ASP DA 76 6.95 -27.94 72.15
N ILE DA 77 7.47 -28.07 70.94
CA ILE DA 77 7.31 -27.03 69.92
C ILE DA 77 5.86 -26.93 69.48
N LYS DA 78 5.22 -28.08 69.23
CA LYS DA 78 3.82 -28.06 68.81
C LYS DA 78 2.93 -27.38 69.84
N GLN DA 79 3.10 -27.70 71.12
CA GLN DA 79 2.27 -27.06 72.14
C GLN DA 79 2.68 -25.61 72.35
N LYS DA 80 3.98 -25.32 72.33
CA LYS DA 80 4.42 -23.94 72.50
C LYS DA 80 3.78 -23.05 71.44
N ALA DA 81 3.66 -23.57 70.21
CA ALA DA 81 3.05 -22.79 69.15
C ALA DA 81 1.58 -22.52 69.44
N ARG DA 82 0.86 -23.52 69.95
CA ARG DA 82 -0.55 -23.32 70.26
C ARG DA 82 -0.74 -22.24 71.31
N SER DA 83 0.18 -22.16 72.28
CA SER DA 83 0.06 -21.13 73.31
C SER DA 83 0.03 -19.73 72.71
N ARG DA 84 0.73 -19.52 71.60
CA ARG DA 84 0.71 -18.22 70.94
C ARG DA 84 -0.54 -18.04 70.09
N LEU DA 85 -1.10 -19.13 69.58
CA LEU DA 85 -2.33 -19.03 68.78
C LEU DA 85 -3.51 -18.60 69.65
N VAL DA 86 -3.63 -19.16 70.85
CA VAL DA 86 -4.74 -18.78 71.72
C VAL DA 86 -4.63 -17.32 72.13
N ASP DA 87 -3.41 -16.88 72.48
CA ASP DA 87 -3.21 -15.47 72.82
C ASP DA 87 -3.58 -14.57 71.66
N ALA DA 88 -3.44 -15.06 70.42
CA ALA DA 88 -3.81 -14.27 69.26
C ALA DA 88 -5.31 -13.99 69.23
N ILE DA 89 -6.11 -14.85 69.87
CA ILE DA 89 -7.55 -14.69 69.87
C ILE DA 89 -8.04 -14.33 71.28
N GLU EA 5 -29.61 -14.83 36.75
CA GLU EA 5 -28.46 -14.00 36.39
C GLU EA 5 -28.91 -12.65 35.85
N LYS EA 6 -30.22 -12.42 35.83
CA LYS EA 6 -30.80 -11.28 35.15
C LYS EA 6 -31.73 -10.51 36.06
N MET EA 7 -31.99 -9.26 35.67
CA MET EA 7 -32.74 -8.29 36.46
C MET EA 7 -34.11 -8.09 35.83
N SER EA 8 -35.15 -8.09 36.65
CA SER EA 8 -36.52 -7.87 36.18
C SER EA 8 -36.82 -6.38 36.23
N VAL EA 9 -36.86 -5.76 35.05
CA VAL EA 9 -37.15 -4.34 34.92
C VAL EA 9 -38.47 -4.19 34.17
N ALA EA 10 -39.23 -3.15 34.51
CA ALA EA 10 -40.55 -2.95 33.94
C ALA EA 10 -40.47 -2.05 32.69
N VAL EA 11 -41.24 -2.42 31.67
CA VAL EA 11 -41.40 -1.64 30.45
C VAL EA 11 -42.90 -1.45 30.25
N THR EA 12 -43.27 -0.30 29.75
CA THR EA 12 -44.69 -0.05 29.55
C THR EA 12 -45.15 -0.70 28.25
N PRO EA 13 -46.44 -1.04 28.15
CA PRO EA 13 -46.91 -1.71 26.92
C PRO EA 13 -46.53 -0.92 25.67
N GLN EA 14 -46.73 0.40 25.71
CA GLN EA 14 -46.43 1.26 24.56
C GLN EA 14 -44.96 1.18 24.19
N GLN EA 15 -44.07 1.07 25.19
CA GLN EA 15 -42.65 0.93 24.93
C GLN EA 15 -42.32 -0.46 24.39
N ALA EA 16 -42.97 -1.48 24.92
CA ALA EA 16 -42.76 -2.83 24.39
C ALA EA 16 -43.12 -2.87 22.91
N ALA EA 17 -44.14 -2.11 22.51
CA ALA EA 17 -44.55 -2.06 21.11
C ALA EA 17 -43.42 -1.54 20.22
N VAL EA 18 -42.79 -0.43 20.61
CA VAL EA 18 -41.73 0.14 19.77
C VAL EA 18 -40.56 -0.83 19.68
N MET EA 19 -40.21 -1.50 20.77
CA MET EA 19 -39.12 -2.46 20.73
C MET EA 19 -39.45 -3.59 19.76
N ARG EA 20 -40.68 -4.09 19.83
CA ARG EA 20 -41.18 -5.13 18.94
C ARG EA 20 -41.12 -4.64 17.50
N GLU EA 21 -41.42 -3.37 17.27
CA GLU EA 21 -41.33 -2.82 15.93
C GLU EA 21 -39.91 -2.84 15.39
N ALA EA 22 -38.95 -2.44 16.22
CA ALA EA 22 -37.55 -2.37 15.76
C ALA EA 22 -37.01 -3.73 15.30
N VAL EA 23 -37.26 -4.79 16.05
CA VAL EA 23 -36.68 -6.08 15.66
C VAL EA 23 -37.29 -6.55 14.34
N GLU EA 24 -38.60 -6.35 14.18
CA GLU EA 24 -39.24 -6.73 12.92
C GLU EA 24 -38.58 -5.99 11.77
N ALA EA 25 -38.22 -4.73 11.99
CA ALA EA 25 -37.50 -3.94 11.00
C ALA EA 25 -36.11 -4.48 10.73
N GLY EA 26 -35.63 -5.44 11.52
CA GLY EA 26 -34.33 -6.01 11.29
C GLY EA 26 -33.17 -5.21 11.85
N GLU EA 27 -33.43 -4.06 12.46
CA GLU EA 27 -32.36 -3.26 13.06
C GLU EA 27 -31.64 -4.02 14.16
N TYR EA 28 -32.38 -4.88 14.86
CA TYR EA 28 -31.91 -5.66 15.99
C TYR EA 28 -32.51 -7.04 15.86
N ALA EA 29 -31.82 -8.02 16.45
CA ALA EA 29 -32.26 -9.41 16.45
C ALA EA 29 -33.33 -9.72 17.49
N THR EA 30 -33.30 -9.06 18.64
CA THR EA 30 -34.19 -9.36 19.76
C THR EA 30 -34.38 -8.11 20.62
N ALA EA 31 -35.40 -8.16 21.50
CA ALA EA 31 -35.65 -7.02 22.39
C ALA EA 31 -34.56 -6.85 23.45
N SER EA 32 -33.96 -7.95 23.94
CA SER EA 32 -32.94 -7.82 24.98
C SER EA 32 -31.68 -7.11 24.49
N GLU EA 33 -31.35 -7.26 23.20
CA GLU EA 33 -30.19 -6.63 22.58
C GLU EA 33 -30.37 -5.12 22.48
N ILE EA 34 -31.61 -4.68 22.29
CA ILE EA 34 -31.88 -3.25 22.29
C ILE EA 34 -31.62 -2.69 23.69
N VAL EA 35 -32.09 -3.38 24.72
CA VAL EA 35 -31.87 -2.93 26.10
C VAL EA 35 -30.37 -2.90 26.41
N ARG EA 36 -29.63 -3.91 25.97
CA ARG EA 36 -28.19 -3.89 26.21
C ARG EA 36 -27.56 -2.66 25.57
N GLU EA 37 -27.91 -2.38 24.32
CA GLU EA 37 -27.40 -1.17 23.67
C GLU EA 37 -27.85 0.07 24.42
N ALA EA 38 -29.13 0.10 24.84
CA ALA EA 38 -29.66 1.25 25.56
C ALA EA 38 -28.85 1.53 26.82
N VAL EA 39 -28.53 0.48 27.58
CA VAL EA 39 -27.73 0.68 28.79
C VAL EA 39 -26.32 1.11 28.42
N ARG EA 40 -25.74 0.52 27.37
CA ARG EA 40 -24.39 0.91 26.96
C ARG EA 40 -24.34 2.41 26.68
N ASP EA 41 -25.34 2.93 25.96
CA ASP EA 41 -25.42 4.37 25.70
C ASP EA 41 -25.60 5.15 26.99
N TRP EA 42 -26.46 4.66 27.89
CA TRP EA 42 -26.65 5.36 29.14
C TRP EA 42 -25.34 5.60 29.88
N LEU EA 43 -24.42 4.62 29.90
CA LEU EA 43 -23.14 4.82 30.58
C LEU EA 43 -22.24 5.83 29.86
N ALA EA 44 -22.09 5.68 28.54
CA ALA EA 44 -21.25 6.59 27.77
C ALA EA 44 -21.52 8.04 28.13
N LYS EA 45 -22.78 8.46 28.12
CA LYS EA 45 -23.11 9.81 28.56
C LYS EA 45 -22.55 10.05 29.96
N ARG EA 46 -22.81 9.13 30.89
CA ARG EA 46 -22.33 9.30 32.27
C ARG EA 46 -20.81 9.30 32.34
N GLU EA 47 -20.16 8.34 31.69
CA GLU EA 47 -18.71 8.33 31.66
C GLU EA 47 -18.15 9.64 31.11
N LEU EA 48 -18.70 10.12 29.99
CA LEU EA 48 -18.29 11.42 29.45
C LEU EA 48 -18.50 12.52 30.47
N ARG EA 49 -19.72 12.60 31.02
CA ARG EA 49 -20.05 13.63 31.99
C ARG EA 49 -19.06 13.59 33.16
N GLU EA 50 -18.72 12.40 33.65
CA GLU EA 50 -17.76 12.29 34.73
C GLU EA 50 -16.35 12.75 34.31
N ALA EA 51 -15.84 12.24 33.20
CA ALA EA 51 -14.47 12.55 32.81
C ALA EA 51 -14.26 14.05 32.64
N GLU EA 52 -15.22 14.72 32.00
CA GLU EA 52 -15.12 16.16 31.81
C GLU EA 52 -15.11 16.86 33.17
N ALA EA 53 -16.02 16.47 34.06
CA ALA EA 53 -16.06 17.05 35.41
C ALA EA 53 -14.73 16.84 36.12
N GLU EA 54 -14.14 15.65 36.02
CA GLU EA 54 -12.83 15.42 36.60
C GLU EA 54 -11.78 16.30 35.96
N ARG EA 55 -11.85 16.47 34.64
CA ARG EA 55 -10.84 17.26 33.96
C ARG EA 55 -10.84 18.70 34.48
N LEU EA 56 -12.03 19.30 34.61
CA LEU EA 56 -12.12 20.67 35.11
C LEU EA 56 -11.63 20.75 36.55
N ARG EA 57 -11.95 19.73 37.37
CA ARG EA 57 -11.51 19.69 38.77
C ARG EA 57 -10.00 19.80 38.87
N LYS EA 58 -9.29 18.99 38.10
CA LYS EA 58 -7.83 18.99 38.15
C LYS EA 58 -7.26 20.29 37.64
N ALA EA 59 -7.86 20.84 36.58
CA ALA EA 59 -7.36 22.08 36.02
C ALA EA 59 -7.39 23.21 37.03
N TRP EA 60 -8.44 23.29 37.84
CA TRP EA 60 -8.53 24.36 38.83
C TRP EA 60 -7.38 24.27 39.84
N ILE EA 61 -7.18 23.08 40.44
CA ILE EA 61 -6.10 22.93 41.42
C ILE EA 61 -4.78 23.10 40.71
N GLU EA 62 -4.76 22.70 39.44
CA GLU EA 62 -3.52 22.79 38.69
C GLU EA 62 -3.14 24.24 38.48
N GLY EA 63 -4.12 25.10 38.20
CA GLY EA 63 -3.83 26.51 38.00
C GLY EA 63 -3.38 27.21 39.27
N LEU EA 64 -4.06 26.92 40.38
CA LEU EA 64 -3.69 27.51 41.66
C LEU EA 64 -2.29 27.06 42.05
N GLU EA 65 -1.97 25.81 41.77
CA GLU EA 65 -0.66 25.27 42.12
C GLU EA 65 0.41 25.57 41.07
N SER EA 66 0.05 26.13 39.92
CA SER EA 66 1.03 26.36 38.87
C SER EA 66 1.74 27.67 39.18
N GLY EA 67 2.60 27.63 40.20
CA GLY EA 67 3.50 28.72 40.51
C GLY EA 67 2.83 30.00 41.00
N PRO EA 68 3.56 31.14 41.00
CA PRO EA 68 2.99 32.37 41.53
C PRO EA 68 2.49 33.25 40.38
N PHE EA 69 1.51 34.10 40.68
CA PHE EA 69 0.81 34.89 39.67
C PHE EA 69 1.72 36.01 39.22
N ALA EA 70 1.38 36.58 38.08
CA ALA EA 70 2.10 37.65 37.40
C ALA EA 70 1.04 38.62 36.86
N PRO EA 71 1.43 39.87 36.62
CA PRO EA 71 0.47 40.82 36.04
C PRO EA 71 -0.03 40.34 34.69
N PHE EA 72 -1.25 40.73 34.37
CA PHE EA 72 -1.91 40.25 33.16
C PHE EA 72 -1.72 41.24 32.03
N ASP EA 73 -0.99 40.83 31.01
CA ASP EA 73 -0.84 41.62 29.80
C ASP EA 73 -1.05 40.69 28.62
N ILE EA 74 -2.13 40.91 27.88
CA ILE EA 74 -2.44 40.03 26.76
C ILE EA 74 -1.42 40.22 25.64
N GLU EA 75 -0.98 41.45 25.40
CA GLU EA 75 -0.08 41.71 24.28
C GLU EA 75 1.23 40.95 24.45
N ASP EA 76 1.69 40.77 25.69
CA ASP EA 76 2.85 39.91 25.92
C ASP EA 76 2.55 38.48 25.49
N ILE EA 77 1.35 37.99 25.79
CA ILE EA 77 0.99 36.62 25.43
C ILE EA 77 0.87 36.48 23.92
N LYS EA 78 0.19 37.43 23.26
CA LYS EA 78 0.08 37.38 21.82
C LYS EA 78 1.47 37.39 21.19
N GLN EA 79 2.38 38.20 21.72
CA GLN EA 79 3.74 38.25 21.17
C GLN EA 79 4.50 36.97 21.48
N LYS EA 80 4.39 36.46 22.70
CA LYS EA 80 5.12 35.25 23.06
C LYS EA 80 4.68 34.08 22.18
N ALA EA 81 3.39 34.00 21.85
CA ALA EA 81 2.91 32.89 21.04
C ALA EA 81 3.52 32.91 19.65
N ARG EA 82 3.64 34.11 19.05
CA ARG EA 82 4.19 34.21 17.71
C ARG EA 82 5.64 33.73 17.67
N SER EA 83 6.41 34.03 18.73
CA SER EA 83 7.79 33.58 18.77
C SER EA 83 7.89 32.07 18.65
N ARG EA 84 6.91 31.33 19.17
CA ARG EA 84 6.96 29.87 19.05
C ARG EA 84 6.48 29.41 17.68
N LEU EA 85 5.58 30.17 17.03
CA LEU EA 85 5.12 29.80 15.69
C LEU EA 85 6.25 29.89 14.67
N VAL EA 86 7.05 30.95 14.73
CA VAL EA 86 8.15 31.11 13.80
C VAL EA 86 9.16 29.98 13.97
N ASP EA 87 9.48 29.65 15.22
CA ASP EA 87 10.39 28.54 15.48
C ASP EA 87 9.84 27.24 14.90
N ALA EA 88 8.51 27.11 14.84
CA ALA EA 88 7.92 25.90 14.27
C ALA EA 88 8.29 25.76 12.80
N ILE EA 89 8.60 26.86 12.12
CA ILE EA 89 8.92 26.85 10.70
C ILE EA 89 10.40 27.18 10.49
N GLU FA 5 1.29 27.78 -41.08
CA GLU FA 5 1.07 26.46 -41.64
C GLU FA 5 1.85 25.41 -40.87
N LYS FA 6 1.23 24.24 -40.70
CA LYS FA 6 1.87 23.10 -40.06
C LYS FA 6 1.44 21.83 -40.79
N MET FA 7 2.10 20.72 -40.47
CA MET FA 7 1.74 19.44 -41.05
C MET FA 7 0.60 18.82 -40.26
N SER FA 8 -0.26 18.08 -40.97
CA SER FA 8 -1.28 17.24 -40.35
C SER FA 8 -0.78 15.80 -40.35
N VAL FA 9 -0.53 15.26 -39.16
CA VAL FA 9 0.01 13.92 -39.02
C VAL FA 9 -0.96 13.06 -38.24
N ALA FA 10 -1.06 11.79 -38.62
CA ALA FA 10 -1.98 10.87 -38.00
C ALA FA 10 -1.34 10.20 -36.80
N VAL FA 11 -2.10 10.13 -35.72
CA VAL FA 11 -1.73 9.39 -34.53
C VAL FA 11 -2.86 8.40 -34.24
N THR FA 12 -2.49 7.22 -33.75
CA THR FA 12 -3.44 6.17 -33.37
C THR FA 12 -4.01 6.51 -32.01
N PRO FA 13 -5.23 6.03 -31.71
CA PRO FA 13 -5.84 6.37 -30.42
C PRO FA 13 -4.91 6.07 -29.25
N GLN FA 14 -4.21 4.94 -29.32
CA GLN FA 14 -3.32 4.54 -28.24
C GLN FA 14 -2.18 5.53 -28.07
N GLN FA 15 -1.66 6.07 -29.18
CA GLN FA 15 -0.52 6.98 -29.09
C GLN FA 15 -0.91 8.32 -28.51
N ALA FA 16 -2.09 8.84 -28.87
CA ALA FA 16 -2.54 10.10 -28.29
C ALA FA 16 -2.59 10.00 -26.77
N ALA FA 17 -2.99 8.84 -26.25
CA ALA FA 17 -3.07 8.65 -24.81
C ALA FA 17 -1.72 8.84 -24.13
N VAL FA 18 -0.67 8.19 -24.65
CA VAL FA 18 0.62 8.24 -23.97
C VAL FA 18 1.17 9.66 -23.94
N MET FA 19 1.02 10.38 -25.04
CA MET FA 19 1.49 11.76 -25.11
C MET FA 19 0.76 12.63 -24.09
N ARG FA 20 -0.57 12.50 -24.04
CA ARG FA 20 -1.38 13.25 -23.09
C ARG FA 20 -1.00 12.91 -21.66
N GLU FA 21 -0.79 11.61 -21.38
CA GLU FA 21 -0.34 11.19 -20.06
C GLU FA 21 1.02 11.78 -19.71
N ALA FA 22 1.96 11.76 -20.66
CA ALA FA 22 3.27 12.34 -20.40
C ALA FA 22 3.16 13.82 -20.08
N VAL FA 23 2.32 14.55 -20.80
CA VAL FA 23 2.15 15.97 -20.54
C VAL FA 23 1.55 16.20 -19.15
N GLU FA 24 0.55 15.40 -18.77
CA GLU FA 24 -0.05 15.56 -17.45
C GLU FA 24 0.99 15.30 -16.35
N ALA FA 25 1.85 14.30 -16.54
CA ALA FA 25 2.89 13.97 -15.59
C ALA FA 25 3.92 15.08 -15.45
N GLY FA 26 3.89 16.08 -16.32
CA GLY FA 26 4.81 17.20 -16.22
C GLY FA 26 6.16 16.97 -16.85
N GLU FA 27 6.40 15.81 -17.44
CA GLU FA 27 7.67 15.59 -18.14
C GLU FA 27 7.82 16.57 -19.29
N TYR FA 28 6.70 16.95 -19.91
CA TYR FA 28 6.69 17.85 -21.06
C TYR FA 28 5.54 18.82 -20.88
N ALA FA 29 5.70 20.01 -21.44
CA ALA FA 29 4.67 21.03 -21.32
C ALA FA 29 3.51 20.74 -22.26
N THR FA 30 3.79 20.13 -23.41
CA THR FA 30 2.79 19.93 -24.43
C THR FA 30 3.11 18.69 -25.26
N ALA FA 31 2.08 18.20 -25.95
CA ALA FA 31 2.28 17.06 -26.85
C ALA FA 31 3.16 17.46 -28.02
N SER FA 32 3.11 18.73 -28.43
CA SER FA 32 3.95 19.17 -29.52
C SER FA 32 5.43 19.05 -29.16
N GLU FA 33 5.77 19.23 -27.88
CA GLU FA 33 7.17 19.20 -27.50
C GLU FA 33 7.78 17.82 -27.63
N ILE FA 34 7.01 16.77 -27.34
CA ILE FA 34 7.58 15.44 -27.49
C ILE FA 34 7.77 15.13 -28.96
N VAL FA 35 6.78 15.51 -29.78
CA VAL FA 35 6.91 15.30 -31.21
C VAL FA 35 8.16 15.99 -31.72
N ARG FA 36 8.41 17.21 -31.23
CA ARG FA 36 9.63 17.92 -31.58
C ARG FA 36 10.84 17.07 -31.22
N GLU FA 37 10.86 16.52 -29.99
CA GLU FA 37 11.94 15.65 -29.57
C GLU FA 37 12.00 14.37 -30.40
N ALA FA 38 10.84 13.73 -30.63
CA ALA FA 38 10.86 12.49 -31.38
C ALA FA 38 11.51 12.69 -32.73
N VAL FA 39 11.17 13.80 -33.42
CA VAL FA 39 11.77 14.11 -34.71
C VAL FA 39 13.25 14.47 -34.55
N ARG FA 40 13.59 15.24 -33.53
CA ARG FA 40 14.99 15.62 -33.35
C ARG FA 40 15.87 14.37 -33.27
N ASP FA 41 15.42 13.35 -32.53
CA ASP FA 41 16.16 12.09 -32.43
C ASP FA 41 16.27 11.43 -33.79
N TRP FA 42 15.16 11.41 -34.55
CA TRP FA 42 15.18 10.78 -35.87
C TRP FA 42 16.25 11.40 -36.75
N LEU FA 43 16.38 12.72 -36.73
CA LEU FA 43 17.38 13.35 -37.57
C LEU FA 43 18.79 12.96 -37.14
N ALA FA 44 19.11 13.03 -35.83
CA ALA FA 44 20.43 12.62 -35.37
C ALA FA 44 20.78 11.23 -35.91
N LYS FA 45 19.87 10.27 -35.77
CA LYS FA 45 20.11 8.94 -36.32
C LYS FA 45 20.39 9.00 -37.81
N ARG FA 46 19.50 9.64 -38.58
CA ARG FA 46 19.70 9.69 -40.01
C ARG FA 46 21.01 10.41 -40.33
N GLU FA 47 21.26 11.55 -39.68
CA GLU FA 47 22.49 12.30 -39.90
C GLU FA 47 23.73 11.45 -39.71
N LEU FA 48 23.79 10.72 -38.60
CA LEU FA 48 24.95 9.88 -38.33
C LEU FA 48 25.16 8.87 -39.45
N ARG FA 49 24.12 8.13 -39.82
CA ARG FA 49 24.25 7.13 -40.87
C ARG FA 49 24.75 7.74 -42.17
N GLU FA 50 24.26 8.94 -42.53
CA GLU FA 50 24.74 9.60 -43.75
C GLU FA 50 26.25 9.84 -43.66
N ALA FA 51 26.73 10.28 -42.50
CA ALA FA 51 28.17 10.50 -42.34
C ALA FA 51 28.96 9.24 -42.63
N GLU FA 52 28.47 8.10 -42.12
CA GLU FA 52 29.14 6.83 -42.35
C GLU FA 52 29.19 6.51 -43.84
N ALA FA 53 28.05 6.66 -44.53
CA ALA FA 53 28.02 6.44 -45.98
C ALA FA 53 29.01 7.36 -46.67
N GLU FA 54 29.06 8.61 -46.20
CA GLU FA 54 29.97 9.59 -46.74
C GLU FA 54 31.43 9.22 -46.49
N ARG FA 55 31.74 8.77 -45.29
CA ARG FA 55 33.10 8.36 -44.97
C ARG FA 55 33.58 7.24 -45.86
N LEU FA 56 32.73 6.23 -46.08
CA LEU FA 56 33.18 5.11 -46.91
C LEU FA 56 33.48 5.54 -48.33
N ARG FA 57 32.61 6.36 -48.94
CA ARG FA 57 32.85 6.78 -50.32
C ARG FA 57 34.18 7.51 -50.45
N LYS FA 58 34.47 8.45 -49.52
CA LYS FA 58 35.72 9.22 -49.62
C LYS FA 58 36.90 8.30 -49.47
N ALA FA 59 36.78 7.33 -48.54
CA ALA FA 59 37.82 6.32 -48.38
C ALA FA 59 37.99 5.52 -49.65
N TRP FA 60 36.89 5.23 -50.32
CA TRP FA 60 37.04 4.49 -51.56
C TRP FA 60 37.85 5.26 -52.57
N ILE FA 61 37.48 6.52 -52.81
CA ILE FA 61 38.19 7.31 -53.81
C ILE FA 61 39.63 7.59 -53.35
N GLU FA 62 39.82 7.73 -52.04
CA GLU FA 62 41.14 8.03 -51.49
C GLU FA 62 42.12 6.90 -51.74
N GLY FA 63 41.65 5.65 -51.67
CA GLY FA 63 42.54 4.52 -51.90
C GLY FA 63 43.07 4.47 -53.33
N LEU FA 64 42.22 4.79 -54.30
CA LEU FA 64 42.61 4.75 -55.71
C LEU FA 64 43.72 5.75 -56.01
N GLU FA 65 43.65 6.93 -55.38
CA GLU FA 65 44.60 8.01 -55.65
C GLU FA 65 45.88 7.94 -54.82
N SER FA 66 45.98 7.04 -53.84
CA SER FA 66 47.16 6.98 -52.99
C SER FA 66 48.24 6.12 -53.65
N GLY FA 67 48.89 6.67 -54.69
CA GLY FA 67 50.04 6.03 -55.28
C GLY FA 67 49.74 4.76 -56.06
N PRO FA 68 50.80 3.98 -56.41
CA PRO FA 68 50.60 2.80 -57.27
C PRO FA 68 50.46 1.47 -56.50
N PHE FA 69 49.65 0.55 -57.02
CA PHE FA 69 49.35 -0.69 -56.31
C PHE FA 69 50.53 -1.64 -56.44
N ALA FA 70 50.62 -2.57 -55.50
CA ALA FA 70 51.70 -3.53 -55.40
C ALA FA 70 51.12 -4.87 -55.01
N PRO FA 71 51.83 -5.97 -55.28
CA PRO FA 71 51.34 -7.30 -54.90
C PRO FA 71 51.08 -7.40 -53.41
N PHE FA 72 50.10 -8.23 -53.07
CA PHE FA 72 49.63 -8.36 -51.70
C PHE FA 72 50.30 -9.53 -51.02
N ASP FA 73 51.12 -9.25 -50.02
CA ASP FA 73 51.72 -10.27 -49.17
C ASP FA 73 51.48 -9.83 -47.73
N ILE FA 74 50.68 -10.58 -46.97
CA ILE FA 74 50.27 -10.09 -45.66
C ILE FA 74 51.41 -10.21 -44.64
N GLU FA 75 52.19 -11.29 -44.72
CA GLU FA 75 53.24 -11.48 -43.72
C GLU FA 75 54.20 -10.29 -43.73
N ASP FA 76 54.38 -9.64 -44.87
CA ASP FA 76 55.19 -8.43 -44.93
C ASP FA 76 54.58 -7.32 -44.07
N ILE FA 77 53.26 -7.18 -44.12
CA ILE FA 77 52.61 -6.13 -43.33
C ILE FA 77 52.73 -6.43 -41.85
N LYS FA 78 52.52 -7.68 -41.45
CA LYS FA 78 52.65 -8.04 -40.05
C LYS FA 78 54.05 -7.70 -39.53
N GLN FA 79 55.08 -7.93 -40.35
CA GLN FA 79 56.46 -7.59 -39.97
C GLN FA 79 56.63 -6.08 -39.87
N LYS FA 80 56.13 -5.35 -40.86
CA LYS FA 80 56.21 -3.89 -40.86
C LYS FA 80 55.45 -3.32 -39.68
N ALA FA 81 54.31 -3.93 -39.34
CA ALA FA 81 53.53 -3.46 -38.21
C ALA FA 81 54.29 -3.66 -36.89
N ARG FA 82 54.91 -4.83 -36.72
CA ARG FA 82 55.69 -5.05 -35.51
C ARG FA 82 56.87 -4.10 -35.46
N SER FA 83 57.54 -3.89 -36.59
CA SER FA 83 58.69 -2.99 -36.63
C SER FA 83 58.32 -1.56 -36.21
N ARG FA 84 57.12 -1.09 -36.52
CA ARG FA 84 56.76 0.25 -36.04
C ARG FA 84 56.36 0.25 -34.58
N LEU FA 85 55.83 -0.86 -34.07
CA LEU FA 85 55.53 -0.91 -32.65
C LEU FA 85 56.80 -0.95 -31.82
N VAL FA 86 57.79 -1.76 -32.23
CA VAL FA 86 59.05 -1.77 -31.50
C VAL FA 86 59.71 -0.40 -31.60
N ASP FA 87 59.69 0.20 -32.79
CA ASP FA 87 60.26 1.54 -32.96
C ASP FA 87 59.57 2.56 -32.08
N ALA FA 88 58.26 2.39 -31.85
CA ALA FA 88 57.53 3.31 -30.99
C ALA FA 88 57.99 3.21 -29.55
N ILE FA 89 58.49 2.06 -29.14
CA ILE FA 89 59.02 1.88 -27.79
C ILE FA 89 60.54 1.76 -27.85
N MET GA 7 25.17 -4.71 15.47
CA MET GA 7 23.93 -4.20 16.05
C MET GA 7 24.15 -3.77 17.50
N SER GA 8 24.17 -2.46 17.72
CA SER GA 8 24.40 -1.92 19.05
C SER GA 8 23.11 -1.88 19.85
N VAL GA 9 23.22 -2.17 21.14
CA VAL GA 9 22.08 -2.23 22.05
C VAL GA 9 22.50 -1.59 23.37
N ALA GA 10 21.56 -0.86 23.97
CA ALA GA 10 21.85 -0.04 25.13
C ALA GA 10 21.74 -0.84 26.42
N VAL GA 11 22.61 -0.52 27.36
CA VAL GA 11 22.62 -1.11 28.69
C VAL GA 11 22.80 0.02 29.69
N THR GA 12 22.12 -0.08 30.83
CA THR GA 12 22.22 0.91 31.88
C THR GA 12 23.47 0.65 32.72
N PRO GA 13 24.03 1.68 33.34
CA PRO GA 13 25.24 1.47 34.16
C PRO GA 13 25.02 0.38 35.21
N GLN GA 14 23.86 0.39 35.87
CA GLN GA 14 23.53 -0.63 36.86
C GLN GA 14 23.55 -2.03 36.24
N GLN GA 15 23.11 -2.17 34.99
CA GLN GA 15 23.19 -3.46 34.33
C GLN GA 15 24.62 -3.81 33.96
N ALA GA 16 25.40 -2.84 33.48
CA ALA GA 16 26.79 -3.10 33.13
C ALA GA 16 27.57 -3.62 34.33
N ALA GA 17 27.26 -3.13 35.53
CA ALA GA 17 27.97 -3.58 36.73
C ALA GA 17 27.84 -5.08 36.92
N VAL GA 18 26.61 -5.60 36.81
CA VAL GA 18 26.41 -7.02 37.04
C VAL GA 18 27.11 -7.87 35.97
N MET GA 19 27.09 -7.41 34.71
CA MET GA 19 27.70 -8.21 33.64
C MET GA 19 29.20 -8.40 33.84
N ARG GA 20 29.92 -7.30 34.13
CA ARG GA 20 31.35 -7.40 34.42
C ARG GA 20 31.59 -8.25 35.65
N GLU GA 21 30.77 -8.07 36.68
CA GLU GA 21 30.98 -8.85 37.90
C GLU GA 21 30.86 -10.33 37.60
N ALA GA 22 29.87 -10.74 36.80
CA ALA GA 22 29.73 -12.16 36.49
C ALA GA 22 30.97 -12.72 35.80
N VAL GA 23 31.52 -12.01 34.79
CA VAL GA 23 32.70 -12.54 34.12
C VAL GA 23 33.91 -12.55 35.05
N GLU GA 24 34.07 -11.48 35.85
CA GLU GA 24 35.16 -11.46 36.80
C GLU GA 24 35.05 -12.67 37.71
N ALA GA 25 33.82 -13.02 38.09
CA ALA GA 25 33.53 -14.21 38.87
C ALA GA 25 33.83 -15.50 38.10
N GLY GA 26 34.09 -15.42 36.81
CA GLY GA 26 34.42 -16.60 36.05
C GLY GA 26 33.23 -17.38 35.53
N GLU GA 27 32.01 -16.92 35.80
CA GLU GA 27 30.82 -17.60 35.28
C GLU GA 27 30.80 -17.56 33.76
N TYR GA 28 31.31 -16.48 33.17
CA TYR GA 28 31.30 -16.27 31.74
C TYR GA 28 32.64 -15.69 31.34
N ALA GA 29 33.00 -15.88 30.07
CA ALA GA 29 34.28 -15.37 29.59
C ALA GA 29 34.21 -13.89 29.25
N THR GA 30 33.07 -13.42 28.76
CA THR GA 30 32.94 -12.04 28.30
C THR GA 30 31.51 -11.58 28.48
N ALA GA 31 31.33 -10.25 28.51
CA ALA GA 31 29.99 -9.69 28.66
C ALA GA 31 29.12 -9.95 27.44
N SER GA 32 29.72 -10.02 26.25
CA SER GA 32 28.94 -10.30 25.05
C SER GA 32 28.39 -11.72 25.10
N GLU GA 33 29.06 -12.62 25.81
CA GLU GA 33 28.61 -14.02 25.85
C GLU GA 33 27.34 -14.20 26.66
N ILE GA 34 27.18 -13.45 27.75
CA ILE GA 34 25.97 -13.60 28.56
C ILE GA 34 24.78 -13.07 27.79
N VAL GA 35 24.97 -11.97 27.05
CA VAL GA 35 23.90 -11.47 26.19
C VAL GA 35 23.49 -12.53 25.19
N ARG GA 36 24.48 -13.21 24.60
CA ARG GA 36 24.14 -14.32 23.71
C ARG GA 36 23.33 -15.38 24.45
N GLU GA 37 23.71 -15.69 25.69
CA GLU GA 37 22.91 -16.63 26.48
C GLU GA 37 21.52 -16.04 26.74
N ALA GA 38 21.45 -14.75 27.09
CA ALA GA 38 20.16 -14.12 27.34
C ALA GA 38 19.26 -14.19 26.12
N VAL GA 39 19.81 -13.94 24.93
CA VAL GA 39 18.99 -13.99 23.74
C VAL GA 39 18.54 -15.43 23.47
N ARG GA 40 19.44 -16.39 23.63
CA ARG GA 40 19.06 -17.79 23.42
C ARG GA 40 17.91 -18.20 24.34
N ASP GA 41 17.99 -17.80 25.60
CA ASP GA 41 16.90 -18.12 26.54
C ASP GA 41 15.60 -17.47 26.09
N TRP GA 42 15.68 -16.21 25.67
CA TRP GA 42 14.47 -15.51 25.22
C TRP GA 42 13.77 -16.28 24.11
N LEU GA 43 14.54 -16.86 23.18
CA LEU GA 43 13.97 -17.62 22.08
C LEU GA 43 13.39 -18.96 22.52
N ALA GA 44 14.16 -19.75 23.27
CA ALA GA 44 13.67 -21.01 23.80
C ALA GA 44 12.28 -20.86 24.40
N LYS GA 45 12.13 -19.85 25.24
CA LYS GA 45 10.82 -19.54 25.82
C LYS GA 45 9.79 -19.31 24.74
N ARG GA 46 10.12 -18.44 23.80
CA ARG GA 46 9.20 -18.09 22.72
C ARG GA 46 8.91 -19.29 21.85
N GLU GA 47 9.95 -20.02 21.43
CA GLU GA 47 9.75 -21.21 20.62
C GLU GA 47 8.85 -22.22 21.31
N LEU GA 48 9.10 -22.45 22.60
CA LEU GA 48 8.28 -23.36 23.40
C LEU GA 48 6.83 -22.93 23.42
N ARG GA 49 6.58 -21.65 23.73
CA ARG GA 49 5.22 -21.15 23.82
C ARG GA 49 4.44 -21.34 22.52
N GLU GA 50 5.02 -21.00 21.38
CA GLU GA 50 4.33 -21.15 20.09
C GLU GA 50 3.98 -22.61 19.83
N ALA GA 51 4.94 -23.50 20.10
CA ALA GA 51 4.74 -24.92 19.86
C ALA GA 51 3.53 -25.42 20.64
N GLU GA 52 3.42 -25.03 21.91
CA GLU GA 52 2.28 -25.41 22.74
C GLU GA 52 1.00 -24.77 22.23
N ALA GA 53 1.05 -23.46 21.94
CA ALA GA 53 -0.12 -22.79 21.38
C ALA GA 53 -0.53 -23.46 20.08
N GLU GA 54 0.44 -23.79 19.23
CA GLU GA 54 0.16 -24.49 18.00
C GLU GA 54 -0.39 -25.89 18.25
N ARG GA 55 0.15 -26.61 19.23
CA ARG GA 55 -0.30 -27.97 19.47
C ARG GA 55 -1.79 -27.98 19.80
N LEU GA 56 -2.23 -27.07 20.66
CA LEU GA 56 -3.63 -27.01 21.05
C LEU GA 56 -4.53 -26.67 19.86
N ARG GA 57 -4.13 -25.68 19.05
CA ARG GA 57 -4.92 -25.30 17.88
C ARG GA 57 -5.18 -26.50 16.99
N LYS GA 58 -4.12 -27.29 16.73
CA LYS GA 58 -4.21 -28.46 15.86
C LYS GA 58 -5.04 -29.56 16.51
N ALA GA 59 -4.89 -29.74 17.82
CA ALA GA 59 -5.70 -30.73 18.51
C ALA GA 59 -7.18 -30.41 18.34
N TRP GA 60 -7.55 -29.14 18.37
CA TRP GA 60 -8.96 -28.77 18.26
C TRP GA 60 -9.53 -29.16 16.91
N ILE GA 61 -8.86 -28.78 15.81
CA ILE GA 61 -9.37 -29.12 14.49
C ILE GA 61 -9.33 -30.62 14.34
N GLU GA 62 -8.36 -31.25 15.00
CA GLU GA 62 -8.27 -32.68 14.94
C GLU GA 62 -9.45 -33.33 15.60
N GLY GA 63 -9.90 -32.79 16.74
CA GLY GA 63 -11.04 -33.37 17.43
C GLY GA 63 -12.34 -33.18 16.65
N LEU GA 64 -12.54 -31.98 16.09
CA LEU GA 64 -13.74 -31.73 15.30
C LEU GA 64 -13.78 -32.63 14.08
N GLU GA 65 -12.62 -32.87 13.49
CA GLU GA 65 -12.55 -33.67 12.28
C GLU GA 65 -12.47 -35.17 12.54
N SER GA 66 -12.35 -35.60 13.78
CA SER GA 66 -12.17 -37.02 14.09
C SER GA 66 -13.51 -37.71 14.18
N GLY GA 67 -14.09 -38.00 13.03
CA GLY GA 67 -15.28 -38.81 12.94
C GLY GA 67 -16.51 -38.15 13.51
N PRO GA 68 -17.55 -38.97 13.75
CA PRO GA 68 -18.80 -38.44 14.30
C PRO GA 68 -18.88 -38.64 15.80
N PHE GA 69 -19.54 -37.67 16.43
CA PHE GA 69 -19.72 -37.55 17.87
C PHE GA 69 -20.77 -38.56 18.34
N ALA GA 70 -20.62 -39.02 19.57
CA ALA GA 70 -21.50 -40.01 20.15
C ALA GA 70 -21.74 -39.67 21.61
N PRO GA 71 -22.81 -40.18 22.20
CA PRO GA 71 -23.07 -39.93 23.62
C PRO GA 71 -21.92 -40.41 24.49
N PHE GA 72 -21.72 -39.70 25.60
CA PHE GA 72 -20.57 -39.89 26.46
C PHE GA 72 -20.93 -40.80 27.64
N ASP GA 73 -20.29 -41.96 27.70
CA ASP GA 73 -20.40 -42.84 28.85
C ASP GA 73 -18.97 -43.19 29.25
N ILE GA 74 -18.55 -42.71 30.43
CA ILE GA 74 -17.15 -42.88 30.81
C ILE GA 74 -16.84 -44.32 31.17
N GLU GA 75 -17.81 -45.02 31.78
CA GLU GA 75 -17.56 -46.40 32.17
C GLU GA 75 -17.23 -47.26 30.96
N ASP GA 76 -17.83 -46.97 29.81
CA ASP GA 76 -17.42 -47.68 28.61
C ASP GA 76 -15.95 -47.41 28.30
N ILE GA 77 -15.51 -46.17 28.48
CA ILE GA 77 -14.12 -45.80 28.20
C ILE GA 77 -13.19 -46.43 29.23
N LYS GA 78 -13.54 -46.35 30.51
CA LYS GA 78 -12.70 -46.94 31.53
C LYS GA 78 -12.51 -48.43 31.28
N GLN GA 79 -13.59 -49.12 30.91
CA GLN GA 79 -13.49 -50.54 30.66
C GLN GA 79 -12.71 -50.83 29.39
N LYS GA 80 -12.95 -50.06 28.33
CA LYS GA 80 -12.24 -50.29 27.08
C LYS GA 80 -10.73 -50.13 27.28
N ALA GA 81 -10.33 -49.18 28.13
CA ALA GA 81 -8.91 -48.95 28.36
C ALA GA 81 -8.26 -50.17 29.02
N ARG GA 82 -8.96 -50.79 29.97
CA ARG GA 82 -8.41 -51.96 30.65
C ARG GA 82 -8.18 -53.11 29.68
N SER GA 83 -9.10 -53.31 28.74
CA SER GA 83 -8.93 -54.39 27.77
C SER GA 83 -7.62 -54.25 27.01
N ARG GA 84 -7.17 -53.01 26.76
CA ARG GA 84 -5.90 -52.81 26.09
C ARG GA 84 -4.72 -53.03 27.03
N LEU GA 85 -4.91 -52.78 28.33
CA LEU GA 85 -3.83 -52.98 29.28
C LEU GA 85 -3.50 -54.45 29.45
N VAL GA 86 -4.52 -55.31 29.54
CA VAL GA 86 -4.28 -56.73 29.71
C VAL GA 86 -3.56 -57.29 28.50
N ASP GA 87 -3.99 -56.91 27.30
CA ASP GA 87 -3.31 -57.37 26.10
C ASP GA 87 -1.84 -56.97 26.09
N ALA GA 88 -1.52 -55.84 26.73
CA ALA GA 88 -0.12 -55.42 26.80
C ALA GA 88 0.73 -56.39 27.58
N ILE GA 89 0.13 -57.16 28.49
CA ILE GA 89 0.86 -58.11 29.31
C ILE GA 89 0.49 -59.54 28.90
N ASN HA 3 28.48 61.22 -5.11
CA ASN HA 3 29.09 61.05 -3.79
C ASN HA 3 28.45 59.85 -3.09
N VAL HA 4 29.28 58.85 -2.79
CA VAL HA 4 28.83 57.58 -2.24
C VAL HA 4 29.57 57.36 -0.93
N GLU HA 5 28.87 57.51 0.19
CA GLU HA 5 29.45 57.26 1.50
C GLU HA 5 29.36 55.77 1.80
N LYS HA 6 30.50 55.08 1.70
CA LYS HA 6 30.57 53.69 2.08
C LYS HA 6 30.61 53.57 3.60
N MET HA 7 30.51 52.33 4.07
CA MET HA 7 30.73 52.01 5.47
C MET HA 7 31.41 50.65 5.55
N SER HA 8 32.24 50.47 6.57
CA SER HA 8 32.89 49.20 6.81
C SER HA 8 31.97 48.26 7.58
N VAL HA 9 32.19 46.95 7.40
CA VAL HA 9 31.41 45.94 8.08
C VAL HA 9 31.91 44.55 7.68
N ALA HA 10 31.64 43.56 8.52
CA ALA HA 10 31.94 42.17 8.23
C ALA HA 10 30.64 41.36 8.21
N VAL HA 11 30.76 40.06 7.94
CA VAL HA 11 29.61 39.17 7.85
C VAL HA 11 30.03 37.79 8.33
N THR HA 12 29.10 37.09 8.98
CA THR HA 12 29.30 35.72 9.43
C THR HA 12 29.09 34.77 8.25
N PRO HA 13 29.78 33.62 8.25
CA PRO HA 13 29.73 32.76 7.05
C PRO HA 13 28.34 32.35 6.62
N GLN HA 14 27.48 31.92 7.56
CA GLN HA 14 26.15 31.47 7.16
C GLN HA 14 25.39 32.61 6.48
N GLN HA 15 25.59 33.85 6.94
CA GLN HA 15 24.95 34.99 6.27
C GLN HA 15 25.63 35.26 4.93
N ALA HA 16 26.96 35.17 4.88
CA ALA HA 16 27.65 35.29 3.59
C ALA HA 16 27.25 34.16 2.65
N ALA HA 17 27.01 32.98 3.21
CA ALA HA 17 26.66 31.83 2.38
C ALA HA 17 25.43 32.13 1.53
N VAL HA 18 24.37 32.64 2.16
CA VAL HA 18 23.15 32.95 1.42
C VAL HA 18 23.41 34.01 0.36
N MET HA 19 24.22 35.02 0.68
CA MET HA 19 24.55 36.01 -0.32
C MET HA 19 25.19 35.30 -1.52
N ARG HA 20 26.11 34.39 -1.26
CA ARG HA 20 26.69 33.61 -2.34
C ARG HA 20 25.62 32.78 -3.05
N GLU HA 21 24.77 32.10 -2.30
CA GLU HA 21 23.80 31.20 -2.93
C GLU HA 21 22.89 31.99 -3.87
N ALA HA 22 22.42 33.16 -3.44
CA ALA HA 22 21.55 33.97 -4.29
C ALA HA 22 22.26 34.44 -5.58
N VAL HA 23 23.50 34.92 -5.45
CA VAL HA 23 24.23 35.42 -6.62
C VAL HA 23 24.47 34.28 -7.60
N GLU HA 24 24.82 33.12 -7.05
CA GLU HA 24 25.01 31.91 -7.85
C GLU HA 24 23.76 31.53 -8.60
N ALA HA 25 22.61 31.56 -7.93
CA ALA HA 25 21.33 31.29 -8.55
C ALA HA 25 20.92 32.35 -9.55
N GLY HA 26 21.59 33.50 -9.56
CA GLY HA 26 21.26 34.59 -10.46
C GLY HA 26 20.21 35.54 -9.93
N GLU HA 27 19.72 35.33 -8.71
CA GLU HA 27 18.71 36.21 -8.13
C GLU HA 27 19.22 37.64 -8.00
N TYR HA 28 20.50 37.77 -7.67
CA TYR HA 28 21.13 39.04 -7.35
C TYR HA 28 22.54 39.07 -7.92
N ALA HA 29 23.01 40.26 -8.28
CA ALA HA 29 24.35 40.35 -8.86
C ALA HA 29 25.45 40.40 -7.81
N THR HA 30 25.19 40.95 -6.63
CA THR HA 30 26.26 41.19 -5.65
C THR HA 30 25.72 41.12 -4.23
N ALA HA 31 26.63 40.95 -3.27
CA ALA HA 31 26.28 40.86 -1.85
C ALA HA 31 25.80 42.20 -1.29
N SER HA 32 26.38 43.31 -1.77
CA SER HA 32 25.91 44.64 -1.37
C SER HA 32 24.53 44.91 -1.93
N GLU HA 33 24.18 44.21 -3.01
CA GLU HA 33 22.87 44.38 -3.63
C GLU HA 33 21.76 44.08 -2.64
N ILE HA 34 22.00 43.12 -1.75
CA ILE HA 34 20.98 42.72 -0.78
C ILE HA 34 20.80 43.75 0.34
N VAL HA 35 21.90 44.26 0.88
CA VAL HA 35 21.82 45.19 2.00
C VAL HA 35 21.02 46.45 1.63
N ARG HA 36 21.28 47.03 0.45
CA ARG HA 36 20.53 48.22 0.05
C ARG HA 36 19.04 47.94 0.10
N GLU HA 37 18.64 46.74 -0.36
CA GLU HA 37 17.25 46.35 -0.24
C GLU HA 37 16.84 46.26 1.22
N ALA HA 38 17.67 45.56 2.00
CA ALA HA 38 17.40 45.32 3.42
C ALA HA 38 17.40 46.60 4.22
N VAL HA 39 18.38 47.47 3.97
CA VAL HA 39 18.49 48.70 4.76
C VAL HA 39 17.29 49.63 4.54
N ARG HA 40 16.84 49.83 3.30
CA ARG HA 40 15.74 50.76 3.08
C ARG HA 40 14.49 50.35 3.84
N ASP HA 41 14.20 49.05 3.83
CA ASP HA 41 12.99 48.57 4.48
C ASP HA 41 12.99 48.92 5.95
N TRP HA 42 14.09 48.68 6.67
CA TRP HA 42 14.13 49.05 8.08
C TRP HA 42 13.88 50.55 8.26
N LEU HA 43 14.47 51.37 7.40
CA LEU HA 43 14.18 52.81 7.46
C LEU HA 43 12.71 53.04 7.16
N ALA HA 44 12.19 52.42 6.08
CA ALA HA 44 10.76 52.50 5.82
C ALA HA 44 9.96 52.13 7.07
N LYS HA 45 10.27 50.98 7.69
CA LYS HA 45 9.59 50.61 8.92
C LYS HA 45 9.74 51.72 9.96
N ARG HA 46 10.97 52.15 10.22
CA ARG HA 46 11.22 53.17 11.24
C ARG HA 46 10.54 54.49 10.87
N GLU HA 47 10.71 54.93 9.63
CA GLU HA 47 10.03 56.14 9.18
C GLU HA 47 8.52 56.06 9.44
N LEU HA 48 7.89 54.94 9.07
CA LEU HA 48 6.45 54.77 9.29
C LEU HA 48 6.09 54.88 10.77
N ARG HA 49 6.79 54.11 11.62
CA ARG HA 49 6.42 54.07 13.03
C ARG HA 49 6.40 55.46 13.63
N GLU HA 50 7.36 56.31 13.26
CA GLU HA 50 7.46 57.63 13.85
C GLU HA 50 6.22 58.47 13.59
N ALA HA 51 5.72 58.46 12.36
CA ALA HA 51 4.61 59.33 12.02
C ALA HA 51 3.41 59.05 12.90
N GLU HA 52 3.10 57.78 13.13
CA GLU HA 52 1.90 57.42 13.89
C GLU HA 52 2.02 57.86 15.34
N ALA HA 53 3.14 57.52 15.98
CA ALA HA 53 3.38 58.01 17.33
C ALA HA 53 3.32 59.53 17.35
N GLU HA 54 3.92 60.19 16.34
CA GLU HA 54 3.79 61.65 16.25
C GLU HA 54 2.36 62.10 15.98
N ARG HA 55 1.64 61.38 15.10
CA ARG HA 55 0.26 61.76 14.77
C ARG HA 55 -0.64 61.77 15.99
N LEU HA 56 -0.57 60.71 16.79
CA LEU HA 56 -1.39 60.62 18.00
C LEU HA 56 -1.00 61.70 19.00
N ARG HA 57 0.31 61.92 19.18
CA ARG HA 57 0.76 62.98 20.07
C ARG HA 57 0.13 64.28 19.63
N LYS HA 58 0.18 64.55 18.31
CA LYS HA 58 -0.44 65.74 17.75
C LYS HA 58 -1.94 65.64 17.93
N ALA HA 59 -2.52 64.46 17.70
CA ALA HA 59 -3.96 64.33 17.87
C ALA HA 59 -4.38 64.69 19.29
N TRP HA 60 -3.59 64.29 20.28
CA TRP HA 60 -3.99 64.55 21.67
C TRP HA 60 -4.06 66.05 21.95
N ILE HA 61 -3.01 66.79 21.58
CA ILE HA 61 -3.00 68.23 21.81
C ILE HA 61 -4.09 68.88 20.97
N GLU HA 62 -4.31 68.35 19.77
CA GLU HA 62 -5.27 69.00 18.92
C GLU HA 62 -6.66 68.87 19.48
N GLY HA 63 -7.02 67.69 20.02
CA GLY HA 63 -8.33 67.55 20.62
C GLY HA 63 -8.50 68.36 21.87
N LEU HA 64 -7.48 68.38 22.73
CA LEU HA 64 -7.55 69.19 23.94
C LEU HA 64 -7.66 70.67 23.59
N GLU HA 65 -6.95 71.10 22.57
CA GLU HA 65 -6.96 72.49 22.17
C GLU HA 65 -8.13 72.83 21.26
N SER HA 66 -8.90 71.82 20.85
CA SER HA 66 -9.99 72.04 19.90
C SER HA 66 -11.28 72.41 20.63
N GLY HA 67 -11.38 73.66 21.05
CA GLY HA 67 -12.60 74.19 21.63
C GLY HA 67 -12.99 73.55 22.96
N PRO HA 68 -14.26 73.82 23.37
CA PRO HA 68 -14.76 73.29 24.66
C PRO HA 68 -15.65 72.05 24.61
N PHE HA 69 -15.62 71.23 25.65
CA PHE HA 69 -16.38 69.97 25.65
C PHE HA 69 -17.89 70.18 25.76
N ALA HA 70 -18.64 69.19 25.29
CA ALA HA 70 -20.10 69.21 25.26
C ALA HA 70 -20.63 67.82 25.57
N PRO HA 71 -21.88 67.72 26.03
CA PRO HA 71 -22.45 66.40 26.32
C PRO HA 71 -22.49 65.51 25.09
N PHE HA 72 -22.44 64.20 25.34
CA PHE HA 72 -22.34 63.20 24.28
C PHE HA 72 -23.72 62.70 23.90
N ASP HA 73 -24.13 62.99 22.69
CA ASP HA 73 -25.36 62.44 22.14
C ASP HA 73 -25.03 61.94 20.75
N ILE HA 74 -25.09 60.61 20.55
CA ILE HA 74 -24.69 60.11 19.23
C ILE HA 74 -25.73 60.51 18.19
N GLU HA 75 -27.02 60.47 18.54
CA GLU HA 75 -28.08 60.73 17.58
C GLU HA 75 -27.93 62.14 17.02
N ASP HA 76 -27.43 63.06 17.84
CA ASP HA 76 -27.08 64.38 17.36
C ASP HA 76 -26.01 64.27 16.29
N ILE HA 77 -25.01 63.40 16.50
CA ILE HA 77 -23.95 63.21 15.52
C ILE HA 77 -24.47 62.46 14.30
N LYS HA 78 -25.26 61.42 14.50
CA LYS HA 78 -25.82 60.70 13.35
C LYS HA 78 -26.63 61.63 12.48
N GLN HA 79 -27.41 62.51 13.09
CA GLN HA 79 -28.21 63.45 12.31
C GLN HA 79 -27.34 64.52 11.66
N LYS HA 80 -26.39 65.08 12.40
CA LYS HA 80 -25.57 66.14 11.83
C LYS HA 80 -24.82 65.64 10.60
N ALA HA 81 -24.41 64.37 10.61
CA ALA HA 81 -23.67 63.81 9.48
C ALA HA 81 -24.52 63.81 8.22
N ARG HA 82 -25.79 63.42 8.35
CA ARG HA 82 -26.66 63.33 7.19
C ARG HA 82 -26.86 64.69 6.55
N SER HA 83 -26.95 65.75 7.35
CA SER HA 83 -27.14 67.08 6.80
C SER HA 83 -26.01 67.43 5.84
N ARG HA 84 -24.80 66.94 6.11
CA ARG HA 84 -23.70 67.20 5.19
C ARG HA 84 -23.72 66.27 3.98
N LEU HA 85 -24.28 65.07 4.11
CA LEU HA 85 -24.37 64.19 2.95
C LEU HA 85 -25.34 64.75 1.91
N VAL HA 86 -26.49 65.26 2.35
CA VAL HA 86 -27.46 65.80 1.40
C VAL HA 86 -26.89 67.00 0.66
N ASP HA 87 -26.24 67.90 1.39
CA ASP HA 87 -25.62 69.06 0.74
C ASP HA 87 -24.58 68.62 -0.30
N ALA HA 88 -23.97 67.46 -0.08
CA ALA HA 88 -23.01 66.94 -1.05
C ALA HA 88 -23.69 66.61 -2.38
N ILE HA 89 -24.99 66.32 -2.34
CA ILE HA 89 -25.72 65.97 -3.55
C ILE HA 89 -26.71 67.10 -3.89
N VAL IA 4 -23.02 -85.79 44.53
CA VAL IA 4 -21.74 -86.39 44.20
C VAL IA 4 -21.61 -86.52 42.69
N GLU IA 5 -22.05 -85.49 41.98
CA GLU IA 5 -22.26 -85.60 40.54
C GLU IA 5 -20.95 -85.52 39.77
N LYS IA 6 -21.04 -85.83 38.48
CA LYS IA 6 -19.92 -85.77 37.54
C LYS IA 6 -20.51 -85.42 36.19
N MET IA 7 -19.69 -84.85 35.31
CA MET IA 7 -20.21 -84.45 34.01
C MET IA 7 -19.12 -84.45 32.95
N SER IA 8 -19.54 -84.26 31.71
CA SER IA 8 -18.65 -84.29 30.57
C SER IA 8 -17.56 -83.22 30.71
N VAL IA 9 -16.47 -83.42 29.98
CA VAL IA 9 -15.33 -82.51 30.00
C VAL IA 9 -14.82 -82.37 28.57
N ALA IA 10 -14.80 -81.14 28.07
CA ALA IA 10 -14.22 -80.87 26.75
C ALA IA 10 -12.72 -81.14 26.78
N VAL IA 11 -12.11 -81.00 25.59
CA VAL IA 11 -10.69 -81.31 25.46
C VAL IA 11 -9.94 -80.32 24.58
N THR IA 12 -9.49 -79.19 25.18
CA THR IA 12 -8.68 -78.18 24.52
C THR IA 12 -7.20 -78.53 24.64
N PRO IA 13 -6.45 -78.65 23.53
CA PRO IA 13 -5.04 -79.04 23.67
C PRO IA 13 -4.21 -78.01 24.44
N GLN IA 14 -4.30 -76.73 24.08
CA GLN IA 14 -3.49 -75.72 24.75
C GLN IA 14 -3.85 -75.61 26.22
N GLN IA 15 -5.12 -75.80 26.54
CA GLN IA 15 -5.56 -75.82 27.92
C GLN IA 15 -5.12 -77.12 28.59
N ALA IA 16 -5.24 -78.24 27.87
CA ALA IA 16 -4.78 -79.51 28.41
C ALA IA 16 -3.29 -79.45 28.71
N ALA IA 17 -2.52 -78.79 27.85
CA ALA IA 17 -1.08 -78.68 28.05
C ALA IA 17 -0.77 -77.94 29.34
N VAL IA 18 -1.33 -76.74 29.50
CA VAL IA 18 -1.03 -75.94 30.68
C VAL IA 18 -1.52 -76.62 31.94
N MET IA 19 -2.70 -77.23 31.89
CA MET IA 19 -3.18 -78.02 33.02
C MET IA 19 -2.25 -79.22 33.28
N ARG IA 20 -1.88 -79.94 32.22
CA ARG IA 20 -0.92 -81.03 32.38
C ARG IA 20 0.37 -80.46 32.96
N GLU IA 21 0.74 -79.26 32.52
CA GLU IA 21 1.91 -78.59 33.09
C GLU IA 21 1.71 -78.32 34.57
N ALA IA 22 0.50 -77.89 34.96
CA ALA IA 22 0.22 -77.58 36.36
C ALA IA 22 0.30 -78.81 37.25
N VAL IA 23 -0.33 -79.92 36.83
CA VAL IA 23 -0.28 -81.14 37.64
C VAL IA 23 1.15 -81.64 37.73
N GLU IA 24 1.88 -81.56 36.62
CA GLU IA 24 3.28 -81.96 36.60
C GLU IA 24 4.08 -81.13 37.60
N ALA IA 25 3.79 -79.83 37.68
CA ALA IA 25 4.47 -78.96 38.63
C ALA IA 25 4.15 -79.29 40.07
N GLY IA 26 3.14 -80.13 40.32
CA GLY IA 26 2.74 -80.50 41.65
C GLY IA 26 1.73 -79.56 42.28
N GLU IA 27 1.30 -78.51 41.57
CA GLU IA 27 0.30 -77.60 42.12
C GLU IA 27 -1.01 -78.33 42.39
N TYR IA 28 -1.37 -79.30 41.55
CA TYR IA 28 -2.63 -80.02 41.65
C TYR IA 28 -2.38 -81.48 41.28
N ALA IA 29 -3.19 -82.38 41.80
CA ALA IA 29 -2.96 -83.78 41.46
C ALA IA 29 -3.55 -84.20 40.11
N THR IA 30 -4.61 -83.56 39.62
CA THR IA 30 -5.22 -84.03 38.37
C THR IA 30 -5.89 -82.90 37.60
N ALA IA 31 -6.17 -83.19 36.32
CA ALA IA 31 -6.86 -82.20 35.50
C ALA IA 31 -8.25 -81.95 36.04
N SER IA 32 -8.85 -82.96 36.64
CA SER IA 32 -10.13 -82.78 37.31
C SER IA 32 -9.99 -81.95 38.59
N GLU IA 33 -8.81 -81.87 39.17
CA GLU IA 33 -8.74 -81.17 40.46
C GLU IA 33 -8.76 -79.65 40.30
N ILE IA 34 -8.13 -79.11 39.26
CA ILE IA 34 -8.17 -77.65 39.08
C ILE IA 34 -9.60 -77.18 38.72
N VAL IA 35 -10.33 -77.95 37.89
CA VAL IA 35 -11.65 -77.51 37.43
C VAL IA 35 -12.58 -77.23 38.61
N ARG IA 36 -12.55 -78.10 39.61
CA ARG IA 36 -13.36 -77.89 40.80
C ARG IA 36 -13.06 -76.53 41.42
N GLU IA 37 -11.78 -76.12 41.41
CA GLU IA 37 -11.46 -74.78 41.86
C GLU IA 37 -11.89 -73.70 40.86
N ALA IA 38 -11.67 -73.90 39.53
CA ALA IA 38 -12.13 -72.86 38.60
C ALA IA 38 -13.63 -72.69 38.77
N VAL IA 39 -14.38 -73.80 38.90
CA VAL IA 39 -15.83 -73.67 39.05
C VAL IA 39 -16.25 -73.11 40.43
N ARG IA 40 -15.64 -73.55 41.53
CA ARG IA 40 -15.96 -72.92 42.81
C ARG IA 40 -15.73 -71.41 42.77
N ASP IA 41 -14.64 -71.00 42.13
CA ASP IA 41 -14.36 -69.58 41.99
C ASP IA 41 -15.48 -68.88 41.23
N TRP IA 42 -15.87 -69.43 40.08
CA TRP IA 42 -16.90 -68.77 39.28
C TRP IA 42 -18.20 -68.61 40.04
N LEU IA 43 -18.59 -69.65 40.81
CA LEU IA 43 -19.83 -69.55 41.56
C LEU IA 43 -19.71 -68.45 42.60
N ALA IA 44 -18.64 -68.49 43.41
CA ALA IA 44 -18.50 -67.49 44.46
C ALA IA 44 -18.77 -66.08 43.95
N LYS IA 45 -18.13 -65.68 42.84
CA LYS IA 45 -18.39 -64.35 42.30
C LYS IA 45 -19.89 -64.18 42.04
N ARG IA 46 -20.51 -65.16 41.37
CA ARG IA 46 -21.93 -65.04 41.02
C ARG IA 46 -22.79 -64.93 42.25
N GLU IA 47 -22.54 -65.80 43.24
CA GLU IA 47 -23.24 -65.69 44.51
C GLU IA 47 -23.10 -64.29 45.09
N LEU IA 48 -21.86 -63.77 45.11
CA LEU IA 48 -21.63 -62.41 45.62
C LEU IA 48 -22.42 -61.38 44.83
N ARG IA 49 -22.27 -61.38 43.52
CA ARG IA 49 -22.89 -60.34 42.72
C ARG IA 49 -24.40 -60.33 42.90
N GLU IA 50 -25.04 -61.49 42.78
CA GLU IA 50 -26.50 -61.53 42.81
C GLU IA 50 -27.03 -61.07 44.16
N ALA IA 51 -26.41 -61.52 45.25
CA ALA IA 51 -26.89 -61.14 46.58
C ALA IA 51 -26.86 -59.63 46.77
N GLU IA 52 -25.78 -58.97 46.36
CA GLU IA 52 -25.68 -57.53 46.53
C GLU IA 52 -26.72 -56.79 45.71
N ALA IA 53 -26.91 -57.19 44.45
CA ALA IA 53 -27.96 -56.59 43.64
C ALA IA 53 -29.29 -56.67 44.39
N GLU IA 54 -29.56 -57.81 45.03
CA GLU IA 54 -30.77 -57.95 45.82
C GLU IA 54 -30.75 -57.01 47.01
N ARG IA 55 -29.59 -56.82 47.64
CA ARG IA 55 -29.52 -55.94 48.80
C ARG IA 55 -29.98 -54.53 48.45
N LEU IA 56 -29.45 -53.96 47.37
CA LEU IA 56 -29.78 -52.58 47.02
C LEU IA 56 -31.26 -52.43 46.72
N ARG IA 57 -31.82 -53.36 45.92
CA ARG IA 57 -33.24 -53.29 45.62
C ARG IA 57 -34.05 -53.34 46.90
N LYS IA 58 -33.65 -54.21 47.84
CA LYS IA 58 -34.35 -54.32 49.11
C LYS IA 58 -34.22 -53.02 49.89
N ALA IA 59 -33.05 -52.40 49.83
CA ALA IA 59 -32.84 -51.12 50.49
C ALA IA 59 -33.74 -50.03 49.93
N TRP IA 60 -33.93 -50.04 48.61
CA TRP IA 60 -34.72 -48.98 47.99
C TRP IA 60 -36.15 -48.98 48.50
N ILE IA 61 -36.85 -50.09 48.40
CA ILE IA 61 -38.22 -50.08 48.92
C ILE IA 61 -38.16 -49.94 50.44
N GLU IA 62 -37.08 -50.44 51.05
CA GLU IA 62 -36.95 -50.30 52.49
C GLU IA 62 -36.91 -48.83 52.84
N GLY IA 63 -36.19 -48.03 52.05
CA GLY IA 63 -36.19 -46.59 52.27
C GLY IA 63 -37.53 -45.95 51.92
N LEU IA 64 -38.12 -46.37 50.81
CA LEU IA 64 -39.42 -45.82 50.42
C LEU IA 64 -40.48 -46.16 51.45
N GLU IA 65 -40.44 -47.37 51.99
CA GLU IA 65 -41.43 -47.78 52.96
C GLU IA 65 -41.10 -47.30 54.37
N SER IA 66 -39.94 -46.69 54.56
CA SER IA 66 -39.48 -46.29 55.87
C SER IA 66 -40.01 -44.91 56.25
N GLY IA 67 -41.27 -44.87 56.67
CA GLY IA 67 -41.87 -43.68 57.21
C GLY IA 67 -41.99 -42.56 56.19
N PRO IA 68 -42.29 -41.35 56.73
CA PRO IA 68 -42.39 -40.15 55.88
C PRO IA 68 -41.17 -39.26 55.80
N PHE IA 69 -40.94 -38.52 54.71
CA PHE IA 69 -39.73 -37.71 54.55
C PHE IA 69 -39.76 -36.46 55.43
N ALA IA 70 -38.58 -35.87 55.62
CA ALA IA 70 -38.42 -34.68 56.46
C ALA IA 70 -37.50 -33.72 55.80
N PRO IA 71 -37.55 -32.41 56.14
CA PRO IA 71 -36.59 -31.45 55.61
C PRO IA 71 -35.18 -31.87 56.02
N PHE IA 72 -34.18 -31.54 55.18
CA PHE IA 72 -32.80 -31.99 55.32
C PHE IA 72 -31.98 -30.89 56.01
N ASP IA 73 -31.46 -31.18 57.20
CA ASP IA 73 -30.51 -30.32 57.91
C ASP IA 73 -29.42 -31.27 58.38
N ILE IA 74 -28.21 -31.13 57.83
CA ILE IA 74 -27.18 -32.10 58.17
C ILE IA 74 -26.73 -31.91 59.60
N GLU IA 75 -26.65 -30.65 60.04
CA GLU IA 75 -26.18 -30.36 61.40
C GLU IA 75 -27.09 -31.01 62.43
N ASP IA 76 -28.38 -31.12 62.11
CA ASP IA 76 -29.30 -31.86 62.98
C ASP IA 76 -28.90 -33.33 63.07
N ILE IA 77 -28.50 -33.92 61.94
CA ILE IA 77 -28.11 -35.33 61.94
C ILE IA 77 -26.75 -35.50 62.65
N LYS IA 78 -25.80 -34.63 62.32
CA LYS IA 78 -24.50 -34.69 63.00
C LYS IA 78 -24.68 -34.51 64.50
N GLN IA 79 -25.59 -33.61 64.90
CA GLN IA 79 -25.85 -33.39 66.32
C GLN IA 79 -26.52 -34.60 66.95
N LYS IA 80 -27.53 -35.16 66.30
CA LYS IA 80 -28.24 -36.29 66.87
C LYS IA 80 -27.32 -37.51 67.02
N ALA IA 81 -26.40 -37.70 66.07
CA ALA IA 81 -25.53 -38.86 66.13
C ALA IA 81 -24.64 -38.82 67.36
N ARG IA 82 -24.11 -37.65 67.70
CA ARG IA 82 -23.24 -37.54 68.87
C ARG IA 82 -24.00 -37.90 70.15
N SER IA 83 -25.28 -37.49 70.23
CA SER IA 83 -26.06 -37.79 71.43
C SER IA 83 -26.10 -39.29 71.71
N ARG IA 84 -26.13 -40.13 70.67
CA ARG IA 84 -26.09 -41.57 70.90
C ARG IA 84 -24.69 -42.08 71.19
N LEU IA 85 -23.66 -41.40 70.68
CA LEU IA 85 -22.30 -41.85 70.96
C LEU IA 85 -21.97 -41.70 72.44
N VAL IA 86 -22.37 -40.58 73.06
CA VAL IA 86 -22.09 -40.38 74.48
C VAL IA 86 -22.82 -41.41 75.32
N ASP IA 87 -24.10 -41.66 75.02
CA ASP IA 87 -24.86 -42.65 75.76
C ASP IA 87 -24.22 -44.03 75.67
N ALA IA 88 -23.50 -44.30 74.58
CA ALA IA 88 -22.80 -45.57 74.47
C ALA IA 88 -21.72 -45.70 75.54
N ILE IA 89 -21.23 -44.57 76.05
CA ILE IA 89 -20.16 -44.57 77.04
C ILE IA 89 -20.71 -44.08 78.38
N GLU JA 5 -5.53 36.92 -109.02
CA GLU JA 5 -4.16 37.40 -108.85
C GLU JA 5 -3.67 37.16 -107.43
N LYS JA 6 -2.36 36.95 -107.30
CA LYS JA 6 -1.73 36.77 -106.00
C LYS JA 6 -0.29 37.27 -106.08
N MET JA 7 0.19 37.79 -104.96
CA MET JA 7 1.58 38.24 -104.88
C MET JA 7 2.50 37.06 -104.58
N SER JA 8 3.78 37.26 -104.87
CA SER JA 8 4.81 36.27 -104.63
C SER JA 8 5.94 36.95 -103.86
N VAL JA 9 6.34 36.37 -102.73
CA VAL JA 9 7.32 37.00 -101.84
C VAL JA 9 8.33 35.96 -101.36
N ALA JA 10 9.58 36.40 -101.23
CA ALA JA 10 10.69 35.50 -100.93
C ALA JA 10 10.89 35.31 -99.44
N VAL JA 11 11.23 34.08 -99.07
CA VAL JA 11 11.46 33.70 -97.68
C VAL JA 11 12.83 33.04 -97.56
N THR JA 12 13.50 33.30 -96.45
CA THR JA 12 14.78 32.68 -96.19
C THR JA 12 14.55 31.28 -95.63
N PRO JA 13 15.50 30.36 -95.82
CA PRO JA 13 15.26 29.00 -95.32
C PRO JA 13 14.93 28.96 -93.85
N GLN JA 14 15.67 29.70 -93.02
CA GLN JA 14 15.48 29.66 -91.59
C GLN JA 14 14.11 30.17 -91.17
N GLN JA 15 13.60 31.21 -91.83
CA GLN JA 15 12.26 31.64 -91.48
C GLN JA 15 11.22 30.68 -92.04
N ALA JA 16 11.44 30.15 -93.24
CA ALA JA 16 10.53 29.15 -93.78
C ALA JA 16 10.40 27.98 -92.81
N ALA JA 17 11.50 27.62 -92.15
CA ALA JA 17 11.46 26.55 -91.16
C ALA JA 17 10.49 26.89 -90.04
N VAL JA 18 10.60 28.09 -89.46
CA VAL JA 18 9.72 28.45 -88.36
C VAL JA 18 8.28 28.55 -88.85
N MET JA 19 8.07 29.17 -90.02
CA MET JA 19 6.73 29.17 -90.61
C MET JA 19 6.29 27.73 -90.85
N ARG JA 20 7.18 26.93 -91.44
CA ARG JA 20 6.87 25.53 -91.61
C ARG JA 20 6.67 24.84 -90.25
N GLU JA 21 7.60 25.05 -89.31
CA GLU JA 21 7.48 24.47 -87.97
C GLU JA 21 6.17 24.88 -87.31
N ALA JA 22 5.76 26.13 -87.50
CA ALA JA 22 4.51 26.58 -86.90
C ALA JA 22 3.35 25.66 -87.32
N VAL JA 23 3.34 25.23 -88.60
CA VAL JA 23 2.27 24.38 -89.10
C VAL JA 23 2.25 23.06 -88.33
N GLU JA 24 3.43 22.52 -88.04
CA GLU JA 24 3.48 21.26 -87.29
C GLU JA 24 2.83 21.39 -85.92
N ALA JA 25 3.00 22.53 -85.25
CA ALA JA 25 2.39 22.65 -83.94
C ALA JA 25 0.88 22.69 -83.98
N GLY JA 26 0.29 22.92 -85.14
CA GLY JA 26 -1.15 22.98 -85.20
C GLY JA 26 -1.77 24.32 -84.91
N GLU JA 27 -0.97 25.33 -84.61
CA GLU JA 27 -1.59 26.63 -84.38
C GLU JA 27 -2.42 27.04 -85.59
N TYR JA 28 -2.27 26.30 -86.70
CA TYR JA 28 -2.01 27.04 -87.94
C TYR JA 28 -2.09 26.09 -89.15
N ALA JA 29 -3.04 26.34 -90.04
CA ALA JA 29 -3.33 25.27 -91.01
C ALA JA 29 -2.31 25.20 -92.15
N THR JA 30 -1.78 26.34 -92.58
CA THR JA 30 -0.87 26.38 -93.72
C THR JA 30 0.09 27.54 -93.51
N ALA JA 31 1.20 27.50 -94.25
CA ALA JA 31 2.15 28.60 -94.17
C ALA JA 31 1.54 29.86 -94.74
N SER JA 32 0.63 29.71 -95.70
CA SER JA 32 -0.06 30.88 -96.21
C SER JA 32 -1.03 31.46 -95.17
N GLU JA 33 -1.57 30.64 -94.25
CA GLU JA 33 -2.55 31.17 -93.29
C GLU JA 33 -1.90 32.13 -92.29
N ILE JA 34 -0.65 31.90 -91.91
CA ILE JA 34 -0.02 32.77 -90.92
C ILE JA 34 0.23 34.17 -91.48
N VAL JA 35 0.70 34.24 -92.72
CA VAL JA 35 0.90 35.52 -93.37
C VAL JA 35 -0.43 36.25 -93.43
N ARG JA 36 -1.51 35.49 -93.58
CA ARG JA 36 -2.83 36.09 -93.60
C ARG JA 36 -3.00 36.91 -92.31
N GLU JA 37 -2.62 36.32 -91.17
CA GLU JA 37 -2.59 37.07 -89.92
C GLU JA 37 -1.51 38.14 -89.92
N ALA JA 38 -0.30 37.80 -90.37
CA ALA JA 38 0.82 38.73 -90.25
C ALA JA 38 0.53 40.05 -90.95
N VAL JA 39 -0.02 40.00 -92.17
CA VAL JA 39 -0.34 41.25 -92.88
C VAL JA 39 -1.48 41.99 -92.17
N ARG JA 40 -2.48 41.26 -91.69
CA ARG JA 40 -3.54 41.92 -90.91
C ARG JA 40 -2.94 42.75 -89.77
N ASP JA 41 -1.98 42.17 -89.05
CA ASP JA 41 -1.36 42.91 -87.96
C ASP JA 41 -0.65 44.15 -88.49
N TRP JA 42 0.09 44.01 -89.59
CA TRP JA 42 0.76 45.15 -90.21
C TRP JA 42 -0.25 46.21 -90.64
N LEU JA 43 -1.38 45.79 -91.21
CA LEU JA 43 -2.39 46.75 -91.64
C LEU JA 43 -3.01 47.47 -90.45
N ALA JA 44 -3.46 46.71 -89.44
CA ALA JA 44 -3.96 47.31 -88.21
C ALA JA 44 -2.98 48.34 -87.67
N LYS JA 45 -1.71 47.94 -87.53
CA LYS JA 45 -0.68 48.87 -87.09
C LYS JA 45 -0.68 50.09 -87.99
N ARG JA 46 -0.68 49.84 -89.30
CA ARG JA 46 -0.63 50.89 -90.32
C ARG JA 46 -1.79 51.85 -90.16
N GLU JA 47 -2.99 51.30 -89.95
CA GLU JA 47 -4.18 52.13 -89.84
C GLU JA 47 -4.03 53.20 -88.79
N LEU JA 48 -3.53 52.82 -87.62
CA LEU JA 48 -3.36 53.76 -86.53
C LEU JA 48 -2.47 54.92 -86.95
N ARG JA 49 -1.31 54.62 -87.53
CA ARG JA 49 -0.38 55.69 -87.89
C ARG JA 49 -1.02 56.72 -88.80
N GLU JA 50 -1.76 56.27 -89.80
CA GLU JA 50 -2.42 57.21 -90.69
C GLU JA 50 -3.40 58.07 -89.92
N ALA JA 51 -4.18 57.45 -89.04
CA ALA JA 51 -5.17 58.19 -88.28
C ALA JA 51 -4.53 59.30 -87.45
N GLU JA 52 -3.40 59.00 -86.82
CA GLU JA 52 -2.74 60.01 -86.01
C GLU JA 52 -2.25 61.16 -86.87
N ALA JA 53 -1.63 60.85 -88.01
CA ALA JA 53 -1.21 61.91 -88.91
C ALA JA 53 -2.39 62.77 -89.33
N GLU JA 54 -3.52 62.13 -89.68
CA GLU JA 54 -4.69 62.91 -90.08
C GLU JA 54 -5.23 63.72 -88.92
N ARG JA 55 -5.20 63.14 -87.73
CA ARG JA 55 -5.59 63.91 -86.55
C ARG JA 55 -4.77 65.17 -86.39
N LEU JA 56 -3.45 65.11 -86.60
CA LEU JA 56 -2.61 66.29 -86.40
C LEU JA 56 -2.96 67.41 -87.40
N ARG JA 57 -3.09 67.04 -88.68
CA ARG JA 57 -3.42 68.03 -89.69
C ARG JA 57 -4.72 68.76 -89.36
N LYS JA 58 -5.76 68.03 -88.94
CA LYS JA 58 -7.02 68.73 -88.67
C LYS JA 58 -6.83 69.75 -87.53
N ALA JA 59 -6.26 69.32 -86.40
CA ALA JA 59 -6.04 70.26 -85.31
C ALA JA 59 -5.13 71.39 -85.77
N TRP JA 60 -4.12 71.07 -86.60
CA TRP JA 60 -3.16 72.06 -87.11
C TRP JA 60 -3.89 73.17 -87.88
N ILE JA 61 -4.73 72.81 -88.86
CA ILE JA 61 -5.48 73.85 -89.58
C ILE JA 61 -6.39 74.62 -88.62
N GLU JA 62 -6.87 73.94 -87.57
CA GLU JA 62 -7.82 74.55 -86.65
C GLU JA 62 -7.21 75.68 -85.83
N GLY JA 63 -6.01 75.45 -85.30
CA GLY JA 63 -5.41 76.45 -84.44
C GLY JA 63 -5.10 77.74 -85.16
N LEU JA 64 -4.57 77.66 -86.38
CA LEU JA 64 -4.38 78.90 -87.12
C LEU JA 64 -5.73 79.57 -87.38
N GLU JA 65 -6.73 78.76 -87.68
CA GLU JA 65 -8.07 79.22 -88.01
C GLU JA 65 -8.94 79.40 -86.79
N SER JA 66 -8.45 79.01 -85.62
CA SER JA 66 -9.27 79.05 -84.42
C SER JA 66 -9.22 80.49 -83.95
N GLY JA 67 -9.89 81.39 -84.69
CA GLY JA 67 -10.07 82.76 -84.26
C GLY JA 67 -8.82 83.64 -84.24
N PRO JA 68 -8.86 84.78 -83.49
CA PRO JA 68 -7.69 85.67 -83.47
C PRO JA 68 -6.80 85.43 -82.25
N PHE JA 69 -5.54 85.77 -82.47
CA PHE JA 69 -4.35 85.59 -81.64
C PHE JA 69 -4.34 86.63 -80.50
N ALA JA 70 -3.57 86.28 -79.41
CA ALA JA 70 -3.45 87.05 -78.17
C ALA JA 70 -2.06 86.94 -77.55
N PRO JA 71 -1.71 87.85 -76.66
CA PRO JA 71 -0.48 87.68 -75.88
C PRO JA 71 -0.55 86.40 -75.09
N PHE JA 72 0.62 85.79 -74.90
CA PHE JA 72 0.71 84.50 -74.21
C PHE JA 72 1.12 84.69 -72.76
N ASP JA 73 0.24 84.34 -71.84
CA ASP JA 73 0.58 84.40 -70.42
C ASP JA 73 0.14 83.09 -69.80
N ILE JA 74 1.11 82.30 -69.33
CA ILE JA 74 0.78 80.99 -68.81
C ILE JA 74 0.06 81.10 -67.49
N GLU JA 75 0.45 82.08 -66.66
CA GLU JA 75 -0.15 82.21 -65.33
C GLU JA 75 -1.65 82.51 -65.43
N ASP JA 76 -2.06 83.27 -66.45
CA ASP JA 76 -3.48 83.46 -66.68
C ASP JA 76 -4.19 82.15 -66.98
N ILE JA 77 -3.55 81.27 -67.76
CA ILE JA 77 -4.14 79.98 -68.10
C ILE JA 77 -4.19 79.09 -66.86
N LYS JA 78 -3.09 79.05 -66.10
CA LYS JA 78 -3.09 78.29 -64.85
C LYS JA 78 -4.17 78.82 -63.91
N GLN JA 79 -4.34 80.14 -63.86
CA GLN JA 79 -5.36 80.74 -63.01
C GLN JA 79 -6.76 80.42 -63.50
N LYS JA 80 -7.00 80.55 -64.80
CA LYS JA 80 -8.33 80.31 -65.33
C LYS JA 80 -8.76 78.86 -65.14
N ALA JA 81 -7.82 77.93 -65.29
CA ALA JA 81 -8.14 76.52 -65.15
C ALA JA 81 -8.65 76.20 -63.75
N ARG JA 82 -8.03 76.79 -62.74
CA ARG JA 82 -8.45 76.53 -61.36
C ARG JA 82 -9.90 76.99 -61.14
N SER JA 83 -10.27 78.12 -61.73
CA SER JA 83 -11.63 78.63 -61.57
C SER JA 83 -12.68 77.61 -62.00
N ARG JA 84 -12.38 76.82 -63.02
CA ARG JA 84 -13.33 75.80 -63.47
C ARG JA 84 -13.30 74.57 -62.58
N LEU JA 85 -12.15 74.28 -61.97
CA LEU JA 85 -12.06 73.14 -61.06
C LEU JA 85 -12.91 73.36 -59.82
N VAL JA 86 -12.87 74.56 -59.25
CA VAL JA 86 -13.67 74.83 -58.06
C VAL JA 86 -15.16 74.73 -58.39
N ASP JA 87 -15.57 75.29 -59.53
CA ASP JA 87 -16.98 75.21 -59.94
C ASP JA 87 -17.41 73.77 -60.11
N ALA JA 88 -16.49 72.87 -60.46
CA ALA JA 88 -16.84 71.46 -60.58
C ALA JA 88 -17.25 70.87 -59.24
N ILE JA 89 -16.84 71.49 -58.14
CA ILE JA 89 -17.11 70.99 -56.80
C ILE JA 89 -18.09 71.91 -56.09
C8 P4G KA . -29.18 35.73 13.11
C7 P4G KA . -29.55 35.57 11.64
O4 P4G KA . -29.48 34.18 11.29
C6 P4G KA . -29.23 34.00 9.89
C5 P4G KA . -29.24 32.50 9.56
O3 P4G KA . -30.58 32.01 9.63
C4 P4G KA . -30.64 30.63 9.29
C3 P4G KA . -32.10 30.21 9.09
O2 P4G KA . -32.93 30.77 10.11
C2 P4G KA . -34.25 30.22 10.05
C1 P4G KA . -35.14 30.89 11.08
H81 P4G KA . -29.77 35.08 13.69
H82 P4G KA . -29.35 36.73 13.40
H83 P4G KA . -28.15 35.49 13.23
H71 P4G KA . -30.57 35.94 11.48
H72 P4G KA . -28.88 36.16 11.02
H61 P4G KA . -30.01 34.50 9.32
H62 P4G KA . -28.28 34.44 9.62
H51 P4G KA . -28.84 32.35 8.56
H52 P4G KA . -28.61 31.97 10.27
H41 P4G KA . -30.07 30.43 8.38
H42 P4G KA . -30.20 30.03 10.09
H31 P4G KA . -32.44 30.55 8.10
H32 P4G KA . -32.17 29.12 9.11
H21 P4G KA . -34.67 30.38 9.05
H22 P4G KA . -34.21 29.14 10.22
H11 P4G KA . -36.08 30.41 11.09
H12 P4G KA . -34.68 30.80 12.03
H13 P4G KA . -35.25 31.91 10.83
C8 P4G LA . -33.98 33.26 12.98
C7 P4G LA . -35.14 34.14 13.41
O4 P4G LA . -34.91 34.62 14.73
C6 P4G LA . -35.87 35.61 15.12
C5 P4G LA . -35.50 36.17 16.49
O3 P4G LA . -34.14 36.62 16.49
C4 P4G LA . -33.80 37.31 17.70
C3 P4G LA . -32.34 37.76 17.64
O2 P4G LA . -31.53 36.67 17.21
C2 P4G LA . -30.14 36.97 17.17
C1 P4G LA . -29.38 35.74 16.72
H81 P4G LA . -33.07 33.71 13.27
H82 P4G LA . -33.99 33.15 11.92
H83 P4G LA . -34.07 32.31 13.43
H71 P4G LA . -35.23 34.98 12.72
H72 P4G LA . -36.07 33.56 13.37
H61 P4G LA . -35.89 36.41 14.39
H62 P4G LA . -36.86 35.16 15.16
H51 P4G LA . -36.16 37.02 16.72
H52 P4G LA . -35.65 35.42 17.26
H41 P4G LA . -34.45 38.18 17.81
H42 P4G LA . -33.95 36.66 18.56
H31 P4G LA . -32.24 38.60 16.94
H32 P4G LA . -32.02 38.10 18.62
H21 P4G LA . -29.97 37.80 16.47
H22 P4G LA . -29.80 37.29 18.15
H11 P4G LA . -28.39 36.03 16.46
H12 P4G LA . -29.35 35.04 17.51
H13 P4G LA . -29.86 35.32 15.88
C8 P4G MA . -2.35 -27.29 51.26
C7 P4G MA . -2.87 -26.03 50.59
O4 P4G MA . -3.75 -25.35 51.48
C6 P4G MA . -4.63 -24.44 50.80
C5 P4G MA . -5.67 -23.88 51.76
O3 P4G MA . -5.10 -22.92 52.65
C4 P4G MA . -6.00 -21.83 52.82
C3 P4G MA . -5.55 -20.86 53.91
O2 P4G MA . -4.14 -20.88 54.11
C2 P4G MA . -3.75 -19.83 55.00
C1 P4G MA . -2.29 -19.97 55.39
H81 P4G MA . -1.94 -27.04 52.20
H82 P4G MA . -1.62 -27.74 50.66
H83 P4G MA . -3.16 -27.96 51.40
H71 P4G MA . -2.03 -25.38 50.32
H72 P4G MA . -3.40 -26.28 49.67
H61 P4G MA . -4.05 -23.62 50.37
H62 P4G MA . -5.13 -24.97 49.99
H51 P4G MA . -6.47 -23.41 51.19
H52 P4G MA . -6.11 -24.70 52.34
H41 P4G MA . -6.07 -21.28 51.87
H42 P4G MA . -6.99 -22.21 53.06
H31 P4G MA . -5.86 -19.85 53.66
H32 P4G MA . -6.05 -21.14 54.85
H21 P4G MA . -3.91 -18.87 54.50
H22 P4G MA . -4.38 -19.86 55.89
H11 P4G MA . -2.02 -19.14 56.00
H12 P4G MA . -2.16 -20.87 55.94
H13 P4G MA . -1.70 -19.99 54.52
C8 P4G NA . 27.33 -19.54 -20.66
C7 P4G NA . 26.48 -19.32 -21.89
O4 P4G NA . 25.81 -20.54 -22.23
C6 P4G NA . 25.13 -20.46 -23.48
C5 P4G NA . 24.75 -21.85 -23.96
O3 P4G NA . 23.44 -22.20 -23.51
C4 P4G NA . 23.03 -23.46 -24.01
C3 P4G NA . 21.53 -23.63 -23.92
O2 P4G NA . 21.00 -22.92 -22.80
C2 P4G NA . 19.66 -23.32 -22.52
C1 P4G NA . 19.12 -22.56 -21.33
H81 P4G NA . 26.71 -19.84 -19.85
H82 P4G NA . 27.83 -18.64 -20.41
H83 P4G NA . 28.05 -20.29 -20.85
H71 P4G NA . 25.75 -18.53 -21.70
H72 P4G NA . 27.11 -19.01 -22.73
H61 P4G NA . 24.23 -19.84 -23.37
H62 P4G NA . 25.77 -19.97 -24.22
H51 P4G NA . 24.78 -21.88 -25.05
H52 P4G NA . 25.48 -22.57 -23.58
H41 P4G NA . 23.35 -23.57 -25.05
H42 P4G NA . 23.53 -24.25 -23.44
H31 P4G NA . 21.05 -23.27 -24.83
H32 P4G NA . 21.28 -24.69 -23.82
H21 P4G NA . 19.04 -23.14 -23.40
H22 P4G NA . 19.64 -24.40 -22.31
H11 P4G NA . 18.27 -23.08 -20.94
H12 P4G NA . 19.87 -22.49 -20.58
H13 P4G NA . 18.83 -21.60 -21.64
C8 P4G OA . 20.05 -19.88 -19.77
C7 P4G OA . 19.23 -18.84 -19.02
O4 P4G OA . 19.95 -18.41 -17.86
C6 P4G OA . 19.27 -17.36 -17.18
C5 P4G OA . 20.16 -16.84 -16.06
O3 P4G OA . 21.53 -16.86 -16.46
C4 P4G OA . 22.38 -16.23 -15.50
C3 P4G OA . 23.85 -16.35 -15.90
O2 P4G OA . 24.15 -17.69 -16.29
C2 P4G OA . 25.54 -17.94 -16.35
C1 P4G OA . 25.78 -19.37 -16.81
H81 P4G OA . 21.07 -19.59 -19.75
H82 P4G OA . 19.71 -19.95 -20.76
H83 P4G OA . 19.95 -20.82 -19.28
H71 P4G OA . 19.04 -18.00 -19.68
H72 P4G OA . 18.28 -19.27 -18.72
H61 P4G OA . 19.03 -16.55 -17.88
H62 P4G OA . 18.33 -17.73 -16.76
H51 P4G OA . 19.86 -15.81 -15.81
H52 P4G OA . 20.02 -17.45 -15.17
H41 P4G OA . 22.11 -15.18 -15.40
H42 P4G OA . 22.24 -16.71 -14.53
H31 P4G OA . 24.05 -15.67 -16.73
H32 P4G OA . 24.48 -16.05 -15.06
H21 P4G OA . 26.03 -17.25 -17.04
H22 P4G OA . 25.99 -17.80 -15.36
H11 P4G OA . 26.81 -19.56 -16.86
H12 P4G OA . 25.31 -20.03 -16.13
H13 P4G OA . 25.35 -19.49 -17.77
C8 P4G PA . 40.98 -27.61 -20.39
C7 P4G PA . 40.47 -28.58 -21.44
O4 P4G PA . 41.44 -28.69 -22.49
C6 P4G PA . 41.04 -29.64 -23.47
C5 P4G PA . 42.17 -29.82 -24.49
O3 P4G PA . 43.40 -30.15 -23.84
C4 P4G PA . 44.10 -31.16 -24.56
C3 P4G PA . 45.50 -31.39 -23.96
O2 P4G PA . 45.42 -31.76 -22.59
C2 P4G PA . 46.72 -32.08 -22.07
C1 P4G PA . 46.85 -31.59 -20.65
H81 P4G PA . 41.89 -27.97 -19.99
H82 P4G PA . 40.26 -27.53 -19.61
H83 P4G PA . 41.13 -26.66 -20.83
H71 P4G PA . 40.31 -29.56 -20.99
H72 P4G PA . 39.52 -28.23 -21.84
H61 P4G PA . 40.84 -30.60 -22.99
H62 P4G PA . 40.14 -29.30 -23.97
H51 P4G PA . 41.90 -30.62 -25.20
H52 P4G PA . 42.30 -28.90 -25.07
H41 P4G PA . 43.54 -32.10 -24.53
H42 P4G PA . 44.21 -30.86 -25.60
H31 P4G PA . 46.00 -32.17 -24.52
H32 P4G PA . 46.08 -30.47 -24.06
H21 P4G PA . 46.89 -33.16 -22.11
H22 P4G PA . 47.49 -31.60 -22.69
H11 P4G PA . 47.83 -31.75 -20.30
H12 P4G PA . 46.63 -30.56 -20.61
H13 P4G PA . 46.16 -32.12 -20.04
C8 P4G QA . 44.90 -30.01 -18.74
C7 P4G QA . 45.07 -30.66 -17.39
O4 P4G QA . 44.77 -29.68 -16.40
C6 P4G QA . 44.86 -30.18 -15.07
C5 P4G QA . 44.07 -29.25 -14.15
O3 P4G QA . 43.83 -28.03 -14.86
C4 P4G QA . 42.73 -27.30 -14.32
C3 P4G QA . 42.59 -25.95 -15.02
O2 P4G QA . 42.34 -26.13 -16.41
C2 P4G QA . 42.37 -24.89 -17.12
C1 P4G QA . 42.11 -25.12 -18.61
H81 P4G QA . 44.13 -29.29 -18.70
H82 P4G QA . 44.65 -30.76 -19.46
H83 P4G QA . 45.80 -29.55 -19.04
H71 P4G QA . 44.41 -31.52 -17.29
H72 P4G QA . 46.10 -31.01 -17.27
H61 P4G QA . 44.46 -31.20 -15.02
H62 P4G QA . 45.91 -30.22 -14.74
H51 P4G QA . 43.12 -29.72 -13.88
H52 P4G QA . 44.62 -29.06 -13.24
H41 P4G QA . 41.80 -27.87 -14.47
H42 P4G QA . 42.85 -27.14 -13.25
H31 P4G QA . 41.77 -25.38 -14.58
H32 P4G QA . 43.51 -25.38 -14.89
H21 P4G QA . 41.61 -24.21 -16.73
H22 P4G QA . 43.34 -24.41 -16.99
H11 P4G QA . 42.26 -24.22 -19.13
H12 P4G QA . 42.78 -25.85 -18.96
H13 P4G QA . 41.12 -25.45 -18.74
C8 P4G RA . -12.85 27.49 13.13
C7 P4G RA . -13.11 26.92 11.75
O4 P4G RA . -11.88 26.65 11.09
C6 P4G RA . -12.10 25.96 9.86
C5 P4G RA . -10.80 25.86 9.06
O3 P4G RA . -9.72 25.50 9.91
C4 P4G RA . -8.78 24.65 9.23
C3 P4G RA . -7.51 24.51 10.04
O2 P4G RA . -7.81 24.47 11.44
C2 P4G RA . -6.63 24.44 12.25
C1 P4G RA . -6.98 24.81 13.68
H81 P4G RA . -12.41 26.73 13.74
H82 P4G RA . -13.76 27.80 13.57
H83 P4G RA . -12.19 28.31 13.06
H71 P4G RA . -13.70 26.01 11.83
H72 P4G RA . -13.70 27.64 11.17
H61 P4G RA . -12.47 24.95 10.07
H62 P4G RA . -12.85 26.48 9.28
H51 P4G RA . -10.91 25.12 8.27
H52 P4G RA . -10.59 26.83 8.59
H41 P4G RA . -9.23 23.67 9.07
H42 P4G RA . -8.55 25.07 8.25
H31 P4G RA . -6.98 23.60 9.76
H32 P4G RA . -6.84 25.36 9.84
H21 P4G RA . -6.21 23.42 12.23
H22 P4G RA . -5.89 25.12 11.85
H11 P4G RA . -6.11 24.74 14.27
H12 P4G RA . -7.34 25.81 13.68
H13 P4G RA . -7.73 24.16 14.04
C8 P4G SA . -0.68 -22.49 54.57
C7 P4G SA . 0.64 -21.76 54.71
O4 P4G SA . 1.70 -22.74 54.66
C6 P4G SA . 2.94 -22.27 55.18
C5 P4G SA . 3.95 -23.41 55.17
O3 P4G SA . 3.27 -24.66 55.00
C4 P4G SA . 4.16 -25.76 54.79
C3 P4G SA . 3.36 -26.98 54.37
O2 P4G SA . 1.97 -26.69 54.49
C2 P4G SA . 1.15 -27.83 54.27
C1 P4G SA . -0.30 -27.43 54.39
H81 P4G SA . -0.51 -23.44 54.13
H82 P4G SA . -1.32 -21.92 53.94
H83 P4G SA . -1.12 -22.61 55.52
H71 P4G SA . 0.77 -21.05 53.90
H72 P4G SA . 0.68 -21.22 55.66
H61 P4G SA . 3.31 -21.45 54.57
H62 P4G SA . 2.80 -21.90 56.20
H51 P4G SA . 4.67 -23.27 54.35
H52 P4G SA . 4.51 -23.42 56.11
H41 P4G SA . 4.90 -25.51 54.03
H42 P4G SA . 4.70 -25.98 55.72
H31 P4G SA . 3.60 -27.25 53.33
H32 P4G SA . 3.61 -27.84 54.99
H21 P4G SA . 1.34 -28.24 53.27
H22 P4G SA . 1.38 -28.62 54.99
H11 P4G SA . -0.92 -28.20 54.03
H12 P4G SA . -0.54 -27.24 55.41
H13 P4G SA . -0.47 -26.54 53.83
C8 P4G TA . -9.61 25.99 14.96
C7 P4G TA . -8.88 25.61 16.23
O4 P4G TA . -9.39 26.42 17.29
C6 P4G TA . -8.88 26.10 18.58
C5 P4G TA . -9.77 26.77 19.60
O3 P4G TA . -10.12 28.07 19.13
C4 P4G TA . -11.49 28.38 19.29
C3 P4G TA . -11.84 29.68 18.56
O2 P4G TA . -11.75 29.49 17.13
C2 P4G TA . -11.87 30.72 16.42
C1 P4G TA . -11.67 30.48 14.94
H81 P4G TA . -10.61 26.24 15.19
H82 P4G TA . -9.59 25.18 14.28
H83 P4G TA . -9.13 26.83 14.52
H71 P4G TA . -9.04 24.55 16.46
H72 P4G TA . -7.81 25.76 16.11
H61 P4G TA . -8.88 25.00 18.72
H62 P4G TA . -7.84 26.44 18.69
H51 P4G TA . -10.67 26.18 19.76
H52 P4G TA . -9.26 26.84 20.57
H41 P4G TA . -12.11 27.57 18.89
H42 P4G TA . -11.73 28.50 20.35
H31 P4G TA . -12.84 30.00 18.81
H32 P4G TA . -11.14 30.46 18.86
H21 P4G TA . -12.86 31.15 16.60
H22 P4G TA . -11.13 31.43 16.79
H11 P4G TA . -11.62 31.42 14.43
H12 P4G TA . -10.77 29.95 14.78
H13 P4G TA . -12.48 29.93 14.56
#